data_1T8S
#
_entry.id   1T8S
#
_cell.length_a   246.240
_cell.length_b   246.240
_cell.length_c   111.130
_cell.angle_alpha   90.00
_cell.angle_beta   90.00
_cell.angle_gamma   90.00
#
_symmetry.space_group_name_H-M   'P 42 21 2'
#
loop_
_entity.id
_entity.type
_entity.pdbx_description
1 polymer 'AMP nucleosidase'
2 non-polymer "FORMYCIN-5'-MONOPHOSPHATE"
3 water water
#
_entity_poly.entity_id   1
_entity_poly.type   'polypeptide(L)'
_entity_poly.pdbx_seq_one_letter_code
;MNNKGSGLTPAQALDKLDALYEQSVVALRNAIGNYITSGELPDENARKQGLFVYPSLTVTWDGSTTNPPKTRAFGRFTHA
GSYTTTITRPTLFRSYLNEQLTLLYQDYGAHISVQPSQHEIPYPYVIDGSELTLDRS(MSE)SAGLTRYFPTTELAQIGD
ETADGIYHPTEFSPLSHFDARRVDFSLARLRHYTGTPVEHFQPFVLFTNYTRYVDEFVRWGCSQILDPDSPYIALSCAGG
NWITAETEAPEEAISDLAWKKHQ(MSE)PAWHLITADGQGITLVNIGVGPSNAKTICDHLAVLRPDVWL(MSE)IGHCGG
LRESQAIGDYVLAHAYLRDDHVLDAVLPPDIPIPSIAEVQRALYDATKLVSGRPGEEVKQRLRTGTVVTTDDRNWELRYS
ASALRFNLSRAVAID(MSE)ESATIAAQGYRFRVPYGTLLCVSDKPLHGEIKLPGQANRFYEGAISEHLQIGIRAIDLLR
AEGDRLHSRKLRTFNEPPFR
;
_entity_poly.pdbx_strand_id   A,B,C,D,E,F
#
loop_
_chem_comp.id
_chem_comp.type
_chem_comp.name
_chem_comp.formula
FMP non-polymer FORMYCIN-5'-MONOPHOSPHATE 'C10 H14 N5 O7 P'
#
# COMPACT_ATOMS: atom_id res chain seq x y z
N LEU A 8 37.84 -4.74 -38.37
CA LEU A 8 38.55 -3.73 -37.52
C LEU A 8 39.00 -4.33 -36.19
N THR A 9 40.23 -4.05 -35.79
CA THR A 9 40.81 -4.60 -34.55
C THR A 9 40.72 -3.70 -33.33
N PRO A 10 40.98 -4.26 -32.13
CA PRO A 10 40.94 -3.49 -30.89
C PRO A 10 41.78 -2.21 -30.94
N ALA A 11 43.06 -2.38 -31.23
CA ALA A 11 43.97 -1.22 -31.30
C ALA A 11 43.48 -0.21 -32.33
N GLN A 12 42.97 -0.69 -33.46
CA GLN A 12 42.47 0.19 -34.50
C GLN A 12 41.24 0.94 -34.01
N ALA A 13 40.33 0.22 -33.34
CA ALA A 13 39.09 0.81 -32.82
C ALA A 13 39.41 1.91 -31.81
N LEU A 14 40.35 1.64 -30.91
CA LEU A 14 40.76 2.62 -29.92
C LEU A 14 41.30 3.87 -30.61
N ASP A 15 42.14 3.69 -31.62
CA ASP A 15 42.71 4.83 -32.33
C ASP A 15 41.67 5.67 -33.04
N LYS A 16 40.68 5.03 -33.66
CA LYS A 16 39.63 5.78 -34.35
C LYS A 16 38.72 6.49 -33.36
N LEU A 17 38.49 5.87 -32.20
CA LEU A 17 37.66 6.48 -31.15
C LEU A 17 38.36 7.75 -30.65
N ASP A 18 39.66 7.64 -30.39
CA ASP A 18 40.43 8.80 -29.94
C ASP A 18 40.33 9.93 -30.96
N ALA A 19 40.49 9.58 -32.24
CA ALA A 19 40.42 10.56 -33.32
C ALA A 19 39.06 11.26 -33.38
N LEU A 20 38.00 10.49 -33.60
CA LEU A 20 36.66 11.07 -33.68
C LEU A 20 36.31 11.89 -32.43
N TYR A 21 36.67 11.37 -31.27
CA TYR A 21 36.37 12.10 -30.04
C TYR A 21 37.14 13.42 -29.96
N GLU A 22 38.46 13.34 -30.11
CA GLU A 22 39.33 14.52 -30.08
C GLU A 22 38.85 15.58 -31.05
N GLN A 23 38.48 15.14 -32.24
CA GLN A 23 38.00 16.05 -33.28
C GLN A 23 36.75 16.80 -32.88
N SER A 24 35.75 16.09 -32.35
CA SER A 24 34.51 16.72 -31.95
C SER A 24 34.66 17.69 -30.78
N VAL A 25 35.46 17.31 -29.78
CA VAL A 25 35.63 18.19 -28.64
C VAL A 25 36.33 19.47 -29.10
N VAL A 26 37.34 19.31 -29.96
CA VAL A 26 38.07 20.46 -30.49
C VAL A 26 37.13 21.31 -31.34
N ALA A 27 36.31 20.65 -32.15
CA ALA A 27 35.36 21.35 -33.00
C ALA A 27 34.34 22.12 -32.17
N LEU A 28 33.92 21.54 -31.05
CA LEU A 28 32.96 22.18 -30.16
C LEU A 28 33.62 23.34 -29.43
N ARG A 29 34.81 23.11 -28.89
CA ARG A 29 35.54 24.15 -28.19
C ARG A 29 35.78 25.34 -29.11
N ASN A 30 36.06 25.03 -30.37
CA ASN A 30 36.32 26.05 -31.37
C ASN A 30 35.07 26.90 -31.57
N ALA A 31 33.95 26.24 -31.87
CA ALA A 31 32.69 26.93 -32.08
C ALA A 31 32.31 27.83 -30.90
N ILE A 32 32.60 27.36 -29.69
CA ILE A 32 32.26 28.12 -28.49
C ILE A 32 33.09 29.39 -28.41
N GLY A 33 34.38 29.28 -28.72
CA GLY A 33 35.25 30.45 -28.70
C GLY A 33 34.77 31.47 -29.71
N ASN A 34 34.44 31.00 -30.92
CA ASN A 34 33.96 31.86 -31.99
C ASN A 34 32.72 32.64 -31.55
N TYR A 35 31.79 31.96 -30.88
CA TYR A 35 30.58 32.61 -30.42
C TYR A 35 30.89 33.67 -29.37
N ILE A 36 31.68 33.29 -28.39
CA ILE A 36 32.05 34.21 -27.31
C ILE A 36 32.74 35.48 -27.80
N THR A 37 33.61 35.35 -28.79
CA THR A 37 34.34 36.49 -29.31
C THR A 37 33.59 37.28 -30.40
N SER A 38 33.06 36.58 -31.38
CA SER A 38 32.37 37.23 -32.49
C SER A 38 30.89 36.90 -32.65
N GLY A 39 30.28 36.34 -31.61
CA GLY A 39 28.86 35.99 -31.70
C GLY A 39 28.49 35.13 -32.89
N GLU A 40 29.49 34.41 -33.42
CA GLU A 40 29.31 33.53 -34.56
C GLU A 40 28.73 32.17 -34.15
N LEU A 41 27.77 31.69 -34.93
CA LEU A 41 27.12 30.41 -34.65
C LEU A 41 27.58 29.32 -35.63
N PRO A 42 27.50 28.04 -35.21
CA PRO A 42 27.89 26.91 -36.06
C PRO A 42 26.87 26.71 -37.17
N ASP A 43 27.24 25.98 -38.21
CA ASP A 43 26.30 25.75 -39.32
C ASP A 43 25.57 24.43 -39.12
N GLU A 44 24.25 24.49 -39.26
CA GLU A 44 23.39 23.31 -39.08
C GLU A 44 23.85 22.08 -39.84
N ASN A 45 24.35 22.27 -41.07
CA ASN A 45 24.78 21.14 -41.88
C ASN A 45 25.94 20.36 -41.27
N ALA A 46 26.97 21.06 -40.80
CA ALA A 46 28.13 20.42 -40.22
C ALA A 46 27.74 19.58 -39.00
N ARG A 47 26.94 20.17 -38.11
CA ARG A 47 26.49 19.49 -36.91
C ARG A 47 25.75 18.21 -37.29
N LYS A 48 24.81 18.34 -38.23
CA LYS A 48 24.03 17.21 -38.70
C LYS A 48 24.94 16.18 -39.37
N GLN A 49 26.22 16.52 -39.48
CA GLN A 49 27.18 15.63 -40.12
C GLN A 49 28.16 15.02 -39.11
N GLY A 50 27.93 15.30 -37.82
CA GLY A 50 28.78 14.77 -36.78
C GLY A 50 29.87 15.69 -36.28
N LEU A 51 29.65 16.99 -36.39
CA LEU A 51 30.64 17.95 -35.93
C LEU A 51 30.90 17.89 -34.42
N PHE A 52 29.83 17.83 -33.62
CA PHE A 52 29.94 17.79 -32.17
C PHE A 52 29.56 16.43 -31.57
N VAL A 53 29.48 15.42 -32.42
CA VAL A 53 29.05 14.09 -32.01
C VAL A 53 30.07 13.15 -31.33
N TYR A 54 29.57 12.32 -30.41
CA TYR A 54 30.43 11.34 -29.72
C TYR A 54 30.69 10.20 -30.68
N PRO A 55 31.81 9.50 -30.51
CA PRO A 55 32.10 8.38 -31.39
C PRO A 55 31.12 7.26 -31.00
N SER A 56 30.87 6.35 -31.92
CA SER A 56 29.98 5.24 -31.64
C SER A 56 30.73 3.93 -31.85
N LEU A 57 30.67 3.05 -30.86
CA LEU A 57 31.35 1.75 -30.93
C LEU A 57 30.33 0.63 -31.12
N THR A 58 30.49 -0.15 -32.18
CA THR A 58 29.57 -1.25 -32.46
C THR A 58 30.30 -2.59 -32.57
N VAL A 59 29.74 -3.60 -31.92
CA VAL A 59 30.34 -4.93 -31.94
C VAL A 59 29.27 -5.95 -32.32
N THR A 60 29.53 -6.71 -33.37
CA THR A 60 28.60 -7.71 -33.86
C THR A 60 29.12 -9.14 -33.69
N TRP A 61 28.18 -10.05 -33.46
CA TRP A 61 28.50 -11.47 -33.30
C TRP A 61 27.52 -12.29 -34.12
N ASP A 62 28.05 -13.17 -34.96
CA ASP A 62 27.24 -14.02 -35.83
C ASP A 62 26.55 -15.16 -35.06
N GLY A 63 27.13 -15.56 -33.94
CA GLY A 63 26.55 -16.62 -33.14
C GLY A 63 27.33 -17.93 -33.19
N SER A 64 28.15 -18.09 -34.22
CA SER A 64 28.93 -19.31 -34.38
C SER A 64 30.28 -19.23 -33.68
N THR A 65 30.57 -20.22 -32.83
CA THR A 65 31.83 -20.31 -32.11
C THR A 65 31.96 -21.71 -31.51
N THR A 66 33.16 -22.26 -31.58
CA THR A 66 33.44 -23.61 -31.06
C THR A 66 32.81 -23.80 -29.68
N ASN A 67 33.52 -23.35 -28.64
CA ASN A 67 33.03 -23.45 -27.27
C ASN A 67 33.33 -22.14 -26.52
N PRO A 68 32.39 -21.18 -26.55
CA PRO A 68 32.50 -19.87 -25.90
C PRO A 68 32.59 -19.96 -24.38
N PRO A 69 33.08 -18.88 -23.74
CA PRO A 69 33.20 -18.87 -22.27
C PRO A 69 31.81 -18.90 -21.64
N LYS A 70 31.39 -20.08 -21.19
CA LYS A 70 30.08 -20.25 -20.59
C LYS A 70 30.07 -19.88 -19.10
N THR A 71 31.25 -19.85 -18.49
CA THR A 71 31.36 -19.57 -17.06
C THR A 71 31.87 -18.19 -16.67
N ARG A 72 32.50 -17.49 -17.61
CA ARG A 72 33.04 -16.16 -17.33
C ARG A 72 31.94 -15.19 -16.92
N ALA A 73 32.23 -14.31 -15.98
CA ALA A 73 31.26 -13.34 -15.48
C ALA A 73 30.96 -12.20 -16.45
N PHE A 74 31.94 -11.81 -17.25
CA PHE A 74 31.76 -10.70 -18.18
C PHE A 74 32.33 -11.00 -19.56
N GLY A 75 32.23 -10.03 -20.45
CA GLY A 75 32.74 -10.20 -21.81
C GLY A 75 32.09 -11.38 -22.52
N ARG A 76 30.79 -11.52 -22.34
CA ARG A 76 30.05 -12.62 -22.96
C ARG A 76 28.89 -12.14 -23.80
N PHE A 77 28.45 -12.99 -24.73
CA PHE A 77 27.31 -12.69 -25.58
C PHE A 77 26.21 -13.67 -25.23
N THR A 78 25.00 -13.16 -25.01
CA THR A 78 23.86 -13.99 -24.65
C THR A 78 23.14 -14.42 -25.93
N HIS A 79 23.39 -13.70 -27.01
CA HIS A 79 22.76 -14.00 -28.29
C HIS A 79 23.49 -13.28 -29.41
N ALA A 80 23.15 -13.62 -30.65
CA ALA A 80 23.77 -13.02 -31.81
C ALA A 80 23.12 -11.67 -32.09
N GLY A 81 23.86 -10.80 -32.79
CA GLY A 81 23.34 -9.49 -33.10
C GLY A 81 24.37 -8.40 -32.93
N SER A 82 23.93 -7.16 -33.02
CA SER A 82 24.82 -6.01 -32.87
C SER A 82 24.65 -5.32 -31.52
N TYR A 83 25.78 -4.92 -30.94
CA TYR A 83 25.78 -4.21 -29.66
C TYR A 83 26.53 -2.90 -29.88
N THR A 84 25.89 -1.80 -29.53
CA THR A 84 26.50 -0.50 -29.75
C THR A 84 26.44 0.36 -28.50
N THR A 85 27.15 1.49 -28.53
CA THR A 85 27.16 2.43 -27.41
C THR A 85 27.96 3.67 -27.80
N THR A 86 27.54 4.84 -27.31
CA THR A 86 28.30 6.04 -27.60
C THR A 86 29.49 5.98 -26.63
N ILE A 87 30.58 6.66 -26.97
CA ILE A 87 31.77 6.63 -26.11
C ILE A 87 32.39 7.98 -25.87
N THR A 88 32.91 8.17 -24.66
CA THR A 88 33.53 9.43 -24.28
C THR A 88 34.89 9.13 -23.63
N ARG A 89 35.78 10.11 -23.66
CA ARG A 89 37.11 9.96 -23.05
C ARG A 89 37.81 8.60 -23.31
N PRO A 90 38.03 8.26 -24.59
CA PRO A 90 38.68 7.00 -24.97
C PRO A 90 40.05 6.82 -24.34
N THR A 91 40.76 7.93 -24.12
CA THR A 91 42.09 7.82 -23.51
C THR A 91 41.92 7.40 -22.06
N LEU A 92 41.04 8.06 -21.33
CA LEU A 92 40.80 7.71 -19.95
C LEU A 92 40.40 6.23 -19.81
N PHE A 93 39.59 5.74 -20.77
CA PHE A 93 39.11 4.37 -20.73
C PHE A 93 39.89 3.41 -21.63
N ARG A 94 41.08 3.83 -22.05
CA ARG A 94 41.95 3.01 -22.92
C ARG A 94 42.12 1.54 -22.47
N SER A 95 42.61 1.33 -21.26
CA SER A 95 42.81 -0.04 -20.75
C SER A 95 41.51 -0.83 -20.79
N TYR A 96 40.49 -0.28 -20.15
CA TYR A 96 39.19 -0.93 -20.09
C TYR A 96 38.68 -1.30 -21.46
N LEU A 97 38.52 -0.28 -22.32
CA LEU A 97 38.03 -0.53 -23.67
C LEU A 97 38.88 -1.54 -24.42
N ASN A 98 40.20 -1.44 -24.28
CA ASN A 98 41.06 -2.38 -24.98
C ASN A 98 40.77 -3.81 -24.51
N GLU A 99 40.85 -4.02 -23.21
CA GLU A 99 40.60 -5.33 -22.64
C GLU A 99 39.24 -5.93 -23.05
N GLN A 100 38.19 -5.15 -22.88
CA GLN A 100 36.85 -5.60 -23.22
C GLN A 100 36.73 -5.96 -24.69
N LEU A 101 37.26 -5.12 -25.57
CA LEU A 101 37.18 -5.41 -26.99
C LEU A 101 38.04 -6.61 -27.36
N THR A 102 39.16 -6.80 -26.66
CA THR A 102 40.02 -7.93 -26.96
C THR A 102 39.30 -9.24 -26.67
N LEU A 103 38.60 -9.29 -25.53
CA LEU A 103 37.86 -10.48 -25.15
C LEU A 103 36.84 -10.87 -26.20
N LEU A 104 36.04 -9.93 -26.67
CA LEU A 104 35.04 -10.24 -27.67
C LEU A 104 35.67 -10.57 -29.01
N TYR A 105 36.81 -9.96 -29.29
CA TYR A 105 37.51 -10.17 -30.56
C TYR A 105 38.10 -11.57 -30.65
N GLN A 106 38.84 -11.96 -29.61
CA GLN A 106 39.52 -13.25 -29.60
C GLN A 106 38.70 -14.46 -29.20
N ASP A 107 37.68 -14.27 -28.37
CA ASP A 107 36.88 -15.40 -27.93
C ASP A 107 35.64 -15.66 -28.77
N TYR A 108 35.20 -14.66 -29.52
CA TYR A 108 34.01 -14.81 -30.35
C TYR A 108 34.26 -14.41 -31.80
N GLY A 109 35.42 -13.82 -32.07
CA GLY A 109 35.71 -13.37 -33.41
C GLY A 109 34.65 -12.35 -33.80
N ALA A 110 34.44 -11.37 -32.93
CA ALA A 110 33.43 -10.34 -33.15
C ALA A 110 33.89 -9.24 -34.09
N HIS A 111 32.93 -8.67 -34.82
CA HIS A 111 33.20 -7.60 -35.78
C HIS A 111 33.09 -6.22 -35.14
N ILE A 112 34.23 -5.55 -34.99
CA ILE A 112 34.26 -4.22 -34.38
C ILE A 112 34.22 -3.10 -35.43
N SER A 113 33.53 -2.02 -35.12
CA SER A 113 33.43 -0.90 -36.03
C SER A 113 33.16 0.40 -35.28
N VAL A 114 33.80 1.48 -35.74
CA VAL A 114 33.64 2.76 -35.09
C VAL A 114 33.10 3.78 -36.09
N GLN A 115 32.23 4.66 -35.63
CA GLN A 115 31.67 5.69 -36.49
C GLN A 115 30.98 6.76 -35.64
N PRO A 116 30.78 7.97 -36.21
CA PRO A 116 30.12 9.06 -35.48
C PRO A 116 28.70 8.66 -35.06
N SER A 117 28.30 9.05 -33.87
CA SER A 117 26.95 8.74 -33.39
C SER A 117 26.01 9.88 -33.78
N GLN A 118 24.78 9.84 -33.26
CA GLN A 118 23.80 10.88 -33.56
C GLN A 118 23.64 11.75 -32.33
N HIS A 119 24.55 11.57 -31.36
CA HIS A 119 24.48 12.31 -30.13
C HIS A 119 25.58 13.35 -29.99
N GLU A 120 25.17 14.59 -29.75
CA GLU A 120 26.13 15.67 -29.57
C GLU A 120 26.62 15.80 -28.13
N ILE A 121 27.88 16.20 -27.99
CA ILE A 121 28.50 16.38 -26.69
C ILE A 121 28.00 17.68 -26.06
N PRO A 122 27.40 17.60 -24.86
CA PRO A 122 26.93 18.84 -24.24
C PRO A 122 28.15 19.73 -23.97
N TYR A 123 28.09 20.98 -24.42
CA TYR A 123 29.21 21.90 -24.28
C TYR A 123 29.85 22.01 -22.89
N PRO A 124 29.04 21.90 -21.83
CA PRO A 124 29.67 22.00 -20.50
C PRO A 124 30.79 20.98 -20.26
N TYR A 125 30.77 19.87 -20.98
CA TYR A 125 31.78 18.82 -20.80
C TYR A 125 33.07 19.02 -21.59
N VAL A 126 33.20 20.12 -22.31
CA VAL A 126 34.43 20.36 -23.05
C VAL A 126 35.16 21.60 -22.52
N ILE A 127 34.70 22.10 -21.38
CA ILE A 127 35.29 23.26 -20.73
C ILE A 127 36.20 22.85 -19.58
N LEU A 134 31.62 33.34 -17.09
CA LEU A 134 30.70 34.02 -18.01
C LEU A 134 29.49 34.59 -17.29
N ASP A 135 28.90 35.64 -17.85
CA ASP A 135 27.73 36.28 -17.25
C ASP A 135 26.44 35.56 -17.66
N ARG A 136 25.30 36.17 -17.31
CA ARG A 136 24.00 35.59 -17.62
C ARG A 136 23.62 35.74 -19.09
N SER A 137 24.32 36.61 -19.80
CA SER A 137 24.03 36.84 -21.20
C SER A 137 24.57 35.72 -22.10
N MSE A 138 25.76 35.20 -21.77
CA MSE A 138 26.32 34.13 -22.58
C MSE A 138 25.60 32.81 -22.32
O MSE A 138 25.20 32.12 -23.26
CB MSE A 138 27.82 33.96 -22.29
CG MSE A 138 28.67 35.08 -22.88
SE MSE A 138 28.59 35.10 -24.81
CE MSE A 138 27.10 36.32 -25.08
N SER A 139 25.43 32.48 -21.04
CA SER A 139 24.76 31.25 -20.66
C SER A 139 23.43 31.13 -21.40
N ALA A 140 22.79 32.26 -21.64
CA ALA A 140 21.52 32.29 -22.34
C ALA A 140 21.67 31.90 -23.80
N GLY A 141 22.73 32.41 -24.43
CA GLY A 141 22.96 32.10 -25.82
C GLY A 141 23.50 30.71 -26.03
N LEU A 142 24.51 30.34 -25.23
CA LEU A 142 25.11 29.02 -25.32
C LEU A 142 24.07 27.92 -25.31
N THR A 143 23.22 27.92 -24.29
CA THR A 143 22.18 26.91 -24.15
C THR A 143 21.15 26.98 -25.28
N ARG A 144 21.13 28.09 -25.99
CA ARG A 144 20.18 28.25 -27.09
C ARG A 144 20.70 27.70 -28.41
N TYR A 145 21.96 28.03 -28.72
CA TYR A 145 22.59 27.60 -29.98
C TYR A 145 23.52 26.40 -29.88
N PHE A 146 23.85 25.98 -28.67
CA PHE A 146 24.76 24.86 -28.49
C PHE A 146 24.15 23.65 -27.79
N PRO A 147 24.81 22.49 -27.91
CA PRO A 147 24.31 21.28 -27.27
C PRO A 147 24.37 21.40 -25.76
N THR A 148 23.25 21.12 -25.10
CA THR A 148 23.17 21.14 -23.65
C THR A 148 22.69 19.78 -23.16
N THR A 149 22.77 19.58 -21.86
CA THR A 149 22.37 18.32 -21.28
C THR A 149 20.87 18.26 -20.91
N PHE A 168 19.52 -2.34 -31.90
CA PHE A 168 20.53 -3.22 -31.32
C PHE A 168 20.39 -3.24 -29.79
N SER A 169 21.37 -3.86 -29.16
CA SER A 169 21.40 -3.94 -27.70
C SER A 169 22.53 -3.08 -27.18
N PRO A 170 22.44 -2.65 -25.92
CA PRO A 170 23.51 -1.81 -25.34
C PRO A 170 24.80 -2.61 -25.24
N LEU A 171 25.91 -2.02 -25.66
CA LEU A 171 27.20 -2.69 -25.58
C LEU A 171 27.78 -2.59 -24.15
N SER A 172 27.45 -1.49 -23.47
CA SER A 172 27.93 -1.28 -22.12
C SER A 172 26.81 -0.79 -21.22
N HIS A 173 27.11 -0.67 -19.93
CA HIS A 173 26.13 -0.22 -18.96
C HIS A 173 25.71 1.24 -19.09
N PHE A 174 26.68 2.11 -19.35
CA PHE A 174 26.41 3.54 -19.46
C PHE A 174 26.80 4.12 -20.81
N ASP A 175 26.09 5.14 -21.27
CA ASP A 175 26.45 5.74 -22.54
C ASP A 175 27.29 7.02 -22.33
N ALA A 176 27.85 7.53 -23.41
CA ALA A 176 28.71 8.71 -23.34
C ALA A 176 28.13 9.86 -22.51
N ARG A 177 26.85 10.19 -22.72
CA ARG A 177 26.22 11.27 -21.96
C ARG A 177 26.26 10.99 -20.47
N ARG A 178 25.85 9.78 -20.09
CA ARG A 178 25.81 9.36 -18.70
C ARG A 178 27.21 9.35 -18.07
N VAL A 179 28.20 8.91 -18.85
CA VAL A 179 29.56 8.87 -18.33
C VAL A 179 30.12 10.28 -18.15
N ASP A 180 29.94 11.16 -19.13
CA ASP A 180 30.46 12.51 -18.98
C ASP A 180 29.83 13.17 -17.78
N PHE A 181 28.52 12.96 -17.64
CA PHE A 181 27.76 13.50 -16.54
C PHE A 181 28.39 13.12 -15.19
N SER A 182 28.70 11.84 -15.03
CA SER A 182 29.29 11.37 -13.78
C SER A 182 30.75 11.77 -13.57
N LEU A 183 31.54 11.82 -14.63
CA LEU A 183 32.94 12.21 -14.46
C LEU A 183 33.01 13.64 -13.93
N ALA A 184 32.25 14.54 -14.53
CA ALA A 184 32.25 15.93 -14.08
C ALA A 184 31.88 15.98 -12.59
N ARG A 185 30.86 15.23 -12.22
CA ARG A 185 30.38 15.22 -10.86
C ARG A 185 31.39 14.60 -9.89
N LEU A 186 32.07 13.54 -10.31
CA LEU A 186 33.04 12.88 -9.47
C LEU A 186 34.10 13.87 -9.04
N ARG A 187 34.59 14.66 -9.98
CA ARG A 187 35.62 15.64 -9.65
C ARG A 187 35.09 16.62 -8.64
N HIS A 188 33.86 17.08 -8.86
CA HIS A 188 33.23 18.03 -7.95
C HIS A 188 33.10 17.53 -6.50
N TYR A 189 32.61 16.30 -6.31
CA TYR A 189 32.44 15.79 -4.95
C TYR A 189 33.74 15.34 -4.31
N THR A 190 34.64 14.87 -5.16
CA THR A 190 35.90 14.32 -4.73
C THR A 190 37.10 15.27 -4.60
N GLY A 191 37.15 16.31 -5.42
CA GLY A 191 38.27 17.22 -5.37
C GLY A 191 39.47 16.46 -5.88
N THR A 192 39.26 15.68 -6.94
CA THR A 192 40.29 14.86 -7.54
C THR A 192 40.03 14.60 -9.02
N PRO A 193 41.10 14.52 -9.82
CA PRO A 193 40.93 14.26 -11.26
C PRO A 193 40.50 12.81 -11.42
N VAL A 194 39.52 12.55 -12.28
CA VAL A 194 39.06 11.17 -12.47
C VAL A 194 40.14 10.21 -12.96
N GLU A 195 41.17 10.73 -13.62
CA GLU A 195 42.27 9.87 -14.13
C GLU A 195 43.08 9.22 -13.01
N HIS A 196 42.90 9.67 -11.78
CA HIS A 196 43.66 9.12 -10.68
C HIS A 196 42.96 8.00 -9.92
N PHE A 197 41.67 7.80 -10.18
CA PHE A 197 40.91 6.76 -9.48
C PHE A 197 41.44 5.36 -9.75
N GLN A 198 41.57 4.57 -8.70
CA GLN A 198 42.07 3.22 -8.83
C GLN A 198 40.90 2.22 -8.82
N PRO A 199 41.11 1.01 -9.35
CA PRO A 199 40.09 -0.04 -9.41
C PRO A 199 39.60 -0.57 -8.06
N PHE A 200 40.41 -0.46 -7.01
CA PHE A 200 39.99 -0.98 -5.72
C PHE A 200 39.61 0.16 -4.81
N VAL A 201 38.33 0.26 -4.47
CA VAL A 201 37.85 1.35 -3.65
C VAL A 201 37.49 0.99 -2.21
N LEU A 202 37.72 1.94 -1.33
CA LEU A 202 37.44 1.80 0.08
C LEU A 202 36.58 2.99 0.48
N PHE A 203 35.51 2.75 1.23
CA PHE A 203 34.60 3.82 1.66
C PHE A 203 34.63 3.92 3.19
N THR A 204 34.69 5.13 3.72
CA THR A 204 34.68 5.32 5.18
C THR A 204 33.80 6.50 5.56
N ASN A 205 33.18 6.37 6.72
CA ASN A 205 32.30 7.39 7.24
C ASN A 205 32.94 8.00 8.46
N TYR A 206 34.26 7.82 8.57
CA TYR A 206 35.00 8.38 9.69
C TYR A 206 36.32 9.03 9.27
N THR A 207 36.36 10.34 9.44
CA THR A 207 37.50 11.18 9.07
C THR A 207 38.89 10.64 9.43
N ARG A 208 39.04 10.22 10.68
CA ARG A 208 40.32 9.68 11.14
C ARG A 208 40.91 8.62 10.20
N TYR A 209 40.07 7.90 9.48
CA TYR A 209 40.56 6.87 8.58
C TYR A 209 41.43 7.42 7.44
N VAL A 210 41.13 8.63 6.97
CA VAL A 210 41.94 9.16 5.87
C VAL A 210 43.30 9.59 6.39
N ASP A 211 43.34 10.09 7.62
CA ASP A 211 44.60 10.51 8.24
C ASP A 211 45.51 9.29 8.21
N GLU A 212 45.00 8.20 8.76
CA GLU A 212 45.72 6.94 8.81
C GLU A 212 46.08 6.44 7.41
N PHE A 213 45.15 6.56 6.46
CA PHE A 213 45.38 6.09 5.09
C PHE A 213 46.50 6.86 4.39
N VAL A 214 46.49 8.18 4.56
CA VAL A 214 47.52 9.03 3.96
C VAL A 214 48.88 8.76 4.59
N ARG A 215 48.91 8.59 5.92
CA ARG A 215 50.16 8.30 6.61
C ARG A 215 50.75 7.01 6.00
N TRP A 216 49.98 5.93 6.07
CA TRP A 216 50.41 4.65 5.53
C TRP A 216 50.79 4.80 4.07
N GLY A 217 50.03 5.63 3.35
CA GLY A 217 50.27 5.84 1.94
C GLY A 217 51.62 6.46 1.63
N CYS A 218 51.93 7.59 2.27
CA CYS A 218 53.22 8.25 2.08
C CYS A 218 54.33 7.26 2.43
N SER A 219 54.15 6.57 3.55
CA SER A 219 55.12 5.58 4.00
C SER A 219 55.44 4.57 2.90
N GLN A 220 54.39 4.08 2.24
CA GLN A 220 54.55 3.10 1.16
C GLN A 220 55.25 3.69 -0.06
N ILE A 221 55.05 4.97 -0.32
CA ILE A 221 55.66 5.62 -1.46
C ILE A 221 57.19 5.71 -1.30
N LEU A 222 57.63 5.89 -0.05
CA LEU A 222 59.05 5.99 0.25
C LEU A 222 59.74 4.63 0.18
N ASP A 223 58.98 3.55 0.30
CA ASP A 223 59.55 2.21 0.24
C ASP A 223 59.70 1.80 -1.22
N PRO A 224 60.94 1.56 -1.67
CA PRO A 224 61.25 1.16 -3.05
C PRO A 224 60.66 -0.19 -3.48
N ASP A 225 60.27 -1.00 -2.51
CA ASP A 225 59.68 -2.31 -2.82
C ASP A 225 58.16 -2.25 -3.02
N SER A 226 57.57 -1.13 -2.61
CA SER A 226 56.13 -0.92 -2.74
C SER A 226 55.77 -0.39 -4.11
N PRO A 227 54.72 -0.96 -4.73
CA PRO A 227 54.24 -0.58 -6.06
C PRO A 227 53.64 0.82 -6.08
N TYR A 228 53.35 1.35 -4.90
CA TYR A 228 52.75 2.66 -4.78
C TYR A 228 53.77 3.78 -5.01
N ILE A 229 53.57 4.53 -6.08
CA ILE A 229 54.47 5.61 -6.47
C ILE A 229 53.91 7.02 -6.35
N ALA A 230 52.60 7.17 -6.15
CA ALA A 230 52.02 8.50 -6.04
C ALA A 230 50.76 8.52 -5.17
N LEU A 231 50.39 9.73 -4.71
CA LEU A 231 49.21 9.91 -3.88
C LEU A 231 48.46 11.16 -4.31
N SER A 232 47.36 10.99 -5.03
CA SER A 232 46.56 12.13 -5.45
C SER A 232 45.70 12.50 -4.25
N CYS A 233 45.70 13.77 -3.87
CA CYS A 233 44.96 14.23 -2.71
C CYS A 233 43.81 15.18 -3.04
N ALA A 234 42.79 15.12 -2.21
CA ALA A 234 41.63 15.97 -2.38
C ALA A 234 42.11 17.40 -2.24
N GLY A 235 41.87 18.20 -3.27
CA GLY A 235 42.31 19.58 -3.20
C GLY A 235 43.30 19.87 -4.30
N GLY A 236 44.15 18.91 -4.62
CA GLY A 236 45.10 19.11 -5.69
C GLY A 236 46.47 18.50 -5.49
N ASN A 237 46.91 18.41 -4.24
CA ASN A 237 48.22 17.87 -3.94
C ASN A 237 48.55 16.56 -4.62
N TRP A 238 49.79 16.47 -5.07
CA TRP A 238 50.27 15.28 -5.76
C TRP A 238 51.59 14.87 -5.12
N ILE A 239 51.50 14.10 -4.04
CA ILE A 239 52.68 13.62 -3.33
C ILE A 239 53.36 12.46 -4.06
N THR A 240 54.68 12.50 -4.09
CA THR A 240 55.49 11.47 -4.73
C THR A 240 56.76 11.28 -3.93
N ALA A 241 57.64 10.38 -4.37
CA ALA A 241 58.89 10.14 -3.65
C ALA A 241 59.80 11.37 -3.68
N GLU A 242 59.67 12.16 -4.75
CA GLU A 242 60.47 13.37 -4.94
C GLU A 242 59.73 14.60 -4.42
N THR A 243 59.06 14.48 -3.29
CA THR A 243 58.30 15.61 -2.76
C THR A 243 58.95 16.34 -1.58
N GLU A 244 58.85 17.67 -1.62
CA GLU A 244 59.41 18.52 -0.58
C GLU A 244 58.50 18.52 0.65
N ALA A 245 58.85 17.69 1.63
CA ALA A 245 58.07 17.59 2.86
C ALA A 245 56.62 17.18 2.57
N PRO A 246 56.37 15.85 2.47
CA PRO A 246 55.04 15.29 2.20
C PRO A 246 54.02 15.56 3.31
N GLU A 247 54.14 16.71 3.97
CA GLU A 247 53.24 17.09 5.05
C GLU A 247 52.00 17.77 4.46
N GLU A 248 52.16 18.23 3.22
CA GLU A 248 51.11 18.91 2.48
C GLU A 248 49.99 17.96 2.06
N ALA A 249 50.13 16.69 2.46
CA ALA A 249 49.17 15.64 2.11
C ALA A 249 47.70 16.01 2.34
N ILE A 250 47.28 15.99 3.60
CA ILE A 250 45.90 16.29 3.95
C ILE A 250 45.64 17.79 4.12
N SER A 251 45.03 18.39 3.10
CA SER A 251 44.69 19.81 3.14
C SER A 251 43.39 19.92 3.94
N ASP A 252 43.46 20.57 5.09
CA ASP A 252 42.29 20.73 5.95
C ASP A 252 41.10 21.37 5.22
N LEU A 253 41.41 22.23 4.25
CA LEU A 253 40.38 22.91 3.47
C LEU A 253 39.61 21.92 2.57
N ALA A 254 40.08 20.68 2.50
CA ALA A 254 39.46 19.64 1.67
C ALA A 254 38.02 19.33 2.05
N TRP A 255 37.77 19.20 3.35
CA TRP A 255 36.44 18.91 3.84
C TRP A 255 35.49 20.07 3.71
N LYS A 256 36.02 21.28 3.54
CA LYS A 256 35.17 22.45 3.40
C LYS A 256 34.72 22.64 1.96
N LYS A 257 35.59 22.36 1.00
CA LYS A 257 35.23 22.54 -0.40
C LYS A 257 34.75 21.31 -1.14
N HIS A 258 34.88 20.14 -0.52
CA HIS A 258 34.43 18.92 -1.15
C HIS A 258 33.59 18.07 -0.20
N GLN A 259 32.40 17.71 -0.65
CA GLN A 259 31.49 16.93 0.15
C GLN A 259 31.99 15.53 0.47
N MSE A 260 32.72 14.92 -0.46
CA MSE A 260 33.23 13.57 -0.25
C MSE A 260 34.64 13.44 -0.82
O MSE A 260 34.85 12.87 -1.88
CB MSE A 260 32.28 12.57 -0.89
CG MSE A 260 30.93 12.55 -0.19
SE MSE A 260 29.54 11.64 -1.14
CE MSE A 260 29.19 13.04 -2.44
N PRO A 261 35.63 13.95 -0.07
CA PRO A 261 37.06 13.96 -0.39
C PRO A 261 37.62 12.59 -0.70
N ALA A 262 38.41 12.48 -1.75
CA ALA A 262 39.01 11.19 -2.09
C ALA A 262 40.55 11.28 -2.07
N TRP A 263 41.18 10.11 -1.99
CA TRP A 263 42.64 10.02 -1.96
C TRP A 263 43.02 8.77 -2.72
N HIS A 264 43.94 8.92 -3.67
CA HIS A 264 44.33 7.78 -4.48
C HIS A 264 45.81 7.37 -4.33
N LEU A 265 46.03 6.13 -3.94
CA LEU A 265 47.38 5.59 -3.80
C LEU A 265 47.57 4.85 -5.12
N ILE A 266 48.24 5.51 -6.05
CA ILE A 266 48.47 4.99 -7.40
C ILE A 266 49.68 4.08 -7.61
N THR A 267 49.60 3.22 -8.62
CA THR A 267 50.68 2.33 -8.99
C THR A 267 50.91 2.55 -10.48
N ALA A 268 52.06 2.13 -10.98
CA ALA A 268 52.37 2.32 -12.39
C ALA A 268 51.30 1.71 -13.29
N ASP A 269 50.83 0.51 -12.95
CA ASP A 269 49.82 -0.17 -13.76
C ASP A 269 48.37 0.16 -13.40
N GLY A 270 48.17 1.20 -12.59
CA GLY A 270 46.82 1.60 -12.20
C GLY A 270 46.01 0.53 -11.46
N GLN A 271 46.60 -0.06 -10.43
CA GLN A 271 45.97 -1.08 -9.64
C GLN A 271 46.14 -0.74 -8.18
N GLY A 272 46.11 0.56 -7.90
CA GLY A 272 46.27 1.02 -6.53
C GLY A 272 45.00 0.90 -5.72
N ILE A 273 44.87 1.79 -4.73
CA ILE A 273 43.72 1.83 -3.85
C ILE A 273 43.18 3.25 -3.77
N THR A 274 41.86 3.38 -3.89
CA THR A 274 41.22 4.67 -3.80
C THR A 274 40.39 4.68 -2.52
N LEU A 275 40.50 5.78 -1.76
CA LEU A 275 39.73 5.91 -0.53
C LEU A 275 38.83 7.12 -0.64
N VAL A 276 37.53 6.92 -0.40
CA VAL A 276 36.61 8.04 -0.46
C VAL A 276 35.93 8.16 0.88
N ASN A 277 35.98 9.35 1.45
CA ASN A 277 35.34 9.61 2.73
C ASN A 277 33.95 10.10 2.36
N ILE A 278 32.98 9.18 2.34
CA ILE A 278 31.62 9.50 1.92
C ILE A 278 30.73 10.35 2.81
N GLY A 279 31.15 10.59 4.06
CA GLY A 279 30.31 11.41 4.90
C GLY A 279 29.19 10.58 5.50
N VAL A 280 28.02 11.19 5.72
CA VAL A 280 26.95 10.42 6.34
C VAL A 280 25.56 10.48 5.70
N GLY A 281 24.91 9.31 5.66
CA GLY A 281 23.57 9.21 5.12
C GLY A 281 23.44 8.39 3.86
N PRO A 282 22.26 7.78 3.64
CA PRO A 282 22.03 6.96 2.44
C PRO A 282 22.03 7.83 1.16
N SER A 283 21.53 9.06 1.28
CA SER A 283 21.48 9.97 0.15
C SER A 283 22.86 10.16 -0.48
N ASN A 284 23.82 10.42 0.38
CA ASN A 284 25.18 10.67 -0.07
C ASN A 284 25.84 9.39 -0.55
N ALA A 285 25.53 8.28 0.11
CA ALA A 285 26.10 7.01 -0.34
C ALA A 285 25.55 6.71 -1.74
N LYS A 286 24.28 6.98 -1.94
CA LYS A 286 23.71 6.72 -3.26
C LYS A 286 24.38 7.58 -4.31
N THR A 287 24.49 8.88 -4.01
CA THR A 287 25.09 9.81 -4.95
C THR A 287 26.51 9.45 -5.42
N ILE A 288 27.40 9.18 -4.47
CA ILE A 288 28.76 8.87 -4.85
C ILE A 288 28.87 7.60 -5.70
N CYS A 289 28.09 6.57 -5.36
CA CYS A 289 28.15 5.33 -6.14
C CYS A 289 27.58 5.52 -7.54
N ASP A 290 26.54 6.33 -7.68
CA ASP A 290 25.96 6.60 -8.98
C ASP A 290 27.05 7.04 -9.94
N HIS A 291 27.98 7.87 -9.46
CA HIS A 291 29.04 8.35 -10.34
C HIS A 291 30.23 7.42 -10.42
N LEU A 292 30.71 6.94 -9.28
CA LEU A 292 31.86 6.05 -9.30
C LEU A 292 31.64 4.83 -10.19
N ALA A 293 30.39 4.37 -10.28
CA ALA A 293 30.06 3.22 -11.10
C ALA A 293 30.55 3.30 -12.56
N VAL A 294 30.58 4.52 -13.13
CA VAL A 294 30.98 4.62 -14.53
C VAL A 294 32.45 4.31 -14.77
N LEU A 295 33.26 4.33 -13.73
CA LEU A 295 34.68 4.02 -13.88
C LEU A 295 34.89 2.51 -13.86
N ARG A 296 33.80 1.76 -13.66
CA ARG A 296 33.81 0.30 -13.61
C ARG A 296 34.83 -0.28 -12.62
N PRO A 297 34.73 0.09 -11.34
CA PRO A 297 35.64 -0.40 -10.30
C PRO A 297 35.67 -1.91 -10.30
N ASP A 298 36.67 -2.50 -9.66
CA ASP A 298 36.76 -3.95 -9.56
C ASP A 298 36.05 -4.38 -8.28
N VAL A 299 35.99 -3.45 -7.34
CA VAL A 299 35.32 -3.73 -6.07
C VAL A 299 35.33 -2.52 -5.15
N TRP A 300 34.32 -2.40 -4.30
CA TRP A 300 34.32 -1.33 -3.33
C TRP A 300 33.85 -1.91 -2.02
N LEU A 301 34.59 -1.59 -0.97
CA LEU A 301 34.33 -2.08 0.35
C LEU A 301 33.95 -0.96 1.29
N MSE A 302 32.99 -1.23 2.16
CA MSE A 302 32.58 -0.24 3.15
C MSE A 302 33.35 -0.55 4.42
O MSE A 302 33.18 -1.61 5.02
CB MSE A 302 31.08 -0.34 3.43
CG MSE A 302 30.58 0.55 4.53
SE MSE A 302 30.64 2.46 4.11
CE MSE A 302 31.44 3.14 5.73
N ILE A 303 34.23 0.37 4.82
CA ILE A 303 35.02 0.20 6.04
C ILE A 303 34.66 1.38 6.92
N GLY A 304 33.74 1.16 7.85
CA GLY A 304 33.35 2.29 8.70
C GLY A 304 32.77 1.89 10.03
N HIS A 305 32.25 2.89 10.75
CA HIS A 305 31.67 2.66 12.05
C HIS A 305 30.22 2.22 11.98
N CYS A 306 29.75 1.62 13.08
CA CYS A 306 28.36 1.18 13.20
C CYS A 306 28.02 1.01 14.66
N GLY A 307 26.74 0.88 14.97
CA GLY A 307 26.33 0.68 16.34
C GLY A 307 26.11 -0.81 16.53
N GLY A 308 26.66 -1.38 17.60
CA GLY A 308 26.50 -2.80 17.89
C GLY A 308 25.15 -2.98 18.56
N LEU A 309 24.39 -3.99 18.16
CA LEU A 309 23.07 -4.17 18.76
C LEU A 309 23.00 -5.33 19.73
N ARG A 310 24.05 -6.12 19.81
CA ARG A 310 24.07 -7.28 20.70
C ARG A 310 24.86 -7.02 21.99
N GLU A 311 24.34 -7.53 23.11
CA GLU A 311 24.99 -7.35 24.41
C GLU A 311 26.41 -7.95 24.44
N SER A 312 26.58 -9.10 23.79
CA SER A 312 27.90 -9.73 23.78
C SER A 312 28.93 -8.98 22.92
N GLN A 313 28.49 -7.94 22.23
CA GLN A 313 29.40 -7.17 21.38
C GLN A 313 30.13 -6.11 22.21
N ALA A 314 31.41 -5.93 21.90
CA ALA A 314 32.22 -4.94 22.60
C ALA A 314 32.70 -3.90 21.61
N ILE A 315 32.72 -2.65 22.06
CA ILE A 315 33.20 -1.57 21.23
C ILE A 315 34.55 -1.97 20.66
N GLY A 316 34.70 -1.87 19.34
CA GLY A 316 35.94 -2.24 18.72
C GLY A 316 35.82 -3.55 17.96
N ASP A 317 34.75 -4.30 18.21
CA ASP A 317 34.56 -5.56 17.50
C ASP A 317 34.20 -5.30 16.04
N TYR A 318 34.32 -6.35 15.24
CA TYR A 318 34.01 -6.22 13.83
C TYR A 318 32.72 -6.94 13.45
N VAL A 319 32.05 -6.38 12.44
CA VAL A 319 30.82 -6.96 11.92
C VAL A 319 30.99 -7.13 10.43
N LEU A 320 30.82 -8.37 9.97
CA LEU A 320 30.92 -8.70 8.54
C LEU A 320 29.47 -8.93 8.11
N ALA A 321 28.96 -8.06 7.27
CA ALA A 321 27.57 -8.14 6.81
C ALA A 321 27.29 -9.30 5.88
N HIS A 322 26.33 -10.17 6.22
CA HIS A 322 26.02 -11.25 5.29
C HIS A 322 24.67 -10.96 4.63
N ALA A 323 24.04 -9.88 5.07
CA ALA A 323 22.75 -9.47 4.55
C ALA A 323 22.42 -8.08 5.08
N TYR A 324 21.44 -7.43 4.45
CA TYR A 324 21.08 -6.09 4.85
C TYR A 324 19.59 -5.88 5.00
N LEU A 325 19.21 -5.16 6.05
CA LEU A 325 17.82 -4.81 6.25
C LEU A 325 17.82 -3.35 5.74
N ARG A 326 17.31 -3.17 4.53
CA ARG A 326 17.25 -1.86 3.86
C ARG A 326 16.18 -0.89 4.36
N ASP A 327 16.47 -0.18 5.44
CA ASP A 327 15.54 0.83 5.96
C ASP A 327 16.12 2.19 5.56
N ASP A 328 16.81 2.24 4.42
CA ASP A 328 17.41 3.48 3.97
C ASP A 328 16.51 4.30 3.06
N HIS A 329 15.49 3.66 2.49
CA HIS A 329 14.48 4.29 1.61
C HIS A 329 14.93 4.81 0.26
N VAL A 330 16.08 5.46 0.24
CA VAL A 330 16.61 6.09 -0.94
C VAL A 330 16.66 5.29 -2.25
N LEU A 331 16.65 3.98 -2.18
CA LEU A 331 16.66 3.20 -3.42
C LEU A 331 15.41 2.34 -3.63
N ASP A 332 14.41 2.54 -2.78
CA ASP A 332 13.18 1.74 -2.88
C ASP A 332 12.51 1.78 -4.26
N ALA A 333 12.48 2.93 -4.89
CA ALA A 333 11.83 3.04 -6.19
C ALA A 333 12.51 2.26 -7.30
N VAL A 334 13.84 2.21 -7.33
CA VAL A 334 14.50 1.51 -8.41
C VAL A 334 14.88 0.08 -8.08
N LEU A 335 14.86 -0.25 -6.80
CA LEU A 335 15.20 -1.60 -6.35
C LEU A 335 14.36 -1.81 -5.09
N PRO A 336 13.14 -2.36 -5.25
CA PRO A 336 12.23 -2.61 -4.12
C PRO A 336 12.93 -3.35 -2.97
N PRO A 337 12.57 -3.02 -1.73
CA PRO A 337 13.16 -3.63 -0.53
C PRO A 337 13.04 -5.16 -0.43
N ASP A 338 12.16 -5.76 -1.21
CA ASP A 338 12.01 -7.20 -1.15
C ASP A 338 12.96 -7.92 -2.10
N ILE A 339 13.66 -7.17 -2.94
CA ILE A 339 14.63 -7.79 -3.85
C ILE A 339 15.83 -8.12 -2.97
N PRO A 340 16.20 -9.39 -2.87
CA PRO A 340 17.35 -9.77 -2.04
C PRO A 340 18.73 -9.33 -2.51
N ILE A 341 19.46 -8.64 -1.63
CA ILE A 341 20.81 -8.20 -1.96
C ILE A 341 21.74 -9.21 -1.28
N PRO A 342 22.31 -10.13 -2.06
CA PRO A 342 23.21 -11.17 -1.54
C PRO A 342 24.64 -10.72 -1.22
N SER A 343 25.41 -11.66 -0.70
CA SER A 343 26.80 -11.44 -0.35
C SER A 343 27.65 -12.03 -1.46
N ILE A 344 28.77 -11.38 -1.78
CA ILE A 344 29.65 -11.92 -2.80
C ILE A 344 30.63 -12.79 -2.02
N ALA A 345 30.58 -14.10 -2.26
CA ALA A 345 31.42 -15.07 -1.56
C ALA A 345 32.90 -14.72 -1.54
N GLU A 346 33.45 -14.42 -2.71
CA GLU A 346 34.85 -14.08 -2.81
C GLU A 346 35.20 -12.88 -1.93
N VAL A 347 34.36 -11.86 -1.93
CA VAL A 347 34.62 -10.68 -1.13
C VAL A 347 34.48 -11.00 0.35
N GLN A 348 33.52 -11.84 0.67
CA GLN A 348 33.28 -12.25 2.04
C GLN A 348 34.47 -13.01 2.64
N ARG A 349 35.06 -13.92 1.86
CA ARG A 349 36.22 -14.67 2.35
C ARG A 349 37.41 -13.73 2.51
N ALA A 350 37.64 -12.86 1.53
CA ALA A 350 38.75 -11.93 1.60
C ALA A 350 38.63 -11.10 2.88
N LEU A 351 37.44 -10.59 3.17
CA LEU A 351 37.23 -9.78 4.35
C LEU A 351 37.46 -10.61 5.60
N TYR A 352 37.06 -11.87 5.54
CA TYR A 352 37.20 -12.80 6.66
C TYR A 352 38.67 -13.14 6.90
N ASP A 353 39.34 -13.63 5.87
CA ASP A 353 40.74 -13.98 5.99
C ASP A 353 41.55 -12.75 6.41
N ALA A 354 41.34 -11.64 5.73
CA ALA A 354 42.07 -10.43 6.07
C ALA A 354 41.87 -10.12 7.54
N THR A 355 40.69 -10.42 8.07
CA THR A 355 40.44 -10.15 9.49
C THR A 355 41.27 -11.08 10.38
N LYS A 356 41.40 -12.33 9.96
CA LYS A 356 42.20 -13.31 10.72
C LYS A 356 43.65 -12.85 10.78
N LEU A 357 44.24 -12.63 9.60
CA LEU A 357 45.63 -12.20 9.51
C LEU A 357 45.90 -10.97 10.37
N VAL A 358 45.41 -9.83 9.92
CA VAL A 358 45.63 -8.57 10.64
C VAL A 358 45.24 -8.58 12.11
N SER A 359 44.03 -9.01 12.43
CA SER A 359 43.55 -9.01 13.81
C SER A 359 43.89 -10.23 14.66
N GLY A 360 44.94 -10.10 15.47
CA GLY A 360 45.36 -11.19 16.34
C GLY A 360 45.71 -12.48 15.63
N ARG A 361 45.52 -13.60 16.33
CA ARG A 361 45.81 -14.93 15.81
C ARG A 361 44.60 -15.52 15.07
N PRO A 362 44.86 -16.40 14.08
CA PRO A 362 43.82 -17.06 13.27
C PRO A 362 42.92 -18.01 14.06
N GLY A 363 42.59 -19.14 13.43
CA GLY A 363 41.76 -20.14 14.06
C GLY A 363 40.30 -19.73 14.13
N GLU A 364 39.53 -20.42 14.97
CA GLU A 364 38.11 -20.14 15.13
C GLU A 364 37.93 -19.10 16.24
N GLU A 365 39.04 -18.53 16.69
CA GLU A 365 39.02 -17.52 17.74
C GLU A 365 38.49 -16.17 17.25
N VAL A 366 38.57 -15.94 15.95
CA VAL A 366 38.08 -14.68 15.38
C VAL A 366 36.69 -14.40 15.90
N LYS A 367 35.89 -15.46 16.03
CA LYS A 367 34.51 -15.36 16.52
C LYS A 367 34.32 -14.41 17.69
N GLN A 368 35.31 -14.33 18.56
CA GLN A 368 35.23 -13.46 19.73
C GLN A 368 35.35 -11.98 19.36
N ARG A 369 35.99 -11.71 18.23
CA ARG A 369 36.20 -10.35 17.79
C ARG A 369 35.35 -10.02 16.54
N LEU A 370 34.97 -11.04 15.80
CA LEU A 370 34.19 -10.85 14.58
C LEU A 370 32.84 -11.54 14.56
N ARG A 371 31.78 -10.78 14.29
CA ARG A 371 30.43 -11.32 14.22
C ARG A 371 29.94 -11.15 12.78
N THR A 372 29.44 -12.25 12.19
CA THR A 372 28.92 -12.22 10.82
C THR A 372 27.41 -12.21 10.92
N GLY A 373 26.76 -11.22 10.32
CA GLY A 373 25.32 -11.17 10.41
C GLY A 373 24.66 -10.07 9.61
N THR A 374 23.39 -9.84 9.92
CA THR A 374 22.63 -8.83 9.20
C THR A 374 22.79 -7.44 9.77
N VAL A 375 23.02 -6.50 8.86
CA VAL A 375 23.19 -5.12 9.24
C VAL A 375 21.96 -4.30 8.83
N VAL A 376 21.51 -3.43 9.71
CA VAL A 376 20.39 -2.56 9.39
C VAL A 376 20.95 -1.20 8.95
N THR A 377 20.53 -0.74 7.78
CA THR A 377 20.95 0.57 7.31
C THR A 377 19.73 1.49 7.41
N THR A 378 19.81 2.54 8.19
CA THR A 378 18.65 3.45 8.30
C THR A 378 18.97 4.88 7.84
N ASP A 379 17.93 5.65 7.54
CA ASP A 379 18.12 7.03 7.13
C ASP A 379 17.73 7.91 8.31
N ASP A 380 17.54 7.28 9.46
CA ASP A 380 17.16 7.97 10.69
C ASP A 380 18.20 7.77 11.81
N ARG A 381 19.21 8.64 11.84
CA ARG A 381 20.27 8.58 12.84
C ARG A 381 19.69 8.45 14.25
N ASN A 382 18.60 9.15 14.53
CA ASN A 382 18.01 9.09 15.86
C ASN A 382 16.93 8.04 16.03
N TRP A 383 17.09 6.93 15.33
CA TRP A 383 16.13 5.83 15.45
C TRP A 383 15.90 5.46 16.93
N GLU A 384 16.90 5.68 17.79
CA GLU A 384 16.76 5.36 19.20
C GLU A 384 15.53 6.03 19.82
N LEU A 385 15.19 7.22 19.34
CA LEU A 385 14.03 7.92 19.89
C LEU A 385 12.72 7.17 19.63
N ARG A 386 12.81 6.06 18.89
CA ARG A 386 11.64 5.24 18.59
C ARG A 386 12.01 3.78 18.67
N TYR A 387 12.71 3.38 19.74
CA TYR A 387 13.11 1.99 19.84
C TYR A 387 12.00 0.98 19.64
N SER A 388 10.93 1.12 20.39
CA SER A 388 9.82 0.18 20.25
C SER A 388 9.48 -0.09 18.79
N ALA A 389 9.19 0.96 18.03
CA ALA A 389 8.85 0.78 16.62
C ALA A 389 9.92 0.02 15.83
N SER A 390 11.16 0.16 16.24
CA SER A 390 12.27 -0.50 15.55
C SER A 390 12.52 -1.92 16.03
N ALA A 391 12.51 -2.10 17.34
CA ALA A 391 12.75 -3.39 17.97
C ALA A 391 12.21 -4.60 17.21
N LEU A 392 10.96 -4.53 16.77
CA LEU A 392 10.36 -5.65 16.04
C LEU A 392 11.17 -5.97 14.77
N ARG A 393 11.64 -4.93 14.09
CA ARG A 393 12.41 -5.11 12.87
C ARG A 393 13.78 -5.73 13.14
N PHE A 394 14.46 -5.18 14.14
CA PHE A 394 15.77 -5.67 14.53
C PHE A 394 15.67 -7.16 14.81
N ASN A 395 14.65 -7.51 15.58
CA ASN A 395 14.45 -8.90 15.96
C ASN A 395 14.12 -9.80 14.79
N LEU A 396 13.19 -9.34 13.97
CA LEU A 396 12.77 -10.08 12.80
C LEU A 396 13.92 -10.35 11.86
N SER A 397 14.86 -9.41 11.77
CA SER A 397 16.01 -9.55 10.88
C SER A 397 17.25 -10.11 11.56
N ARG A 398 17.16 -10.35 12.87
CA ARG A 398 18.30 -10.87 13.62
C ARG A 398 19.43 -9.87 13.50
N ALA A 399 19.06 -8.60 13.41
CA ALA A 399 20.01 -7.51 13.26
C ALA A 399 21.19 -7.63 14.22
N VAL A 400 22.38 -7.39 13.69
CA VAL A 400 23.61 -7.48 14.44
C VAL A 400 24.25 -6.11 14.64
N ALA A 401 23.94 -5.16 13.77
CA ALA A 401 24.48 -3.81 13.84
C ALA A 401 23.59 -2.86 13.02
N ILE A 402 23.80 -1.56 13.22
CA ILE A 402 23.05 -0.56 12.49
C ILE A 402 23.91 0.64 12.06
N ASP A 403 23.84 0.99 10.78
CA ASP A 403 24.59 2.13 10.25
C ASP A 403 23.72 2.91 9.28
N MSE A 404 24.32 3.81 8.52
CA MSE A 404 23.57 4.64 7.58
C MSE A 404 24.06 4.61 6.14
O MSE A 404 23.61 5.41 5.34
CB MSE A 404 23.53 6.08 8.08
CG MSE A 404 22.82 6.25 9.42
SE MSE A 404 22.86 8.07 10.15
CE MSE A 404 21.58 8.97 9.02
N GLU A 405 24.96 3.69 5.81
CA GLU A 405 25.47 3.66 4.44
C GLU A 405 25.63 2.28 3.80
N SER A 406 25.91 1.26 4.61
CA SER A 406 26.14 -0.10 4.14
C SER A 406 25.22 -0.65 3.06
N ALA A 407 23.95 -0.85 3.41
CA ALA A 407 22.98 -1.40 2.46
C ALA A 407 22.94 -0.58 1.17
N THR A 408 23.06 0.74 1.30
CA THR A 408 23.05 1.62 0.15
C THR A 408 24.23 1.32 -0.75
N ILE A 409 25.42 1.26 -0.17
CA ILE A 409 26.65 0.98 -0.94
C ILE A 409 26.56 -0.40 -1.60
N ALA A 410 26.07 -1.39 -0.84
CA ALA A 410 25.95 -2.74 -1.35
C ALA A 410 24.87 -2.80 -2.43
N ALA A 411 23.73 -2.17 -2.18
CA ALA A 411 22.65 -2.17 -3.17
C ALA A 411 23.17 -1.57 -4.47
N GLN A 412 23.90 -0.46 -4.36
CA GLN A 412 24.43 0.20 -5.56
C GLN A 412 25.44 -0.72 -6.26
N GLY A 413 26.25 -1.41 -5.48
CA GLY A 413 27.22 -2.31 -6.09
C GLY A 413 26.47 -3.33 -6.91
N TYR A 414 25.43 -3.89 -6.28
CA TYR A 414 24.57 -4.88 -6.88
C TYR A 414 23.98 -4.31 -8.19
N ARG A 415 23.40 -3.13 -8.11
CA ARG A 415 22.79 -2.49 -9.27
C ARG A 415 23.76 -2.28 -10.44
N PHE A 416 24.97 -1.83 -10.13
CA PHE A 416 25.96 -1.54 -11.17
C PHE A 416 26.99 -2.62 -11.41
N ARG A 417 26.70 -3.82 -10.93
CA ARG A 417 27.60 -4.94 -11.14
C ARG A 417 29.02 -4.63 -10.68
N VAL A 418 29.14 -4.12 -9.46
CA VAL A 418 30.44 -3.82 -8.91
C VAL A 418 30.50 -4.65 -7.63
N PRO A 419 31.36 -5.68 -7.60
CA PRO A 419 31.48 -6.53 -6.41
C PRO A 419 31.62 -5.62 -5.20
N TYR A 420 30.96 -5.99 -4.11
CA TYR A 420 30.95 -5.16 -2.92
C TYR A 420 31.04 -5.99 -1.65
N GLY A 421 31.29 -5.31 -0.53
CA GLY A 421 31.42 -5.98 0.75
C GLY A 421 31.42 -4.94 1.87
N THR A 422 31.06 -5.38 3.07
CA THR A 422 30.99 -4.49 4.20
C THR A 422 31.62 -5.09 5.45
N LEU A 423 32.53 -4.34 6.07
CA LEU A 423 33.16 -4.80 7.29
C LEU A 423 33.19 -3.62 8.22
N LEU A 424 32.23 -3.55 9.13
CA LEU A 424 32.12 -2.43 10.04
C LEU A 424 32.78 -2.68 11.39
N CYS A 425 33.03 -1.59 12.11
CA CYS A 425 33.62 -1.66 13.43
C CYS A 425 32.67 -1.00 14.44
N VAL A 426 32.29 -1.76 15.47
CA VAL A 426 31.38 -1.23 16.48
C VAL A 426 31.99 -0.03 17.18
N SER A 427 31.30 1.10 17.13
CA SER A 427 31.79 2.31 17.75
C SER A 427 30.93 2.72 18.92
N ASP A 428 29.82 2.01 19.11
CA ASP A 428 28.93 2.31 20.22
C ASP A 428 27.90 1.21 20.40
N LYS A 429 27.24 1.23 21.56
CA LYS A 429 26.22 0.24 21.88
C LYS A 429 25.01 0.98 22.41
N PRO A 430 24.18 1.47 21.47
CA PRO A 430 22.94 2.23 21.67
C PRO A 430 21.94 1.58 22.61
N LEU A 431 21.81 0.28 22.50
CA LEU A 431 20.86 -0.45 23.33
C LEU A 431 21.38 -0.84 24.72
N HIS A 432 22.70 -0.73 24.94
CA HIS A 432 23.26 -1.11 26.22
C HIS A 432 24.04 -0.04 26.98
N GLY A 433 23.48 1.17 27.06
CA GLY A 433 24.14 2.25 27.80
C GLY A 433 25.26 3.01 27.10
N GLU A 434 26.39 2.34 26.89
CA GLU A 434 27.56 2.93 26.23
C GLU A 434 27.21 3.51 24.84
N ILE A 435 26.65 4.73 24.80
CA ILE A 435 26.27 5.36 23.54
C ILE A 435 27.14 6.60 23.23
N LYS A 436 26.53 7.57 22.53
CA LYS A 436 27.21 8.81 22.15
C LYS A 436 26.40 10.03 22.62
N GLY A 447 44.04 3.43 17.16
CA GLY A 447 44.48 2.08 17.45
C GLY A 447 43.77 1.05 16.59
N ALA A 448 42.48 0.84 16.87
CA ALA A 448 41.67 -0.12 16.12
C ALA A 448 41.37 0.44 14.73
N ILE A 449 41.45 1.77 14.60
CA ILE A 449 41.23 2.46 13.34
C ILE A 449 42.27 1.96 12.35
N SER A 450 43.52 1.95 12.79
CA SER A 450 44.62 1.50 11.95
C SER A 450 44.41 0.03 11.60
N GLU A 451 44.05 -0.78 12.59
CA GLU A 451 43.84 -2.20 12.34
C GLU A 451 42.69 -2.41 11.34
N HIS A 452 41.57 -1.71 11.59
CA HIS A 452 40.40 -1.81 10.73
C HIS A 452 40.81 -1.49 9.29
N LEU A 453 41.46 -0.35 9.11
CA LEU A 453 41.89 0.07 7.80
C LEU A 453 42.79 -0.99 7.18
N GLN A 454 43.64 -1.62 7.99
CA GLN A 454 44.54 -2.64 7.48
C GLN A 454 43.79 -3.86 6.98
N ILE A 455 42.70 -4.18 7.66
CA ILE A 455 41.89 -5.30 7.25
C ILE A 455 41.36 -4.97 5.86
N GLY A 456 40.84 -3.75 5.71
CA GLY A 456 40.32 -3.33 4.42
C GLY A 456 41.37 -3.46 3.33
N ILE A 457 42.56 -2.91 3.59
CA ILE A 457 43.65 -2.96 2.65
C ILE A 457 44.09 -4.40 2.34
N ARG A 458 44.24 -5.23 3.36
CA ARG A 458 44.66 -6.61 3.13
C ARG A 458 43.63 -7.35 2.30
N ALA A 459 42.36 -7.06 2.55
CA ALA A 459 41.26 -7.67 1.80
C ALA A 459 41.44 -7.29 0.32
N ILE A 460 41.72 -6.01 0.07
CA ILE A 460 41.95 -5.53 -1.28
C ILE A 460 43.08 -6.35 -1.91
N ASP A 461 44.19 -6.48 -1.17
CA ASP A 461 45.35 -7.23 -1.65
C ASP A 461 44.95 -8.65 -2.05
N LEU A 462 44.24 -9.33 -1.16
CA LEU A 462 43.79 -10.70 -1.43
C LEU A 462 42.93 -10.74 -2.69
N LEU A 463 42.05 -9.76 -2.84
CA LEU A 463 41.18 -9.70 -4.01
C LEU A 463 41.94 -9.34 -5.28
N ARG A 464 42.94 -8.50 -5.15
CA ARG A 464 43.73 -8.10 -6.32
C ARG A 464 44.48 -9.30 -6.89
N ALA A 465 45.05 -10.12 -6.00
CA ALA A 465 45.80 -11.30 -6.40
C ALA A 465 44.82 -12.33 -6.96
N GLU A 466 43.60 -12.32 -6.41
CA GLU A 466 42.52 -13.21 -6.81
C GLU A 466 42.34 -13.20 -8.34
N GLY A 467 42.75 -12.11 -8.98
CA GLY A 467 42.62 -12.01 -10.42
C GLY A 467 41.18 -11.81 -10.85
N ASP A 468 40.68 -12.74 -11.66
CA ASP A 468 39.31 -12.67 -12.14
C ASP A 468 38.30 -13.39 -11.25
N ARG A 469 38.78 -14.22 -10.33
CA ARG A 469 37.91 -14.94 -9.42
C ARG A 469 37.04 -13.93 -8.67
N LEU A 470 37.47 -12.67 -8.69
CA LEU A 470 36.75 -11.59 -8.04
C LEU A 470 35.34 -11.46 -8.61
N HIS A 471 35.26 -11.38 -9.94
CA HIS A 471 33.97 -11.25 -10.61
C HIS A 471 33.30 -12.61 -10.84
N SER A 472 32.04 -12.71 -10.44
CA SER A 472 31.25 -13.93 -10.57
C SER A 472 29.98 -13.56 -11.34
N ARG A 473 29.06 -14.52 -11.46
CA ARG A 473 27.82 -14.29 -12.19
C ARG A 473 26.66 -13.86 -11.30
N LYS A 474 26.92 -13.75 -10.00
CA LYS A 474 25.89 -13.36 -9.05
C LYS A 474 25.26 -11.99 -9.34
N LEU A 475 25.94 -11.14 -10.10
CA LEU A 475 25.39 -9.82 -10.38
C LEU A 475 24.90 -9.65 -11.81
N ARG A 476 25.07 -10.67 -12.63
CA ARG A 476 24.63 -10.63 -14.03
C ARG A 476 23.13 -10.59 -14.19
N THR A 477 22.68 -9.75 -15.10
CA THR A 477 21.27 -9.57 -15.43
C THR A 477 20.99 -10.47 -16.64
N PHE A 478 19.73 -10.66 -17.01
CA PHE A 478 19.39 -11.50 -18.17
C PHE A 478 19.85 -10.82 -19.45
N ASN A 479 19.72 -9.50 -19.49
CA ASN A 479 20.09 -8.68 -20.64
C ASN A 479 21.46 -8.02 -20.41
N GLU A 480 22.30 -8.67 -19.62
CA GLU A 480 23.62 -8.14 -19.29
C GLU A 480 24.42 -7.68 -20.51
N PRO A 481 24.93 -6.45 -20.46
CA PRO A 481 25.72 -5.93 -21.58
C PRO A 481 27.04 -6.71 -21.64
N PRO A 482 27.60 -6.89 -22.84
CA PRO A 482 28.86 -7.61 -23.03
C PRO A 482 30.04 -7.05 -22.20
N PHE A 483 30.17 -5.72 -22.16
CA PHE A 483 31.25 -5.10 -21.39
C PHE A 483 31.07 -5.25 -19.88
N ARG A 484 32.16 -5.56 -19.20
CA ARG A 484 32.15 -5.74 -17.74
C ARG A 484 31.47 -4.58 -16.97
N LEU B 8 4.27 28.66 46.01
CA LEU B 8 5.69 28.80 45.57
C LEU B 8 5.77 29.68 44.32
N THR B 9 6.76 30.58 44.29
CA THR B 9 6.91 31.53 43.17
C THR B 9 7.95 31.14 42.11
N PRO B 10 7.90 31.81 40.95
CA PRO B 10 8.85 31.55 39.86
C PRO B 10 10.29 31.55 40.33
N ALA B 11 10.73 32.68 40.89
CA ALA B 11 12.09 32.82 41.40
C ALA B 11 12.43 31.73 42.41
N GLN B 12 11.47 31.39 43.26
CA GLN B 12 11.68 30.34 44.25
C GLN B 12 11.84 28.97 43.60
N ALA B 13 10.97 28.69 42.63
CA ALA B 13 11.00 27.42 41.91
C ALA B 13 12.34 27.24 41.21
N LEU B 14 12.81 28.30 40.55
CA LEU B 14 14.08 28.25 39.85
C LEU B 14 15.21 27.90 40.82
N ASP B 15 15.22 28.58 41.95
CA ASP B 15 16.25 28.34 42.95
C ASP B 15 16.23 26.91 43.48
N LYS B 16 15.05 26.36 43.73
CA LYS B 16 14.96 25.00 44.24
C LYS B 16 15.39 23.99 43.18
N LEU B 17 15.06 24.28 41.92
CA LEU B 17 15.43 23.40 40.80
C LEU B 17 16.95 23.36 40.71
N ASP B 18 17.57 24.53 40.74
CA ASP B 18 19.02 24.64 40.70
C ASP B 18 19.64 23.80 41.81
N ALA B 19 19.08 23.94 43.02
CA ALA B 19 19.55 23.22 44.19
C ALA B 19 19.45 21.72 43.99
N LEU B 20 18.23 21.22 43.82
CA LEU B 20 18.01 19.79 43.63
C LEU B 20 18.89 19.21 42.52
N TYR B 21 18.97 19.92 41.40
CA TYR B 21 19.76 19.46 40.26
C TYR B 21 21.24 19.42 40.62
N GLU B 22 21.78 20.55 41.07
CA GLU B 22 23.18 20.65 41.45
C GLU B 22 23.56 19.53 42.42
N GLN B 23 22.67 19.27 43.37
CA GLN B 23 22.91 18.25 44.38
C GLN B 23 23.04 16.85 43.78
N SER B 24 22.09 16.47 42.93
CA SER B 24 22.11 15.15 42.32
C SER B 24 23.31 14.93 41.39
N VAL B 25 23.66 15.93 40.59
CA VAL B 25 24.79 15.79 39.69
C VAL B 25 26.07 15.62 40.50
N VAL B 26 26.19 16.39 41.57
CA VAL B 26 27.37 16.30 42.43
C VAL B 26 27.39 14.95 43.14
N ALA B 27 26.21 14.51 43.60
CA ALA B 27 26.09 13.22 44.29
C ALA B 27 26.43 12.07 43.34
N LEU B 28 26.07 12.21 42.08
CA LEU B 28 26.35 11.17 41.08
C LEU B 28 27.83 11.18 40.72
N ARG B 29 28.38 12.38 40.48
CA ARG B 29 29.80 12.53 40.14
C ARG B 29 30.65 11.95 41.26
N ASN B 30 30.21 12.20 42.49
CA ASN B 30 30.90 11.73 43.68
C ASN B 30 30.94 10.21 43.67
N ALA B 31 29.76 9.58 43.58
CA ALA B 31 29.65 8.12 43.57
C ALA B 31 30.50 7.48 42.47
N ILE B 32 30.60 8.15 41.32
CA ILE B 32 31.39 7.64 40.20
C ILE B 32 32.87 7.66 40.58
N GLY B 33 33.30 8.76 41.18
CA GLY B 33 34.70 8.87 41.59
C GLY B 33 35.06 7.77 42.58
N ASN B 34 34.17 7.55 43.54
CA ASN B 34 34.35 6.53 44.57
C ASN B 34 34.51 5.14 43.94
N TYR B 35 33.66 4.81 42.97
CA TYR B 35 33.73 3.51 42.31
C TYR B 35 35.04 3.35 41.55
N ILE B 36 35.39 4.36 40.76
CA ILE B 36 36.62 4.33 39.97
C ILE B 36 37.87 4.13 40.81
N THR B 37 37.93 4.82 41.96
CA THR B 37 39.10 4.73 42.84
C THR B 37 39.08 3.54 43.80
N SER B 38 37.97 3.35 44.49
CA SER B 38 37.85 2.28 45.48
C SER B 38 36.80 1.21 45.19
N GLY B 39 36.36 1.12 43.93
CA GLY B 39 35.36 0.12 43.58
C GLY B 39 34.14 0.11 44.48
N GLU B 40 33.91 1.25 45.15
CA GLU B 40 32.78 1.42 46.06
C GLU B 40 31.48 1.73 45.30
N LEU B 41 30.39 1.09 45.72
CA LEU B 41 29.08 1.28 45.09
C LEU B 41 28.15 2.11 45.97
N PRO B 42 27.15 2.78 45.35
CA PRO B 42 26.18 3.60 46.10
C PRO B 42 25.21 2.69 46.85
N ASP B 43 24.51 3.26 47.84
CA ASP B 43 23.56 2.47 48.62
C ASP B 43 22.17 2.60 48.01
N GLU B 44 21.51 1.45 47.81
CA GLU B 44 20.17 1.41 47.23
C GLU B 44 19.16 2.35 47.88
N ASN B 45 19.23 2.47 49.20
CA ASN B 45 18.29 3.33 49.92
C ASN B 45 18.39 4.80 49.52
N ALA B 46 19.61 5.33 49.46
CA ALA B 46 19.81 6.72 49.10
C ALA B 46 19.26 7.03 47.71
N ARG B 47 19.57 6.16 46.75
CA ARG B 47 19.11 6.33 45.38
C ARG B 47 17.59 6.34 45.36
N LYS B 48 17.00 5.37 46.04
CA LYS B 48 15.54 5.26 46.10
C LYS B 48 14.96 6.48 46.81
N GLN B 49 15.83 7.37 47.30
CA GLN B 49 15.38 8.56 48.01
C GLN B 49 15.63 9.83 47.20
N GLY B 50 16.10 9.67 45.96
CA GLY B 50 16.35 10.81 45.12
C GLY B 50 17.78 11.31 45.09
N LEU B 51 18.74 10.39 45.25
CA LEU B 51 20.16 10.75 45.25
C LEU B 51 20.64 11.23 43.88
N PHE B 52 20.28 10.47 42.84
CA PHE B 52 20.69 10.77 41.47
C PHE B 52 19.53 11.27 40.61
N VAL B 53 18.41 11.61 41.25
CA VAL B 53 17.20 12.06 40.56
C VAL B 53 17.13 13.49 40.02
N TYR B 54 16.43 13.66 38.90
CA TYR B 54 16.23 14.98 38.29
C TYR B 54 15.17 15.72 39.08
N PRO B 55 15.21 17.05 39.06
CA PRO B 55 14.20 17.81 39.79
C PRO B 55 12.88 17.63 39.04
N SER B 56 11.76 17.82 39.72
CA SER B 56 10.47 17.68 39.07
C SER B 56 9.69 18.99 39.24
N LEU B 57 9.19 19.53 38.14
CA LEU B 57 8.45 20.78 38.20
C LEU B 57 6.97 20.51 37.92
N THR B 58 6.11 20.92 38.86
CA THR B 58 4.69 20.70 38.72
C THR B 58 3.90 22.01 38.81
N VAL B 59 2.97 22.18 37.90
CA VAL B 59 2.15 23.39 37.88
C VAL B 59 0.68 22.99 37.83
N THR B 60 -0.11 23.50 38.77
CA THR B 60 -1.52 23.19 38.83
C THR B 60 -2.40 24.40 38.58
N TRP B 61 -3.57 24.15 38.00
CA TRP B 61 -4.53 25.20 37.71
C TRP B 61 -5.93 24.70 38.10
N ASP B 62 -6.64 25.52 38.89
CA ASP B 62 -7.98 25.18 39.36
C ASP B 62 -9.04 25.32 38.27
N GLY B 63 -8.78 26.18 37.29
CA GLY B 63 -9.73 26.38 36.20
C GLY B 63 -10.44 27.71 36.26
N SER B 64 -10.43 28.35 37.43
CA SER B 64 -11.09 29.64 37.61
C SER B 64 -10.17 30.82 37.31
N THR B 65 -10.64 31.71 36.43
CA THR B 65 -9.91 32.90 36.04
C THR B 65 -10.84 33.85 35.29
N THR B 66 -10.72 35.15 35.59
CA THR B 66 -11.54 36.18 34.95
C THR B 66 -11.64 35.94 33.44
N ASN B 67 -10.65 36.45 32.71
CA ASN B 67 -10.59 36.27 31.26
C ASN B 67 -9.15 35.92 30.85
N PRO B 68 -8.85 34.62 30.75
CA PRO B 68 -7.53 34.09 30.38
C PRO B 68 -7.15 34.43 28.93
N PRO B 69 -5.84 34.36 28.61
CA PRO B 69 -5.37 34.66 27.25
C PRO B 69 -5.90 33.61 26.26
N LYS B 70 -6.97 33.96 25.56
CA LYS B 70 -7.59 33.03 24.62
C LYS B 70 -6.91 33.04 23.25
N THR B 71 -6.14 34.10 22.97
CA THR B 71 -5.46 34.21 21.67
C THR B 71 -3.96 33.96 21.67
N ARG B 72 -3.33 33.99 22.84
CA ARG B 72 -1.88 33.76 22.92
C ARG B 72 -1.52 32.37 22.38
N ALA B 73 -0.39 32.27 21.72
CA ALA B 73 0.05 31.00 21.13
C ALA B 73 0.59 30.00 22.14
N PHE B 74 1.20 30.49 23.22
CA PHE B 74 1.77 29.62 24.23
C PHE B 74 1.43 30.06 25.65
N GLY B 75 1.95 29.32 26.64
CA GLY B 75 1.70 29.66 28.02
C GLY B 75 0.21 29.66 28.36
N ARG B 76 -0.51 28.67 27.84
CA ARG B 76 -1.94 28.58 28.09
C ARG B 76 -2.33 27.22 28.66
N PHE B 77 -3.52 27.18 29.25
CA PHE B 77 -4.05 25.95 29.83
C PHE B 77 -5.32 25.60 29.06
N THR B 78 -5.40 24.35 28.61
CA THR B 78 -6.55 23.87 27.85
C THR B 78 -7.62 23.38 28.80
N HIS B 79 -7.20 23.01 30.00
CA HIS B 79 -8.10 22.49 31.02
C HIS B 79 -7.46 22.56 32.39
N ALA B 80 -8.25 22.29 33.42
CA ALA B 80 -7.76 22.32 34.79
C ALA B 80 -7.02 21.03 35.09
N GLY B 81 -6.13 21.08 36.08
CA GLY B 81 -5.39 19.90 36.45
C GLY B 81 -3.94 20.19 36.74
N SER B 82 -3.15 19.13 36.87
CA SER B 82 -1.72 19.26 37.16
C SER B 82 -0.87 18.92 35.94
N TYR B 83 0.16 19.72 35.71
CA TYR B 83 1.08 19.52 34.61
C TYR B 83 2.47 19.40 35.22
N THR B 84 3.19 18.33 34.89
CA THR B 84 4.51 18.12 35.43
C THR B 84 5.54 17.74 34.37
N THR B 85 6.82 17.76 34.76
CA THR B 85 7.93 17.42 33.86
C THR B 85 9.25 17.39 34.61
N THR B 86 10.12 16.46 34.25
CA THR B 86 11.43 16.40 34.89
C THR B 86 12.22 17.53 34.27
N ILE B 87 13.23 18.03 34.97
CA ILE B 87 14.03 19.14 34.45
C ILE B 87 15.53 18.93 34.59
N THR B 88 16.29 19.49 33.66
CA THR B 88 17.75 19.37 33.67
C THR B 88 18.33 20.74 33.34
N ARG B 89 19.59 20.96 33.71
CA ARG B 89 20.29 22.23 33.47
C ARG B 89 19.43 23.49 33.67
N PRO B 90 18.90 23.71 34.89
CA PRO B 90 18.06 24.87 35.22
C PRO B 90 18.75 26.21 34.96
N THR B 91 20.07 26.21 35.10
CA THR B 91 20.83 27.44 34.86
C THR B 91 20.74 27.80 33.38
N LEU B 92 21.04 26.81 32.53
CA LEU B 92 20.98 27.00 31.09
C LEU B 92 19.59 27.46 30.64
N PHE B 93 18.56 26.91 31.27
CA PHE B 93 17.18 27.24 30.92
C PHE B 93 16.53 28.26 31.84
N ARG B 94 17.36 28.99 32.58
CA ARG B 94 16.87 30.00 33.53
C ARG B 94 15.85 30.98 32.91
N SER B 95 16.27 31.71 31.86
CA SER B 95 15.39 32.68 31.21
C SER B 95 14.06 32.04 30.81
N TYR B 96 14.17 30.98 30.00
CA TYR B 96 13.01 30.26 29.51
C TYR B 96 12.09 29.84 30.64
N LEU B 97 12.61 29.03 31.56
CA LEU B 97 11.82 28.55 32.69
C LEU B 97 11.18 29.69 33.46
N ASN B 98 11.95 30.75 33.70
CA ASN B 98 11.40 31.89 34.43
C ASN B 98 10.22 32.49 33.69
N GLU B 99 10.43 32.85 32.43
CA GLU B 99 9.38 33.46 31.63
C GLU B 99 8.13 32.60 31.55
N GLN B 100 8.29 31.31 31.30
CA GLN B 100 7.14 30.42 31.19
C GLN B 100 6.38 30.32 32.51
N LEU B 101 7.10 30.13 33.61
CA LEU B 101 6.46 30.03 34.91
C LEU B 101 5.76 31.34 35.27
N THR B 102 6.38 32.46 34.89
CA THR B 102 5.81 33.77 35.18
C THR B 102 4.42 33.90 34.52
N LEU B 103 4.34 33.52 33.25
CA LEU B 103 3.08 33.60 32.51
C LEU B 103 1.95 32.82 33.18
N LEU B 104 2.23 31.58 33.57
CA LEU B 104 1.22 30.75 34.20
C LEU B 104 0.89 31.25 35.60
N TYR B 105 1.87 31.85 36.26
CA TYR B 105 1.71 32.37 37.61
C TYR B 105 0.83 33.61 37.65
N GLN B 106 1.16 34.59 36.82
CA GLN B 106 0.42 35.85 36.79
C GLN B 106 -0.88 35.87 35.98
N ASP B 107 -0.99 35.03 34.96
CA ASP B 107 -2.18 35.02 34.12
C ASP B 107 -3.26 34.02 34.56
N TYR B 108 -2.86 32.99 35.30
CA TYR B 108 -3.81 31.99 35.77
C TYR B 108 -3.72 31.79 37.28
N GLY B 109 -2.70 32.37 37.90
CA GLY B 109 -2.53 32.19 39.33
C GLY B 109 -2.36 30.71 39.59
N ALA B 110 -1.42 30.11 38.88
CA ALA B 110 -1.14 28.69 39.00
C ALA B 110 -0.26 28.35 40.20
N HIS B 111 -0.45 27.14 40.71
CA HIS B 111 0.29 26.64 41.86
C HIS B 111 1.57 25.91 41.44
N ILE B 112 2.72 26.54 41.66
CA ILE B 112 4.00 25.94 41.29
C ILE B 112 4.60 25.15 42.47
N SER B 113 5.28 24.06 42.16
CA SER B 113 5.91 23.23 43.19
C SER B 113 7.05 22.41 42.62
N VAL B 114 8.15 22.31 43.37
CA VAL B 114 9.30 21.56 42.92
C VAL B 114 9.58 20.42 43.90
N GLN B 115 10.07 19.30 43.37
CA GLN B 115 10.39 18.13 44.20
C GLN B 115 11.16 17.08 43.39
N PRO B 116 11.90 16.20 44.07
CA PRO B 116 12.65 15.17 43.35
C PRO B 116 11.73 14.26 42.54
N SER B 117 12.16 13.89 41.34
CA SER B 117 11.39 13.00 40.47
C SER B 117 11.76 11.55 40.76
N GLN B 118 11.27 10.64 39.93
CA GLN B 118 11.56 9.22 40.10
C GLN B 118 12.55 8.78 39.04
N HIS B 119 13.11 9.76 38.33
CA HIS B 119 14.03 9.48 37.25
C HIS B 119 15.47 9.87 37.58
N GLU B 120 16.37 8.89 37.47
CA GLU B 120 17.77 9.14 37.74
C GLU B 120 18.49 9.68 36.50
N ILE B 121 19.49 10.53 36.75
CA ILE B 121 20.29 11.12 35.68
C ILE B 121 21.31 10.11 35.18
N PRO B 122 21.26 9.79 33.87
CA PRO B 122 22.23 8.83 33.32
C PRO B 122 23.64 9.40 33.53
N TYR B 123 24.52 8.61 34.14
CA TYR B 123 25.86 9.07 34.43
C TYR B 123 26.65 9.74 33.30
N PRO B 124 26.47 9.28 32.05
CA PRO B 124 27.23 9.92 30.97
C PRO B 124 27.00 11.42 30.83
N TYR B 125 25.88 11.93 31.35
CA TYR B 125 25.57 13.35 31.25
C TYR B 125 26.15 14.22 32.37
N VAL B 126 26.90 13.63 33.27
CA VAL B 126 27.50 14.40 34.37
C VAL B 126 29.03 14.46 34.27
N ILE B 127 29.56 13.99 33.16
CA ILE B 127 31.01 13.99 32.95
C ILE B 127 31.53 15.38 32.57
N LEU B 134 37.79 7.93 31.20
CA LEU B 134 38.29 6.93 32.12
C LEU B 134 38.97 5.78 31.38
N ASP B 135 38.32 4.62 31.35
CA ASP B 135 38.88 3.45 30.68
C ASP B 135 37.80 2.52 30.11
N ARG B 136 38.19 1.29 29.79
CA ARG B 136 37.28 0.31 29.21
C ARG B 136 36.76 -0.74 30.21
N SER B 137 37.62 -1.19 31.12
CA SER B 137 37.23 -2.21 32.11
C SER B 137 36.22 -1.68 33.13
N MSE B 138 35.95 -0.38 33.06
CA MSE B 138 35.02 0.31 33.95
C MSE B 138 33.64 0.45 33.32
O MSE B 138 32.63 0.39 34.01
CB MSE B 138 35.57 1.70 34.29
CG MSE B 138 36.80 1.71 35.19
SE MSE B 138 36.39 1.34 37.06
CE MSE B 138 36.47 -0.60 37.00
N SER B 139 33.62 0.67 32.01
CA SER B 139 32.37 0.83 31.27
C SER B 139 31.42 -0.30 31.62
N ALA B 140 31.97 -1.49 31.85
CA ALA B 140 31.20 -2.67 32.19
C ALA B 140 30.56 -2.52 33.56
N GLY B 141 31.33 -2.03 34.52
CA GLY B 141 30.82 -1.85 35.87
C GLY B 141 29.87 -0.68 35.98
N LEU B 142 30.27 0.46 35.44
CA LEU B 142 29.46 1.67 35.48
C LEU B 142 28.04 1.41 35.01
N THR B 143 27.92 0.83 33.82
CA THR B 143 26.61 0.53 33.25
C THR B 143 25.85 -0.54 34.04
N ARG B 144 26.55 -1.24 34.93
CA ARG B 144 25.92 -2.28 35.74
C ARG B 144 25.38 -1.73 37.06
N TYR B 145 26.16 -0.88 37.72
CA TYR B 145 25.77 -0.31 39.02
C TYR B 145 25.27 1.14 38.99
N PHE B 146 25.39 1.81 37.84
CA PHE B 146 24.95 3.20 37.72
C PHE B 146 23.85 3.42 36.67
N PRO B 147 23.18 4.60 36.71
CA PRO B 147 22.10 4.93 35.75
C PRO B 147 22.65 5.14 34.35
N THR B 148 22.19 4.32 33.39
CA THR B 148 22.65 4.42 32.01
C THR B 148 21.60 4.86 31.02
N THR B 149 22.05 5.10 29.79
CA THR B 149 21.20 5.52 28.69
C THR B 149 20.78 4.34 27.82
N PHE B 168 -1.29 13.04 35.68
CA PHE B 168 -0.67 14.30 35.24
C PHE B 168 -0.67 14.49 33.73
N SER B 169 -0.04 15.57 33.30
CA SER B 169 0.09 15.95 31.89
C SER B 169 1.45 16.65 31.78
N PRO B 170 2.18 16.42 30.68
CA PRO B 170 3.50 17.03 30.46
C PRO B 170 3.48 18.55 30.57
N LEU B 171 4.43 19.12 31.31
CA LEU B 171 4.50 20.56 31.45
C LEU B 171 5.22 21.16 30.25
N SER B 172 6.16 20.40 29.68
CA SER B 172 6.92 20.84 28.52
C SER B 172 7.00 19.77 27.44
N HIS B 173 7.60 20.13 26.30
CA HIS B 173 7.74 19.23 25.17
C HIS B 173 8.73 18.09 25.42
N PHE B 174 9.85 18.41 26.04
CA PHE B 174 10.88 17.41 26.29
C PHE B 174 11.23 17.29 27.77
N ASP B 175 11.65 16.10 28.20
CA ASP B 175 12.00 15.93 29.60
C ASP B 175 13.51 15.95 29.74
N ALA B 176 13.97 16.03 30.99
CA ALA B 176 15.40 16.11 31.27
C ALA B 176 16.26 15.09 30.52
N ARG B 177 15.83 13.84 30.46
CA ARG B 177 16.59 12.81 29.75
C ARG B 177 16.79 13.20 28.30
N ARG B 178 15.67 13.53 27.65
CA ARG B 178 15.67 13.92 26.25
C ARG B 178 16.48 15.19 25.99
N VAL B 179 16.42 16.14 26.92
CA VAL B 179 17.18 17.37 26.75
C VAL B 179 18.69 17.14 26.92
N ASP B 180 19.10 16.39 27.95
CA ASP B 180 20.53 16.16 28.12
C ASP B 180 21.06 15.42 26.90
N PHE B 181 20.27 14.46 26.43
CA PHE B 181 20.63 13.66 25.26
C PHE B 181 20.99 14.56 24.09
N SER B 182 20.09 15.50 23.81
CA SER B 182 20.30 16.41 22.70
C SER B 182 21.40 17.45 22.92
N LEU B 183 21.57 17.93 24.16
CA LEU B 183 22.61 18.92 24.41
C LEU B 183 23.97 18.32 24.10
N ALA B 184 24.21 17.12 24.62
CA ALA B 184 25.48 16.45 24.38
C ALA B 184 25.72 16.35 22.88
N ARG B 185 24.68 15.91 22.17
CA ARG B 185 24.76 15.71 20.73
C ARG B 185 24.99 17.01 19.95
N LEU B 186 24.34 18.09 20.39
CA LEU B 186 24.49 19.40 19.73
C LEU B 186 25.94 19.82 19.70
N ARG B 187 26.61 19.66 20.84
CA ARG B 187 28.01 20.05 20.92
C ARG B 187 28.85 19.20 19.97
N HIS B 188 28.54 17.90 19.93
CA HIS B 188 29.26 16.97 19.06
C HIS B 188 29.14 17.31 17.58
N TYR B 189 27.93 17.61 17.10
CA TYR B 189 27.76 17.93 15.68
C TYR B 189 28.19 19.34 15.32
N THR B 190 27.97 20.24 16.28
CA THR B 190 28.26 21.65 16.12
C THR B 190 29.67 22.16 16.39
N GLY B 191 30.38 21.54 17.34
CA GLY B 191 31.72 22.00 17.72
C GLY B 191 31.56 23.34 18.42
N THR B 192 30.53 23.42 19.26
CA THR B 192 30.20 24.65 19.96
C THR B 192 29.46 24.36 21.27
N PRO B 193 29.72 25.15 22.31
CA PRO B 193 29.05 24.95 23.60
C PRO B 193 27.60 25.34 23.45
N VAL B 194 26.69 24.54 24.01
CA VAL B 194 25.28 24.86 23.87
C VAL B 194 24.87 26.20 24.44
N GLU B 195 25.60 26.73 25.42
CA GLU B 195 25.16 28.00 25.96
C GLU B 195 25.40 29.23 25.08
N HIS B 196 26.01 29.01 23.90
CA HIS B 196 26.25 30.11 22.97
C HIS B 196 25.16 30.23 21.87
N PHE B 197 24.29 29.23 21.77
CA PHE B 197 23.22 29.22 20.78
C PHE B 197 22.22 30.36 20.98
N GLN B 198 21.92 31.07 19.89
CA GLN B 198 20.99 32.19 19.95
C GLN B 198 19.59 31.73 19.52
N PRO B 199 18.55 32.48 19.90
CA PRO B 199 17.16 32.16 19.57
C PRO B 199 16.81 32.22 18.09
N PHE B 200 17.60 32.94 17.30
CA PHE B 200 17.30 33.06 15.88
C PHE B 200 18.29 32.27 15.06
N VAL B 201 17.81 31.18 14.46
CA VAL B 201 18.65 30.28 13.69
C VAL B 201 18.52 30.35 12.18
N LEU B 202 19.66 30.19 11.52
CA LEU B 202 19.78 30.22 10.08
C LEU B 202 20.48 28.92 9.68
N PHE B 203 19.93 28.22 8.68
CA PHE B 203 20.51 26.97 8.18
C PHE B 203 20.98 27.14 6.75
N THR B 204 22.18 26.63 6.43
CA THR B 204 22.65 26.72 5.05
C THR B 204 23.30 25.42 4.64
N ASN B 205 23.17 25.13 3.36
CA ASN B 205 23.71 23.93 2.77
C ASN B 205 24.86 24.31 1.86
N TYR B 206 25.38 25.52 2.02
CA TYR B 206 26.49 25.99 1.20
C TYR B 206 27.56 26.70 2.04
N THR B 207 28.74 26.08 2.06
CA THR B 207 29.90 26.54 2.81
C THR B 207 30.22 28.03 2.75
N ARG B 208 30.26 28.58 1.54
CA ARG B 208 30.57 29.98 1.36
C ARG B 208 29.74 30.94 2.20
N TYR B 209 28.56 30.49 2.64
CA TYR B 209 27.68 31.31 3.47
C TYR B 209 28.28 31.58 4.84
N VAL B 210 29.07 30.65 5.38
CA VAL B 210 29.63 30.88 6.70
C VAL B 210 30.78 31.87 6.58
N ASP B 211 31.52 31.80 5.48
CA ASP B 211 32.62 32.73 5.27
C ASP B 211 32.03 34.13 5.33
N GLU B 212 30.99 34.34 4.53
CA GLU B 212 30.30 35.61 4.46
C GLU B 212 29.66 36.01 5.79
N PHE B 213 29.17 35.04 6.54
CA PHE B 213 28.54 35.31 7.83
C PHE B 213 29.57 35.76 8.85
N VAL B 214 30.69 35.05 8.92
CA VAL B 214 31.75 35.37 9.85
C VAL B 214 32.32 36.76 9.57
N ARG B 215 32.53 37.05 8.30
CA ARG B 215 33.06 38.35 7.88
C ARG B 215 32.14 39.44 8.41
N TRP B 216 30.88 39.36 8.01
CA TRP B 216 29.88 40.33 8.44
C TRP B 216 29.81 40.37 9.97
N GLY B 217 30.00 39.21 10.59
CA GLY B 217 29.95 39.12 12.03
C GLY B 217 31.06 39.87 12.72
N CYS B 218 32.30 39.59 12.34
CA CYS B 218 33.47 40.27 12.90
C CYS B 218 33.28 41.77 12.73
N SER B 219 32.85 42.15 11.54
CA SER B 219 32.62 43.54 11.21
C SER B 219 31.64 44.19 12.20
N GLN B 220 30.56 43.48 12.53
CA GLN B 220 29.57 44.00 13.45
C GLN B 220 30.11 44.15 14.87
N ILE B 221 31.00 43.26 15.24
CA ILE B 221 31.58 43.28 16.58
C ILE B 221 32.43 44.52 16.80
N LEU B 222 33.07 44.98 15.73
CA LEU B 222 33.93 46.16 15.77
C LEU B 222 33.14 47.46 15.81
N ASP B 223 31.88 47.41 15.39
CA ASP B 223 31.03 48.59 15.41
C ASP B 223 30.36 48.70 16.78
N PRO B 224 30.67 49.78 17.52
CA PRO B 224 30.15 50.08 18.85
C PRO B 224 28.64 50.23 18.93
N ASP B 225 28.01 50.50 17.79
CA ASP B 225 26.56 50.66 17.74
C ASP B 225 25.81 49.34 17.55
N SER B 226 26.55 48.29 17.20
CA SER B 226 25.99 46.97 16.99
C SER B 226 25.91 46.19 18.30
N PRO B 227 24.76 45.54 18.55
CA PRO B 227 24.52 44.75 19.75
C PRO B 227 25.39 43.51 19.81
N TYR B 228 25.98 43.17 18.67
CA TYR B 228 26.81 41.98 18.58
C TYR B 228 28.17 42.18 19.23
N ILE B 229 28.40 41.47 20.33
CA ILE B 229 29.65 41.59 21.07
C ILE B 229 30.60 40.40 21.02
N ALA B 230 30.14 39.25 20.53
CA ALA B 230 31.01 38.08 20.45
C ALA B 230 30.62 37.13 19.32
N LEU B 231 31.56 36.24 18.99
CA LEU B 231 31.36 35.27 17.92
C LEU B 231 31.92 33.91 18.33
N SER B 232 31.03 32.99 18.72
CA SER B 232 31.49 31.65 19.09
C SER B 232 31.71 30.91 17.78
N CYS B 233 32.87 30.30 17.61
CA CYS B 233 33.17 29.60 16.38
C CYS B 233 33.29 28.10 16.55
N ALA B 234 32.94 27.36 15.50
CA ALA B 234 33.04 25.91 15.55
C ALA B 234 34.50 25.56 15.74
N GLY B 235 34.80 24.76 16.75
CA GLY B 235 36.18 24.39 17.01
C GLY B 235 36.65 24.94 18.34
N GLY B 236 36.13 26.11 18.73
CA GLY B 236 36.52 26.68 20.01
C GLY B 236 36.72 28.18 20.05
N ASN B 237 37.27 28.75 18.99
CA ASN B 237 37.52 30.17 18.92
C ASN B 237 36.40 31.05 19.45
N TRP B 238 36.79 32.07 20.19
CA TRP B 238 35.84 33.01 20.77
C TRP B 238 36.31 34.43 20.45
N ILE B 239 35.92 34.92 19.28
CA ILE B 239 36.29 36.24 18.83
C ILE B 239 35.47 37.32 19.53
N THR B 240 36.15 38.41 19.88
CA THR B 240 35.52 39.55 20.56
C THR B 240 36.18 40.84 20.07
N ALA B 241 35.72 41.98 20.56
CA ALA B 241 36.31 43.26 20.16
C ALA B 241 37.77 43.35 20.59
N GLU B 242 38.10 42.68 21.70
CA GLU B 242 39.46 42.68 22.26
C GLU B 242 40.25 41.48 21.76
N THR B 243 40.10 41.12 20.49
CA THR B 243 40.81 39.95 19.96
C THR B 243 42.04 40.28 19.12
N GLU B 244 43.07 39.48 19.31
CA GLU B 244 44.33 39.63 18.58
C GLU B 244 44.20 39.04 17.18
N ALA B 245 43.94 39.90 16.20
CA ALA B 245 43.79 39.46 14.82
C ALA B 245 42.65 38.44 14.68
N PRO B 246 41.40 38.92 14.53
CA PRO B 246 40.22 38.06 14.39
C PRO B 246 40.22 37.22 13.12
N GLU B 247 41.42 36.83 12.67
CA GLU B 247 41.58 36.02 11.45
C GLU B 247 41.36 34.55 11.81
N GLU B 248 41.53 34.26 13.10
CA GLU B 248 41.39 32.91 13.64
C GLU B 248 39.94 32.43 13.62
N ALA B 249 39.05 33.28 13.11
CA ALA B 249 37.61 32.97 13.05
C ALA B 249 37.25 31.59 12.51
N ILE B 250 37.35 31.42 11.20
CA ILE B 250 37.00 30.14 10.57
C ILE B 250 38.18 29.16 10.56
N SER B 251 38.13 28.19 11.46
CA SER B 251 39.17 27.17 11.53
C SER B 251 38.84 26.12 10.46
N ASP B 252 39.70 26.00 9.46
CA ASP B 252 39.46 25.04 8.39
C ASP B 252 39.23 23.62 8.89
N LEU B 253 39.85 23.30 10.01
CA LEU B 253 39.72 21.97 10.59
C LEU B 253 38.29 21.73 11.11
N ALA B 254 37.48 22.78 11.13
CA ALA B 254 36.10 22.68 11.62
C ALA B 254 35.24 21.68 10.84
N TRP B 255 35.32 21.74 9.51
CA TRP B 255 34.54 20.82 8.68
C TRP B 255 35.03 19.39 8.72
N LYS B 256 36.23 19.19 9.24
CA LYS B 256 36.76 17.83 9.31
C LYS B 256 36.37 17.14 10.61
N LYS B 257 36.27 17.90 11.69
CA LYS B 257 35.92 17.29 12.98
C LYS B 257 34.47 17.47 13.41
N HIS B 258 33.71 18.26 12.66
CA HIS B 258 32.30 18.46 12.98
C HIS B 258 31.44 18.34 11.74
N GLN B 259 30.45 17.45 11.81
CA GLN B 259 29.56 17.20 10.68
C GLN B 259 28.72 18.43 10.33
N MSE B 260 28.30 19.19 11.33
CA MSE B 260 27.51 20.38 11.08
C MSE B 260 27.94 21.55 11.96
O MSE B 260 27.31 21.87 12.97
CB MSE B 260 26.03 20.06 11.30
CG MSE B 260 25.53 18.99 10.33
SE MSE B 260 23.81 18.29 10.82
CE MSE B 260 24.41 16.98 12.12
N PRO B 261 29.02 22.23 11.56
CA PRO B 261 29.62 23.36 12.25
C PRO B 261 28.68 24.55 12.43
N ALA B 262 28.69 25.12 13.62
CA ALA B 262 27.84 26.29 13.90
C ALA B 262 28.68 27.54 14.21
N TRP B 263 28.04 28.70 14.17
CA TRP B 263 28.69 29.96 14.45
C TRP B 263 27.65 30.85 15.08
N HIS B 264 27.97 31.40 16.25
CA HIS B 264 27.03 32.24 16.96
C HIS B 264 27.47 33.69 17.10
N LEU B 265 26.62 34.61 16.65
CA LEU B 265 26.88 36.04 16.77
C LEU B 265 26.02 36.43 17.96
N ILE B 266 26.67 36.52 19.13
CA ILE B 266 26.00 36.81 20.40
C ILE B 266 25.78 38.28 20.77
N THR B 267 24.78 38.51 21.63
CA THR B 267 24.49 39.85 22.12
C THR B 267 24.35 39.71 23.63
N ALA B 268 24.49 40.82 24.33
CA ALA B 268 24.39 40.82 25.78
C ALA B 268 23.13 40.11 26.28
N ASP B 269 22.00 40.40 25.66
CA ASP B 269 20.73 39.81 26.06
C ASP B 269 20.39 38.48 25.36
N GLY B 270 21.41 37.83 24.77
CA GLY B 270 21.21 36.56 24.10
C GLY B 270 20.10 36.54 23.05
N GLN B 271 20.14 37.51 22.14
CA GLN B 271 19.15 37.63 21.10
C GLN B 271 19.89 37.77 19.79
N GLY B 272 21.02 37.08 19.69
CA GLY B 272 21.83 37.16 18.49
C GLY B 272 21.34 36.27 17.37
N ILE B 273 22.26 35.81 16.54
CA ILE B 273 21.90 34.96 15.42
C ILE B 273 22.83 33.78 15.36
N THR B 274 22.27 32.58 15.25
CA THR B 274 23.08 31.37 15.16
C THR B 274 23.00 30.85 13.73
N LEU B 275 24.14 30.46 13.17
CA LEU B 275 24.18 29.91 11.82
C LEU B 275 24.73 28.49 11.86
N VAL B 276 23.96 27.55 11.33
CA VAL B 276 24.43 26.17 11.31
C VAL B 276 24.56 25.72 9.87
N ASN B 277 25.73 25.21 9.53
CA ASN B 277 25.98 24.71 8.19
C ASN B 277 25.60 23.23 8.23
N ILE B 278 24.35 22.92 7.89
CA ILE B 278 23.85 21.54 7.97
C ILE B 278 24.36 20.51 6.98
N GLY B 279 25.04 20.94 5.93
CA GLY B 279 25.52 19.94 5.01
C GLY B 279 24.43 19.50 4.06
N VAL B 280 24.44 18.23 3.66
CA VAL B 280 23.44 17.78 2.70
C VAL B 280 22.68 16.50 3.01
N GLY B 281 21.37 16.56 2.73
CA GLY B 281 20.52 15.42 2.92
C GLY B 281 19.44 15.58 3.98
N PRO B 282 18.29 14.91 3.80
CA PRO B 282 17.19 14.99 4.76
C PRO B 282 17.58 14.32 6.08
N SER B 283 18.41 13.29 6.02
CA SER B 283 18.84 12.59 7.23
C SER B 283 19.50 13.54 8.21
N ASN B 284 20.44 14.30 7.70
CA ASN B 284 21.17 15.27 8.51
C ASN B 284 20.27 16.43 8.91
N ALA B 285 19.41 16.86 8.02
CA ALA B 285 18.50 17.93 8.36
C ALA B 285 17.66 17.51 9.55
N LYS B 286 17.21 16.25 9.55
CA LYS B 286 16.38 15.76 10.63
C LYS B 286 17.15 15.67 11.92
N THR B 287 18.34 15.10 11.87
CA THR B 287 19.18 14.93 13.04
C THR B 287 19.42 16.25 13.79
N ILE B 288 19.92 17.26 13.06
CA ILE B 288 20.19 18.52 13.71
C ILE B 288 18.96 19.17 14.33
N CYS B 289 17.82 19.16 13.66
CA CYS B 289 16.60 19.75 14.24
C CYS B 289 16.12 18.96 15.47
N ASP B 290 16.32 17.65 15.46
CA ASP B 290 15.94 16.80 16.59
C ASP B 290 16.58 17.35 17.87
N HIS B 291 17.82 17.80 17.76
CA HIS B 291 18.54 18.32 18.91
C HIS B 291 18.34 19.80 19.17
N LEU B 292 18.41 20.60 18.13
CA LEU B 292 18.27 22.02 18.29
C LEU B 292 16.91 22.38 18.88
N ALA B 293 15.91 21.53 18.65
CA ALA B 293 14.57 21.81 19.17
C ALA B 293 14.48 21.95 20.69
N VAL B 294 15.36 21.26 21.42
CA VAL B 294 15.29 21.34 22.87
C VAL B 294 15.70 22.70 23.43
N LEU B 295 16.37 23.51 22.63
CA LEU B 295 16.79 24.84 23.07
C LEU B 295 15.65 25.85 22.86
N ARG B 296 14.51 25.33 22.39
CA ARG B 296 13.31 26.14 22.12
C ARG B 296 13.58 27.44 21.36
N PRO B 297 14.16 27.36 20.16
CA PRO B 297 14.48 28.54 19.34
C PRO B 297 13.22 29.37 19.12
N ASP B 298 13.38 30.59 18.61
CA ASP B 298 12.23 31.44 18.34
C ASP B 298 11.86 31.21 16.89
N VAL B 299 12.83 30.79 16.10
CA VAL B 299 12.60 30.54 14.69
C VAL B 299 13.85 30.02 14.01
N TRP B 300 13.64 29.27 12.92
CA TRP B 300 14.75 28.82 12.13
C TRP B 300 14.39 28.94 10.65
N LEU B 301 15.30 29.52 9.89
CA LEU B 301 15.12 29.74 8.47
C LEU B 301 16.14 28.97 7.65
N MSE B 302 15.67 28.44 6.53
CA MSE B 302 16.53 27.70 5.62
C MSE B 302 16.98 28.68 4.53
O MSE B 302 16.16 29.19 3.76
CB MSE B 302 15.77 26.55 4.99
CG MSE B 302 16.56 25.73 3.98
SE MSE B 302 18.01 24.71 4.78
CE MSE B 302 19.43 25.22 3.55
N ILE B 303 18.27 28.98 4.49
CA ILE B 303 18.82 29.89 3.49
C ILE B 303 19.87 29.10 2.75
N GLY B 304 19.47 28.53 1.62
CA GLY B 304 20.41 27.73 0.86
C GLY B 304 20.13 27.66 -0.62
N HIS B 305 20.90 26.82 -1.30
CA HIS B 305 20.76 26.63 -2.73
C HIS B 305 19.69 25.61 -3.06
N CYS B 306 19.19 25.66 -4.29
CA CYS B 306 18.16 24.76 -4.81
C CYS B 306 18.23 24.77 -6.32
N GLY B 307 17.58 23.81 -6.95
CA GLY B 307 17.55 23.76 -8.39
C GLY B 307 16.25 24.42 -8.83
N GLY B 308 16.30 25.27 -9.85
CA GLY B 308 15.10 25.92 -10.34
C GLY B 308 14.49 25.02 -11.38
N LEU B 309 13.17 24.84 -11.31
CA LEU B 309 12.50 23.97 -12.27
C LEU B 309 11.75 24.70 -13.38
N ARG B 310 11.61 26.02 -13.25
CA ARG B 310 10.88 26.79 -14.27
C ARG B 310 11.77 27.47 -15.30
N GLU B 311 11.35 27.45 -16.56
CA GLU B 311 12.16 28.05 -17.61
C GLU B 311 12.36 29.55 -17.41
N SER B 312 11.37 30.22 -16.85
CA SER B 312 11.49 31.66 -16.62
C SER B 312 12.39 31.99 -15.42
N GLN B 313 12.89 30.98 -14.73
CA GLN B 313 13.76 31.21 -13.58
C GLN B 313 15.20 31.42 -14.02
N ALA B 314 15.90 32.34 -13.36
CA ALA B 314 17.29 32.60 -13.69
C ALA B 314 18.18 32.28 -12.49
N ILE B 315 19.35 31.73 -12.76
CA ILE B 315 20.27 31.42 -11.69
C ILE B 315 20.45 32.69 -10.87
N GLY B 316 20.27 32.58 -9.56
CA GLY B 316 20.41 33.73 -8.72
C GLY B 316 19.07 34.23 -8.22
N ASP B 317 17.99 33.74 -8.82
CA ASP B 317 16.65 34.15 -8.39
C ASP B 317 16.34 33.54 -7.03
N TYR B 318 15.31 34.06 -6.40
CA TYR B 318 14.90 33.55 -5.10
C TYR B 318 13.58 32.82 -5.15
N VAL B 319 13.45 31.85 -4.25
CA VAL B 319 12.24 31.05 -4.11
C VAL B 319 11.78 31.08 -2.66
N LEU B 320 10.57 31.54 -2.45
CA LEU B 320 9.97 31.56 -1.12
C LEU B 320 8.95 30.41 -1.11
N ALA B 321 9.19 29.40 -0.28
CA ALA B 321 8.33 28.23 -0.23
C ALA B 321 7.01 28.47 0.47
N HIS B 322 5.90 28.21 -0.21
CA HIS B 322 4.59 28.37 0.42
C HIS B 322 4.03 26.98 0.72
N ALA B 323 4.77 25.95 0.33
CA ALA B 323 4.36 24.57 0.55
C ALA B 323 5.51 23.64 0.17
N TYR B 324 5.42 22.39 0.61
CA TYR B 324 6.46 21.43 0.33
C TYR B 324 5.94 20.08 -0.17
N LEU B 325 6.61 19.52 -1.17
CA LEU B 325 6.27 18.20 -1.66
C LEU B 325 7.31 17.34 -0.94
N ARG B 326 6.91 16.69 0.14
CA ARG B 326 7.82 15.86 0.93
C ARG B 326 8.23 14.50 0.32
N ASP B 327 9.27 14.50 -0.51
CA ASP B 327 9.77 13.28 -1.12
C ASP B 327 11.10 12.94 -0.42
N ASP B 328 11.21 13.33 0.85
CA ASP B 328 12.44 13.09 1.62
C ASP B 328 12.43 11.78 2.41
N HIS B 329 11.24 11.22 2.61
CA HIS B 329 11.04 9.94 3.30
C HIS B 329 11.34 9.88 4.78
N VAL B 330 12.48 10.43 5.16
CA VAL B 330 12.96 10.39 6.53
C VAL B 330 11.96 10.68 7.66
N LEU B 331 10.89 11.44 7.42
CA LEU B 331 9.93 11.68 8.49
C LEU B 331 8.54 11.06 8.23
N ASP B 332 8.44 10.23 7.18
CA ASP B 332 7.15 9.61 6.86
C ASP B 332 6.48 8.85 8.02
N ALA B 333 7.26 8.10 8.80
CA ALA B 333 6.67 7.33 9.88
C ALA B 333 6.06 8.16 11.02
N VAL B 334 6.71 9.24 11.42
CA VAL B 334 6.17 10.03 12.51
C VAL B 334 5.25 11.14 12.04
N LEU B 335 5.34 11.50 10.77
CA LEU B 335 4.49 12.55 10.19
C LEU B 335 4.21 12.15 8.75
N PRO B 336 3.13 11.37 8.53
CA PRO B 336 2.75 10.91 7.17
C PRO B 336 2.73 12.04 6.13
N PRO B 337 3.17 11.76 4.90
CA PRO B 337 3.23 12.75 3.81
C PRO B 337 1.93 13.48 3.48
N ASP B 338 0.80 12.97 3.93
CA ASP B 338 -0.45 13.64 3.62
C ASP B 338 -0.85 14.65 4.68
N ILE B 339 -0.08 14.73 5.77
CA ILE B 339 -0.38 15.73 6.80
C ILE B 339 0.18 17.03 6.22
N PRO B 340 -0.67 18.01 5.97
CA PRO B 340 -0.18 19.27 5.41
C PRO B 340 0.71 20.13 6.31
N ILE B 341 1.89 20.48 5.79
CA ILE B 341 2.82 21.36 6.52
C ILE B 341 2.59 22.77 5.94
N PRO B 342 1.91 23.64 6.68
CA PRO B 342 1.62 25.02 6.25
C PRO B 342 2.75 26.03 6.38
N SER B 343 2.50 27.25 5.90
CA SER B 343 3.46 28.35 5.97
C SER B 343 3.08 29.21 7.14
N ILE B 344 4.07 29.75 7.83
CA ILE B 344 3.79 30.65 8.95
C ILE B 344 3.76 32.03 8.33
N ALA B 345 2.59 32.63 8.30
CA ALA B 345 2.39 33.95 7.69
C ALA B 345 3.39 35.00 8.12
N GLU B 346 3.62 35.11 9.42
CA GLU B 346 4.56 36.09 9.94
C GLU B 346 5.94 35.88 9.34
N VAL B 347 6.40 34.64 9.32
CA VAL B 347 7.71 34.32 8.77
C VAL B 347 7.76 34.58 7.27
N GLN B 348 6.65 34.31 6.59
CA GLN B 348 6.56 34.52 5.16
C GLN B 348 6.66 36.00 4.80
N ARG B 349 5.99 36.86 5.56
CA ARG B 349 6.03 38.31 5.31
C ARG B 349 7.44 38.86 5.57
N ALA B 350 8.05 38.40 6.65
CA ALA B 350 9.39 38.84 6.99
C ALA B 350 10.34 38.49 5.85
N LEU B 351 10.28 37.25 5.36
CA LEU B 351 11.13 36.82 4.28
C LEU B 351 10.84 37.64 3.01
N TYR B 352 9.56 37.92 2.76
CA TYR B 352 9.16 38.69 1.59
C TYR B 352 9.65 40.14 1.71
N ASP B 353 9.31 40.79 2.81
CA ASP B 353 9.72 42.17 3.01
C ASP B 353 11.24 42.26 2.98
N ALA B 354 11.92 41.42 3.75
CA ALA B 354 13.37 41.44 3.76
C ALA B 354 13.91 41.33 2.33
N THR B 355 13.24 40.56 1.48
CA THR B 355 13.70 40.42 0.11
C THR B 355 13.54 41.73 -0.65
N LYS B 356 12.43 42.43 -0.41
CA LYS B 356 12.19 43.72 -1.07
C LYS B 356 13.30 44.70 -0.70
N LEU B 357 13.49 44.92 0.61
CA LEU B 357 14.50 45.84 1.10
C LEU B 357 15.89 45.56 0.54
N VAL B 358 16.50 44.47 0.98
CA VAL B 358 17.83 44.09 0.54
C VAL B 358 17.99 43.95 -0.97
N SER B 359 17.13 43.18 -1.62
CA SER B 359 17.22 42.98 -3.06
C SER B 359 16.54 44.10 -3.84
N GLY B 360 17.18 45.26 -3.85
CA GLY B 360 16.66 46.40 -4.60
C GLY B 360 15.48 47.13 -3.99
N ARG B 361 14.66 47.70 -4.87
CA ARG B 361 13.47 48.46 -4.49
C ARG B 361 12.25 47.54 -4.34
N PRO B 362 11.31 47.91 -3.45
CA PRO B 362 10.10 47.10 -3.23
C PRO B 362 9.10 47.06 -4.39
N GLY B 363 7.81 47.10 -4.09
CA GLY B 363 6.79 47.04 -5.13
C GLY B 363 6.59 45.62 -5.64
N GLU B 364 5.99 45.51 -6.83
CA GLU B 364 5.73 44.21 -7.46
C GLU B 364 6.90 43.83 -8.38
N GLU B 365 7.96 44.63 -8.31
CA GLU B 365 9.14 44.40 -9.13
C GLU B 365 9.91 43.19 -8.61
N VAL B 366 9.60 42.78 -7.38
CA VAL B 366 10.26 41.61 -6.79
C VAL B 366 9.91 40.35 -7.59
N LYS B 367 8.67 40.27 -8.05
CA LYS B 367 8.21 39.14 -8.84
C LYS B 367 9.22 38.65 -9.86
N GLN B 368 9.98 39.58 -10.45
CA GLN B 368 10.97 39.22 -11.46
C GLN B 368 12.17 38.49 -10.88
N ARG B 369 12.41 38.72 -9.60
CA ARG B 369 13.54 38.12 -8.92
C ARG B 369 13.10 37.05 -7.91
N LEU B 370 11.86 37.17 -7.41
CA LEU B 370 11.32 36.25 -6.42
C LEU B 370 10.05 35.49 -6.83
N ARG B 371 10.12 34.16 -6.75
CA ARG B 371 8.99 33.31 -7.08
C ARG B 371 8.52 32.63 -5.79
N THR B 372 7.22 32.72 -5.51
CA THR B 372 6.65 32.08 -4.32
C THR B 372 5.94 30.81 -4.79
N GLY B 373 6.32 29.66 -4.26
CA GLY B 373 5.68 28.44 -4.71
C GLY B 373 6.07 27.20 -3.94
N THR B 374 5.71 26.04 -4.49
CA THR B 374 5.98 24.77 -3.87
C THR B 374 7.38 24.27 -4.17
N VAL B 375 8.05 23.80 -3.13
CA VAL B 375 9.39 23.27 -3.23
C VAL B 375 9.38 21.75 -3.00
N VAL B 376 10.13 21.03 -3.81
CA VAL B 376 10.21 19.59 -3.66
C VAL B 376 11.50 19.27 -2.91
N THR B 377 11.39 18.52 -1.84
CA THR B 377 12.57 18.11 -1.08
C THR B 377 12.72 16.60 -1.33
N THR B 378 13.84 16.19 -1.93
CA THR B 378 14.05 14.77 -2.21
C THR B 378 15.29 14.23 -1.48
N ASP B 379 15.38 12.91 -1.38
CA ASP B 379 16.52 12.31 -0.73
C ASP B 379 17.37 11.68 -1.81
N ASP B 380 17.04 12.00 -3.06
CA ASP B 380 17.74 11.48 -4.22
C ASP B 380 18.37 12.59 -5.08
N ARG B 381 19.59 12.98 -4.73
CA ARG B 381 20.30 14.02 -5.46
C ARG B 381 20.27 13.79 -6.97
N ASN B 382 20.40 12.54 -7.39
CA ASN B 382 20.41 12.29 -8.81
C ASN B 382 19.05 12.02 -9.42
N TRP B 383 18.01 12.63 -8.88
CA TRP B 383 16.66 12.44 -9.39
C TRP B 383 16.59 12.65 -10.90
N GLU B 384 17.47 13.50 -11.45
CA GLU B 384 17.50 13.75 -12.88
C GLU B 384 17.68 12.47 -13.68
N LEU B 385 18.32 11.48 -13.10
CA LEU B 385 18.52 10.23 -13.81
C LEU B 385 17.18 9.49 -14.03
N ARG B 386 16.12 10.00 -13.40
CA ARG B 386 14.79 9.41 -13.53
C ARG B 386 13.77 10.54 -13.72
N TYR B 387 14.03 11.46 -14.64
CA TYR B 387 13.09 12.56 -14.82
C TYR B 387 11.64 12.15 -15.08
N SER B 388 11.42 11.26 -16.03
CA SER B 388 10.06 10.83 -16.34
C SER B 388 9.29 10.48 -15.07
N ALA B 389 9.86 9.59 -14.26
CA ALA B 389 9.22 9.18 -13.01
C ALA B 389 8.89 10.36 -12.10
N SER B 390 9.71 11.40 -12.14
CA SER B 390 9.49 12.56 -11.30
C SER B 390 8.55 13.60 -11.90
N ALA B 391 8.69 13.83 -13.21
CA ALA B 391 7.91 14.81 -13.95
C ALA B 391 6.44 14.90 -13.54
N LEU B 392 5.77 13.77 -13.44
CA LEU B 392 4.36 13.77 -13.06
C LEU B 392 4.15 14.43 -11.68
N ARG B 393 5.05 14.16 -10.74
CA ARG B 393 4.96 14.73 -9.40
C ARG B 393 5.18 16.23 -9.40
N PHE B 394 6.25 16.66 -10.07
CA PHE B 394 6.59 18.07 -10.16
C PHE B 394 5.40 18.82 -10.70
N ASN B 395 4.81 18.27 -11.76
CA ASN B 395 3.68 18.88 -12.42
C ASN B 395 2.45 18.91 -11.53
N LEU B 396 2.21 17.80 -10.85
CA LEU B 396 1.07 17.69 -9.95
C LEU B 396 1.17 18.69 -8.81
N SER B 397 2.39 18.90 -8.31
CA SER B 397 2.58 19.83 -7.20
C SER B 397 2.91 21.26 -7.62
N ARG B 398 2.96 21.53 -8.92
CA ARG B 398 3.27 22.87 -9.42
C ARG B 398 4.62 23.29 -8.83
N ALA B 399 5.51 22.30 -8.70
CA ALA B 399 6.84 22.50 -8.14
C ALA B 399 7.56 23.65 -8.80
N VAL B 400 8.25 24.41 -7.98
CA VAL B 400 8.96 25.57 -8.46
C VAL B 400 10.47 25.41 -8.28
N ALA B 401 10.85 24.59 -7.31
CA ALA B 401 12.26 24.35 -7.01
C ALA B 401 12.41 22.99 -6.35
N ILE B 402 13.64 22.50 -6.29
CA ILE B 402 13.92 21.21 -5.67
C ILE B 402 15.21 21.28 -4.87
N ASP B 403 15.17 20.77 -3.65
CA ASP B 403 16.34 20.76 -2.80
C ASP B 403 16.31 19.47 -1.97
N MSE B 404 17.18 19.39 -0.96
CA MSE B 404 17.27 18.20 -0.14
C MSE B 404 17.16 18.45 1.36
O MSE B 404 17.47 17.54 2.14
CB MSE B 404 18.58 17.46 -0.44
CG MSE B 404 18.72 17.03 -1.90
SE MSE B 404 20.40 16.15 -2.34
CE MSE B 404 20.28 14.53 -1.28
N GLU B 405 16.72 19.63 1.77
CA GLU B 405 16.61 19.91 3.22
C GLU B 405 15.37 20.68 3.67
N SER B 406 14.86 21.57 2.82
CA SER B 406 13.71 22.41 3.16
C SER B 406 12.54 21.73 3.87
N ALA B 407 11.87 20.79 3.18
CA ALA B 407 10.71 20.13 3.75
C ALA B 407 11.02 19.49 5.09
N THR B 408 12.24 18.95 5.22
CA THR B 408 12.64 18.30 6.46
C THR B 408 12.73 19.33 7.58
N ILE B 409 13.47 20.42 7.33
CA ILE B 409 13.61 21.50 8.31
C ILE B 409 12.21 22.03 8.68
N ALA B 410 11.39 22.28 7.66
CA ALA B 410 10.05 22.80 7.87
C ALA B 410 9.18 21.82 8.66
N ALA B 411 9.21 20.54 8.27
CA ALA B 411 8.43 19.53 8.97
C ALA B 411 8.85 19.45 10.44
N GLN B 412 10.16 19.47 10.69
CA GLN B 412 10.66 19.40 12.07
C GLN B 412 10.20 20.64 12.85
N GLY B 413 10.26 21.80 12.21
CA GLY B 413 9.81 22.99 12.88
C GLY B 413 8.36 22.78 13.31
N TYR B 414 7.56 22.32 12.36
CA TYR B 414 6.14 22.06 12.61
C TYR B 414 5.99 21.06 13.76
N ARG B 415 6.72 19.95 13.70
CA ARG B 415 6.64 18.96 14.77
C ARG B 415 7.02 19.51 16.17
N PHE B 416 8.09 20.31 16.23
CA PHE B 416 8.55 20.84 17.52
C PHE B 416 8.09 22.27 17.84
N ARG B 417 7.03 22.71 17.19
CA ARG B 417 6.51 24.05 17.40
C ARG B 417 7.58 25.14 17.35
N VAL B 418 8.41 25.11 16.33
CA VAL B 418 9.42 26.13 16.16
C VAL B 418 9.10 26.81 14.85
N PRO B 419 8.67 28.07 14.89
CA PRO B 419 8.34 28.79 13.64
C PRO B 419 9.46 28.54 12.62
N TYR B 420 9.08 28.40 11.36
CA TYR B 420 10.05 28.11 10.32
C TYR B 420 9.72 28.78 9.01
N GLY B 421 10.72 28.84 8.14
CA GLY B 421 10.54 29.46 6.85
C GLY B 421 11.68 29.04 5.94
N THR B 422 11.44 29.14 4.64
CA THR B 422 12.43 28.76 3.63
C THR B 422 12.54 29.80 2.51
N LEU B 423 13.75 30.26 2.25
CA LEU B 423 13.98 31.19 1.15
C LEU B 423 15.23 30.68 0.47
N LEU B 424 15.06 30.01 -0.66
CA LEU B 424 16.19 29.44 -1.37
C LEU B 424 16.63 30.31 -2.54
N CYS B 425 17.82 30.00 -3.06
CA CYS B 425 18.37 30.72 -4.18
C CYS B 425 18.74 29.72 -5.26
N VAL B 426 18.18 29.93 -6.44
CA VAL B 426 18.44 29.05 -7.57
C VAL B 426 19.93 29.02 -7.94
N SER B 427 20.54 27.84 -7.87
CA SER B 427 21.96 27.68 -8.18
C SER B 427 22.15 26.91 -9.46
N ASP B 428 21.07 26.40 -10.01
CA ASP B 428 21.15 25.66 -11.26
C ASP B 428 19.77 25.43 -11.84
N LYS B 429 19.73 25.01 -13.10
CA LYS B 429 18.48 24.74 -13.79
C LYS B 429 18.63 23.40 -14.50
N PRO B 430 18.45 22.31 -13.76
CA PRO B 430 18.55 20.90 -14.17
C PRO B 430 17.73 20.53 -15.39
N LEU B 431 16.55 21.11 -15.50
CA LEU B 431 15.68 20.79 -16.63
C LEU B 431 15.95 21.64 -17.86
N HIS B 432 16.79 22.66 -17.75
CA HIS B 432 17.04 23.52 -18.91
C HIS B 432 18.48 23.70 -19.34
N GLY B 433 19.22 22.60 -19.40
CA GLY B 433 20.60 22.63 -19.85
C GLY B 433 21.58 23.51 -19.09
N GLU B 434 21.32 23.74 -17.80
CA GLU B 434 22.22 24.54 -16.98
C GLU B 434 22.47 23.80 -15.66
N ILE B 435 23.13 22.66 -15.78
CA ILE B 435 23.46 21.81 -14.65
C ILE B 435 24.71 22.34 -13.96
N LYS B 436 24.90 21.95 -12.69
CA LYS B 436 26.07 22.38 -11.92
C LYS B 436 27.36 21.80 -12.51
N GLU B 446 29.37 34.73 -4.15
CA GLU B 446 29.07 35.01 -5.56
C GLU B 446 28.29 36.32 -5.66
N GLY B 447 28.52 37.22 -4.70
CA GLY B 447 27.83 38.51 -4.69
C GLY B 447 26.38 38.32 -4.31
N ALA B 448 25.79 37.26 -4.84
CA ALA B 448 24.40 36.91 -4.58
C ALA B 448 24.35 36.21 -3.22
N ILE B 449 25.45 35.55 -2.86
CA ILE B 449 25.55 34.86 -1.58
C ILE B 449 25.40 35.87 -0.46
N SER B 450 26.12 36.97 -0.59
CA SER B 450 26.08 38.03 0.39
C SER B 450 24.67 38.60 0.51
N GLU B 451 24.03 38.87 -0.63
CA GLU B 451 22.68 39.41 -0.63
C GLU B 451 21.70 38.41 -0.01
N HIS B 452 21.80 37.15 -0.44
CA HIS B 452 20.95 36.11 0.08
C HIS B 452 21.05 36.07 1.60
N LEU B 453 22.27 35.97 2.11
CA LEU B 453 22.47 35.93 3.55
C LEU B 453 21.91 37.18 4.22
N GLN B 454 22.00 38.32 3.54
CA GLN B 454 21.48 39.56 4.10
C GLN B 454 19.97 39.51 4.22
N ILE B 455 19.31 38.87 3.25
CA ILE B 455 17.85 38.76 3.31
C ILE B 455 17.52 37.94 4.55
N GLY B 456 18.25 36.84 4.75
CA GLY B 456 18.01 36.00 5.91
C GLY B 456 18.14 36.80 7.20
N ILE B 457 19.25 37.52 7.32
CA ILE B 457 19.52 38.34 8.51
C ILE B 457 18.48 39.44 8.71
N ARG B 458 18.09 40.10 7.63
CA ARG B 458 17.10 41.17 7.73
C ARG B 458 15.78 40.59 8.19
N ALA B 459 15.46 39.40 7.70
CA ALA B 459 14.21 38.72 8.06
C ALA B 459 14.26 38.46 9.55
N ILE B 460 15.40 37.97 10.03
CA ILE B 460 15.54 37.72 11.46
C ILE B 460 15.23 39.03 12.20
N ASP B 461 15.87 40.13 11.77
CA ASP B 461 15.66 41.44 12.40
C ASP B 461 14.19 41.77 12.47
N LEU B 462 13.51 41.74 11.32
CA LEU B 462 12.07 42.02 11.28
C LEU B 462 11.31 41.15 12.29
N LEU B 463 11.63 39.85 12.34
CA LEU B 463 10.96 38.94 13.26
C LEU B 463 11.31 39.22 14.71
N ARG B 464 12.55 39.61 14.96
CA ARG B 464 12.99 39.89 16.32
C ARG B 464 12.22 41.08 16.90
N ALA B 465 12.04 42.11 16.07
CA ALA B 465 11.31 43.31 16.47
C ALA B 465 9.84 42.96 16.62
N GLU B 466 9.39 42.02 15.79
CA GLU B 466 8.01 41.55 15.78
C GLU B 466 7.53 41.18 17.18
N GLY B 467 8.48 40.83 18.04
CA GLY B 467 8.15 40.48 19.41
C GLY B 467 7.51 39.11 19.51
N ASP B 468 6.28 39.08 20.01
CA ASP B 468 5.55 37.82 20.16
C ASP B 468 4.68 37.48 18.96
N ARG B 469 4.45 38.47 18.09
CA ARG B 469 3.64 38.25 16.89
C ARG B 469 4.24 37.08 16.12
N LEU B 470 5.51 36.77 16.43
CA LEU B 470 6.24 35.68 15.79
C LEU B 470 5.51 34.35 16.01
N HIS B 471 5.18 34.06 17.27
CA HIS B 471 4.50 32.83 17.60
C HIS B 471 2.98 32.95 17.44
N SER B 472 2.38 31.99 16.73
CA SER B 472 0.94 31.96 16.50
C SER B 472 0.43 30.61 16.96
N ARG B 473 -0.85 30.33 16.70
CA ARG B 473 -1.45 29.08 17.11
C ARG B 473 -1.42 27.99 16.03
N LYS B 474 -0.89 28.34 14.86
CA LYS B 474 -0.84 27.39 13.76
C LYS B 474 -0.08 26.10 14.09
N LEU B 475 0.78 26.13 15.10
CA LEU B 475 1.56 24.95 15.43
C LEU B 475 1.08 24.22 16.69
N ARG B 476 0.10 24.81 17.38
CA ARG B 476 -0.44 24.24 18.61
C ARG B 476 -1.18 22.92 18.40
N THR B 477 -0.91 21.97 19.29
CA THR B 477 -1.56 20.67 19.25
C THR B 477 -2.74 20.74 20.22
N PHE B 478 -3.61 19.74 20.21
CA PHE B 478 -4.75 19.75 21.14
C PHE B 478 -4.27 19.60 22.59
N ASN B 479 -3.25 18.75 22.78
CA ASN B 479 -2.69 18.48 24.09
C ASN B 479 -1.40 19.29 24.28
N GLU B 480 -1.37 20.48 23.68
CA GLU B 480 -0.20 21.34 23.76
C GLU B 480 0.28 21.58 25.19
N PRO B 481 1.58 21.34 25.45
CA PRO B 481 2.14 21.57 26.79
C PRO B 481 2.09 23.08 27.05
N PRO B 482 1.92 23.49 28.32
CA PRO B 482 1.86 24.91 28.68
C PRO B 482 3.12 25.70 28.26
N PHE B 483 4.29 25.11 28.48
CA PHE B 483 5.56 25.74 28.12
C PHE B 483 5.73 25.90 26.61
N ARG B 484 6.18 27.10 26.19
CA ARG B 484 6.41 27.40 24.77
C ARG B 484 7.20 26.31 24.04
N LEU C 8 -3.00 36.86 -39.24
CA LEU C 8 -4.43 36.98 -38.82
C LEU C 8 -4.51 37.64 -37.45
N THR C 9 -5.46 38.56 -37.28
CA THR C 9 -5.59 39.30 -36.03
C THR C 9 -6.68 38.78 -35.08
N PRO C 10 -6.65 39.23 -33.81
CA PRO C 10 -7.63 38.82 -32.79
C PRO C 10 -9.07 38.97 -33.27
N ALA C 11 -9.43 40.19 -33.64
CA ALA C 11 -10.79 40.47 -34.13
C ALA C 11 -11.13 39.60 -35.33
N GLN C 12 -10.17 39.39 -36.22
CA GLN C 12 -10.37 38.57 -37.40
C GLN C 12 -10.62 37.10 -37.01
N ALA C 13 -9.81 36.61 -36.08
CA ALA C 13 -9.92 35.22 -35.60
C ALA C 13 -11.27 34.99 -34.95
N LEU C 14 -11.71 35.93 -34.12
CA LEU C 14 -13.02 35.82 -33.48
C LEU C 14 -14.11 35.70 -34.53
N ASP C 15 -14.06 36.58 -35.53
CA ASP C 15 -15.06 36.56 -36.59
C ASP C 15 -15.08 35.27 -37.37
N LYS C 16 -13.91 34.72 -37.69
CA LYS C 16 -13.87 33.47 -38.43
C LYS C 16 -14.36 32.29 -37.59
N LEU C 17 -14.10 32.34 -36.28
CA LEU C 17 -14.53 31.29 -35.37
C LEU C 17 -16.06 31.31 -35.33
N ASP C 18 -16.62 32.52 -35.15
CA ASP C 18 -18.06 32.67 -35.13
C ASP C 18 -18.67 32.08 -36.39
N ALA C 19 -18.07 32.42 -37.53
CA ALA C 19 -18.51 31.94 -38.82
C ALA C 19 -18.51 30.43 -38.90
N LEU C 20 -17.33 29.85 -38.78
CA LEU C 20 -17.18 28.39 -38.84
C LEU C 20 -18.10 27.66 -37.87
N TYR C 21 -18.20 28.19 -36.65
CA TYR C 21 -19.04 27.56 -35.64
C TYR C 21 -20.51 27.66 -36.03
N GLU C 22 -20.98 28.87 -36.29
CA GLU C 22 -22.37 29.10 -36.69
C GLU C 22 -22.77 28.19 -37.84
N GLN C 23 -21.87 28.05 -38.80
CA GLN C 23 -22.08 27.24 -39.98
C GLN C 23 -22.31 25.77 -39.66
N SER C 24 -21.43 25.20 -38.84
CA SER C 24 -21.52 23.79 -38.47
C SER C 24 -22.75 23.46 -37.62
N VAL C 25 -23.07 24.33 -36.67
CA VAL C 25 -24.24 24.08 -35.84
C VAL C 25 -25.50 24.10 -36.73
N VAL C 26 -25.58 25.09 -37.62
CA VAL C 26 -26.71 25.21 -38.54
C VAL C 26 -26.78 24.00 -39.47
N ALA C 27 -25.62 23.59 -40.01
CA ALA C 27 -25.57 22.44 -40.91
C ALA C 27 -25.96 21.15 -40.16
N LEU C 28 -25.63 21.06 -38.88
CA LEU C 28 -25.96 19.88 -38.09
C LEU C 28 -27.46 19.91 -37.76
N ARG C 29 -27.95 21.07 -37.33
CA ARG C 29 -29.37 21.24 -37.02
C ARG C 29 -30.21 20.90 -38.25
N ASN C 30 -29.73 21.34 -39.39
CA ASN C 30 -30.40 21.12 -40.66
C ASN C 30 -30.51 19.62 -40.92
N ALA C 31 -29.37 18.93 -40.90
CA ALA C 31 -29.34 17.50 -41.15
C ALA C 31 -30.26 16.73 -40.22
N ILE C 32 -30.33 17.15 -38.96
CA ILE C 32 -31.17 16.49 -37.98
C ILE C 32 -32.64 16.64 -38.36
N GLY C 33 -33.02 17.85 -38.75
CA GLY C 33 -34.39 18.10 -39.16
C GLY C 33 -34.75 17.21 -40.34
N ASN C 34 -33.87 17.16 -41.32
CA ASN C 34 -34.07 16.35 -42.51
C ASN C 34 -34.32 14.87 -42.17
N TYR C 35 -33.53 14.34 -41.24
CA TYR C 35 -33.67 12.94 -40.83
C TYR C 35 -35.01 12.71 -40.15
N ILE C 36 -35.33 13.58 -39.20
CA ILE C 36 -36.58 13.48 -38.47
C ILE C 36 -37.83 13.49 -39.36
N THR C 37 -37.83 14.37 -40.36
CA THR C 37 -38.97 14.50 -41.26
C THR C 37 -38.98 13.51 -42.44
N SER C 38 -37.85 13.38 -43.13
CA SER C 38 -37.76 12.49 -44.29
C SER C 38 -36.77 11.34 -44.18
N GLY C 39 -36.34 11.02 -42.97
CA GLY C 39 -35.41 9.93 -42.77
C GLY C 39 -34.17 10.03 -43.64
N GLU C 40 -33.86 11.26 -44.07
CA GLU C 40 -32.69 11.53 -44.91
C GLU C 40 -31.40 11.62 -44.09
N LEU C 41 -30.34 10.99 -44.58
CA LEU C 41 -29.04 11.00 -43.91
C LEU C 41 -28.04 11.94 -44.59
N PRO C 42 -27.04 12.42 -43.84
CA PRO C 42 -26.00 13.31 -44.39
C PRO C 42 -25.04 12.54 -45.27
N ASP C 43 -24.30 13.23 -46.14
CA ASP C 43 -23.36 12.55 -47.02
C ASP C 43 -21.96 12.50 -46.40
N GLU C 44 -21.38 11.32 -46.38
CA GLU C 44 -20.06 11.08 -45.81
C GLU C 44 -18.99 12.08 -46.26
N ASN C 45 -19.02 12.45 -47.53
CA ASN C 45 -18.03 13.39 -48.07
C ASN C 45 -18.07 14.76 -47.41
N ALA C 46 -19.26 15.34 -47.28
CA ALA C 46 -19.41 16.66 -46.68
C ALA C 46 -18.90 16.68 -45.24
N ARG C 47 -19.28 15.66 -44.46
CA ARG C 47 -18.85 15.55 -43.08
C ARG C 47 -17.34 15.49 -43.02
N LYS C 48 -16.76 14.61 -43.83
CA LYS C 48 -15.32 14.44 -43.90
C LYS C 48 -14.66 15.76 -44.36
N GLN C 49 -15.48 16.74 -44.70
CA GLN C 49 -14.96 18.02 -45.16
C GLN C 49 -15.16 19.14 -44.13
N GLY C 50 -15.68 18.78 -42.97
CA GLY C 50 -15.91 19.75 -41.92
C GLY C 50 -17.32 20.30 -41.85
N LEU C 51 -18.30 19.48 -42.20
CA LEU C 51 -19.70 19.89 -42.17
C LEU C 51 -20.20 20.13 -40.75
N PHE C 52 -19.92 19.18 -39.86
CA PHE C 52 -20.34 19.25 -38.45
C PHE C 52 -19.19 19.51 -37.47
N VAL C 53 -18.05 19.93 -38.00
CA VAL C 53 -16.85 20.17 -37.22
C VAL C 53 -16.71 21.48 -36.43
N TYR C 54 -16.02 21.40 -35.29
CA TYR C 54 -15.76 22.57 -34.45
C TYR C 54 -14.64 23.40 -35.06
N PRO C 55 -14.64 24.71 -34.81
CA PRO C 55 -13.56 25.55 -35.36
C PRO C 55 -12.29 25.18 -34.59
N SER C 56 -11.15 25.37 -35.23
CA SER C 56 -9.86 25.07 -34.59
C SER C 56 -9.05 26.37 -34.52
N LEU C 57 -8.53 26.68 -33.34
CA LEU C 57 -7.74 27.89 -33.15
C LEU C 57 -6.29 27.50 -32.90
N THR C 58 -5.40 28.02 -33.72
CA THR C 58 -3.98 27.72 -33.58
C THR C 58 -3.15 28.98 -33.41
N VAL C 59 -2.23 28.96 -32.47
CA VAL C 59 -1.36 30.09 -32.21
C VAL C 59 0.09 29.62 -32.22
N THR C 60 0.91 30.23 -33.05
CA THR C 60 2.32 29.86 -33.12
C THR C 60 3.24 30.99 -32.65
N TRP C 61 4.38 30.60 -32.08
CA TRP C 61 5.37 31.54 -31.59
C TRP C 61 6.75 31.07 -32.03
N ASP C 62 7.51 31.98 -32.63
CA ASP C 62 8.85 31.67 -33.13
C ASP C 62 9.88 31.55 -32.01
N GLY C 63 9.63 32.22 -30.90
CA GLY C 63 10.56 32.15 -29.79
C GLY C 63 11.34 33.44 -29.58
N SER C 64 11.40 34.28 -30.60
CA SER C 64 12.14 35.53 -30.51
C SER C 64 11.27 36.68 -30.04
N THR C 65 11.73 37.36 -28.99
CA THR C 65 11.04 38.50 -28.42
C THR C 65 11.99 39.25 -27.48
N THR C 66 11.95 40.58 -27.54
CA THR C 66 12.80 41.44 -26.71
C THR C 66 12.82 40.93 -25.27
N ASN C 67 11.83 41.33 -24.50
CA ASN C 67 11.72 40.90 -23.11
C ASN C 67 10.26 40.57 -22.78
N PRO C 68 9.88 39.28 -22.94
CA PRO C 68 8.54 38.77 -22.68
C PRO C 68 8.14 38.86 -21.20
N PRO C 69 6.83 38.79 -20.92
CA PRO C 69 6.34 38.86 -19.54
C PRO C 69 6.80 37.62 -18.76
N LYS C 70 7.85 37.79 -17.98
CA LYS C 70 8.40 36.68 -17.21
C LYS C 70 7.67 36.47 -15.88
N THR C 71 6.94 37.48 -15.44
CA THR C 71 6.25 37.40 -14.17
C THR C 71 4.73 37.22 -14.22
N ARG C 72 4.12 37.49 -15.37
CA ARG C 72 2.67 37.34 -15.52
C ARG C 72 2.24 35.89 -15.26
N ALA C 73 1.07 35.73 -14.64
CA ALA C 73 0.55 34.40 -14.31
C ALA C 73 -0.01 33.62 -15.50
N PHE C 74 -0.55 34.33 -16.48
CA PHE C 74 -1.12 33.69 -17.64
C PHE C 74 -0.74 34.38 -18.95
N GLY C 75 -1.25 33.86 -20.06
CA GLY C 75 -0.93 34.45 -21.35
C GLY C 75 0.55 34.43 -21.66
N ARG C 76 1.22 33.33 -21.34
CA ARG C 76 2.66 33.22 -21.58
C ARG C 76 3.02 31.97 -22.39
N PHE C 77 4.22 31.97 -22.93
CA PHE C 77 4.72 30.83 -23.71
C PHE C 77 5.93 30.29 -22.97
N THR C 78 5.97 28.98 -22.78
CA THR C 78 7.08 28.34 -22.09
C THR C 78 8.14 27.95 -23.11
N HIS C 79 7.74 27.85 -24.37
CA HIS C 79 8.66 27.47 -25.43
C HIS C 79 8.04 27.80 -26.78
N ALA C 80 8.84 27.72 -27.83
CA ALA C 80 8.38 28.02 -29.17
C ALA C 80 7.59 26.84 -29.73
N GLY C 81 6.73 27.13 -30.70
CA GLY C 81 5.94 26.09 -31.32
C GLY C 81 4.51 26.50 -31.59
N SER C 82 3.69 25.51 -31.94
CA SER C 82 2.28 25.71 -32.23
C SER C 82 1.40 25.20 -31.10
N TYR C 83 0.40 26.00 -30.74
CA TYR C 83 -0.56 25.64 -29.70
C TYR C 83 -1.96 25.72 -30.33
N THR C 84 -2.69 24.62 -30.28
CA THR C 84 -4.02 24.57 -30.87
C THR C 84 -5.10 24.10 -29.90
N THR C 85 -6.35 24.21 -30.33
CA THR C 85 -7.49 23.80 -29.52
C THR C 85 -8.79 23.98 -30.30
N THR C 86 -9.72 23.03 -30.13
CA THR C 86 -11.01 23.13 -30.79
C THR C 86 -11.77 24.17 -29.98
N ILE C 87 -12.72 24.84 -30.60
CA ILE C 87 -13.46 25.87 -29.89
C ILE C 87 -14.96 25.79 -30.11
N THR C 88 -15.70 26.23 -29.08
CA THR C 88 -17.15 26.19 -29.11
C THR C 88 -17.68 27.48 -28.52
N ARG C 89 -18.92 27.80 -28.87
CA ARG C 89 -19.59 29.01 -28.38
C ARG C 89 -18.69 30.25 -28.36
N PRO C 90 -18.13 30.65 -29.52
CA PRO C 90 -17.25 31.82 -29.62
C PRO C 90 -17.90 33.11 -29.09
N THR C 91 -19.20 33.25 -29.32
CA THR C 91 -19.92 34.43 -28.85
C THR C 91 -19.88 34.49 -27.33
N LEU C 92 -20.23 33.37 -26.68
CA LEU C 92 -20.22 33.30 -25.24
C LEU C 92 -18.83 33.59 -24.67
N PHE C 93 -17.79 33.13 -25.38
CA PHE C 93 -16.41 33.32 -24.95
C PHE C 93 -15.70 34.48 -25.65
N ARG C 94 -16.46 35.37 -26.28
CA ARG C 94 -15.90 36.51 -27.00
C ARG C 94 -14.86 37.31 -26.20
N SER C 95 -15.26 37.85 -25.04
CA SER C 95 -14.36 38.63 -24.21
C SER C 95 -13.08 37.86 -23.90
N TYR C 96 -13.27 36.68 -23.33
CA TYR C 96 -12.17 35.81 -22.95
C TYR C 96 -11.23 35.56 -24.11
N LEU C 97 -11.74 34.96 -25.18
CA LEU C 97 -10.94 34.66 -26.36
C LEU C 97 -10.22 35.88 -26.90
N ASN C 98 -10.92 37.02 -26.95
CA ASN C 98 -10.33 38.24 -27.46
C ASN C 98 -9.14 38.64 -26.60
N GLU C 99 -9.37 38.81 -25.30
CA GLU C 99 -8.32 39.20 -24.38
C GLU C 99 -7.11 38.27 -24.42
N GLN C 100 -7.34 36.98 -24.39
CA GLN C 100 -6.23 36.02 -24.42
C GLN C 100 -5.43 36.13 -25.71
N LEU C 101 -6.13 36.19 -26.84
CA LEU C 101 -5.47 36.28 -28.13
C LEU C 101 -4.72 37.60 -28.27
N THR C 102 -5.26 38.65 -27.66
CA THR C 102 -4.63 39.96 -27.70
C THR C 102 -3.28 39.91 -26.99
N LEU C 103 -3.25 39.27 -25.83
CA LEU C 103 -2.02 39.16 -25.06
C LEU C 103 -0.91 38.49 -25.86
N LEU C 104 -1.22 37.34 -26.44
CA LEU C 104 -0.22 36.61 -27.22
C LEU C 104 0.17 37.34 -28.50
N TYR C 105 -0.77 38.11 -29.06
CA TYR C 105 -0.53 38.85 -30.28
C TYR C 105 0.40 40.04 -30.07
N GLN C 106 0.09 40.86 -29.09
CA GLN C 106 0.87 42.05 -28.78
C GLN C 106 2.14 41.86 -27.96
N ASP C 107 2.19 40.82 -27.14
CA ASP C 107 3.38 40.62 -26.31
C ASP C 107 4.41 39.67 -26.90
N TYR C 108 3.99 38.83 -27.83
CA TYR C 108 4.90 37.87 -28.43
C TYR C 108 4.85 37.94 -29.96
N GLY C 109 3.90 38.70 -30.49
CA GLY C 109 3.76 38.78 -31.92
C GLY C 109 3.53 37.38 -32.45
N ALA C 110 2.51 36.72 -31.90
CA ALA C 110 2.20 35.35 -32.29
C ALA C 110 1.33 35.29 -33.55
N HIS C 111 1.46 34.18 -34.26
CA HIS C 111 0.74 33.93 -35.49
C HIS C 111 -0.57 33.19 -35.23
N ILE C 112 -1.70 33.90 -35.34
CA ILE C 112 -3.01 33.32 -35.12
C ILE C 112 -3.64 32.80 -36.42
N SER C 113 -4.33 31.67 -36.35
CA SER C 113 -4.96 31.10 -37.52
C SER C 113 -6.17 30.25 -37.13
N VAL C 114 -7.22 30.31 -37.93
CA VAL C 114 -8.45 29.55 -37.66
C VAL C 114 -8.76 28.63 -38.81
N GLN C 115 -9.28 27.44 -38.51
CA GLN C 115 -9.63 26.50 -39.56
C GLN C 115 -10.46 25.35 -38.98
N PRO C 116 -11.22 24.65 -39.82
CA PRO C 116 -12.04 23.52 -39.36
C PRO C 116 -11.21 22.43 -38.70
N SER C 117 -11.71 21.89 -37.59
CA SER C 117 -11.00 20.82 -36.87
C SER C 117 -11.40 19.47 -37.46
N GLN C 118 -10.99 18.41 -36.79
CA GLN C 118 -11.31 17.07 -37.22
C GLN C 118 -12.35 16.47 -36.28
N HIS C 119 -12.88 17.32 -35.40
CA HIS C 119 -13.86 16.90 -34.42
C HIS C 119 -15.27 17.41 -34.69
N GLU C 120 -16.20 16.48 -34.78
CA GLU C 120 -17.59 16.83 -35.02
C GLU C 120 -18.32 17.18 -33.72
N ILE C 121 -19.26 18.11 -33.82
CA ILE C 121 -20.05 18.53 -32.68
C ILE C 121 -21.12 17.48 -32.39
N PRO C 122 -21.15 16.94 -31.16
CA PRO C 122 -22.17 15.93 -30.84
C PRO C 122 -23.55 16.58 -30.94
N TYR C 123 -24.44 15.97 -31.73
CA TYR C 123 -25.77 16.54 -31.95
C TYR C 123 -26.54 17.03 -30.74
N PRO C 124 -26.40 16.36 -29.58
CA PRO C 124 -27.14 16.83 -28.42
C PRO C 124 -26.87 18.29 -28.04
N TYR C 125 -25.71 18.80 -28.40
CA TYR C 125 -25.37 20.17 -28.04
C TYR C 125 -25.87 21.23 -28.99
N VAL C 126 -26.62 20.85 -30.02
CA VAL C 126 -27.13 21.86 -30.96
C VAL C 126 -28.63 22.04 -30.86
N ILE C 127 -29.22 21.52 -29.81
CA ILE C 127 -30.65 21.63 -29.60
C ILE C 127 -31.00 22.66 -28.52
N LEU C 134 -38.19 12.64 -28.54
CA LEU C 134 -38.17 11.50 -29.46
C LEU C 134 -38.07 10.17 -28.72
N ASP C 135 -38.71 9.15 -29.28
CA ASP C 135 -38.71 7.82 -28.68
C ASP C 135 -37.52 6.95 -29.09
N ARG C 136 -37.60 5.68 -28.69
CA ARG C 136 -36.56 4.70 -28.98
C ARG C 136 -36.20 4.60 -30.47
N SER C 137 -37.14 4.96 -31.33
CA SER C 137 -36.89 4.89 -32.75
C SER C 137 -35.96 5.99 -33.26
N MSE C 138 -36.16 7.23 -32.82
CA MSE C 138 -35.28 8.30 -33.31
C MSE C 138 -33.95 8.28 -32.60
O MSE C 138 -32.90 8.29 -33.24
CB MSE C 138 -35.95 9.67 -33.17
CG MSE C 138 -37.07 9.93 -34.16
SE MSE C 138 -36.51 9.89 -36.04
CE MSE C 138 -36.79 8.01 -36.43
N SER C 139 -33.98 8.23 -31.27
CA SER C 139 -32.74 8.20 -30.49
C SER C 139 -31.83 7.11 -31.02
N ALA C 140 -32.42 6.01 -31.46
CA ALA C 140 -31.66 4.89 -32.00
C ALA C 140 -30.98 5.25 -33.31
N GLY C 141 -31.72 5.95 -34.17
CA GLY C 141 -31.17 6.34 -35.46
C GLY C 141 -30.16 7.47 -35.33
N LEU C 142 -30.54 8.51 -34.58
CA LEU C 142 -29.67 9.66 -34.39
C LEU C 142 -28.26 9.24 -33.97
N THR C 143 -28.19 8.48 -32.89
CA THR C 143 -26.90 8.02 -32.37
C THR C 143 -26.18 7.10 -33.34
N ARG C 144 -26.91 6.58 -34.32
CA ARG C 144 -26.32 5.67 -35.31
C ARG C 144 -25.71 6.43 -36.50
N TYR C 145 -26.45 7.42 -37.01
CA TYR C 145 -26.00 8.19 -38.17
C TYR C 145 -25.44 9.57 -37.87
N PHE C 146 -25.56 10.02 -36.62
CA PHE C 146 -25.05 11.34 -36.25
C PHE C 146 -23.94 11.31 -35.21
N PRO C 147 -23.20 12.41 -35.08
CA PRO C 147 -22.10 12.55 -34.12
C PRO C 147 -22.57 12.47 -32.68
N THR C 148 -21.97 11.56 -31.93
CA THR C 148 -22.31 11.36 -30.52
C THR C 148 -21.09 11.40 -29.62
N THR C 149 -21.30 11.72 -28.35
CA THR C 149 -20.21 11.78 -27.38
C THR C 149 -19.70 10.39 -26.99
N PHE C 168 2.48 19.66 -31.54
CA PHE C 168 1.38 20.51 -31.12
C PHE C 168 1.04 20.41 -29.64
N SER C 169 0.82 21.56 -29.01
CA SER C 169 0.46 21.62 -27.60
C SER C 169 -0.89 22.31 -27.50
N PRO C 170 -1.58 22.16 -26.36
CA PRO C 170 -2.89 22.75 -26.09
C PRO C 170 -2.83 24.26 -25.89
N LEU C 171 -3.74 24.98 -26.53
CA LEU C 171 -3.77 26.43 -26.38
C LEU C 171 -4.53 26.79 -25.10
N SER C 172 -5.48 25.94 -24.71
CA SER C 172 -6.26 26.19 -23.50
C SER C 172 -6.37 24.94 -22.65
N HIS C 173 -7.03 25.08 -21.50
CA HIS C 173 -7.22 23.98 -20.55
C HIS C 173 -8.20 22.92 -21.03
N PHE C 174 -9.32 23.35 -21.61
CA PHE C 174 -10.35 22.44 -22.06
C PHE C 174 -10.64 22.62 -23.54
N ASP C 175 -11.02 21.55 -24.22
CA ASP C 175 -11.36 21.66 -25.63
C ASP C 175 -12.88 21.73 -25.83
N ALA C 176 -13.29 22.02 -27.06
CA ALA C 176 -14.70 22.17 -27.40
C ALA C 176 -15.63 21.09 -26.83
N ARG C 177 -15.26 19.83 -27.00
CA ARG C 177 -16.09 18.73 -26.50
C ARG C 177 -16.28 18.87 -24.99
N ARG C 178 -15.16 19.02 -24.28
CA ARG C 178 -15.19 19.13 -22.83
C ARG C 178 -16.00 20.35 -22.37
N VAL C 179 -15.87 21.47 -23.07
CA VAL C 179 -16.62 22.66 -22.68
C VAL C 179 -18.12 22.50 -22.94
N ASP C 180 -18.49 21.98 -24.11
CA ASP C 180 -19.91 21.79 -24.38
C ASP C 180 -20.51 20.86 -23.34
N PHE C 181 -19.78 19.79 -23.03
CA PHE C 181 -20.21 18.80 -22.04
C PHE C 181 -20.54 19.48 -20.71
N SER C 182 -19.63 20.31 -20.23
CA SER C 182 -19.83 20.99 -18.97
C SER C 182 -20.87 22.10 -18.99
N LEU C 183 -21.05 22.75 -20.13
CA LEU C 183 -22.05 23.82 -20.20
C LEU C 183 -23.43 23.20 -20.03
N ALA C 184 -23.69 22.12 -20.77
CA ALA C 184 -24.96 21.42 -20.70
C ALA C 184 -25.21 21.03 -19.25
N ARG C 185 -24.23 20.39 -18.65
CA ARG C 185 -24.35 19.97 -17.26
C ARG C 185 -24.56 21.11 -16.28
N LEU C 186 -23.87 22.23 -16.46
CA LEU C 186 -24.02 23.37 -15.58
C LEU C 186 -25.47 23.81 -15.48
N ARG C 187 -26.13 23.91 -16.64
CA ARG C 187 -27.52 24.33 -16.66
C ARG C 187 -28.39 23.32 -15.93
N HIS C 188 -28.10 22.04 -16.13
CA HIS C 188 -28.84 20.98 -15.48
C HIS C 188 -28.78 21.03 -13.95
N TYR C 189 -27.59 21.16 -13.37
CA TYR C 189 -27.44 21.20 -11.91
C TYR C 189 -27.81 22.53 -11.30
N THR C 190 -27.67 23.58 -12.10
CA THR C 190 -27.91 24.93 -11.67
C THR C 190 -29.29 25.54 -11.92
N GLY C 191 -29.95 25.10 -12.99
CA GLY C 191 -31.27 25.65 -13.33
C GLY C 191 -31.06 27.11 -13.73
N THR C 192 -29.99 27.34 -14.46
CA THR C 192 -29.64 28.69 -14.88
C THR C 192 -28.88 28.66 -16.20
N PRO C 193 -29.11 29.66 -17.07
CA PRO C 193 -28.44 29.75 -18.37
C PRO C 193 -26.98 30.07 -18.11
N VAL C 194 -26.07 29.38 -18.78
CA VAL C 194 -24.64 29.61 -18.54
C VAL C 194 -24.19 31.04 -18.83
N GLU C 195 -24.91 31.74 -19.70
CA GLU C 195 -24.55 33.12 -20.03
C GLU C 195 -24.71 34.08 -18.85
N HIS C 196 -25.37 33.65 -17.77
CA HIS C 196 -25.58 34.53 -16.62
C HIS C 196 -24.54 34.40 -15.52
N PHE C 197 -23.66 33.41 -15.63
CA PHE C 197 -22.64 33.19 -14.62
C PHE C 197 -21.65 34.36 -14.56
N GLN C 198 -21.34 34.82 -13.35
CA GLN C 198 -20.39 35.90 -13.17
C GLN C 198 -19.01 35.33 -12.79
N PRO C 199 -17.93 36.11 -12.99
CA PRO C 199 -16.54 35.70 -12.71
C PRO C 199 -16.21 35.47 -11.23
N PHE C 200 -17.00 36.05 -10.33
CA PHE C 200 -16.71 35.89 -8.92
C PHE C 200 -17.75 34.99 -8.31
N VAL C 201 -17.31 33.80 -7.90
CA VAL C 201 -18.22 32.79 -7.34
C VAL C 201 -18.14 32.56 -5.84
N LEU C 202 -19.30 32.34 -5.26
CA LEU C 202 -19.45 32.06 -3.84
C LEU C 202 -20.16 30.71 -3.73
N PHE C 203 -19.65 29.83 -2.85
CA PHE C 203 -20.25 28.51 -2.64
C PHE C 203 -20.75 28.41 -1.20
N THR C 204 -21.97 27.90 -1.01
CA THR C 204 -22.50 27.72 0.34
C THR C 204 -23.17 26.37 0.46
N ASN C 205 -23.09 25.81 1.66
CA ASN C 205 -23.66 24.53 1.98
C ASN C 205 -24.80 24.74 2.96
N TYR C 206 -25.31 25.97 3.02
CA TYR C 206 -26.43 26.28 3.90
C TYR C 206 -27.48 27.14 3.19
N THR C 207 -28.66 26.55 3.01
CA THR C 207 -29.78 27.17 2.33
C THR C 207 -30.10 28.63 2.68
N ARG C 208 -30.14 28.93 3.96
CA ARG C 208 -30.44 30.28 4.41
C ARG C 208 -29.56 31.35 3.79
N TYR C 209 -28.39 30.97 3.29
CA TYR C 209 -27.50 31.93 2.66
C TYR C 209 -28.06 32.47 1.34
N VAL C 210 -28.82 31.66 0.60
CA VAL C 210 -29.36 32.16 -0.65
C VAL C 210 -30.49 33.13 -0.38
N ASP C 211 -31.24 32.89 0.69
CA ASP C 211 -32.34 33.77 1.05
C ASP C 211 -31.73 35.14 1.29
N GLU C 212 -30.70 35.17 2.11
CA GLU C 212 -30.02 36.41 2.45
C GLU C 212 -29.38 37.04 1.21
N PHE C 213 -28.81 36.22 0.33
CA PHE C 213 -28.16 36.73 -0.88
C PHE C 213 -29.16 37.39 -1.82
N VAL C 214 -30.30 36.74 -2.04
CA VAL C 214 -31.33 37.27 -2.92
C VAL C 214 -31.92 38.57 -2.38
N ARG C 215 -32.14 38.62 -1.07
CA ARG C 215 -32.70 39.81 -0.44
C ARG C 215 -31.72 40.96 -0.73
N TRP C 216 -30.47 40.79 -0.30
CA TRP C 216 -29.45 41.81 -0.52
C TRP C 216 -29.36 42.11 -2.01
N GLY C 217 -29.55 41.10 -2.83
CA GLY C 217 -29.46 41.28 -4.27
C GLY C 217 -30.54 42.18 -4.82
N CYS C 218 -31.78 41.88 -4.50
CA CYS C 218 -32.90 42.69 -4.96
C CYS C 218 -32.72 44.13 -4.49
N SER C 219 -32.30 44.26 -3.25
CA SER C 219 -32.05 45.56 -2.63
C SER C 219 -31.04 46.36 -3.45
N GLN C 220 -29.97 45.70 -3.89
CA GLN C 220 -28.95 46.38 -4.69
C GLN C 220 -29.45 46.80 -6.04
N ILE C 221 -30.35 46.01 -6.62
CA ILE C 221 -30.88 46.31 -7.94
C ILE C 221 -31.72 47.58 -7.93
N LEU C 222 -32.37 47.85 -6.81
CA LEU C 222 -33.21 49.03 -6.66
C LEU C 222 -32.39 50.28 -6.42
N ASP C 223 -31.15 50.12 -5.99
CA ASP C 223 -30.28 51.26 -5.75
C ASP C 223 -29.60 51.63 -7.07
N PRO C 224 -29.86 52.84 -7.57
CA PRO C 224 -29.32 53.38 -8.83
C PRO C 224 -27.80 53.53 -8.84
N ASP C 225 -27.19 53.53 -7.65
CA ASP C 225 -25.74 53.68 -7.56
C ASP C 225 -25.03 52.33 -7.60
N SER C 226 -25.79 51.25 -7.47
CA SER C 226 -25.24 49.91 -7.50
C SER C 226 -25.12 49.41 -8.94
N PRO C 227 -23.97 48.78 -9.27
CA PRO C 227 -23.69 48.24 -10.61
C PRO C 227 -24.58 47.05 -10.95
N TYR C 228 -25.21 46.48 -9.92
CA TYR C 228 -26.07 45.32 -10.09
C TYR C 228 -27.42 45.69 -10.71
N ILE C 229 -27.64 45.19 -11.91
CA ILE C 229 -28.86 45.49 -12.65
C ILE C 229 -29.82 44.34 -12.85
N ALA C 230 -29.38 43.10 -12.60
CA ALA C 230 -30.25 41.94 -12.78
C ALA C 230 -29.93 40.79 -11.82
N LEU C 231 -30.89 39.88 -11.69
CA LEU C 231 -30.72 38.71 -10.84
C LEU C 231 -31.30 37.48 -11.50
N SER C 232 -30.43 36.62 -12.03
CA SER C 232 -30.88 35.39 -12.66
C SER C 232 -31.12 34.41 -11.52
N CYS C 233 -32.29 33.77 -11.52
CA CYS C 233 -32.65 32.85 -10.46
C CYS C 233 -32.79 31.42 -10.95
N ALA C 234 -32.46 30.48 -10.07
CA ALA C 234 -32.58 29.06 -10.38
C ALA C 234 -34.05 28.79 -10.66
N GLY C 235 -34.33 28.23 -11.82
CA GLY C 235 -35.70 27.96 -12.19
C GLY C 235 -36.14 28.77 -13.40
N GLY C 236 -35.65 30.00 -13.52
CA GLY C 236 -36.01 30.80 -14.67
C GLY C 236 -36.19 32.29 -14.42
N ASN C 237 -36.73 32.63 -13.26
CA ASN C 237 -36.95 34.02 -12.93
C ASN C 237 -35.81 34.97 -13.26
N TRP C 238 -36.18 36.13 -13.81
CA TRP C 238 -35.21 37.16 -14.18
C TRP C 238 -35.64 38.49 -13.57
N ILE C 239 -35.27 38.71 -12.32
CA ILE C 239 -35.62 39.93 -11.62
C ILE C 239 -34.78 41.12 -12.06
N THR C 240 -35.42 42.27 -12.21
CA THR C 240 -34.76 43.49 -12.63
C THR C 240 -35.41 44.68 -11.90
N ALA C 241 -34.94 45.89 -12.17
CA ALA C 241 -35.50 47.07 -11.53
C ALA C 241 -36.96 47.30 -11.98
N GLU C 242 -37.27 46.84 -13.19
CA GLU C 242 -38.61 46.98 -13.77
C GLU C 242 -39.43 45.72 -13.54
N THR C 243 -39.33 45.13 -12.35
CA THR C 243 -40.07 43.90 -12.07
C THR C 243 -41.32 44.07 -11.20
N GLU C 244 -42.37 43.34 -11.58
CA GLU C 244 -43.64 43.37 -10.88
C GLU C 244 -43.55 42.51 -9.62
N ALA C 245 -43.30 43.15 -8.49
CA ALA C 245 -43.17 42.45 -7.21
C ALA C 245 -42.06 41.40 -7.26
N PRO C 246 -40.81 41.82 -6.97
CA PRO C 246 -39.64 40.93 -6.97
C PRO C 246 -39.70 39.86 -5.88
N GLU C 247 -40.90 39.39 -5.56
CA GLU C 247 -41.09 38.36 -4.53
C GLU C 247 -40.89 37.00 -5.17
N GLU C 248 -41.03 36.97 -6.49
CA GLU C 248 -40.90 35.76 -7.30
C GLU C 248 -39.45 35.26 -7.34
N ALA C 249 -38.57 35.96 -6.65
CA ALA C 249 -37.15 35.63 -6.61
C ALA C 249 -36.83 34.16 -6.35
N ILE C 250 -36.94 33.73 -5.10
CA ILE C 250 -36.65 32.36 -4.74
C ILE C 250 -37.82 31.41 -4.95
N SER C 251 -37.76 30.63 -6.01
CA SER C 251 -38.81 29.65 -6.32
C SER C 251 -38.51 28.42 -5.47
N ASP C 252 -39.41 28.11 -4.53
CA ASP C 252 -39.21 26.97 -3.66
C ASP C 252 -39.00 25.67 -4.43
N LEU C 253 -39.60 25.56 -5.60
CA LEU C 253 -39.48 24.38 -6.43
C LEU C 253 -38.05 24.21 -6.95
N ALA C 254 -37.22 25.23 -6.75
CA ALA C 254 -35.84 25.23 -7.22
C ALA C 254 -35.01 24.08 -6.67
N TRP C 255 -35.10 23.85 -5.36
CA TRP C 255 -34.36 22.80 -4.70
C TRP C 255 -34.85 21.41 -5.03
N LYS C 256 -36.04 21.31 -5.56
CA LYS C 256 -36.56 20.01 -5.92
C LYS C 256 -36.11 19.58 -7.31
N LYS C 257 -36.05 20.53 -8.25
CA LYS C 257 -35.67 20.16 -9.60
C LYS C 257 -34.20 20.38 -9.93
N HIS C 258 -33.46 21.05 -9.05
CA HIS C 258 -32.04 21.26 -9.30
C HIS C 258 -31.19 20.91 -8.11
N GLN C 259 -30.23 20.02 -8.33
CA GLN C 259 -29.34 19.56 -7.28
C GLN C 259 -28.49 20.67 -6.66
N MSE C 260 -28.06 21.64 -7.46
CA MSE C 260 -27.23 22.73 -6.94
C MSE C 260 -27.64 24.05 -7.59
O MSE C 260 -26.98 24.55 -8.50
CB MSE C 260 -25.76 22.41 -7.19
CG MSE C 260 -25.33 21.17 -6.44
SE MSE C 260 -23.64 20.42 -6.98
CE MSE C 260 -24.26 19.44 -8.53
N PRO C 261 -28.72 24.65 -7.08
CA PRO C 261 -29.30 25.91 -7.52
C PRO C 261 -28.34 27.07 -7.47
N ALA C 262 -28.35 27.89 -8.51
CA ALA C 262 -27.46 29.05 -8.56
C ALA C 262 -28.27 30.36 -8.68
N TRP C 263 -27.63 31.47 -8.30
CA TRP C 263 -28.25 32.79 -8.37
C TRP C 263 -27.18 33.77 -8.82
N HIS C 264 -27.47 34.54 -9.86
CA HIS C 264 -26.50 35.48 -10.38
C HIS C 264 -26.91 36.95 -10.26
N LEU C 265 -26.07 37.74 -9.59
CA LEU C 265 -26.32 39.17 -9.44
C LEU C 265 -25.44 39.75 -10.54
N ILE C 266 -26.06 40.10 -11.66
CA ILE C 266 -25.33 40.62 -12.81
C ILE C 266 -25.06 42.12 -12.86
N THR C 267 -24.05 42.50 -13.64
CA THR C 267 -23.70 43.91 -13.86
C THR C 267 -23.54 44.06 -15.37
N ALA C 268 -23.61 45.30 -15.85
CA ALA C 268 -23.49 45.56 -17.29
C ALA C 268 -22.24 44.96 -17.88
N ASP C 269 -21.12 45.07 -17.17
CA ASP C 269 -19.85 44.54 -17.67
C ASP C 269 -19.53 43.09 -17.27
N GLY C 270 -20.55 42.36 -16.81
CA GLY C 270 -20.36 40.97 -16.41
C GLY C 270 -19.32 40.74 -15.35
N GLN C 271 -19.35 41.55 -14.29
CA GLN C 271 -18.40 41.43 -13.19
C GLN C 271 -19.16 41.33 -11.87
N GLY C 272 -20.32 40.68 -11.94
CA GLY C 272 -21.14 40.52 -10.75
C GLY C 272 -20.70 39.39 -9.84
N ILE C 273 -21.64 38.83 -9.09
CA ILE C 273 -21.37 37.74 -8.18
C ILE C 273 -22.31 36.58 -8.42
N THR C 274 -21.75 35.38 -8.48
CA THR C 274 -22.56 34.19 -8.68
C THR C 274 -22.54 33.42 -7.37
N LEU C 275 -23.69 32.92 -6.96
CA LEU C 275 -23.80 32.13 -5.73
C LEU C 275 -24.38 30.75 -6.08
N VAL C 276 -23.66 29.71 -5.69
CA VAL C 276 -24.14 28.36 -5.97
C VAL C 276 -24.31 27.63 -4.65
N ASN C 277 -25.50 27.10 -4.42
CA ASN C 277 -25.76 26.34 -3.21
C ASN C 277 -25.37 24.90 -3.56
N ILE C 278 -24.15 24.50 -3.21
CA ILE C 278 -23.65 23.18 -3.57
C ILE C 278 -24.23 21.97 -2.88
N GLY C 279 -24.92 22.16 -1.77
CA GLY C 279 -25.48 20.99 -1.11
C GLY C 279 -24.40 20.37 -0.24
N VAL C 280 -24.41 19.05 -0.10
CA VAL C 280 -23.44 18.45 0.79
C VAL C 280 -22.69 17.25 0.30
N GLY C 281 -21.39 17.23 0.59
CA GLY C 281 -20.54 16.12 0.23
C GLY C 281 -19.45 16.42 -0.77
N PRO C 282 -18.32 15.73 -0.65
CA PRO C 282 -17.21 15.95 -1.56
C PRO C 282 -17.58 15.56 -3.01
N SER C 283 -18.42 14.55 -3.18
CA SER C 283 -18.80 14.14 -4.52
C SER C 283 -19.43 15.26 -5.29
N ASN C 284 -20.35 15.95 -4.63
CA ASN C 284 -21.05 17.04 -5.28
C ASN C 284 -20.15 18.27 -5.47
N ALA C 285 -19.28 18.51 -4.50
CA ALA C 285 -18.34 19.63 -4.60
C ALA C 285 -17.44 19.39 -5.81
N LYS C 286 -17.03 18.15 -6.02
CA LYS C 286 -16.18 17.88 -7.15
C LYS C 286 -16.93 18.05 -8.46
N THR C 287 -18.15 17.55 -8.52
CA THR C 287 -18.95 17.64 -9.74
C THR C 287 -19.17 19.08 -10.19
N ILE C 288 -19.65 19.93 -9.28
CA ILE C 288 -19.92 21.27 -9.68
C ILE C 288 -18.68 22.00 -10.18
N CYS C 289 -17.55 21.86 -9.48
CA CYS C 289 -16.33 22.53 -9.92
C CYS C 289 -15.83 21.99 -11.26
N ASP C 290 -15.99 20.69 -11.50
CA ASP C 290 -15.58 20.10 -12.77
C ASP C 290 -16.19 20.91 -13.94
N HIS C 291 -17.44 21.33 -13.79
CA HIS C 291 -18.10 22.05 -14.84
C HIS C 291 -17.85 23.56 -14.81
N LEU C 292 -17.94 24.14 -13.63
CA LEU C 292 -17.75 25.57 -13.50
C LEU C 292 -16.40 25.99 -14.01
N ALA C 293 -15.42 25.10 -13.91
CA ALA C 293 -14.08 25.43 -14.35
C ALA C 293 -13.99 25.89 -15.81
N VAL C 294 -14.83 25.37 -16.70
CA VAL C 294 -14.72 25.75 -18.10
C VAL C 294 -15.09 27.21 -18.36
N LEU C 295 -15.82 27.83 -17.44
CA LEU C 295 -16.18 29.23 -17.61
C LEU C 295 -15.01 30.13 -17.19
N ARG C 296 -13.93 29.50 -16.73
CA ARG C 296 -12.73 30.23 -16.30
C ARG C 296 -13.01 31.39 -15.31
N PRO C 297 -13.62 31.09 -14.17
CA PRO C 297 -13.93 32.11 -13.15
C PRO C 297 -12.66 32.84 -12.72
N ASP C 298 -12.82 33.94 -12.00
CA ASP C 298 -11.65 34.67 -11.52
C ASP C 298 -11.32 34.18 -10.11
N VAL C 299 -12.33 33.65 -9.44
CA VAL C 299 -12.14 33.13 -8.09
C VAL C 299 -13.41 32.51 -7.56
N TRP C 300 -13.26 31.54 -6.68
CA TRP C 300 -14.42 30.96 -6.03
C TRP C 300 -14.08 30.76 -4.57
N LEU C 301 -14.99 31.21 -3.71
CA LEU C 301 -14.83 31.15 -2.28
C LEU C 301 -15.85 30.25 -1.64
N MSE C 302 -15.44 29.49 -0.63
CA MSE C 302 -16.32 28.61 0.10
C MSE C 302 -16.78 29.36 1.33
O MSE C 302 -15.96 29.67 2.21
CB MSE C 302 -15.56 27.35 0.54
CG MSE C 302 -16.38 26.37 1.37
SE MSE C 302 -17.79 25.53 0.36
CE MSE C 302 -19.27 25.84 1.58
N ILE C 303 -18.06 29.70 1.38
CA ILE C 303 -18.62 30.40 2.53
C ILE C 303 -19.69 29.47 3.08
N GLY C 304 -19.32 28.70 4.10
CA GLY C 304 -20.26 27.74 4.65
C GLY C 304 -20.03 27.36 6.10
N HIS C 305 -20.82 26.41 6.57
CA HIS C 305 -20.72 25.96 7.94
C HIS C 305 -19.68 24.88 8.12
N CYS C 306 -19.23 24.71 9.36
CA CYS C 306 -18.25 23.70 9.68
C CYS C 306 -18.36 23.42 11.18
N GLY C 307 -17.73 22.35 11.64
CA GLY C 307 -17.74 22.03 13.05
C GLY C 307 -16.44 22.56 13.62
N GLY C 308 -16.51 23.22 14.78
CA GLY C 308 -15.31 23.74 15.41
C GLY C 308 -14.71 22.63 16.26
N LEU C 309 -13.41 22.43 16.19
CA LEU C 309 -12.78 21.38 16.96
C LEU C 309 -12.03 21.84 18.22
N ARG C 310 -11.90 23.14 18.41
CA ARG C 310 -11.18 23.67 19.59
C ARG C 310 -12.11 24.15 20.68
N GLU C 311 -11.75 23.87 21.93
CA GLU C 311 -12.58 24.29 23.05
C GLU C 311 -12.78 25.81 23.11
N SER C 312 -11.75 26.57 22.73
CA SER C 312 -11.83 28.03 22.78
C SER C 312 -12.70 28.62 21.67
N GLN C 313 -13.17 27.79 20.75
CA GLN C 313 -14.02 28.28 19.67
C GLN C 313 -15.46 28.39 20.14
N ALA C 314 -16.17 29.38 19.62
CA ALA C 314 -17.54 29.60 19.99
C ALA C 314 -18.39 29.54 18.74
N ILE C 315 -19.59 29.02 18.88
CA ILE C 315 -20.46 28.93 17.73
C ILE C 315 -20.62 30.33 17.19
N GLY C 316 -20.39 30.49 15.89
CA GLY C 316 -20.50 31.79 15.27
C GLY C 316 -19.14 32.33 14.85
N ASP C 317 -18.08 31.75 15.42
CA ASP C 317 -16.72 32.17 15.08
C ASP C 317 -16.40 31.83 13.64
N TYR C 318 -15.33 32.42 13.13
CA TYR C 318 -14.91 32.19 11.77
C TYR C 318 -13.60 31.44 11.68
N VAL C 319 -13.48 30.61 10.66
CA VAL C 319 -12.25 29.84 10.44
C VAL C 319 -11.76 30.16 9.04
N LEU C 320 -10.51 30.58 8.95
CA LEU C 320 -9.87 30.91 7.68
C LEU C 320 -8.88 29.77 7.43
N ALA C 321 -9.16 28.95 6.43
CA ALA C 321 -8.30 27.81 6.13
C ALA C 321 -6.95 28.23 5.58
N HIS C 322 -5.87 27.74 6.18
CA HIS C 322 -4.56 28.04 5.64
C HIS C 322 -3.98 26.74 5.08
N ALA C 323 -4.72 25.64 5.25
CA ALA C 323 -4.29 24.34 4.76
C ALA C 323 -5.44 23.33 4.92
N TYR C 324 -5.36 22.23 4.20
CA TYR C 324 -6.41 21.24 4.24
C TYR C 324 -5.94 19.81 4.49
N LEU C 325 -6.64 19.09 5.38
CA LEU C 325 -6.32 17.68 5.59
C LEU C 325 -7.39 17.01 4.74
N ARG C 326 -6.97 16.51 3.59
CA ARG C 326 -7.87 15.88 2.62
C ARG C 326 -8.34 14.46 2.93
N ASP C 327 -9.38 14.32 3.74
CA ASP C 327 -9.92 13.00 4.04
C ASP C 327 -11.24 12.85 3.26
N ASP C 328 -11.31 13.49 2.08
CA ASP C 328 -12.50 13.45 1.26
C ASP C 328 -12.52 12.34 0.22
N HIS C 329 -11.35 11.79 -0.07
CA HIS C 329 -11.19 10.65 -1.00
C HIS C 329 -11.47 10.87 -2.47
N VAL C 330 -12.53 11.61 -2.75
CA VAL C 330 -12.96 11.80 -4.12
C VAL C 330 -11.95 12.22 -5.17
N LEU C 331 -10.89 12.91 -4.78
CA LEU C 331 -9.87 13.33 -5.75
C LEU C 331 -8.53 12.62 -5.57
N ASP C 332 -8.45 11.61 -4.70
CA ASP C 332 -7.18 10.92 -4.47
C ASP C 332 -6.51 10.37 -5.73
N ALA C 333 -7.29 9.84 -6.67
CA ALA C 333 -6.67 9.28 -7.88
C ALA C 333 -6.04 10.31 -8.79
N VAL C 334 -6.65 11.46 -8.95
CA VAL C 334 -6.07 12.43 -9.87
C VAL C 334 -5.16 13.43 -9.19
N LEU C 335 -5.22 13.49 -7.88
CA LEU C 335 -4.41 14.42 -7.12
C LEU C 335 -4.16 13.74 -5.77
N PRO C 336 -3.10 12.93 -5.68
CA PRO C 336 -2.76 12.23 -4.43
C PRO C 336 -2.76 13.12 -3.19
N PRO C 337 -3.20 12.57 -2.05
CA PRO C 337 -3.29 13.29 -0.78
C PRO C 337 -2.00 13.94 -0.28
N ASP C 338 -0.86 13.49 -0.78
CA ASP C 338 0.38 14.09 -0.31
C ASP C 338 0.81 15.30 -1.14
N ILE C 339 0.07 15.60 -2.22
CA ILE C 339 0.39 16.77 -3.03
C ILE C 339 -0.15 17.93 -2.20
N PRO C 340 0.72 18.86 -1.78
CA PRO C 340 0.22 19.98 -0.97
C PRO C 340 -0.65 20.98 -1.72
N ILE C 341 -1.78 21.33 -1.12
CA ILE C 341 -2.70 22.32 -1.67
C ILE C 341 -2.47 23.59 -0.87
N PRO C 342 -1.74 24.55 -1.44
CA PRO C 342 -1.46 25.81 -0.73
C PRO C 342 -2.60 26.82 -0.68
N SER C 343 -2.34 27.92 0.02
CA SER C 343 -3.26 29.03 0.17
C SER C 343 -2.85 30.10 -0.82
N ILE C 344 -3.81 30.82 -1.36
CA ILE C 344 -3.51 31.89 -2.29
C ILE C 344 -3.47 33.13 -1.41
N ALA C 345 -2.27 33.70 -1.22
CA ALA C 345 -2.07 34.88 -0.37
C ALA C 345 -3.06 36.03 -0.64
N GLU C 346 -3.24 36.39 -1.89
CA GLU C 346 -4.15 37.47 -2.23
C GLU C 346 -5.55 37.17 -1.70
N VAL C 347 -6.03 35.95 -1.94
CA VAL C 347 -7.36 35.56 -1.49
C VAL C 347 -7.42 35.54 0.03
N GLN C 348 -6.34 35.08 0.65
CA GLN C 348 -6.26 35.01 2.11
C GLN C 348 -6.36 36.38 2.77
N ARG C 349 -5.67 37.38 2.23
CA ARG C 349 -5.72 38.73 2.77
C ARG C 349 -7.12 39.31 2.57
N ALA C 350 -7.67 39.11 1.38
CA ALA C 350 -9.01 39.62 1.10
C ALA C 350 -9.99 39.10 2.13
N LEU C 351 -9.97 37.80 2.36
CA LEU C 351 -10.86 37.18 3.34
C LEU C 351 -10.59 37.72 4.74
N TYR C 352 -9.32 37.90 5.06
CA TYR C 352 -8.93 38.42 6.36
C TYR C 352 -9.39 39.89 6.52
N ASP C 353 -9.02 40.75 5.57
CA ASP C 353 -9.40 42.15 5.64
C ASP C 353 -10.92 42.28 5.67
N ALA C 354 -11.59 41.59 4.76
CA ALA C 354 -13.03 41.65 4.69
C ALA C 354 -13.62 41.28 6.04
N THR C 355 -12.98 40.37 6.76
CA THR C 355 -13.50 39.95 8.07
C THR C 355 -13.30 41.07 9.09
N LYS C 356 -12.20 41.80 8.96
CA LYS C 356 -11.93 42.91 9.87
C LYS C 356 -13.01 43.98 9.71
N LEU C 357 -13.16 44.45 8.48
CA LEU C 357 -14.15 45.47 8.16
C LEU C 357 -15.55 45.08 8.64
N VAL C 358 -16.15 44.12 7.97
CA VAL C 358 -17.51 43.67 8.30
C VAL C 358 -17.72 43.27 9.75
N SER C 359 -16.89 42.37 10.25
CA SER C 359 -17.01 41.86 11.62
C SER C 359 -16.39 42.77 12.67
N GLY C 360 -17.20 43.71 13.16
CA GLY C 360 -16.74 44.64 14.17
C GLY C 360 -15.57 45.49 13.72
N ARG C 361 -14.77 45.93 14.69
CA ARG C 361 -13.60 46.76 14.42
C ARG C 361 -12.38 45.91 14.06
N PRO C 362 -11.46 46.47 13.26
CA PRO C 362 -10.24 45.78 12.81
C PRO C 362 -9.26 45.47 13.95
N GLY C 363 -7.97 45.65 13.66
CA GLY C 363 -6.92 45.39 14.63
C GLY C 363 -6.65 43.91 14.83
N GLU C 364 -5.99 43.57 15.94
CA GLU C 364 -5.69 42.18 16.25
C GLU C 364 -6.83 41.60 17.09
N GLU C 365 -7.89 42.39 17.26
CA GLU C 365 -9.06 41.97 18.02
C GLU C 365 -9.82 40.88 17.28
N VAL C 366 -9.52 40.72 15.99
CA VAL C 366 -10.16 39.71 15.15
C VAL C 366 -9.86 38.32 15.68
N LYS C 367 -8.63 38.12 16.16
CA LYS C 367 -8.19 36.85 16.72
C LYS C 367 -9.24 36.17 17.61
N GLN C 368 -10.03 36.96 18.33
CA GLN C 368 -11.04 36.42 19.23
C GLN C 368 -12.25 35.84 18.49
N ARG C 369 -12.46 36.33 17.28
CA ARG C 369 -13.58 35.89 16.47
C ARG C 369 -13.14 35.05 15.27
N LEU C 370 -11.88 35.22 14.87
CA LEU C 370 -11.33 34.52 13.71
C LEU C 370 -10.11 33.68 14.02
N ARG C 371 -10.15 32.41 13.61
CA ARG C 371 -9.05 31.49 13.80
C ARG C 371 -8.57 31.07 12.40
N THR C 372 -7.27 31.11 12.19
CA THR C 372 -6.67 30.72 10.92
C THR C 372 -5.97 29.41 11.13
N GLY C 373 -6.32 28.40 10.35
CA GLY C 373 -5.68 27.11 10.54
C GLY C 373 -6.13 26.01 9.59
N THR C 374 -5.76 24.79 9.95
CA THR C 374 -6.07 23.65 9.12
C THR C 374 -7.48 23.11 9.28
N VAL C 375 -8.13 22.93 8.13
CA VAL C 375 -9.47 22.40 8.09
C VAL C 375 -9.43 20.97 7.56
N VAL C 376 -10.20 20.10 8.19
CA VAL C 376 -10.31 18.71 7.78
C VAL C 376 -11.58 18.58 6.93
N THR C 377 -11.46 18.01 5.75
CA THR C 377 -12.64 17.79 4.93
C THR C 377 -12.81 16.27 4.87
N THR C 378 -13.95 15.78 5.32
CA THR C 378 -14.20 14.33 5.30
C THR C 378 -15.41 13.99 4.43
N ASP C 379 -15.53 12.72 4.05
CA ASP C 379 -16.67 12.29 3.27
C ASP C 379 -17.57 11.49 4.22
N ASP C 380 -17.22 11.55 5.51
CA ASP C 380 -17.96 10.84 6.54
C ASP C 380 -18.62 11.77 7.56
N ARG C 381 -19.83 12.22 7.27
CA ARG C 381 -20.54 13.13 8.17
C ARG C 381 -20.57 12.63 9.61
N ASN C 382 -20.70 11.32 9.79
CA ASN C 382 -20.76 10.79 11.14
C ASN C 382 -19.41 10.34 11.68
N TRP C 383 -18.35 11.05 11.28
CA TRP C 383 -17.01 10.74 11.77
C TRP C 383 -16.93 10.64 13.31
N GLU C 384 -17.86 11.31 14.00
CA GLU C 384 -17.92 11.30 15.46
C GLU C 384 -18.08 9.88 15.99
N LEU C 385 -18.78 9.02 15.26
CA LEU C 385 -18.99 7.65 15.70
C LEU C 385 -17.68 6.88 15.77
N ARG C 386 -16.61 7.49 15.29
CA ARG C 386 -15.27 6.87 15.33
C ARG C 386 -14.26 7.91 15.77
N TYR C 387 -14.53 8.66 16.83
CA TYR C 387 -13.59 9.68 17.24
C TYR C 387 -12.16 9.21 17.44
N SER C 388 -11.96 8.16 18.23
CA SER C 388 -10.62 7.66 18.48
C SER C 388 -9.82 7.51 17.19
N ALA C 389 -10.39 6.84 16.19
CA ALA C 389 -9.71 6.65 14.92
C ALA C 389 -9.34 7.97 14.26
N SER C 390 -10.14 9.00 14.48
CA SER C 390 -9.89 10.28 13.86
C SER C 390 -8.95 11.17 14.69
N ALA C 391 -9.16 11.17 16.00
CA ALA C 391 -8.36 11.98 16.93
C ALA C 391 -6.88 12.10 16.58
N LEU C 392 -6.24 10.98 16.24
CA LEU C 392 -4.83 11.04 15.90
C LEU C 392 -4.55 11.95 14.70
N ARG C 393 -5.44 11.91 13.71
CA ARG C 393 -5.31 12.74 12.52
C ARG C 393 -5.52 14.21 12.83
N PHE C 394 -6.58 14.51 13.57
CA PHE C 394 -6.91 15.87 13.94
C PHE C 394 -5.72 16.52 14.62
N ASN C 395 -5.13 15.76 15.55
CA ASN C 395 -4.01 16.24 16.31
C ASN C 395 -2.76 16.42 15.45
N LEU C 396 -2.49 15.44 14.62
CA LEU C 396 -1.34 15.48 13.75
C LEU C 396 -1.39 16.66 12.76
N SER C 397 -2.60 17.05 12.39
CA SER C 397 -2.78 18.15 11.45
C SER C 397 -3.13 19.47 12.15
N ARG C 398 -3.17 19.45 13.47
CA ARG C 398 -3.50 20.65 14.23
C ARG C 398 -4.83 21.17 13.69
N ALA C 399 -5.71 20.25 13.32
CA ALA C 399 -7.01 20.59 12.78
C ALA C 399 -7.73 21.63 13.63
N VAL C 400 -8.41 22.54 12.96
CA VAL C 400 -9.12 23.59 13.64
C VAL C 400 -10.63 23.50 13.39
N ALA C 401 -11.00 22.91 12.26
CA ALA C 401 -12.41 22.78 11.93
C ALA C 401 -12.62 21.59 11.03
N ILE C 402 -13.87 21.14 10.89
CA ILE C 402 -14.14 20.01 10.02
C ILE C 402 -15.41 20.22 9.20
N ASP C 403 -15.33 19.97 7.90
CA ASP C 403 -16.48 20.14 7.03
C ASP C 403 -16.44 19.04 5.97
N MSE C 404 -17.27 19.17 4.94
CA MSE C 404 -17.35 18.16 3.90
C MSE C 404 -17.18 18.68 2.47
O MSE C 404 -17.37 17.91 1.52
CB MSE C 404 -18.67 17.41 4.02
CG MSE C 404 -18.85 16.66 5.34
SE MSE C 404 -20.59 15.78 5.57
CE MSE C 404 -20.41 14.41 4.22
N GLU C 405 -16.80 19.95 2.32
CA GLU C 405 -16.62 20.49 0.96
C GLU C 405 -15.35 21.29 0.67
N SER C 406 -14.84 21.98 1.68
CA SER C 406 -13.64 22.85 1.56
C SER C 406 -12.46 22.35 0.74
N ALA C 407 -11.78 21.31 1.22
CA ALA C 407 -10.62 20.79 0.50
C ALA C 407 -10.95 20.42 -0.94
N THR C 408 -12.16 19.92 -1.16
CA THR C 408 -12.53 19.52 -2.50
C THR C 408 -12.58 20.75 -3.39
N ILE C 409 -13.27 21.78 -2.94
CA ILE C 409 -13.40 23.02 -3.68
C ILE C 409 -12.00 23.61 -3.94
N ALA C 410 -11.18 23.61 -2.89
CA ALA C 410 -9.84 24.15 -2.96
C ALA C 410 -8.99 23.32 -3.92
N ALA C 411 -9.03 22.00 -3.78
CA ALA C 411 -8.25 21.15 -4.65
C ALA C 411 -8.65 21.36 -6.08
N GLN C 412 -9.96 21.44 -6.33
CA GLN C 412 -10.45 21.64 -7.69
C GLN C 412 -9.95 22.96 -8.25
N GLY C 413 -10.00 24.01 -7.42
CA GLY C 413 -9.52 25.31 -7.86
C GLY C 413 -8.06 25.18 -8.26
N TYR C 414 -7.29 24.52 -7.39
CA TYR C 414 -5.88 24.30 -7.63
C TYR C 414 -5.73 23.55 -8.96
N ARG C 415 -6.49 22.48 -9.13
CA ARG C 415 -6.40 21.70 -10.36
C ARG C 415 -6.72 22.51 -11.61
N PHE C 416 -7.76 23.33 -11.54
CA PHE C 416 -8.19 24.10 -12.68
C PHE C 416 -7.70 25.53 -12.74
N ARG C 417 -6.66 25.84 -11.98
CA ARG C 417 -6.11 27.19 -11.98
C ARG C 417 -7.17 28.24 -11.74
N VAL C 418 -7.99 28.02 -10.73
CA VAL C 418 -9.01 28.99 -10.37
C VAL C 418 -8.69 29.39 -8.95
N PRO C 419 -8.22 30.62 -8.73
CA PRO C 419 -7.90 31.07 -7.37
C PRO C 419 -9.04 30.67 -6.45
N TYR C 420 -8.72 30.26 -5.23
CA TYR C 420 -9.72 29.79 -4.29
C TYR C 420 -9.44 30.21 -2.87
N GLY C 421 -10.46 30.14 -2.02
CA GLY C 421 -10.30 30.51 -0.64
C GLY C 421 -11.46 29.94 0.15
N THR C 422 -11.25 29.74 1.45
CA THR C 422 -12.27 29.18 2.32
C THR C 422 -12.40 29.95 3.63
N LEU C 423 -13.61 30.39 3.95
CA LEU C 423 -13.87 31.07 5.21
C LEU C 423 -15.12 30.47 5.74
N LEU C 424 -14.99 29.61 6.74
CA LEU C 424 -16.13 28.92 7.33
C LEU C 424 -16.59 29.54 8.65
N CYS C 425 -17.83 29.24 9.01
CA CYS C 425 -18.42 29.73 10.25
C CYS C 425 -18.81 28.53 11.11
N VAL C 426 -18.31 28.49 12.33
CA VAL C 426 -18.58 27.38 13.25
C VAL C 426 -20.07 27.30 13.58
N SER C 427 -20.69 26.18 13.24
CA SER C 427 -22.11 26.00 13.50
C SER C 427 -22.36 25.00 14.62
N ASP C 428 -21.29 24.31 15.05
CA ASP C 428 -21.41 23.34 16.13
C ASP C 428 -20.06 22.95 16.71
N LYS C 429 -20.08 22.34 17.87
CA LYS C 429 -18.84 21.90 18.49
C LYS C 429 -19.00 20.46 18.91
N PRO C 430 -18.81 19.54 17.96
CA PRO C 430 -18.91 18.08 18.06
C PRO C 430 -18.15 17.46 19.22
N LEU C 431 -16.96 17.98 19.49
CA LEU C 431 -16.13 17.48 20.56
C LEU C 431 -16.45 18.06 21.94
N HIS C 432 -17.25 19.12 22.00
CA HIS C 432 -17.54 19.73 23.29
C HIS C 432 -19.02 19.88 23.66
N GLY C 433 -19.83 18.88 23.37
CA GLY C 433 -21.24 18.96 23.73
C GLY C 433 -21.92 20.31 23.52
N GLU C 434 -22.16 20.62 22.25
CA GLU C 434 -22.85 21.83 21.78
C GLU C 434 -23.15 21.50 20.32
N ILE C 435 -23.51 20.25 20.10
CA ILE C 435 -23.82 19.70 18.77
C ILE C 435 -25.18 20.12 18.18
N LYS C 436 -25.25 20.08 16.84
CA LYS C 436 -26.45 20.41 16.08
C LYS C 436 -27.65 19.58 16.55
N GLY C 447 -28.18 35.86 13.91
CA GLY C 447 -28.23 36.66 12.70
C GLY C 447 -26.90 36.75 11.95
N ALA C 448 -25.91 35.97 12.39
CA ALA C 448 -24.59 35.96 11.77
C ALA C 448 -24.70 35.46 10.33
N ILE C 449 -25.87 34.92 9.98
CA ILE C 449 -26.13 34.39 8.64
C ILE C 449 -26.35 35.51 7.62
N SER C 450 -25.79 36.67 7.93
CA SER C 450 -25.84 37.85 7.07
C SER C 450 -24.42 38.40 7.09
N GLU C 451 -23.83 38.45 8.28
CA GLU C 451 -22.47 38.95 8.42
C GLU C 451 -21.49 38.08 7.62
N HIS C 452 -21.63 36.76 7.77
CA HIS C 452 -20.77 35.81 7.07
C HIS C 452 -20.83 36.10 5.58
N LEU C 453 -22.04 36.12 5.03
CA LEU C 453 -22.21 36.37 3.62
C LEU C 453 -21.60 37.72 3.24
N GLN C 454 -21.73 38.72 4.11
CA GLN C 454 -21.17 40.04 3.80
C GLN C 454 -19.66 39.96 3.69
N ILE C 455 -19.04 39.15 4.55
CA ILE C 455 -17.59 38.98 4.49
C ILE C 455 -17.24 38.40 3.13
N GLY C 456 -17.99 37.39 2.71
CA GLY C 456 -17.73 36.80 1.42
C GLY C 456 -17.82 37.83 0.32
N ILE C 457 -18.90 38.61 0.32
CA ILE C 457 -19.10 39.65 -0.68
C ILE C 457 -18.03 40.73 -0.65
N ARG C 458 -17.67 41.18 0.55
CA ARG C 458 -16.65 42.23 0.68
C ARG C 458 -15.31 41.72 0.15
N ALA C 459 -15.02 40.45 0.42
CA ALA C 459 -13.79 39.84 -0.05
C ALA C 459 -13.82 39.88 -1.57
N ILE C 460 -14.97 39.57 -2.15
CA ILE C 460 -15.10 39.60 -3.60
C ILE C 460 -14.75 41.01 -4.09
N ASP C 461 -15.35 42.02 -3.46
CA ASP C 461 -15.11 43.41 -3.83
C ASP C 461 -13.63 43.75 -3.77
N LEU C 462 -12.98 43.40 -2.68
CA LEU C 462 -11.57 43.65 -2.54
C LEU C 462 -10.79 42.98 -3.67
N LEU C 463 -11.15 41.74 -4.00
CA LEU C 463 -10.46 41.01 -5.07
C LEU C 463 -10.78 41.55 -6.45
N ARG C 464 -11.98 42.08 -6.62
CA ARG C 464 -12.37 42.62 -7.92
C ARG C 464 -11.58 43.88 -8.23
N ALA C 465 -11.37 44.72 -7.21
CA ALA C 465 -10.62 45.96 -7.37
C ALA C 465 -9.14 45.60 -7.55
N GLU C 466 -8.73 44.53 -6.90
CA GLU C 466 -7.36 44.03 -6.95
C GLU C 466 -6.87 43.93 -8.40
N GLY C 467 -7.81 43.78 -9.33
CA GLY C 467 -7.44 43.69 -10.73
C GLY C 467 -6.81 42.37 -11.09
N ASP C 468 -5.57 42.41 -11.56
CA ASP C 468 -4.86 41.19 -11.93
C ASP C 468 -4.04 40.59 -10.80
N ARG C 469 -3.81 41.37 -9.74
CA ARG C 469 -3.04 40.90 -8.60
C ARG C 469 -3.68 39.62 -8.06
N LEU C 470 -4.93 39.40 -8.45
CA LEU C 470 -5.68 38.22 -8.05
C LEU C 470 -4.97 36.95 -8.51
N HIS C 471 -4.61 36.90 -9.80
CA HIS C 471 -3.92 35.75 -10.36
C HIS C 471 -2.41 35.84 -10.15
N SER C 472 -1.84 34.75 -9.62
CA SER C 472 -0.40 34.65 -9.38
C SER C 472 0.09 33.40 -10.09
N ARG C 473 1.35 33.05 -9.87
CA ARG C 473 1.91 31.88 -10.52
C ARG C 473 1.83 30.62 -9.69
N LYS C 474 1.29 30.72 -8.48
CA LYS C 474 1.18 29.57 -7.57
C LYS C 474 0.42 28.38 -8.17
N LEU C 475 -0.43 28.62 -9.17
CA LEU C 475 -1.20 27.52 -9.75
C LEU C 475 -0.71 27.07 -11.13
N ARG C 476 0.29 27.75 -11.67
CA ARG C 476 0.86 27.42 -12.98
C ARG C 476 1.58 26.07 -13.01
N THR C 477 1.34 25.32 -14.08
CA THR C 477 1.96 24.03 -14.29
C THR C 477 3.16 24.25 -15.20
N PHE C 478 4.02 23.24 -15.38
CA PHE C 478 5.19 23.39 -16.24
C PHE C 478 4.77 23.57 -17.70
N ASN C 479 3.74 22.82 -18.08
CA ASN C 479 3.15 22.80 -19.42
C ASN C 479 1.89 23.68 -19.47
N GLU C 480 1.86 24.71 -18.63
CA GLU C 480 0.71 25.58 -18.56
C GLU C 480 0.28 26.13 -19.92
N PRO C 481 -0.99 25.97 -20.27
CA PRO C 481 -1.47 26.47 -21.57
C PRO C 481 -1.42 28.00 -21.53
N PRO C 482 -1.23 28.63 -22.71
CA PRO C 482 -1.17 30.09 -22.81
C PRO C 482 -2.41 30.82 -22.29
N PHE C 483 -3.59 30.28 -22.58
CA PHE C 483 -4.84 30.90 -22.13
C PHE C 483 -5.06 30.78 -20.62
N ARG C 484 -5.51 31.85 -19.98
CA ARG C 484 -5.77 31.87 -18.54
C ARG C 484 -6.63 30.71 -18.02
N LEU D 8 -39.14 -11.28 36.39
CA LEU D 8 -39.82 -10.12 35.72
C LEU D 8 -40.23 -10.47 34.28
N THR D 9 -41.42 -10.06 33.88
CA THR D 9 -41.96 -10.39 32.54
C THR D 9 -41.85 -9.27 31.50
N PRO D 10 -41.99 -9.63 30.20
CA PRO D 10 -41.90 -8.66 29.10
C PRO D 10 -42.75 -7.43 29.34
N ALA D 11 -44.05 -7.64 29.55
CA ALA D 11 -44.97 -6.53 29.79
C ALA D 11 -44.55 -5.72 31.00
N GLN D 12 -44.10 -6.40 32.06
CA GLN D 12 -43.67 -5.72 33.27
C GLN D 12 -42.43 -4.88 32.98
N ALA D 13 -41.48 -5.46 32.25
CA ALA D 13 -40.23 -4.78 31.91
C ALA D 13 -40.52 -3.51 31.12
N LEU D 14 -41.39 -3.63 30.11
CA LEU D 14 -41.76 -2.48 29.30
C LEU D 14 -42.33 -1.38 30.16
N ASP D 15 -43.25 -1.74 31.07
CA ASP D 15 -43.85 -0.74 31.94
C ASP D 15 -42.82 -0.05 32.83
N LYS D 16 -41.89 -0.81 33.41
CA LYS D 16 -40.91 -0.20 34.27
C LYS D 16 -39.96 0.72 33.47
N LEU D 17 -39.64 0.31 32.24
CA LEU D 17 -38.79 1.12 31.37
C LEU D 17 -39.47 2.44 31.08
N ASP D 18 -40.75 2.38 30.73
CA ASP D 18 -41.53 3.58 30.45
C ASP D 18 -41.49 4.52 31.67
N ALA D 19 -41.68 3.91 32.85
CA ALA D 19 -41.70 4.66 34.09
C ALA D 19 -40.37 5.34 34.35
N LEU D 20 -39.31 4.55 34.45
CA LEU D 20 -37.98 5.12 34.72
C LEU D 20 -37.59 6.18 33.69
N TYR D 21 -37.85 5.91 32.42
CA TYR D 21 -37.52 6.85 31.35
C TYR D 21 -38.33 8.15 31.47
N GLU D 22 -39.66 8.02 31.56
CA GLU D 22 -40.54 9.17 31.71
C GLU D 22 -40.11 10.04 32.89
N GLN D 23 -39.75 9.38 33.98
CA GLN D 23 -39.33 10.07 35.20
C GLN D 23 -38.08 10.91 35.00
N SER D 24 -37.05 10.32 34.40
CA SER D 24 -35.80 11.01 34.16
C SER D 24 -35.94 12.19 33.20
N VAL D 25 -36.66 12.00 32.10
CA VAL D 25 -36.85 13.08 31.15
C VAL D 25 -37.58 14.25 31.81
N VAL D 26 -38.59 13.94 32.61
CA VAL D 26 -39.37 14.97 33.31
C VAL D 26 -38.47 15.64 34.35
N ALA D 27 -37.69 14.85 35.06
CA ALA D 27 -36.80 15.39 36.07
C ALA D 27 -35.75 16.31 35.44
N LEU D 28 -35.29 15.97 34.24
CA LEU D 28 -34.29 16.78 33.55
C LEU D 28 -34.93 18.04 32.99
N ARG D 29 -36.10 17.89 32.38
CA ARG D 29 -36.82 19.04 31.82
C ARG D 29 -37.13 20.03 32.94
N ASN D 30 -37.46 19.49 34.11
CA ASN D 30 -37.78 20.29 35.27
C ASN D 30 -36.56 21.12 35.67
N ALA D 31 -35.45 20.42 35.91
CA ALA D 31 -34.21 21.09 36.32
C ALA D 31 -33.77 22.17 35.33
N ILE D 32 -34.00 21.94 34.04
CA ILE D 32 -33.63 22.90 33.03
C ILE D 32 -34.47 24.16 33.18
N GLY D 33 -35.77 23.96 33.40
CA GLY D 33 -36.66 25.09 33.57
C GLY D 33 -36.24 25.93 34.77
N ASN D 34 -35.94 25.25 35.87
CA ASN D 34 -35.51 25.91 37.10
C ASN D 34 -34.28 26.76 36.88
N TYR D 35 -33.31 26.23 36.15
CA TYR D 35 -32.08 26.96 35.87
C TYR D 35 -32.37 28.20 35.01
N ILE D 36 -33.13 28.00 33.94
CA ILE D 36 -33.46 29.08 33.02
C ILE D 36 -34.18 30.24 33.71
N THR D 37 -35.09 29.92 34.62
CA THR D 37 -35.86 30.95 35.31
C THR D 37 -35.18 31.52 36.55
N SER D 38 -34.70 30.65 37.42
CA SER D 38 -34.07 31.09 38.67
C SER D 38 -32.58 30.74 38.84
N GLY D 39 -31.91 30.41 37.74
CA GLY D 39 -30.50 30.06 37.81
C GLY D 39 -30.17 28.98 38.83
N GLU D 40 -31.18 28.19 39.18
CA GLU D 40 -31.03 27.11 40.15
C GLU D 40 -30.41 25.86 39.51
N LEU D 41 -29.48 25.24 40.24
CA LEU D 41 -28.81 24.03 39.76
C LEU D 41 -29.29 22.77 40.49
N PRO D 42 -29.19 21.61 39.84
CA PRO D 42 -29.62 20.34 40.44
C PRO D 42 -28.62 19.93 41.52
N ASP D 43 -29.03 19.02 42.40
CA ASP D 43 -28.15 18.58 43.48
C ASP D 43 -27.38 17.32 43.09
N GLU D 44 -26.06 17.35 43.29
CA GLU D 44 -25.18 16.24 42.96
C GLU D 44 -25.64 14.88 43.45
N ASN D 45 -26.19 14.85 44.66
CA ASN D 45 -26.65 13.59 45.24
C ASN D 45 -27.76 12.93 44.44
N ALA D 46 -28.77 13.71 44.06
CA ALA D 46 -29.90 13.19 43.29
C ALA D 46 -29.44 12.58 41.97
N ARG D 47 -28.61 13.33 41.24
CA ARG D 47 -28.09 12.88 39.95
C ARG D 47 -27.35 11.56 40.14
N LYS D 48 -26.48 11.51 41.14
CA LYS D 48 -25.69 10.33 41.43
C LYS D 48 -26.62 9.18 41.82
N GLN D 49 -27.91 9.49 41.94
CA GLN D 49 -28.89 8.49 42.33
C GLN D 49 -29.80 8.08 41.18
N GLY D 50 -29.51 8.59 39.99
CA GLY D 50 -30.30 8.25 38.82
C GLY D 50 -31.41 9.23 38.46
N LEU D 51 -31.19 10.50 38.76
CA LEU D 51 -32.19 11.51 38.46
C LEU D 51 -32.39 11.72 36.96
N PHE D 52 -31.29 11.84 36.24
CA PHE D 52 -31.31 12.08 34.79
C PHE D 52 -30.88 10.85 33.99
N VAL D 53 -30.81 9.71 34.65
CA VAL D 53 -30.35 8.46 34.05
C VAL D 53 -31.33 7.69 33.14
N TYR D 54 -30.78 7.01 32.13
CA TYR D 54 -31.55 6.18 31.20
C TYR D 54 -31.85 4.87 31.90
N PRO D 55 -32.95 4.21 31.51
CA PRO D 55 -33.32 2.92 32.12
C PRO D 55 -32.29 1.91 31.64
N SER D 56 -32.12 0.84 32.39
CA SER D 56 -31.17 -0.16 31.97
C SER D 56 -31.91 -1.49 31.90
N LEU D 57 -31.77 -2.20 30.78
CA LEU D 57 -32.43 -3.48 30.58
C LEU D 57 -31.40 -4.59 30.60
N THR D 58 -31.60 -5.58 31.48
CA THR D 58 -30.69 -6.70 31.61
C THR D 58 -31.40 -8.04 31.43
N VAL D 59 -30.82 -8.92 30.64
CA VAL D 59 -31.38 -10.23 30.39
C VAL D 59 -30.32 -11.29 30.64
N THR D 60 -30.61 -12.23 31.52
CA THR D 60 -29.67 -13.29 31.86
C THR D 60 -30.15 -14.66 31.41
N TRP D 61 -29.19 -15.53 31.06
CA TRP D 61 -29.49 -16.89 30.63
C TRP D 61 -28.52 -17.85 31.32
N ASP D 62 -29.09 -18.87 31.96
CA ASP D 62 -28.29 -19.86 32.68
C ASP D 62 -27.55 -20.82 31.74
N GLY D 63 -28.08 -21.00 30.53
CA GLY D 63 -27.44 -21.87 29.57
C GLY D 63 -28.18 -23.18 29.35
N SER D 64 -29.06 -23.52 30.28
CA SER D 64 -29.82 -24.76 30.18
C SER D 64 -31.15 -24.57 29.45
N THR D 65 -31.37 -25.39 28.42
CA THR D 65 -32.60 -25.36 27.64
C THR D 65 -32.68 -26.63 26.77
N THR D 66 -33.87 -27.21 26.71
CA THR D 66 -34.10 -28.42 25.92
C THR D 66 -33.42 -28.35 24.56
N ASN D 67 -34.09 -27.72 23.60
CA ASN D 67 -33.54 -27.56 22.26
C ASN D 67 -33.83 -26.14 21.75
N PRO D 68 -32.90 -25.20 21.99
CA PRO D 68 -33.01 -23.80 21.58
C PRO D 68 -33.02 -23.61 20.07
N PRO D 69 -33.52 -22.44 19.60
CA PRO D 69 -33.58 -22.14 18.16
C PRO D 69 -32.17 -22.04 17.59
N LYS D 70 -31.70 -23.12 16.97
CA LYS D 70 -30.36 -23.16 16.41
C LYS D 70 -30.27 -22.53 15.01
N THR D 71 -31.42 -22.40 14.36
CA THR D 71 -31.46 -21.86 13.01
C THR D 71 -31.97 -20.43 12.87
N ARG D 72 -32.64 -19.93 13.89
CA ARG D 72 -33.19 -18.57 13.85
C ARG D 72 -32.07 -17.54 13.67
N ALA D 73 -32.34 -16.50 12.88
CA ALA D 73 -31.36 -15.47 12.61
C ALA D 73 -31.12 -14.51 13.77
N PHE D 74 -32.17 -14.27 14.57
CA PHE D 74 -32.07 -13.36 15.71
C PHE D 74 -32.69 -13.91 16.99
N GLY D 75 -32.65 -13.12 18.05
CA GLY D 75 -33.22 -13.55 19.31
C GLY D 75 -32.59 -14.81 19.85
N ARG D 76 -31.27 -14.94 19.70
CA ARG D 76 -30.56 -16.12 20.20
C ARG D 76 -29.44 -15.78 21.15
N PHE D 77 -29.01 -16.78 21.90
CA PHE D 77 -27.92 -16.65 22.86
C PHE D 77 -26.77 -17.52 22.38
N THR D 78 -25.57 -16.96 22.33
CA THR D 78 -24.41 -17.70 21.88
C THR D 78 -23.74 -18.38 23.07
N HIS D 79 -24.02 -17.87 24.26
CA HIS D 79 -23.45 -18.40 25.48
C HIS D 79 -24.26 -17.91 26.68
N ALA D 80 -23.99 -18.47 27.85
CA ALA D 80 -24.71 -18.08 29.06
C ALA D 80 -24.11 -16.80 29.62
N GLY D 81 -24.87 -16.10 30.43
CA GLY D 81 -24.38 -14.86 31.01
C GLY D 81 -25.41 -13.75 31.00
N SER D 82 -24.97 -12.55 31.34
CA SER D 82 -25.85 -11.39 31.38
C SER D 82 -25.63 -10.43 30.21
N TYR D 83 -26.73 -9.99 29.61
CA TYR D 83 -26.66 -9.05 28.49
C TYR D 83 -27.43 -7.81 28.91
N THR D 84 -26.79 -6.65 28.78
CA THR D 84 -27.43 -5.42 29.20
C THR D 84 -27.35 -4.33 28.13
N THR D 85 -28.11 -3.25 28.33
CA THR D 85 -28.12 -2.11 27.42
C THR D 85 -28.94 -0.98 27.99
N THR D 86 -28.52 0.24 27.75
CA THR D 86 -29.30 1.38 28.22
C THR D 86 -30.45 1.48 27.23
N ILE D 87 -31.56 2.10 27.63
CA ILE D 87 -32.68 2.22 26.73
C ILE D 87 -33.30 3.61 26.69
N THR D 88 -33.81 3.98 25.53
CA THR D 88 -34.42 5.28 25.37
C THR D 88 -35.74 5.11 24.63
N ARG D 89 -36.66 6.06 24.80
CA ARG D 89 -37.97 6.03 24.11
C ARG D 89 -38.62 4.63 24.06
N PRO D 90 -38.92 4.05 25.23
CA PRO D 90 -39.54 2.72 25.31
C PRO D 90 -40.88 2.66 24.59
N THR D 91 -41.62 3.77 24.59
CA THR D 91 -42.90 3.78 23.90
C THR D 91 -42.69 3.61 22.40
N LEU D 92 -41.77 4.40 21.85
CA LEU D 92 -41.46 4.32 20.43
C LEU D 92 -41.01 2.92 20.05
N PHE D 93 -40.28 2.27 20.96
CA PHE D 93 -39.77 0.94 20.70
C PHE D 93 -40.56 -0.18 21.38
N ARG D 94 -41.79 0.12 21.77
CA ARG D 94 -42.65 -0.84 22.44
C ARG D 94 -42.78 -2.21 21.71
N SER D 95 -43.28 -2.21 20.47
CA SER D 95 -43.41 -3.46 19.72
C SER D 95 -42.10 -4.23 19.67
N TYR D 96 -41.06 -3.56 19.20
CA TYR D 96 -39.75 -4.17 19.07
C TYR D 96 -39.28 -4.76 20.39
N LEU D 97 -39.15 -3.93 21.42
CA LEU D 97 -38.71 -4.41 22.73
C LEU D 97 -39.58 -5.56 23.23
N ASN D 98 -40.90 -5.44 23.09
CA ASN D 98 -41.79 -6.49 23.54
C ASN D 98 -41.49 -7.79 22.82
N GLU D 99 -41.50 -7.77 21.49
CA GLU D 99 -41.23 -8.96 20.72
C GLU D 99 -39.88 -9.59 21.04
N GLN D 100 -38.83 -8.79 21.13
CA GLN D 100 -37.51 -9.32 21.41
C GLN D 100 -37.44 -9.95 22.80
N LEU D 101 -38.01 -9.25 23.79
CA LEU D 101 -37.98 -9.81 25.13
C LEU D 101 -38.83 -11.08 25.19
N THR D 102 -39.95 -11.12 24.48
CA THR D 102 -40.79 -12.30 24.50
C THR D 102 -40.00 -13.52 24.01
N LEU D 103 -39.28 -13.37 22.90
CA LEU D 103 -38.51 -14.47 22.35
C LEU D 103 -37.52 -15.06 23.35
N LEU D 104 -36.78 -14.19 24.02
CA LEU D 104 -35.80 -14.66 25.00
C LEU D 104 -36.46 -15.25 26.23
N TYR D 105 -37.62 -14.71 26.57
CA TYR D 105 -38.36 -15.16 27.74
C TYR D 105 -38.95 -16.55 27.56
N GLN D 106 -39.64 -16.75 26.43
CA GLN D 106 -40.30 -18.02 26.14
C GLN D 106 -39.44 -19.13 25.52
N ASP D 107 -38.37 -18.77 24.82
CA ASP D 107 -37.53 -19.78 24.19
C ASP D 107 -36.32 -20.19 25.01
N TYR D 108 -35.94 -19.35 25.98
CA TYR D 108 -34.80 -19.66 26.82
C TYR D 108 -35.11 -19.50 28.30
N GLY D 109 -36.30 -18.97 28.60
CA GLY D 109 -36.66 -18.76 29.99
C GLY D 109 -35.61 -17.86 30.60
N ALA D 110 -35.40 -16.72 29.95
CA ALA D 110 -34.40 -15.76 30.43
C ALA D 110 -34.93 -14.86 31.53
N HIS D 111 -34.03 -14.46 32.42
CA HIS D 111 -34.35 -13.60 33.54
C HIS D 111 -34.23 -12.11 33.16
N ILE D 112 -35.36 -11.42 33.07
CA ILE D 112 -35.37 -10.01 32.72
C ILE D 112 -35.37 -9.11 33.95
N SER D 113 -34.70 -7.97 33.87
CA SER D 113 -34.66 -7.03 34.98
C SER D 113 -34.39 -5.61 34.48
N VAL D 114 -35.05 -4.64 35.09
CA VAL D 114 -34.90 -3.25 34.70
C VAL D 114 -34.44 -2.43 35.91
N GLN D 115 -33.57 -1.46 35.68
CA GLN D 115 -33.05 -0.61 36.74
C GLN D 115 -32.35 0.62 36.16
N PRO D 116 -32.19 1.68 36.96
CA PRO D 116 -31.52 2.88 36.46
C PRO D 116 -30.07 2.61 36.05
N SER D 117 -29.64 3.20 34.95
CA SER D 117 -28.28 3.03 34.48
C SER D 117 -27.35 4.07 35.11
N GLN D 118 -26.11 4.11 34.65
CA GLN D 118 -25.13 5.07 35.17
C GLN D 118 -24.92 6.15 34.13
N HIS D 119 -25.76 6.18 33.11
CA HIS D 119 -25.64 7.15 32.04
C HIS D 119 -26.75 8.17 32.03
N GLU D 120 -26.38 9.45 32.05
CA GLU D 120 -27.37 10.50 32.05
C GLU D 120 -27.79 10.89 30.64
N ILE D 121 -29.05 11.29 30.50
CA ILE D 121 -29.59 11.69 29.22
C ILE D 121 -29.11 13.09 28.90
N PRO D 122 -28.43 13.28 27.76
CA PRO D 122 -27.95 14.61 27.38
C PRO D 122 -29.15 15.54 27.22
N TYR D 123 -29.14 16.67 27.92
CA TYR D 123 -30.28 17.60 27.88
C TYR D 123 -30.86 17.97 26.52
N PRO D 124 -30.02 18.01 25.48
CA PRO D 124 -30.57 18.37 24.17
C PRO D 124 -31.65 17.40 23.68
N TYR D 125 -31.64 16.18 24.19
CA TYR D 125 -32.63 15.20 23.74
C TYR D 125 -33.97 15.24 24.48
N VAL D 126 -34.15 16.17 25.41
CA VAL D 126 -35.41 16.24 26.12
C VAL D 126 -36.22 17.47 25.77
N ILE D 127 -35.93 18.07 24.62
CA ILE D 127 -36.63 19.25 24.16
C ILE D 127 -37.43 19.00 22.88
N LEU D 134 -35.47 27.87 25.46
CA LEU D 134 -34.34 28.32 26.24
C LEU D 134 -33.49 29.38 25.53
N ASP D 135 -32.89 30.27 26.32
CA ASP D 135 -32.06 31.35 25.79
C ASP D 135 -30.81 30.81 25.08
N ARG D 136 -30.02 31.72 24.51
CA ARG D 136 -28.81 31.33 23.79
C ARG D 136 -27.53 31.86 24.43
N SER D 137 -27.63 32.31 25.68
CA SER D 137 -26.48 32.83 26.43
C SER D 137 -26.33 31.85 27.59
N MSE D 138 -27.34 30.99 27.64
CA MSE D 138 -27.56 29.91 28.59
C MSE D 138 -26.76 28.69 28.16
O MSE D 138 -26.38 27.86 28.98
CB MSE D 138 -29.03 29.55 28.56
CG MSE D 138 -29.95 30.62 29.08
SE MSE D 138 -30.10 30.50 30.99
CE MSE D 138 -28.51 31.53 31.49
N SER D 139 -26.54 28.59 26.85
CA SER D 139 -25.80 27.48 26.28
C SER D 139 -24.51 27.23 27.04
N ALA D 140 -23.90 28.31 27.53
CA ALA D 140 -22.67 28.21 28.29
C ALA D 140 -22.89 27.56 29.64
N GLY D 141 -23.97 27.93 30.31
CA GLY D 141 -24.28 27.37 31.61
C GLY D 141 -24.80 25.95 31.51
N LEU D 142 -25.77 25.74 30.62
CA LEU D 142 -26.36 24.42 30.43
C LEU D 142 -25.29 23.34 30.27
N THR D 143 -24.40 23.56 29.30
CA THR D 143 -23.33 22.61 29.03
C THR D 143 -22.34 22.47 30.16
N ARG D 144 -22.40 23.41 31.11
CA ARG D 144 -21.49 23.38 32.26
C ARG D 144 -22.08 22.58 33.42
N TYR D 145 -23.35 22.81 33.72
CA TYR D 145 -24.01 22.15 34.85
C TYR D 145 -24.93 20.99 34.50
N PHE D 146 -25.20 20.80 33.21
CA PHE D 146 -26.08 19.72 32.77
C PHE D 146 -25.40 18.69 31.89
N PRO D 147 -26.04 17.51 31.73
CA PRO D 147 -25.49 16.45 30.91
C PRO D 147 -25.43 16.79 29.42
N THR D 148 -24.27 16.57 28.82
CA THR D 148 -24.06 16.85 27.41
C THR D 148 -23.53 15.62 26.68
N THR D 149 -23.59 15.66 25.36
CA THR D 149 -23.17 14.56 24.48
C THR D 149 -21.73 14.11 24.71
N PHE D 168 -20.24 -8.87 30.61
CA PHE D 168 -21.42 -8.06 30.29
C PHE D 168 -21.56 -7.76 28.80
N SER D 169 -21.98 -8.76 28.03
CA SER D 169 -22.15 -8.59 26.59
C SER D 169 -23.30 -7.66 26.21
N PRO D 170 -23.16 -6.94 25.08
CA PRO D 170 -24.21 -6.02 24.64
C PRO D 170 -25.48 -6.81 24.35
N LEU D 171 -26.63 -6.31 24.79
CA LEU D 171 -27.90 -6.98 24.53
C LEU D 171 -28.42 -6.63 23.13
N SER D 172 -28.09 -5.43 22.66
CA SER D 172 -28.52 -4.96 21.36
C SER D 172 -27.37 -4.30 20.60
N HIS D 173 -27.65 -3.89 19.38
CA HIS D 173 -26.66 -3.27 18.51
C HIS D 173 -26.28 -1.86 18.92
N PHE D 174 -27.26 -1.07 19.32
CA PHE D 174 -27.02 0.32 19.68
C PHE D 174 -27.48 0.63 21.09
N ASP D 175 -26.81 1.56 21.78
CA ASP D 175 -27.23 1.90 23.13
C ASP D 175 -28.03 3.19 23.14
N ALA D 176 -28.63 3.49 24.28
CA ALA D 176 -29.46 4.68 24.41
C ALA D 176 -28.88 5.96 23.81
N ARG D 177 -27.59 6.22 24.08
CA ARG D 177 -26.93 7.41 23.56
C ARG D 177 -26.93 7.41 22.03
N ARG D 178 -26.44 6.31 21.45
CA ARG D 178 -26.39 6.16 20.01
C ARG D 178 -27.78 6.29 19.39
N VAL D 179 -28.80 5.70 20.02
CA VAL D 179 -30.13 5.78 19.47
C VAL D 179 -30.72 7.17 19.53
N ASP D 180 -30.60 7.86 20.66
CA ASP D 180 -31.14 9.22 20.75
C ASP D 180 -30.45 10.12 19.73
N PHE D 181 -29.16 9.91 19.57
CA PHE D 181 -28.37 10.68 18.61
C PHE D 181 -28.96 10.55 17.21
N SER D 182 -29.25 9.32 16.80
CA SER D 182 -29.77 9.09 15.48
C SER D 182 -31.23 9.50 15.31
N LEU D 183 -32.04 9.36 16.35
CA LEU D 183 -33.44 9.75 16.22
C LEU D 183 -33.53 11.24 15.90
N ALA D 184 -32.82 12.04 16.69
CA ALA D 184 -32.81 13.48 16.48
C ALA D 184 -32.38 13.78 15.05
N ARG D 185 -31.30 13.13 14.65
CA ARG D 185 -30.77 13.35 13.33
C ARG D 185 -31.74 12.92 12.21
N LEU D 186 -32.46 11.82 12.42
CA LEU D 186 -33.41 11.32 11.45
C LEU D 186 -34.49 12.36 11.16
N ARG D 187 -35.01 12.97 12.20
CA ARG D 187 -36.04 14.00 12.03
C ARG D 187 -35.46 15.18 11.23
N HIS D 188 -34.23 15.55 11.54
CA HIS D 188 -33.55 16.64 10.86
C HIS D 188 -33.40 16.44 9.36
N TYR D 189 -32.90 15.27 8.96
CA TYR D 189 -32.69 14.97 7.53
C TYR D 189 -33.96 14.66 6.78
N THR D 190 -34.91 14.10 7.49
CA THR D 190 -36.15 13.63 6.93
C THR D 190 -37.35 14.59 6.93
N GLY D 191 -37.43 15.46 7.93
CA GLY D 191 -38.56 16.35 8.04
C GLY D 191 -39.78 15.52 8.37
N THR D 192 -39.57 14.54 9.24
CA THR D 192 -40.61 13.61 9.64
C THR D 192 -40.38 13.06 11.05
N PRO D 193 -41.46 12.83 11.82
CA PRO D 193 -41.36 12.30 13.18
C PRO D 193 -40.93 10.84 13.07
N VAL D 194 -40.01 10.41 13.92
CA VAL D 194 -39.54 9.03 13.85
C VAL D 194 -40.63 7.99 14.12
N GLU D 195 -41.68 8.38 14.83
CA GLU D 195 -42.77 7.45 15.11
C GLU D 195 -43.52 7.00 13.87
N HIS D 196 -43.35 7.71 12.75
CA HIS D 196 -44.07 7.33 11.54
C HIS D 196 -43.31 6.38 10.62
N PHE D 197 -42.03 6.17 10.88
CA PHE D 197 -41.23 5.28 10.03
C PHE D 197 -41.77 3.83 10.01
N GLN D 198 -41.85 3.24 8.83
CA GLN D 198 -42.34 1.88 8.67
C GLN D 198 -41.15 0.91 8.50
N PRO D 199 -41.35 -0.37 8.82
CA PRO D 199 -40.32 -1.41 8.72
C PRO D 199 -39.80 -1.70 7.30
N PHE D 200 -40.58 -1.35 6.28
CA PHE D 200 -40.15 -1.61 4.92
C PHE D 200 -39.75 -0.33 4.25
N VAL D 201 -38.46 -0.20 3.96
CA VAL D 201 -37.92 1.02 3.39
C VAL D 201 -37.50 0.97 1.93
N LEU D 202 -37.78 2.07 1.23
CA LEU D 202 -37.44 2.21 -0.17
C LEU D 202 -36.57 3.47 -0.29
N PHE D 203 -35.45 3.34 -0.99
CA PHE D 203 -34.55 4.48 -1.21
C PHE D 203 -34.54 4.87 -2.69
N THR D 204 -34.68 6.17 -2.98
CA THR D 204 -34.60 6.61 -4.38
C THR D 204 -33.67 7.81 -4.50
N ASN D 205 -33.03 7.92 -5.65
CA ASN D 205 -32.12 9.00 -5.98
C ASN D 205 -32.74 9.85 -7.09
N TYR D 206 -34.05 9.72 -7.28
CA TYR D 206 -34.74 10.48 -8.32
C TYR D 206 -36.07 11.03 -7.81
N THR D 207 -36.13 12.35 -7.74
CA THR D 207 -37.29 13.09 -7.28
C THR D 207 -38.67 12.63 -7.78
N ARG D 208 -38.80 12.38 -9.07
CA ARG D 208 -40.06 11.95 -9.65
C ARG D 208 -40.67 10.71 -8.98
N TYR D 209 -39.84 9.93 -8.30
CA TYR D 209 -40.32 8.72 -7.62
C TYR D 209 -41.21 9.05 -6.43
N VAL D 210 -40.96 10.18 -5.76
CA VAL D 210 -41.81 10.50 -4.62
C VAL D 210 -43.16 10.99 -5.12
N ASP D 211 -43.16 11.71 -6.24
CA ASP D 211 -44.40 12.21 -6.82
C ASP D 211 -45.30 11.01 -7.05
N GLU D 212 -44.75 10.03 -7.75
CA GLU D 212 -45.47 8.80 -8.05
C GLU D 212 -45.86 8.02 -6.78
N PHE D 213 -44.98 8.01 -5.79
CA PHE D 213 -45.24 7.30 -4.53
C PHE D 213 -46.42 7.91 -3.79
N VAL D 214 -46.42 9.23 -3.67
CA VAL D 214 -47.48 9.96 -2.99
C VAL D 214 -48.82 9.79 -3.69
N ARG D 215 -48.79 9.83 -5.01
CA ARG D 215 -49.99 9.67 -5.80
C ARG D 215 -50.58 8.31 -5.48
N TRP D 216 -49.79 7.27 -5.71
CA TRP D 216 -50.20 5.90 -5.43
C TRP D 216 -50.62 5.77 -3.96
N GLY D 217 -49.94 6.48 -3.07
CA GLY D 217 -50.25 6.41 -1.66
C GLY D 217 -51.61 6.96 -1.31
N CYS D 218 -51.89 8.20 -1.73
CA CYS D 218 -53.18 8.83 -1.45
C CYS D 218 -54.30 7.95 -2.02
N SER D 219 -54.07 7.45 -3.23
CA SER D 219 -55.02 6.58 -3.88
C SER D 219 -55.35 5.37 -3.01
N GLN D 220 -54.33 4.79 -2.39
CA GLN D 220 -54.52 3.62 -1.53
C GLN D 220 -55.28 3.96 -0.25
N ILE D 221 -55.09 5.18 0.24
CA ILE D 221 -55.76 5.60 1.46
C ILE D 221 -57.27 5.71 1.25
N LEU D 222 -57.66 6.10 0.04
CA LEU D 222 -59.07 6.25 -0.32
C LEU D 222 -59.77 4.90 -0.54
N ASP D 223 -58.99 3.86 -0.79
CA ASP D 223 -59.54 2.53 -0.99
C ASP D 223 -59.71 1.86 0.38
N PRO D 224 -60.95 1.55 0.75
CA PRO D 224 -61.32 0.90 2.02
C PRO D 224 -60.75 -0.49 2.23
N ASP D 225 -60.30 -1.12 1.14
CA ASP D 225 -59.73 -2.47 1.23
C ASP D 225 -58.23 -2.44 1.44
N SER D 226 -57.63 -1.26 1.31
CA SER D 226 -56.21 -1.09 1.50
C SER D 226 -55.87 -0.83 2.97
N PRO D 227 -54.83 -1.49 3.48
CA PRO D 227 -54.38 -1.36 4.87
C PRO D 227 -53.81 0.02 5.16
N TYR D 228 -53.49 0.75 4.10
CA TYR D 228 -52.90 2.07 4.23
C TYR D 228 -53.93 3.12 4.65
N ILE D 229 -53.75 3.66 5.85
CA ILE D 229 -54.68 4.64 6.40
C ILE D 229 -54.12 6.05 6.57
N ALA D 230 -52.80 6.22 6.47
CA ALA D 230 -52.23 7.55 6.62
C ALA D 230 -50.98 7.76 5.80
N LEU D 231 -50.61 9.01 5.62
CA LEU D 231 -49.42 9.36 4.84
C LEU D 231 -48.68 10.51 5.49
N SER D 232 -47.61 10.22 6.21
CA SER D 232 -46.83 11.26 6.86
C SER D 232 -45.95 11.88 5.76
N CYS D 233 -45.97 13.20 5.66
CA CYS D 233 -45.19 13.88 4.63
C CYS D 233 -44.07 14.72 5.17
N ALA D 234 -42.99 14.80 4.41
CA ALA D 234 -41.82 15.61 4.78
C ALA D 234 -42.30 17.05 4.90
N GLY D 235 -42.07 17.66 6.04
CA GLY D 235 -42.53 19.02 6.23
C GLY D 235 -43.59 19.09 7.33
N GLY D 236 -44.41 18.06 7.46
CA GLY D 236 -45.44 18.08 8.49
C GLY D 236 -46.78 17.50 8.13
N ASN D 237 -47.20 17.69 6.88
CA ASN D 237 -48.49 17.19 6.42
C ASN D 237 -48.83 15.75 6.80
N TRP D 238 -50.07 15.57 7.27
CA TRP D 238 -50.56 14.27 7.67
C TRP D 238 -51.86 13.98 6.94
N ILE D 239 -51.75 13.42 5.74
CA ILE D 239 -52.91 13.10 4.93
C ILE D 239 -53.60 11.82 5.40
N THR D 240 -54.91 11.86 5.39
CA THR D 240 -55.74 10.72 5.80
C THR D 240 -56.99 10.68 4.92
N ALA D 241 -57.85 9.70 5.15
CA ALA D 241 -59.08 9.59 4.37
C ALA D 241 -60.00 10.78 4.63
N GLU D 242 -59.90 11.36 5.83
CA GLU D 242 -60.71 12.51 6.21
C GLU D 242 -59.97 13.82 5.96
N THR D 243 -59.26 13.92 4.85
CA THR D 243 -58.50 15.13 4.57
C THR D 243 -59.13 16.07 3.54
N GLU D 244 -59.02 17.37 3.82
CA GLU D 244 -59.56 18.40 2.95
C GLU D 244 -58.62 18.64 1.76
N ALA D 245 -58.94 18.02 0.63
CA ALA D 245 -58.11 18.16 -0.57
C ALA D 245 -56.68 17.68 -0.32
N PRO D 246 -56.43 16.37 -0.46
CA PRO D 246 -55.11 15.76 -0.25
C PRO D 246 -54.06 16.23 -1.27
N GLU D 247 -54.18 17.50 -1.69
CA GLU D 247 -53.27 18.09 -2.66
C GLU D 247 -52.05 18.64 -1.91
N GLU D 248 -52.24 18.85 -0.62
CA GLU D 248 -51.21 19.38 0.26
C GLU D 248 -50.08 18.37 0.52
N ALA D 249 -50.21 17.20 -0.10
CA ALA D 249 -49.23 16.12 0.05
C ALA D 249 -47.77 16.54 -0.07
N ILE D 250 -47.31 16.73 -1.30
CA ILE D 250 -45.93 17.11 -1.53
C ILE D 250 -45.67 18.61 -1.41
N SER D 251 -45.10 19.02 -0.28
CA SER D 251 -44.77 20.42 -0.06
C SER D 251 -43.45 20.68 -0.78
N ASP D 252 -43.49 21.54 -1.78
CA ASP D 252 -42.29 21.86 -2.56
C ASP D 252 -41.14 22.36 -1.70
N LEU D 253 -41.49 23.02 -0.60
CA LEU D 253 -40.49 23.55 0.32
C LEU D 253 -39.73 22.43 1.05
N ALA D 254 -40.18 21.19 0.89
CA ALA D 254 -39.56 20.05 1.56
C ALA D 254 -38.10 19.82 1.15
N TRP D 255 -37.82 19.89 -0.14
CA TRP D 255 -36.46 19.69 -0.62
C TRP D 255 -35.52 20.82 -0.27
N LYS D 256 -36.08 21.96 0.13
CA LYS D 256 -35.24 23.09 0.49
C LYS D 256 -34.83 23.01 1.96
N LYS D 257 -35.73 22.57 2.82
CA LYS D 257 -35.40 22.51 4.24
C LYS D 257 -34.93 21.15 4.76
N HIS D 258 -35.02 20.13 3.92
CA HIS D 258 -34.58 18.80 4.33
C HIS D 258 -33.74 18.13 3.27
N GLN D 259 -32.54 17.72 3.67
CA GLN D 259 -31.60 17.10 2.77
C GLN D 259 -32.09 15.78 2.19
N MSE D 260 -32.81 15.00 2.98
CA MSE D 260 -33.33 13.72 2.50
C MSE D 260 -34.75 13.47 2.98
O MSE D 260 -34.99 12.68 3.88
CB MSE D 260 -32.39 12.60 2.95
CG MSE D 260 -31.00 12.75 2.34
SE MSE D 260 -29.63 11.66 3.12
CE MSE D 260 -29.30 12.73 4.71
N PRO D 261 -35.72 14.13 2.33
CA PRO D 261 -37.15 14.05 2.62
C PRO D 261 -37.69 12.63 2.60
N ALA D 262 -38.55 12.31 3.55
CA ALA D 262 -39.15 10.99 3.59
C ALA D 262 -40.67 11.08 3.53
N TRP D 263 -41.30 9.96 3.22
CA TRP D 263 -42.75 9.87 3.12
C TRP D 263 -43.12 8.50 3.67
N HIS D 264 -44.11 8.45 4.57
CA HIS D 264 -44.52 7.18 5.15
C HIS D 264 -45.99 6.83 4.86
N LEU D 265 -46.20 5.65 4.29
CA LEU D 265 -47.54 5.16 4.02
C LEU D 265 -47.73 4.19 5.17
N ILE D 266 -48.49 4.64 6.17
CA ILE D 266 -48.74 3.87 7.38
C ILE D 266 -49.93 2.91 7.37
N THR D 267 -49.87 1.90 8.23
CA THR D 267 -50.97 0.95 8.38
C THR D 267 -51.26 0.87 9.88
N ALA D 268 -52.41 0.35 10.25
CA ALA D 268 -52.77 0.24 11.65
C ALA D 268 -51.71 -0.50 12.46
N ASP D 269 -51.19 -1.60 11.92
CA ASP D 269 -50.18 -2.38 12.63
C ASP D 269 -48.73 -1.98 12.36
N GLY D 270 -48.53 -0.78 11.83
CA GLY D 270 -47.18 -0.30 11.56
C GLY D 270 -46.35 -1.19 10.65
N GLN D 271 -46.93 -1.60 9.54
CA GLN D 271 -46.26 -2.47 8.60
C GLN D 271 -46.38 -1.87 7.20
N GLY D 272 -46.37 -0.55 7.14
CA GLY D 272 -46.46 0.14 5.87
C GLY D 272 -45.16 0.23 5.08
N ILE D 273 -45.01 1.31 4.33
CA ILE D 273 -43.81 1.50 3.53
C ILE D 273 -43.25 2.90 3.73
N THR D 274 -41.94 2.99 3.90
CA THR D 274 -41.32 4.28 4.04
C THR D 274 -40.48 4.53 2.80
N LEU D 275 -40.53 5.74 2.28
CA LEU D 275 -39.75 6.10 1.10
C LEU D 275 -38.88 7.28 1.47
N VAL D 276 -37.58 7.15 1.26
CA VAL D 276 -36.66 8.23 1.56
C VAL D 276 -35.95 8.61 0.30
N ASN D 277 -35.98 9.89 -0.04
CA ASN D 277 -35.31 10.38 -1.23
C ASN D 277 -33.92 10.77 -0.75
N ILE D 278 -32.97 9.87 -0.91
CA ILE D 278 -31.62 10.10 -0.39
C ILE D 278 -30.74 11.11 -1.07
N GLY D 279 -31.11 11.55 -2.26
CA GLY D 279 -30.25 12.53 -2.90
C GLY D 279 -29.12 11.82 -3.60
N VAL D 280 -27.95 12.45 -3.66
CA VAL D 280 -26.85 11.84 -4.40
C VAL D 280 -25.48 11.78 -3.71
N GLY D 281 -24.82 10.64 -3.91
CA GLY D 281 -23.51 10.43 -3.35
C GLY D 281 -23.41 9.40 -2.24
N PRO D 282 -22.25 8.77 -2.09
CA PRO D 282 -22.05 7.76 -1.05
C PRO D 282 -22.08 8.37 0.36
N SER D 283 -21.62 9.62 0.49
CA SER D 283 -21.59 10.27 1.79
C SER D 283 -22.96 10.37 2.41
N ASN D 284 -23.93 10.71 1.59
CA ASN D 284 -25.28 10.88 2.08
C ASN D 284 -25.93 9.54 2.28
N ALA D 285 -25.60 8.58 1.42
CA ALA D 285 -26.16 7.25 1.55
C ALA D 285 -25.68 6.71 2.89
N LYS D 286 -24.41 6.94 3.20
CA LYS D 286 -23.88 6.44 4.45
C LYS D 286 -24.56 7.09 5.64
N THR D 287 -24.69 8.40 5.58
CA THR D 287 -25.31 9.13 6.68
C THR D 287 -26.73 8.68 7.04
N ILE D 288 -27.62 8.64 6.04
CA ILE D 288 -28.98 8.25 6.29
C ILE D 288 -29.09 6.83 6.86
N CYS D 289 -28.29 5.89 6.38
CA CYS D 289 -28.36 4.53 6.89
C CYS D 289 -27.82 4.44 8.33
N ASP D 290 -26.79 5.23 8.64
CA ASP D 290 -26.24 5.25 10.00
C ASP D 290 -27.38 5.49 10.99
N HIS D 291 -28.32 6.36 10.63
CA HIS D 291 -29.41 6.68 11.54
C HIS D 291 -30.61 5.78 11.45
N LEU D 292 -31.06 5.50 10.24
CA LEU D 292 -32.21 4.64 10.06
C LEU D 292 -31.94 3.26 10.68
N ALA D 293 -30.67 2.88 10.80
CA ALA D 293 -30.37 1.57 11.35
C ALA D 293 -30.86 1.33 12.78
N VAL D 294 -30.99 2.41 13.56
CA VAL D 294 -31.42 2.24 14.93
C VAL D 294 -32.89 1.86 15.05
N LEU D 295 -33.68 2.13 14.00
CA LEU D 295 -35.09 1.78 14.01
C LEU D 295 -35.30 0.29 13.70
N ARG D 296 -34.19 -0.40 13.43
CA ARG D 296 -34.20 -1.82 13.13
C ARG D 296 -35.20 -2.24 12.05
N PRO D 297 -35.08 -1.66 10.85
CA PRO D 297 -35.97 -1.95 9.72
C PRO D 297 -35.93 -3.44 9.37
N ASP D 298 -36.94 -3.91 8.65
CA ASP D 298 -36.98 -5.30 8.24
C ASP D 298 -36.23 -5.45 6.93
N VAL D 299 -36.16 -4.37 6.17
CA VAL D 299 -35.45 -4.40 4.90
C VAL D 299 -35.43 -3.04 4.22
N TRP D 300 -34.38 -2.78 3.45
CA TRP D 300 -34.35 -1.54 2.70
C TRP D 300 -33.85 -1.81 1.30
N LEU D 301 -34.59 -1.30 0.32
CA LEU D 301 -34.29 -1.52 -1.07
C LEU D 301 -33.91 -0.24 -1.77
N MSE D 302 -32.92 -0.33 -2.63
CA MSE D 302 -32.47 0.81 -3.41
C MSE D 302 -33.22 0.73 -4.74
O MSE D 302 -33.03 -0.23 -5.50
CB MSE D 302 -30.97 0.70 -3.66
CG MSE D 302 -30.38 1.80 -4.55
SE MSE D 302 -30.49 3.56 -3.74
CE MSE D 302 -31.39 4.49 -5.18
N ILE D 303 -34.08 1.70 -5.01
CA ILE D 303 -34.83 1.76 -6.26
C ILE D 303 -34.50 3.09 -6.91
N GLY D 304 -33.52 3.09 -7.80
CA GLY D 304 -33.13 4.32 -8.45
C GLY D 304 -32.51 4.15 -9.82
N HIS D 305 -32.00 5.27 -10.34
CA HIS D 305 -31.35 5.30 -11.64
C HIS D 305 -29.89 4.92 -11.58
N CYS D 306 -29.37 4.49 -12.72
CA CYS D 306 -27.98 4.08 -12.86
C CYS D 306 -27.62 4.19 -14.33
N GLY D 307 -26.34 4.10 -14.66
CA GLY D 307 -25.92 4.16 -16.04
C GLY D 307 -25.67 2.74 -16.49
N GLY D 308 -26.14 2.37 -17.68
CA GLY D 308 -25.92 1.03 -18.19
C GLY D 308 -24.57 1.01 -18.87
N LEU D 309 -23.79 -0.05 -18.66
CA LEU D 309 -22.47 -0.10 -19.26
C LEU D 309 -22.37 -1.09 -20.42
N ARG D 310 -23.42 -1.87 -20.64
CA ARG D 310 -23.42 -2.86 -21.72
C ARG D 310 -24.13 -2.39 -22.99
N GLU D 311 -23.56 -2.69 -24.15
CA GLU D 311 -24.18 -2.27 -25.41
C GLU D 311 -25.58 -2.83 -25.60
N SER D 312 -25.81 -4.06 -25.14
CA SER D 312 -27.13 -4.68 -25.29
C SER D 312 -28.18 -4.12 -24.33
N GLN D 313 -27.81 -3.19 -23.46
CA GLN D 313 -28.76 -2.60 -22.52
C GLN D 313 -29.49 -1.44 -23.14
N ALA D 314 -30.78 -1.34 -22.82
CA ALA D 314 -31.60 -0.27 -23.35
C ALA D 314 -32.09 0.63 -22.21
N ILE D 315 -32.14 1.92 -22.47
CA ILE D 315 -32.63 2.83 -21.46
C ILE D 315 -33.98 2.29 -21.02
N GLY D 316 -34.17 2.17 -19.71
CA GLY D 316 -35.43 1.66 -19.20
C GLY D 316 -35.30 0.23 -18.69
N ASP D 317 -34.22 -0.45 -19.04
CA ASP D 317 -34.02 -1.82 -18.58
C ASP D 317 -33.72 -1.83 -17.08
N TYR D 318 -33.79 -3.00 -16.48
CA TYR D 318 -33.54 -3.14 -15.06
C TYR D 318 -32.26 -3.90 -14.77
N VAL D 319 -31.64 -3.55 -13.66
CA VAL D 319 -30.42 -4.18 -13.21
C VAL D 319 -30.60 -4.63 -11.77
N LEU D 320 -30.46 -5.93 -11.55
CA LEU D 320 -30.56 -6.52 -10.23
C LEU D 320 -29.13 -6.82 -9.80
N ALA D 321 -28.63 -6.07 -8.82
CA ALA D 321 -27.26 -6.28 -8.37
C ALA D 321 -27.01 -7.59 -7.65
N HIS D 322 -26.05 -8.39 -8.13
CA HIS D 322 -25.74 -9.63 -7.42
C HIS D 322 -24.40 -9.47 -6.70
N ALA D 323 -23.78 -8.30 -6.87
CA ALA D 323 -22.49 -8.00 -6.25
C ALA D 323 -22.16 -6.53 -6.49
N TYR D 324 -21.23 -5.98 -5.70
CA TYR D 324 -20.86 -4.58 -5.82
C TYR D 324 -19.35 -4.33 -5.92
N LEU D 325 -18.95 -3.47 -6.85
CA LEU D 325 -17.56 -3.09 -6.95
C LEU D 325 -17.56 -1.77 -6.16
N ARG D 326 -17.05 -1.82 -4.92
CA ARG D 326 -17.04 -0.67 -4.04
C ARG D 326 -15.98 0.40 -4.31
N ASP D 327 -16.27 1.33 -5.19
CA ASP D 327 -15.35 2.42 -5.49
C ASP D 327 -15.92 3.70 -4.84
N ASP D 328 -16.70 3.53 -3.77
CA ASP D 328 -17.32 4.66 -3.07
C ASP D 328 -16.47 5.27 -1.96
N HIS D 329 -15.45 4.54 -1.51
CA HIS D 329 -14.47 4.98 -0.50
C HIS D 329 -14.96 5.28 0.90
N VAL D 330 -16.12 5.90 1.01
CA VAL D 330 -16.67 6.31 2.28
C VAL D 330 -16.70 5.26 3.39
N LEU D 331 -16.76 3.97 3.07
CA LEU D 331 -16.78 2.95 4.11
C LEU D 331 -15.52 2.07 4.19
N ASP D 332 -14.51 2.37 3.40
CA ASP D 332 -13.26 1.60 3.40
C ASP D 332 -12.62 1.41 4.78
N ALA D 333 -12.63 2.41 5.63
CA ALA D 333 -12.01 2.26 6.93
C ALA D 333 -12.72 1.26 7.84
N VAL D 334 -14.05 1.34 7.93
CA VAL D 334 -14.77 0.42 8.82
C VAL D 334 -15.05 -0.95 8.20
N LEU D 335 -15.05 -1.02 6.88
CA LEU D 335 -15.33 -2.27 6.16
C LEU D 335 -14.48 -2.27 4.90
N PRO D 336 -13.24 -2.78 4.99
CA PRO D 336 -12.31 -2.82 3.84
C PRO D 336 -12.93 -3.37 2.56
N PRO D 337 -12.55 -2.80 1.41
CA PRO D 337 -13.06 -3.20 0.08
C PRO D 337 -12.92 -4.66 -0.29
N ASP D 338 -12.08 -5.40 0.41
CA ASP D 338 -11.93 -6.81 0.11
C ASP D 338 -12.88 -7.70 0.89
N ILE D 339 -13.62 -7.15 1.85
CA ILE D 339 -14.59 -7.94 2.59
C ILE D 339 -15.76 -8.06 1.61
N PRO D 340 -16.17 -9.27 1.27
CA PRO D 340 -17.28 -9.43 0.32
C PRO D 340 -18.67 -9.11 0.85
N ILE D 341 -19.41 -8.28 0.10
CA ILE D 341 -20.77 -7.93 0.47
C ILE D 341 -21.67 -8.82 -0.41
N PRO D 342 -22.26 -9.88 0.18
CA PRO D 342 -23.12 -10.80 -0.55
C PRO D 342 -24.56 -10.31 -0.83
N SER D 343 -25.30 -11.12 -1.58
CA SER D 343 -26.68 -10.83 -1.91
C SER D 343 -27.52 -11.61 -0.93
N ILE D 344 -28.67 -11.08 -0.56
CA ILE D 344 -29.56 -11.80 0.33
C ILE D 344 -30.53 -12.50 -0.63
N ALA D 345 -30.44 -13.82 -0.70
CA ALA D 345 -31.27 -14.64 -1.57
C ALA D 345 -32.75 -14.30 -1.52
N GLU D 346 -33.31 -14.22 -0.32
CA GLU D 346 -34.73 -13.91 -0.18
C GLU D 346 -35.06 -12.60 -0.85
N VAL D 347 -34.25 -11.57 -0.61
CA VAL D 347 -34.49 -10.26 -1.21
C VAL D 347 -34.33 -10.32 -2.72
N GLN D 348 -33.36 -11.09 -3.18
CA GLN D 348 -33.10 -11.23 -4.62
C GLN D 348 -34.27 -11.86 -5.36
N ARG D 349 -34.88 -12.90 -4.79
CA ARG D 349 -36.02 -13.57 -5.41
C ARG D 349 -37.21 -12.64 -5.43
N ALA D 350 -37.41 -11.95 -4.31
CA ALA D 350 -38.51 -11.03 -4.21
C ALA D 350 -38.39 -9.99 -5.32
N LEU D 351 -37.21 -9.39 -5.47
CA LEU D 351 -36.99 -8.39 -6.51
C LEU D 351 -37.18 -8.98 -7.90
N TYR D 352 -36.72 -10.22 -8.07
CA TYR D 352 -36.84 -10.91 -9.35
C TYR D 352 -38.31 -11.21 -9.67
N ASP D 353 -38.98 -11.88 -8.75
CA ASP D 353 -40.39 -12.21 -8.95
C ASP D 353 -41.22 -10.97 -9.17
N ALA D 354 -41.00 -9.96 -8.33
CA ALA D 354 -41.74 -8.73 -8.46
C ALA D 354 -41.53 -8.15 -9.84
N THR D 355 -40.34 -8.33 -10.39
CA THR D 355 -40.05 -7.80 -11.73
C THR D 355 -40.85 -8.57 -12.78
N LYS D 356 -40.97 -9.88 -12.61
CA LYS D 356 -41.74 -10.70 -13.55
C LYS D 356 -43.18 -10.24 -13.57
N LEU D 357 -43.82 -10.27 -12.41
CA LEU D 357 -45.20 -9.86 -12.28
C LEU D 357 -45.46 -8.49 -12.88
N VAL D 358 -44.99 -7.43 -12.23
CA VAL D 358 -45.22 -6.07 -12.70
C VAL D 358 -44.81 -5.80 -14.16
N SER D 359 -43.58 -6.13 -14.51
CA SER D 359 -43.07 -5.91 -15.87
C SER D 359 -43.37 -7.16 -16.69
N GLY D 360 -44.62 -7.56 -16.75
CA GLY D 360 -44.94 -8.76 -17.49
C GLY D 360 -45.62 -8.59 -18.82
N ARG D 361 -44.89 -8.86 -19.89
CA ARG D 361 -45.42 -8.80 -21.25
C ARG D 361 -45.44 -10.26 -21.70
N PRO D 362 -46.60 -10.76 -22.18
CA PRO D 362 -46.76 -12.14 -22.64
C PRO D 362 -45.57 -12.77 -23.39
N GLY D 363 -45.43 -12.43 -24.67
CA GLY D 363 -44.39 -12.99 -25.51
C GLY D 363 -42.89 -12.84 -25.22
N GLU D 364 -42.49 -12.30 -24.08
CA GLU D 364 -41.07 -12.16 -23.80
C GLU D 364 -40.58 -12.66 -22.44
N GLU D 365 -39.28 -12.91 -22.36
CA GLU D 365 -38.62 -13.39 -21.15
C GLU D 365 -38.16 -12.16 -20.36
N VAL D 366 -37.94 -12.31 -19.06
CA VAL D 366 -37.49 -11.18 -18.27
C VAL D 366 -36.08 -10.79 -18.68
N LYS D 367 -35.25 -11.80 -19.00
CA LYS D 367 -33.87 -11.59 -19.41
C LYS D 367 -33.68 -10.41 -20.37
N GLN D 368 -34.66 -10.19 -21.24
CA GLN D 368 -34.58 -9.11 -22.23
C GLN D 368 -34.73 -7.72 -21.60
N ARG D 369 -35.40 -7.69 -20.46
CA ARG D 369 -35.65 -6.44 -19.78
C ARG D 369 -34.85 -6.34 -18.46
N LEU D 370 -34.41 -7.48 -17.93
CA LEU D 370 -33.68 -7.53 -16.68
C LEU D 370 -32.31 -8.22 -16.73
N ARG D 371 -31.30 -7.51 -16.28
CA ARG D 371 -29.95 -8.05 -16.27
C ARG D 371 -29.51 -8.16 -14.82
N THR D 372 -29.01 -9.33 -14.43
CA THR D 372 -28.54 -9.50 -13.07
C THR D 372 -27.02 -9.46 -13.14
N GLY D 373 -26.38 -8.57 -12.38
CA GLY D 373 -24.94 -8.46 -12.43
C GLY D 373 -24.30 -7.54 -11.40
N THR D 374 -23.02 -7.29 -11.60
CA THR D 374 -22.27 -6.46 -10.70
C THR D 374 -22.44 -4.99 -11.01
N VAL D 375 -22.70 -4.22 -9.96
CA VAL D 375 -22.88 -2.79 -10.08
C VAL D 375 -21.70 -2.04 -9.47
N VAL D 376 -21.21 -1.02 -10.17
CA VAL D 376 -20.10 -0.24 -9.67
C VAL D 376 -20.67 0.99 -8.98
N THR D 377 -20.32 1.22 -7.73
CA THR D 377 -20.77 2.41 -7.03
C THR D 377 -19.54 3.32 -6.88
N THR D 378 -19.61 4.53 -7.43
CA THR D 378 -18.47 5.45 -7.35
C THR D 378 -18.80 6.75 -6.65
N ASP D 379 -17.78 7.45 -6.17
CA ASP D 379 -18.01 8.73 -5.53
C ASP D 379 -17.64 9.81 -6.52
N ASP D 380 -17.35 9.40 -7.75
CA ASP D 380 -16.96 10.33 -8.81
C ASP D 380 -17.97 10.38 -9.96
N ARG D 381 -18.95 11.26 -9.83
CA ARG D 381 -19.98 11.41 -10.86
C ARG D 381 -19.40 11.49 -12.27
N ASN D 382 -18.30 12.22 -12.41
CA ASN D 382 -17.68 12.38 -13.71
C ASN D 382 -16.60 11.39 -14.05
N TRP D 383 -16.75 10.16 -13.57
CA TRP D 383 -15.79 9.11 -13.89
C TRP D 383 -15.50 9.00 -15.38
N GLU D 384 -16.46 9.39 -16.22
CA GLU D 384 -16.28 9.34 -17.68
C GLU D 384 -15.06 10.13 -18.14
N LEU D 385 -14.73 11.20 -17.42
CA LEU D 385 -13.59 12.00 -17.80
C LEU D 385 -12.29 11.21 -17.66
N ARG D 386 -12.39 10.00 -17.12
CA ARG D 386 -11.23 9.15 -16.93
C ARG D 386 -11.56 7.73 -17.30
N TYR D 387 -12.27 7.51 -18.39
CA TYR D 387 -12.64 6.14 -18.75
C TYR D 387 -11.49 5.12 -18.77
N SER D 388 -10.39 5.43 -19.45
CA SER D 388 -9.27 4.49 -19.51
C SER D 388 -8.89 3.95 -18.13
N ALA D 389 -8.72 4.85 -17.17
CA ALA D 389 -8.37 4.45 -15.81
C ALA D 389 -9.40 3.53 -15.18
N SER D 390 -10.66 3.68 -15.57
CA SER D 390 -11.72 2.87 -15.01
C SER D 390 -11.97 1.58 -15.78
N ALA D 391 -11.88 1.66 -17.10
CA ALA D 391 -12.11 0.54 -17.99
C ALA D 391 -11.63 -0.81 -17.46
N LEU D 392 -10.40 -0.86 -16.97
CA LEU D 392 -9.85 -2.10 -16.46
C LEU D 392 -10.68 -2.66 -15.29
N ARG D 393 -11.14 -1.80 -14.39
CA ARG D 393 -11.93 -2.23 -13.25
C ARG D 393 -13.30 -2.74 -13.68
N PHE D 394 -13.95 -2.01 -14.58
CA PHE D 394 -15.26 -2.40 -15.08
C PHE D 394 -15.17 -3.79 -15.66
N ASN D 395 -14.15 -4.00 -16.50
CA ASN D 395 -13.96 -5.28 -17.14
C ASN D 395 -13.61 -6.37 -16.16
N LEU D 396 -12.72 -6.08 -15.22
CA LEU D 396 -12.32 -7.05 -14.22
C LEU D 396 -13.52 -7.47 -13.37
N SER D 397 -14.44 -6.53 -13.11
CA SER D 397 -15.61 -6.85 -12.29
C SER D 397 -16.84 -7.25 -13.08
N ARG D 398 -16.70 -7.33 -14.40
CA ARG D 398 -17.82 -7.70 -15.26
C ARG D 398 -18.97 -6.74 -14.97
N ALA D 399 -18.61 -5.49 -14.68
CA ALA D 399 -19.59 -4.46 -14.34
C ALA D 399 -20.71 -4.38 -15.35
N VAL D 400 -21.93 -4.19 -14.84
CA VAL D 400 -23.10 -4.13 -15.67
C VAL D 400 -23.76 -2.74 -15.63
N ALA D 401 -23.55 -2.03 -14.51
CA ALA D 401 -24.10 -0.70 -14.33
C ALA D 401 -23.26 0.10 -13.34
N ILE D 402 -23.52 1.39 -13.27
CA ILE D 402 -22.78 2.26 -12.38
C ILE D 402 -23.66 3.33 -11.76
N ASP D 403 -23.56 3.46 -10.44
CA ASP D 403 -24.34 4.46 -9.73
C ASP D 403 -23.49 5.06 -8.61
N MSE D 404 -24.12 5.79 -7.70
CA MSE D 404 -23.39 6.42 -6.62
C MSE D 404 -23.94 6.14 -5.22
O MSE D 404 -23.51 6.80 -4.27
CB MSE D 404 -23.35 7.94 -6.84
CG MSE D 404 -22.68 8.37 -8.15
SE MSE D 404 -22.62 10.32 -8.48
CE MSE D 404 -21.44 10.83 -7.02
N GLU D 405 -24.84 5.19 -5.07
CA GLU D 405 -25.40 4.88 -3.74
C GLU D 405 -25.55 3.41 -3.39
N SER D 406 -25.82 2.56 -4.38
CA SER D 406 -26.02 1.12 -4.17
C SER D 406 -25.11 0.41 -3.18
N ALA D 407 -23.83 0.27 -3.54
CA ALA D 407 -22.89 -0.42 -2.65
C ALA D 407 -22.87 0.15 -1.25
N THR D 408 -23.07 1.46 -1.11
CA THR D 408 -23.07 2.08 0.19
C THR D 408 -24.29 1.60 0.98
N ILE D 409 -25.46 1.69 0.36
CA ILE D 409 -26.69 1.24 1.03
C ILE D 409 -26.58 -0.23 1.40
N ALA D 410 -26.05 -1.04 0.48
CA ALA D 410 -25.90 -2.47 0.71
C ALA D 410 -24.88 -2.77 1.84
N ALA D 411 -23.74 -2.11 1.77
CA ALA D 411 -22.71 -2.31 2.77
C ALA D 411 -23.25 -1.90 4.15
N GLN D 412 -24.01 -0.82 4.19
CA GLN D 412 -24.57 -0.37 5.46
C GLN D 412 -25.56 -1.40 5.97
N GLY D 413 -26.37 -1.94 5.07
CA GLY D 413 -27.33 -2.95 5.48
C GLY D 413 -26.58 -4.13 6.09
N TYR D 414 -25.54 -4.53 5.39
CA TYR D 414 -24.70 -5.62 5.82
C TYR D 414 -24.13 -5.33 7.21
N ARG D 415 -23.59 -4.13 7.41
CA ARG D 415 -23.00 -3.76 8.71
C ARG D 415 -24.02 -3.73 9.85
N PHE D 416 -25.21 -3.22 9.58
CA PHE D 416 -26.21 -3.12 10.62
C PHE D 416 -27.24 -4.24 10.63
N ARG D 417 -26.93 -5.35 9.97
CA ARG D 417 -27.86 -6.49 9.92
C ARG D 417 -29.25 -6.11 9.45
N VAL D 418 -29.34 -5.35 8.37
CA VAL D 418 -30.63 -4.97 7.83
C VAL D 418 -30.65 -5.56 6.44
N PRO D 419 -31.55 -6.53 6.19
CA PRO D 419 -31.61 -7.12 4.85
C PRO D 419 -31.67 -6.01 3.78
N TYR D 420 -31.00 -6.23 2.66
CA TYR D 420 -30.92 -5.21 1.63
C TYR D 420 -30.95 -5.77 0.20
N GLY D 421 -31.29 -4.89 -0.73
CA GLY D 421 -31.35 -5.28 -2.12
C GLY D 421 -31.35 -4.06 -3.01
N THR D 422 -30.91 -4.26 -4.26
CA THR D 422 -30.82 -3.19 -5.21
C THR D 422 -31.40 -3.56 -6.57
N LEU D 423 -32.33 -2.75 -7.05
CA LEU D 423 -32.93 -2.96 -8.36
C LEU D 423 -32.91 -1.62 -9.04
N LEU D 424 -31.96 -1.42 -9.93
CA LEU D 424 -31.81 -0.13 -10.60
C LEU D 424 -32.43 -0.10 -12.00
N CYS D 425 -32.66 1.11 -12.50
CA CYS D 425 -33.22 1.29 -13.83
C CYS D 425 -32.27 2.13 -14.67
N VAL D 426 -31.85 1.59 -15.81
CA VAL D 426 -30.93 2.29 -16.70
C VAL D 426 -31.52 3.61 -17.21
N SER D 427 -30.87 4.73 -16.89
CA SER D 427 -31.34 6.04 -17.29
C SER D 427 -30.44 6.63 -18.36
N ASP D 428 -29.30 6.01 -18.60
CA ASP D 428 -28.38 6.49 -19.61
C ASP D 428 -27.34 5.45 -19.96
N LYS D 429 -26.66 5.65 -21.08
CA LYS D 429 -25.63 4.74 -21.53
C LYS D 429 -24.41 5.57 -21.88
N PRO D 430 -23.63 5.91 -20.84
CA PRO D 430 -22.41 6.73 -20.88
C PRO D 430 -21.36 6.25 -21.86
N LEU D 431 -21.23 4.94 -22.01
CA LEU D 431 -20.23 4.39 -22.90
C LEU D 431 -20.68 4.27 -24.36
N HIS D 432 -21.98 4.41 -24.62
CA HIS D 432 -22.48 4.27 -25.98
C HIS D 432 -23.22 5.46 -26.56
N GLY D 433 -22.66 6.65 -26.37
CA GLY D 433 -23.26 7.86 -26.90
C GLY D 433 -24.72 8.08 -26.61
N GLU D 434 -25.06 8.11 -25.33
CA GLU D 434 -26.44 8.33 -24.87
C GLU D 434 -26.36 8.83 -23.44
N ILE D 435 -25.73 9.98 -23.26
CA ILE D 435 -25.55 10.56 -21.94
C ILE D 435 -26.72 11.47 -21.57
N LYS D 436 -26.67 12.01 -20.35
CA LYS D 436 -27.70 12.91 -19.85
C LYS D 436 -27.32 14.36 -20.20
N GLY D 447 -42.03 8.59 -16.62
CA GLY D 447 -42.02 7.53 -17.61
C GLY D 447 -42.18 6.16 -16.97
N ALA D 448 -41.16 5.31 -17.15
CA ALA D 448 -41.13 3.95 -16.59
C ALA D 448 -40.89 3.99 -15.08
N ILE D 449 -41.00 5.19 -14.52
CA ILE D 449 -40.81 5.41 -13.09
C ILE D 449 -41.88 4.62 -12.34
N SER D 450 -43.12 4.73 -12.81
CA SER D 450 -44.25 4.08 -12.17
C SER D 450 -44.05 2.56 -12.06
N GLU D 451 -43.66 1.93 -13.15
CA GLU D 451 -43.45 0.48 -13.14
C GLU D 451 -42.32 0.10 -12.18
N HIS D 452 -41.22 0.84 -12.25
CA HIS D 452 -40.07 0.60 -11.40
C HIS D 452 -40.50 0.66 -9.94
N LEU D 453 -41.18 1.73 -9.57
CA LEU D 453 -41.65 1.89 -8.22
C LEU D 453 -42.59 0.75 -7.84
N GLN D 454 -43.38 0.27 -8.79
CA GLN D 454 -44.30 -0.81 -8.49
C GLN D 454 -43.54 -2.09 -8.20
N ILE D 455 -42.45 -2.31 -8.91
CA ILE D 455 -41.64 -3.50 -8.67
C ILE D 455 -41.13 -3.43 -7.23
N GLY D 456 -40.64 -2.26 -6.83
CA GLY D 456 -40.16 -2.09 -5.47
C GLY D 456 -41.24 -2.40 -4.45
N ILE D 457 -42.43 -1.84 -4.68
CA ILE D 457 -43.53 -2.05 -3.76
C ILE D 457 -43.98 -3.52 -3.71
N ARG D 458 -44.05 -4.15 -4.89
CA ARG D 458 -44.48 -5.55 -4.94
C ARG D 458 -43.44 -6.44 -4.23
N ALA D 459 -42.17 -6.06 -4.35
CA ALA D 459 -41.10 -6.80 -3.70
C ALA D 459 -41.32 -6.69 -2.18
N ILE D 460 -41.61 -5.49 -1.72
CA ILE D 460 -41.88 -5.29 -0.31
C ILE D 460 -43.01 -6.26 0.08
N ASP D 461 -44.13 -6.21 -0.65
CA ASP D 461 -45.28 -7.07 -0.37
C ASP D 461 -44.86 -8.52 -0.26
N LEU D 462 -44.12 -9.01 -1.26
CA LEU D 462 -43.65 -10.39 -1.23
C LEU D 462 -42.85 -10.67 0.02
N LEU D 463 -41.97 -9.75 0.40
CA LEU D 463 -41.15 -9.93 1.60
C LEU D 463 -41.95 -9.82 2.88
N ARG D 464 -42.99 -8.98 2.88
CA ARG D 464 -43.81 -8.79 4.07
C ARG D 464 -44.59 -10.06 4.38
N ALA D 465 -45.10 -10.71 3.34
CA ALA D 465 -45.86 -11.95 3.51
C ALA D 465 -44.89 -13.05 3.89
N GLU D 466 -43.65 -12.92 3.40
CA GLU D 466 -42.58 -13.87 3.65
C GLU D 466 -42.43 -14.14 5.14
N GLY D 467 -42.87 -13.19 5.96
CA GLY D 467 -42.77 -13.35 7.41
C GLY D 467 -41.36 -13.23 7.93
N ASP D 468 -40.86 -14.30 8.54
CA ASP D 468 -39.50 -14.30 9.09
C ASP D 468 -38.46 -14.84 8.11
N ARG D 469 -38.92 -15.50 7.05
CA ARG D 469 -38.01 -16.04 6.04
C ARG D 469 -37.13 -14.91 5.52
N LEU D 470 -37.57 -13.68 5.76
CA LEU D 470 -36.85 -12.49 5.34
C LEU D 470 -35.47 -12.45 5.97
N HIS D 471 -35.42 -12.63 7.29
CA HIS D 471 -34.16 -12.62 8.03
C HIS D 471 -33.48 -14.00 8.01
N SER D 472 -32.20 -14.02 7.65
CA SER D 472 -31.41 -15.24 7.60
C SER D 472 -30.18 -15.03 8.46
N ARG D 473 -29.25 -15.96 8.40
CA ARG D 473 -28.03 -15.86 9.19
C ARG D 473 -26.85 -15.25 8.41
N LYS D 474 -27.07 -14.93 7.15
CA LYS D 474 -26.01 -14.38 6.32
C LYS D 474 -25.40 -13.09 6.88
N LEU D 475 -26.13 -12.38 7.73
CA LEU D 475 -25.63 -11.14 8.28
C LEU D 475 -25.16 -11.23 9.74
N ARG D 476 -25.36 -12.40 10.35
CA ARG D 476 -24.95 -12.60 11.74
C ARG D 476 -23.43 -12.59 11.95
N THR D 477 -23.04 -11.94 13.03
CA THR D 477 -21.65 -11.83 13.45
C THR D 477 -21.38 -12.94 14.49
N PHE D 478 -20.12 -13.19 14.82
CA PHE D 478 -19.79 -14.22 15.80
C PHE D 478 -20.28 -13.81 17.20
N ASN D 479 -20.20 -12.51 17.48
CA ASN D 479 -20.61 -11.93 18.74
C ASN D 479 -21.97 -11.23 18.59
N GLU D 480 -22.80 -11.74 17.70
CA GLU D 480 -24.11 -11.14 17.43
C GLU D 480 -24.95 -10.92 18.68
N PRO D 481 -25.46 -9.69 18.85
CA PRO D 481 -26.27 -9.39 20.02
C PRO D 481 -27.60 -10.19 19.91
N PRO D 482 -28.19 -10.57 21.05
CA PRO D 482 -29.46 -11.32 21.09
C PRO D 482 -30.60 -10.63 20.34
N PHE D 483 -30.76 -9.33 20.54
CA PHE D 483 -31.81 -8.55 19.87
C PHE D 483 -31.61 -8.45 18.37
N ARG D 484 -32.70 -8.55 17.61
CA ARG D 484 -32.64 -8.49 16.15
C ARG D 484 -31.94 -7.22 15.60
N LEU E 8 -18.68 -20.39 -46.71
CA LEU E 8 -18.26 -21.69 -46.11
C LEU E 8 -19.15 -22.04 -44.90
N THR E 9 -19.57 -23.30 -44.80
CA THR E 9 -20.45 -23.76 -43.71
C THR E 9 -19.75 -24.43 -42.53
N PRO E 10 -20.48 -24.60 -41.42
CA PRO E 10 -19.93 -25.23 -40.20
C PRO E 10 -19.30 -26.58 -40.48
N ALA E 11 -20.06 -27.49 -41.10
CA ALA E 11 -19.57 -28.82 -41.42
C ALA E 11 -18.35 -28.74 -42.33
N GLN E 12 -18.38 -27.81 -43.28
CA GLN E 12 -17.26 -27.64 -44.20
C GLN E 12 -16.01 -27.15 -43.48
N ALA E 13 -16.20 -26.14 -42.62
CA ALA E 13 -15.10 -25.58 -41.85
C ALA E 13 -14.45 -26.64 -40.98
N LEU E 14 -15.26 -27.47 -40.34
CA LEU E 14 -14.73 -28.53 -39.49
C LEU E 14 -13.88 -29.50 -40.29
N ASP E 15 -14.37 -29.86 -41.48
CA ASP E 15 -13.64 -30.79 -42.34
C ASP E 15 -12.31 -30.21 -42.81
N LYS E 16 -12.30 -28.92 -43.18
CA LYS E 16 -11.06 -28.31 -43.64
C LYS E 16 -10.06 -28.15 -42.48
N LEU E 17 -10.58 -27.87 -41.29
CA LEU E 17 -9.71 -27.73 -40.13
C LEU E 17 -9.03 -29.08 -39.87
N ASP E 18 -9.82 -30.16 -39.91
CA ASP E 18 -9.29 -31.50 -39.70
C ASP E 18 -8.18 -31.79 -40.71
N ALA E 19 -8.46 -31.45 -41.97
CA ALA E 19 -7.48 -31.68 -43.04
C ALA E 19 -6.20 -30.92 -42.77
N LEU E 20 -6.28 -29.59 -42.74
CA LEU E 20 -5.11 -28.78 -42.51
C LEU E 20 -4.31 -29.20 -41.28
N TYR E 21 -5.01 -29.49 -40.18
CA TYR E 21 -4.35 -29.90 -38.95
C TYR E 21 -3.65 -31.24 -39.13
N GLU E 22 -4.42 -32.25 -39.55
CA GLU E 22 -3.88 -33.59 -39.77
C GLU E 22 -2.64 -33.52 -40.62
N GLN E 23 -2.71 -32.72 -41.69
CA GLN E 23 -1.60 -32.58 -42.61
C GLN E 23 -0.33 -32.06 -41.93
N SER E 24 -0.47 -30.96 -41.20
CA SER E 24 0.67 -30.37 -40.52
C SER E 24 1.31 -31.29 -39.49
N VAL E 25 0.49 -31.93 -38.69
CA VAL E 25 1.02 -32.82 -37.67
C VAL E 25 1.77 -33.98 -38.33
N VAL E 26 1.23 -34.48 -39.43
CA VAL E 26 1.88 -35.59 -40.15
C VAL E 26 3.18 -35.09 -40.79
N ALA E 27 3.13 -33.88 -41.35
CA ALA E 27 4.29 -33.28 -41.98
C ALA E 27 5.40 -33.05 -40.96
N LEU E 28 5.02 -32.65 -39.75
CA LEU E 28 5.98 -32.39 -38.70
C LEU E 28 6.56 -33.70 -38.19
N ARG E 29 5.69 -34.68 -37.94
CA ARG E 29 6.13 -35.99 -37.46
C ARG E 29 7.10 -36.61 -38.45
N ASN E 30 6.79 -36.42 -39.72
CA ASN E 30 7.60 -36.93 -40.81
C ASN E 30 9.00 -36.31 -40.72
N ALA E 31 9.05 -34.98 -40.74
CA ALA E 31 10.31 -34.26 -40.67
C ALA E 31 11.16 -34.67 -39.46
N ILE E 32 10.49 -34.95 -38.34
CA ILE E 32 11.20 -35.34 -37.13
C ILE E 32 11.84 -36.71 -37.31
N GLY E 33 11.12 -37.62 -37.96
CA GLY E 33 11.64 -38.95 -38.19
C GLY E 33 12.85 -38.87 -39.08
N ASN E 34 12.74 -38.09 -40.15
CA ASN E 34 13.84 -37.90 -41.10
C ASN E 34 15.10 -37.38 -40.42
N TYR E 35 14.94 -36.42 -39.52
CA TYR E 35 16.09 -35.86 -38.83
C TYR E 35 16.72 -36.90 -37.94
N ILE E 36 15.89 -37.58 -37.14
CA ILE E 36 16.37 -38.60 -36.22
C ILE E 36 17.14 -39.72 -36.90
N THR E 37 16.66 -40.15 -38.05
CA THR E 37 17.30 -41.23 -38.79
C THR E 37 18.46 -40.81 -39.71
N SER E 38 18.22 -39.79 -40.54
CA SER E 38 19.24 -39.32 -41.46
C SER E 38 19.74 -37.88 -41.27
N GLY E 39 19.52 -37.32 -40.09
CA GLY E 39 19.97 -35.96 -39.82
C GLY E 39 19.51 -34.94 -40.85
N GLU E 40 18.46 -35.28 -41.58
CA GLU E 40 17.91 -34.41 -42.60
C GLU E 40 17.02 -33.30 -42.00
N LEU E 41 17.19 -32.08 -42.49
CA LEU E 41 16.40 -30.93 -42.02
C LEU E 41 15.32 -30.53 -43.02
N PRO E 42 14.25 -29.88 -42.55
CA PRO E 42 13.14 -29.42 -43.42
C PRO E 42 13.59 -28.21 -44.22
N ASP E 43 12.88 -27.92 -45.32
CA ASP E 43 13.25 -26.79 -46.16
C ASP E 43 12.50 -25.53 -45.75
N GLU E 44 13.25 -24.45 -45.57
CA GLU E 44 12.70 -23.16 -45.15
C GLU E 44 11.48 -22.72 -45.95
N ASN E 45 11.51 -22.95 -47.26
CA ASN E 45 10.40 -22.55 -48.13
C ASN E 45 9.07 -23.21 -47.76
N ALA E 46 9.11 -24.53 -47.59
CA ALA E 46 7.91 -25.28 -47.24
C ALA E 46 7.29 -24.78 -45.94
N ARG E 47 8.11 -24.63 -44.91
CA ARG E 47 7.65 -24.16 -43.61
C ARG E 47 7.00 -22.79 -43.76
N LYS E 48 7.67 -21.89 -44.46
CA LYS E 48 7.17 -20.55 -44.71
C LYS E 48 5.88 -20.62 -45.52
N GLN E 49 5.51 -21.82 -45.94
CA GLN E 49 4.30 -22.01 -46.73
C GLN E 49 3.20 -22.70 -45.93
N GLY E 50 3.45 -22.92 -44.64
CA GLY E 50 2.46 -23.55 -43.78
C GLY E 50 2.61 -25.05 -43.61
N LEU E 51 3.84 -25.54 -43.68
CA LEU E 51 4.10 -26.98 -43.54
C LEU E 51 3.78 -27.49 -42.15
N PHE E 52 4.20 -26.76 -41.11
CA PHE E 52 3.97 -27.16 -39.72
C PHE E 52 2.97 -26.24 -39.02
N VAL E 53 2.25 -25.44 -39.79
CA VAL E 53 1.30 -24.48 -39.24
C VAL E 53 -0.08 -24.98 -38.77
N TYR E 54 -0.63 -24.32 -37.75
CA TYR E 54 -1.96 -24.65 -37.19
C TYR E 54 -3.00 -24.07 -38.13
N PRO E 55 -4.18 -24.67 -38.18
CA PRO E 55 -5.24 -24.14 -39.04
C PRO E 55 -5.68 -22.83 -38.42
N SER E 56 -6.28 -21.97 -39.23
CA SER E 56 -6.75 -20.69 -38.74
C SER E 56 -8.24 -20.59 -39.05
N LEU E 57 -9.03 -20.26 -38.04
CA LEU E 57 -10.47 -20.12 -38.23
C LEU E 57 -10.88 -18.64 -38.12
N THR E 58 -11.53 -18.13 -39.16
CA THR E 58 -11.96 -16.74 -39.15
C THR E 58 -13.46 -16.61 -39.39
N VAL E 59 -14.12 -15.77 -38.61
CA VAL E 59 -15.55 -15.55 -38.72
C VAL E 59 -15.81 -14.04 -38.81
N THR E 60 -16.52 -13.63 -39.85
CA THR E 60 -16.81 -12.21 -40.07
C THR E 60 -18.29 -11.91 -39.94
N TRP E 61 -18.61 -10.72 -39.47
CA TRP E 61 -19.99 -10.28 -39.32
C TRP E 61 -20.12 -8.86 -39.81
N ASP E 62 -21.05 -8.65 -40.74
CA ASP E 62 -21.29 -7.35 -41.35
C ASP E 62 -21.97 -6.35 -40.40
N GLY E 63 -22.70 -6.87 -39.42
CA GLY E 63 -23.38 -6.01 -38.48
C GLY E 63 -24.88 -5.94 -38.66
N SER E 64 -25.35 -6.31 -39.84
CA SER E 64 -26.79 -6.28 -40.14
C SER E 64 -27.49 -7.59 -39.79
N THR E 65 -28.54 -7.47 -38.98
CA THR E 65 -29.33 -8.63 -38.57
C THR E 65 -30.65 -8.13 -37.96
N THR E 66 -31.75 -8.80 -38.29
CA THR E 66 -33.07 -8.45 -37.79
C THR E 66 -33.03 -8.14 -36.30
N ASN E 67 -33.11 -9.18 -35.48
CA ASN E 67 -33.07 -9.03 -34.04
C ASN E 67 -32.18 -10.13 -33.44
N PRO E 68 -30.88 -9.84 -33.27
CA PRO E 68 -29.89 -10.76 -32.72
C PRO E 68 -30.14 -11.14 -31.26
N PRO E 69 -29.54 -12.25 -30.80
CA PRO E 69 -29.73 -12.69 -29.41
C PRO E 69 -29.09 -11.67 -28.47
N LYS E 70 -29.93 -10.81 -27.89
CA LYS E 70 -29.45 -9.78 -26.97
C LYS E 70 -29.28 -10.29 -25.55
N THR E 71 -29.90 -11.42 -25.23
CA THR E 71 -29.84 -11.97 -23.88
C THR E 71 -28.98 -13.20 -23.69
N ARG E 72 -28.63 -13.88 -24.77
CA ARG E 72 -27.80 -15.08 -24.68
C ARG E 72 -26.44 -14.76 -24.06
N ALA E 73 -25.93 -15.70 -23.27
CA ALA E 73 -24.65 -15.52 -22.59
C ALA E 73 -23.43 -15.67 -23.48
N PHE E 74 -23.54 -16.50 -24.52
CA PHE E 74 -22.42 -16.72 -25.43
C PHE E 74 -22.85 -16.73 -26.88
N GLY E 75 -21.89 -16.94 -27.76
CA GLY E 75 -22.18 -16.97 -29.19
C GLY E 75 -22.78 -15.68 -29.68
N ARG E 76 -22.23 -14.56 -29.21
CA ARG E 76 -22.73 -13.26 -29.62
C ARG E 76 -21.63 -12.37 -30.19
N PHE E 77 -22.04 -11.33 -30.91
CA PHE E 77 -21.12 -10.38 -31.50
C PHE E 77 -21.39 -9.03 -30.84
N THR E 78 -20.33 -8.36 -30.39
CA THR E 78 -20.49 -7.06 -29.74
C THR E 78 -20.40 -5.97 -30.78
N HIS E 79 -19.81 -6.31 -31.92
CA HIS E 79 -19.63 -5.34 -33.00
C HIS E 79 -19.30 -6.08 -34.29
N ALA E 80 -19.29 -5.33 -35.40
CA ALA E 80 -18.99 -5.92 -36.71
C ALA E 80 -17.47 -6.05 -36.88
N GLY E 81 -17.06 -6.97 -37.74
CA GLY E 81 -15.64 -7.16 -37.98
C GLY E 81 -15.26 -8.62 -38.12
N SER E 82 -13.96 -8.87 -38.12
CA SER E 82 -13.46 -10.23 -38.26
C SER E 82 -12.90 -10.75 -36.93
N TYR E 83 -13.18 -12.01 -36.64
CA TYR E 83 -12.71 -12.65 -35.40
C TYR E 83 -11.97 -13.89 -35.84
N THR E 84 -10.72 -14.02 -35.42
CA THR E 84 -9.93 -15.17 -35.82
C THR E 84 -9.27 -15.89 -34.64
N THR E 85 -8.72 -17.07 -34.89
CA THR E 85 -8.03 -17.84 -33.86
C THR E 85 -7.37 -19.07 -34.45
N THR E 86 -6.20 -19.43 -33.94
CA THR E 86 -5.54 -20.62 -34.41
C THR E 86 -6.30 -21.77 -33.77
N ILE E 87 -6.26 -22.95 -34.37
CA ILE E 87 -6.98 -24.09 -33.83
C ILE E 87 -6.16 -25.36 -33.81
N THR E 88 -6.40 -26.19 -32.79
CA THR E 88 -5.70 -27.44 -32.62
C THR E 88 -6.72 -28.54 -32.29
N ARG E 89 -6.33 -29.79 -32.50
CA ARG E 89 -7.20 -30.94 -32.23
C ARG E 89 -8.68 -30.71 -32.59
N PRO E 90 -9.00 -30.47 -33.89
CA PRO E 90 -10.38 -30.25 -34.34
C PRO E 90 -11.30 -31.43 -34.04
N THR E 91 -10.76 -32.63 -34.03
CA THR E 91 -11.56 -33.81 -33.74
C THR E 91 -12.00 -33.74 -32.28
N LEU E 92 -11.04 -33.50 -31.40
CA LEU E 92 -11.34 -33.40 -29.97
C LEU E 92 -12.36 -32.30 -29.66
N PHE E 93 -12.30 -31.21 -30.41
CA PHE E 93 -13.22 -30.09 -30.23
C PHE E 93 -14.33 -30.02 -31.27
N ARG E 94 -14.59 -31.15 -31.93
CA ARG E 94 -15.64 -31.25 -32.95
C ARG E 94 -17.00 -30.69 -32.50
N SER E 95 -17.58 -31.28 -31.47
CA SER E 95 -18.88 -30.85 -30.96
C SER E 95 -18.88 -29.36 -30.66
N TYR E 96 -17.92 -28.95 -29.84
CA TYR E 96 -17.79 -27.56 -29.44
C TYR E 96 -17.71 -26.64 -30.65
N LEU E 97 -16.70 -26.82 -31.48
CA LEU E 97 -16.52 -25.98 -32.66
C LEU E 97 -17.76 -25.96 -33.53
N ASN E 98 -18.39 -27.13 -33.71
CA ASN E 98 -19.57 -27.20 -34.53
C ASN E 98 -20.67 -26.33 -33.96
N GLU E 99 -21.03 -26.60 -32.71
CA GLU E 99 -22.08 -25.83 -32.07
C GLU E 99 -21.83 -24.33 -32.11
N GLN E 100 -20.62 -23.90 -31.77
CA GLN E 100 -20.30 -22.48 -31.76
C GLN E 100 -20.41 -21.85 -33.14
N LEU E 101 -19.89 -22.55 -34.15
CA LEU E 101 -19.95 -22.03 -35.51
C LEU E 101 -21.39 -22.00 -36.03
N THR E 102 -22.19 -22.99 -35.63
CA THR E 102 -23.58 -23.04 -36.05
C THR E 102 -24.33 -21.81 -35.53
N LEU E 103 -24.13 -21.48 -34.25
CA LEU E 103 -24.79 -20.34 -33.65
C LEU E 103 -24.51 -19.05 -34.41
N LEU E 104 -23.24 -18.78 -34.69
CA LEU E 104 -22.88 -17.57 -35.41
C LEU E 104 -23.35 -17.59 -36.86
N TYR E 105 -23.41 -18.78 -37.43
CA TYR E 105 -23.82 -18.97 -38.82
C TYR E 105 -25.30 -18.71 -39.02
N GLN E 106 -26.12 -19.34 -38.17
CA GLN E 106 -27.57 -19.23 -38.25
C GLN E 106 -28.21 -18.00 -37.62
N ASP E 107 -27.58 -17.45 -36.59
CA ASP E 107 -28.16 -16.30 -35.90
C ASP E 107 -27.67 -14.94 -36.42
N TYR E 108 -26.52 -14.93 -37.08
CA TYR E 108 -25.97 -13.69 -37.60
C TYR E 108 -25.63 -13.80 -39.07
N GLY E 109 -25.68 -15.01 -39.61
CA GLY E 109 -25.33 -15.21 -41.00
C GLY E 109 -23.90 -14.74 -41.18
N ALA E 110 -23.01 -15.31 -40.36
CA ALA E 110 -21.60 -14.95 -40.40
C ALA E 110 -20.81 -15.71 -41.46
N HIS E 111 -19.78 -15.06 -41.97
CA HIS E 111 -18.91 -15.61 -43.00
C HIS E 111 -17.74 -16.41 -42.40
N ILE E 112 -17.81 -17.74 -42.51
CA ILE E 112 -16.77 -18.60 -41.98
C ILE E 112 -15.70 -18.90 -43.04
N SER E 113 -14.45 -19.00 -42.62
CA SER E 113 -13.35 -19.29 -43.53
C SER E 113 -12.18 -19.93 -42.79
N VAL E 114 -11.56 -20.92 -43.43
CA VAL E 114 -10.43 -21.62 -42.84
C VAL E 114 -9.21 -21.47 -43.74
N GLN E 115 -8.03 -21.37 -43.12
CA GLN E 115 -6.78 -21.23 -43.86
C GLN E 115 -5.58 -21.39 -42.92
N PRO E 116 -4.41 -21.76 -43.48
CA PRO E 116 -3.22 -21.94 -42.65
C PRO E 116 -2.85 -20.64 -41.91
N SER E 117 -2.42 -20.80 -40.66
CA SER E 117 -2.02 -19.64 -39.86
C SER E 117 -0.54 -19.37 -40.07
N GLN E 118 0.01 -18.49 -39.25
CA GLN E 118 1.43 -18.14 -39.33
C GLN E 118 2.13 -18.74 -38.13
N HIS E 119 1.43 -19.62 -37.42
CA HIS E 119 2.01 -20.24 -36.23
C HIS E 119 2.27 -21.72 -36.40
N GLU E 120 3.52 -22.11 -36.15
CA GLU E 120 3.92 -23.50 -36.27
C GLU E 120 3.66 -24.25 -34.99
N ILE E 121 3.32 -25.53 -35.13
CA ILE E 121 3.04 -26.38 -34.00
C ILE E 121 4.35 -26.83 -33.36
N PRO E 122 4.53 -26.54 -32.06
CA PRO E 122 5.77 -26.97 -31.40
C PRO E 122 5.87 -28.49 -31.48
N TYR E 123 7.00 -29.01 -31.95
CA TYR E 123 7.17 -30.45 -32.10
C TYR E 123 6.79 -31.33 -30.91
N PRO E 124 7.03 -30.87 -29.67
CA PRO E 124 6.66 -31.71 -28.53
C PRO E 124 5.19 -32.13 -28.48
N TYR E 125 4.32 -31.38 -29.16
CA TYR E 125 2.89 -31.70 -29.15
C TYR E 125 2.45 -32.67 -30.24
N VAL E 126 3.38 -33.21 -31.03
CA VAL E 126 3.01 -34.17 -32.06
C VAL E 126 3.63 -35.52 -31.73
N ILE E 127 4.31 -35.58 -30.59
CA ILE E 127 4.95 -36.79 -30.10
C ILE E 127 4.00 -37.60 -29.23
N LEU E 134 14.29 -39.43 -26.22
CA LEU E 134 15.58 -39.50 -26.91
C LEU E 134 16.75 -39.33 -25.96
N ASP E 135 17.85 -38.78 -26.47
CA ASP E 135 19.05 -38.58 -25.67
C ASP E 135 19.34 -37.11 -25.37
N ARG E 136 20.62 -36.81 -25.18
CA ARG E 136 21.10 -35.46 -24.86
C ARG E 136 21.33 -34.60 -26.11
N SER E 137 21.85 -35.22 -27.16
CA SER E 137 22.14 -34.48 -28.39
C SER E 137 20.94 -34.17 -29.26
N MSE E 138 20.03 -35.14 -29.44
CA MSE E 138 18.87 -34.88 -30.29
C MSE E 138 18.09 -33.67 -29.81
O MSE E 138 17.79 -32.76 -30.58
CB MSE E 138 17.97 -36.10 -30.37
CG MSE E 138 18.55 -37.27 -31.17
SE MSE E 138 18.84 -36.92 -33.08
CE MSE E 138 20.61 -36.13 -33.00
N SER E 139 17.79 -33.65 -28.51
CA SER E 139 17.05 -32.54 -27.93
C SER E 139 17.71 -31.22 -28.33
N ALA E 140 19.03 -31.23 -28.45
CA ALA E 140 19.78 -30.04 -28.83
C ALA E 140 19.50 -29.64 -30.28
N GLY E 141 19.47 -30.63 -31.16
CA GLY E 141 19.21 -30.38 -32.56
C GLY E 141 17.76 -30.04 -32.82
N LEU E 142 16.86 -30.85 -32.28
CA LEU E 142 15.42 -30.63 -32.45
C LEU E 142 15.02 -29.19 -32.14
N THR E 143 15.39 -28.72 -30.95
CA THR E 143 15.06 -27.37 -30.52
C THR E 143 15.75 -26.30 -31.36
N ARG E 144 16.76 -26.73 -32.13
CA ARG E 144 17.51 -25.80 -32.97
C ARG E 144 16.88 -25.65 -34.37
N TYR E 145 16.52 -26.77 -34.97
CA TYR E 145 15.95 -26.78 -36.32
C TYR E 145 14.43 -26.95 -36.39
N PHE E 146 13.79 -27.25 -35.27
CA PHE E 146 12.34 -27.43 -35.27
C PHE E 146 11.56 -26.41 -34.45
N PRO E 147 10.27 -26.21 -34.78
CA PRO E 147 9.40 -25.26 -34.10
C PRO E 147 9.30 -25.63 -32.63
N THR E 148 9.43 -24.65 -31.76
CA THR E 148 9.35 -24.91 -30.34
C THR E 148 8.56 -23.81 -29.60
N THR E 149 9.01 -23.41 -28.42
CA THR E 149 8.30 -22.39 -27.65
C THR E 149 9.13 -21.14 -27.39
N PHE E 168 -9.90 -7.52 -36.45
CA PHE E 168 -9.28 -8.79 -36.09
C PHE E 168 -9.22 -9.04 -34.57
N SER E 169 -10.38 -9.28 -33.96
CA SER E 169 -10.46 -9.55 -32.53
C SER E 169 -10.39 -11.06 -32.25
N PRO E 170 -10.19 -11.45 -30.98
CA PRO E 170 -10.12 -12.89 -30.68
C PRO E 170 -11.49 -13.56 -30.84
N LEU E 171 -11.50 -14.71 -31.51
CA LEU E 171 -12.74 -15.45 -31.73
C LEU E 171 -13.06 -16.33 -30.53
N SER E 172 -12.01 -16.71 -29.80
CA SER E 172 -12.17 -17.53 -28.61
C SER E 172 -11.26 -17.04 -27.49
N HIS E 173 -11.41 -17.66 -26.32
CA HIS E 173 -10.65 -17.30 -25.14
C HIS E 173 -9.18 -17.70 -25.23
N PHE E 174 -8.92 -18.89 -25.75
CA PHE E 174 -7.54 -19.36 -25.85
C PHE E 174 -7.14 -19.68 -27.29
N ASP E 175 -5.88 -19.48 -27.63
CA ASP E 175 -5.45 -19.82 -28.98
C ASP E 175 -4.75 -21.18 -28.98
N ALA E 176 -4.51 -21.71 -30.17
CA ALA E 176 -3.87 -23.01 -30.35
C ALA E 176 -2.66 -23.29 -29.46
N ARG E 177 -1.74 -22.34 -29.36
CA ARG E 177 -0.56 -22.53 -28.52
C ARG E 177 -0.99 -22.78 -27.07
N ARG E 178 -1.83 -21.89 -26.56
CA ARG E 178 -2.31 -21.97 -25.19
C ARG E 178 -3.06 -23.28 -24.94
N VAL E 179 -3.84 -23.72 -25.92
CA VAL E 179 -4.59 -24.95 -25.76
C VAL E 179 -3.69 -26.20 -25.76
N ASP E 180 -2.77 -26.29 -26.71
CA ASP E 180 -1.88 -27.44 -26.75
C ASP E 180 -1.09 -27.49 -25.44
N PHE E 181 -0.63 -26.31 -25.01
CA PHE E 181 0.13 -26.20 -23.77
C PHE E 181 -0.64 -26.86 -22.62
N SER E 182 -1.90 -26.47 -22.44
CA SER E 182 -2.73 -27.01 -21.37
C SER E 182 -3.15 -28.48 -21.51
N LEU E 183 -3.35 -28.95 -22.74
CA LEU E 183 -3.74 -30.33 -22.95
C LEU E 183 -2.60 -31.26 -22.51
N ALA E 184 -1.37 -30.93 -22.88
CA ALA E 184 -0.24 -31.76 -22.50
C ALA E 184 -0.16 -31.77 -20.99
N ARG E 185 -0.29 -30.59 -20.40
CA ARG E 185 -0.22 -30.46 -18.95
C ARG E 185 -1.34 -31.22 -18.21
N LEU E 186 -2.55 -31.19 -18.76
CA LEU E 186 -3.67 -31.88 -18.16
C LEU E 186 -3.38 -33.37 -18.04
N ARG E 187 -2.87 -33.97 -19.11
CA ARG E 187 -2.56 -35.39 -19.08
C ARG E 187 -1.51 -35.66 -18.01
N HIS E 188 -0.54 -34.78 -17.91
CA HIS E 188 0.53 -34.94 -16.93
C HIS E 188 0.04 -34.91 -15.49
N TYR E 189 -0.84 -33.98 -15.15
CA TYR E 189 -1.34 -33.86 -13.78
C TYR E 189 -2.40 -34.88 -13.45
N THR E 190 -3.17 -35.20 -14.47
CA THR E 190 -4.30 -36.11 -14.35
C THR E 190 -4.06 -37.60 -14.58
N GLY E 191 -3.10 -37.96 -15.42
CA GLY E 191 -2.85 -39.36 -15.72
C GLY E 191 -4.04 -39.89 -16.48
N THR E 192 -4.54 -39.08 -17.42
CA THR E 192 -5.73 -39.42 -18.19
C THR E 192 -5.73 -38.71 -19.53
N PRO E 193 -6.24 -39.36 -20.58
CA PRO E 193 -6.28 -38.75 -21.91
C PRO E 193 -7.30 -37.63 -21.92
N VAL E 194 -6.93 -36.48 -22.46
CA VAL E 194 -7.84 -35.35 -22.50
C VAL E 194 -9.15 -35.65 -23.21
N GLU E 195 -9.18 -36.66 -24.08
CA GLU E 195 -10.43 -37.00 -24.81
C GLU E 195 -11.50 -37.60 -23.91
N HIS E 196 -11.13 -38.00 -22.70
CA HIS E 196 -12.11 -38.60 -21.79
C HIS E 196 -12.78 -37.62 -20.82
N PHE E 197 -12.30 -36.38 -20.78
CA PHE E 197 -12.86 -35.38 -19.89
C PHE E 197 -14.32 -35.07 -20.23
N GLN E 198 -15.17 -35.05 -19.21
CA GLN E 198 -16.58 -34.74 -19.43
C GLN E 198 -16.85 -33.27 -19.09
N PRO E 199 -17.96 -32.71 -19.60
CA PRO E 199 -18.34 -31.30 -19.37
C PRO E 199 -18.68 -30.92 -17.93
N PHE E 200 -19.07 -31.89 -17.12
CA PHE E 200 -19.44 -31.61 -15.73
C PHE E 200 -18.34 -32.08 -14.79
N VAL E 201 -17.68 -31.13 -14.17
CA VAL E 201 -16.55 -31.44 -13.29
C VAL E 201 -16.80 -31.29 -11.81
N LEU E 202 -16.21 -32.19 -11.03
CA LEU E 202 -16.31 -32.21 -9.59
C LEU E 202 -14.88 -32.19 -9.04
N PHE E 203 -14.62 -31.33 -8.08
CA PHE E 203 -13.30 -31.22 -7.47
C PHE E 203 -13.35 -31.65 -5.99
N THR E 204 -12.41 -32.47 -5.55
CA THR E 204 -12.37 -32.87 -4.15
C THR E 204 -10.95 -32.79 -3.61
N ASN E 205 -10.86 -32.53 -2.31
CA ASN E 205 -9.59 -32.41 -1.63
C ASN E 205 -9.45 -33.54 -0.64
N TYR E 206 -10.29 -34.56 -0.79
CA TYR E 206 -10.26 -35.72 0.09
C TYR E 206 -10.30 -37.00 -0.72
N THR E 207 -9.26 -37.80 -0.55
CA THR E 207 -9.06 -39.08 -1.23
C THR E 207 -10.22 -40.07 -1.22
N ARG E 208 -10.82 -40.26 -0.07
CA ARG E 208 -11.94 -41.18 0.05
C ARG E 208 -13.08 -40.91 -0.95
N TYR E 209 -13.18 -39.69 -1.43
CA TYR E 209 -14.23 -39.36 -2.39
C TYR E 209 -14.08 -40.09 -3.72
N VAL E 210 -12.84 -40.37 -4.13
CA VAL E 210 -12.69 -41.06 -5.41
C VAL E 210 -13.06 -42.51 -5.26
N ASP E 211 -12.76 -43.08 -4.09
CA ASP E 211 -13.10 -44.46 -3.83
C ASP E 211 -14.59 -44.59 -4.03
N GLU E 212 -15.33 -43.73 -3.34
CA GLU E 212 -16.78 -43.71 -3.42
C GLU E 212 -17.27 -43.43 -4.84
N PHE E 213 -16.58 -42.53 -5.53
CA PHE E 213 -16.98 -42.17 -6.89
C PHE E 213 -16.80 -43.34 -7.84
N VAL E 214 -15.67 -44.03 -7.75
CA VAL E 214 -15.40 -45.17 -8.60
C VAL E 214 -16.39 -46.32 -8.35
N ARG E 215 -16.66 -46.58 -7.08
CA ARG E 215 -17.59 -47.63 -6.69
C ARG E 215 -18.94 -47.31 -7.33
N TRP E 216 -19.47 -46.13 -7.05
CA TRP E 216 -20.74 -45.70 -7.62
C TRP E 216 -20.68 -45.76 -9.14
N GLY E 217 -19.53 -45.41 -9.69
CA GLY E 217 -19.34 -45.41 -11.13
C GLY E 217 -19.42 -46.77 -11.77
N CYS E 218 -18.69 -47.74 -11.21
CA CYS E 218 -18.70 -49.11 -11.72
C CYS E 218 -20.12 -49.64 -11.66
N SER E 219 -20.76 -49.35 -10.55
CA SER E 219 -22.13 -49.77 -10.31
C SER E 219 -23.05 -49.27 -11.41
N GLN E 220 -22.89 -48.02 -11.79
CA GLN E 220 -23.71 -47.41 -12.83
C GLN E 220 -23.47 -48.03 -14.20
N ILE E 221 -22.23 -48.44 -14.44
CA ILE E 221 -21.88 -49.03 -15.73
C ILE E 221 -22.55 -50.37 -15.92
N LEU E 222 -22.77 -51.09 -14.83
CA LEU E 222 -23.41 -52.40 -14.88
C LEU E 222 -24.93 -52.30 -15.05
N ASP E 223 -25.49 -51.13 -14.77
CA ASP E 223 -26.92 -50.91 -14.92
C ASP E 223 -27.21 -50.47 -16.36
N PRO E 224 -27.95 -51.29 -17.12
CA PRO E 224 -28.33 -51.05 -18.51
C PRO E 224 -29.17 -49.78 -18.74
N ASP E 225 -29.77 -49.28 -17.67
CA ASP E 225 -30.60 -48.08 -17.76
C ASP E 225 -29.78 -46.80 -17.56
N SER E 226 -28.54 -46.98 -17.10
CA SER E 226 -27.65 -45.85 -16.86
C SER E 226 -26.90 -45.47 -18.12
N PRO E 227 -26.81 -44.15 -18.40
CA PRO E 227 -26.12 -43.62 -19.59
C PRO E 227 -24.63 -43.86 -19.53
N TYR E 228 -24.13 -44.11 -18.32
CA TYR E 228 -22.71 -44.33 -18.09
C TYR E 228 -22.23 -45.67 -18.64
N ILE E 229 -21.38 -45.62 -19.66
CA ILE E 229 -20.84 -46.81 -20.30
C ILE E 229 -19.35 -47.08 -20.06
N ALA E 230 -18.60 -46.09 -19.59
CA ALA E 230 -17.17 -46.31 -19.37
C ALA E 230 -16.60 -45.50 -18.20
N LEU E 231 -15.42 -45.89 -17.75
CA LEU E 231 -14.76 -45.21 -16.66
C LEU E 231 -13.27 -45.10 -16.91
N SER E 232 -12.81 -43.93 -17.34
CA SER E 232 -11.38 -43.72 -17.59
C SER E 232 -10.74 -43.49 -16.23
N CYS E 233 -9.68 -44.23 -15.93
CA CYS E 233 -9.03 -44.11 -14.62
C CYS E 233 -7.63 -43.52 -14.71
N ALA E 234 -7.22 -42.86 -13.64
CA ALA E 234 -5.90 -42.26 -13.57
C ALA E 234 -4.91 -43.41 -13.60
N GLY E 235 -3.98 -43.36 -14.56
CA GLY E 235 -3.01 -44.43 -14.67
C GLY E 235 -3.18 -45.14 -15.99
N GLY E 236 -4.41 -45.23 -16.49
CA GLY E 236 -4.63 -45.89 -17.77
C GLY E 236 -5.83 -46.81 -17.87
N ASN E 237 -6.23 -47.44 -16.76
CA ASN E 237 -7.36 -48.34 -16.78
C ASN E 237 -8.61 -47.81 -17.46
N TRP E 238 -9.25 -48.68 -18.24
CA TRP E 238 -10.48 -48.33 -18.94
C TRP E 238 -11.54 -49.37 -18.63
N ILE E 239 -12.27 -49.17 -17.55
CA ILE E 239 -13.32 -50.08 -17.14
C ILE E 239 -14.58 -49.90 -17.96
N THR E 240 -15.20 -51.02 -18.33
CA THR E 240 -16.43 -51.03 -19.11
C THR E 240 -17.31 -52.19 -18.64
N ALA E 241 -18.49 -52.34 -19.24
CA ALA E 241 -19.39 -53.43 -18.87
C ALA E 241 -18.76 -54.79 -19.16
N GLU E 242 -17.91 -54.83 -20.20
CA GLU E 242 -17.24 -56.06 -20.61
C GLU E 242 -15.85 -56.19 -19.97
N THR E 243 -15.72 -55.81 -18.70
CA THR E 243 -14.43 -55.88 -18.04
C THR E 243 -14.23 -57.06 -17.10
N GLU E 244 -13.05 -57.64 -17.17
CA GLU E 244 -12.69 -58.78 -16.34
C GLU E 244 -12.35 -58.30 -14.93
N ALA E 245 -13.31 -58.42 -14.02
CA ALA E 245 -13.11 -58.01 -12.64
C ALA E 245 -12.72 -56.52 -12.55
N PRO E 246 -13.73 -55.62 -12.54
CA PRO E 246 -13.52 -54.17 -12.45
C PRO E 246 -12.90 -53.71 -11.13
N GLU E 247 -12.03 -54.55 -10.56
CA GLU E 247 -11.36 -54.25 -9.30
C GLU E 247 -10.11 -53.42 -9.60
N GLU E 248 -9.67 -53.49 -10.85
CA GLU E 248 -8.49 -52.79 -11.32
C GLU E 248 -8.73 -51.27 -11.42
N ALA E 249 -9.93 -50.84 -11.04
CA ALA E 249 -10.31 -49.43 -11.10
C ALA E 249 -9.31 -48.44 -10.52
N ILE E 250 -9.23 -48.37 -9.19
CA ILE E 250 -8.32 -47.45 -8.53
C ILE E 250 -6.92 -48.05 -8.36
N SER E 251 -5.99 -47.60 -9.20
CA SER E 251 -4.61 -48.04 -9.13
C SER E 251 -3.93 -47.20 -8.05
N ASP E 252 -3.52 -47.85 -6.96
CA ASP E 252 -2.88 -47.13 -5.85
C ASP E 252 -1.68 -46.30 -6.28
N LEU E 253 -1.02 -46.75 -7.34
CA LEU E 253 0.15 -46.06 -7.87
C LEU E 253 -0.22 -44.72 -8.51
N ALA E 254 -1.51 -44.47 -8.66
CA ALA E 254 -2.00 -43.24 -9.27
C ALA E 254 -1.61 -41.97 -8.51
N TRP E 255 -1.72 -41.99 -7.19
CA TRP E 255 -1.37 -40.84 -6.37
C TRP E 255 0.12 -40.60 -6.29
N LYS E 256 0.91 -41.60 -6.65
CA LYS E 256 2.36 -41.46 -6.61
C LYS E 256 2.89 -40.85 -7.89
N LYS E 257 2.29 -41.20 -9.03
CA LYS E 257 2.78 -40.68 -10.29
C LYS E 257 1.99 -39.49 -10.85
N HIS E 258 0.87 -39.16 -10.23
CA HIS E 258 0.10 -38.01 -10.69
C HIS E 258 -0.30 -37.14 -9.53
N GLN E 259 0.00 -35.86 -9.65
CA GLN E 259 -0.28 -34.90 -8.60
C GLN E 259 -1.78 -34.69 -8.37
N MSE E 260 -2.57 -34.74 -9.44
CA MSE E 260 -4.02 -34.55 -9.31
C MSE E 260 -4.79 -35.51 -10.22
O MSE E 260 -5.32 -35.14 -11.27
CB MSE E 260 -4.36 -33.09 -9.63
CG MSE E 260 -3.69 -32.10 -8.68
SE MSE E 260 -3.83 -30.25 -9.28
CE MSE E 260 -2.35 -30.29 -10.54
N PRO E 261 -4.86 -36.79 -9.81
CA PRO E 261 -5.52 -37.91 -10.51
C PRO E 261 -6.97 -37.63 -10.85
N ALA E 262 -7.37 -37.97 -12.07
CA ALA E 262 -8.77 -37.77 -12.46
C ALA E 262 -9.47 -39.10 -12.77
N TRP E 263 -10.79 -39.04 -12.85
CA TRP E 263 -11.60 -40.20 -13.15
C TRP E 263 -12.80 -39.72 -13.95
N HIS E 264 -13.02 -40.33 -15.10
CA HIS E 264 -14.13 -39.94 -15.95
C HIS E 264 -15.20 -41.02 -16.14
N LEU E 265 -16.44 -40.67 -15.82
CA LEU E 265 -17.58 -41.56 -15.98
C LEU E 265 -18.20 -41.03 -17.25
N ILE E 266 -17.93 -41.74 -18.34
CA ILE E 266 -18.37 -41.33 -19.68
C ILE E 266 -19.75 -41.82 -20.13
N THR E 267 -20.33 -41.11 -21.08
CA THR E 267 -21.61 -41.49 -21.67
C THR E 267 -21.41 -41.39 -23.18
N ALA E 268 -22.28 -42.05 -23.94
CA ALA E 268 -22.16 -42.03 -25.39
C ALA E 268 -22.05 -40.61 -25.97
N ASP E 269 -22.89 -39.70 -25.46
CA ASP E 269 -22.89 -38.33 -25.97
C ASP E 269 -21.91 -37.38 -25.26
N GLY E 270 -20.98 -37.94 -24.50
CA GLY E 270 -19.99 -37.13 -23.79
C GLY E 270 -20.56 -36.10 -22.84
N GLN E 271 -21.49 -36.54 -21.99
CA GLN E 271 -22.13 -35.68 -21.03
C GLN E 271 -22.06 -36.33 -19.67
N GLY E 272 -20.96 -37.01 -19.42
CA GLY E 272 -20.78 -37.67 -18.14
C GLY E 272 -20.30 -36.74 -17.02
N ILE E 273 -19.57 -37.30 -16.08
CA ILE E 273 -19.04 -36.53 -14.97
C ILE E 273 -17.55 -36.79 -14.81
N THR E 274 -16.78 -35.73 -14.62
CA THR E 274 -15.34 -35.88 -14.41
C THR E 274 -15.05 -35.52 -12.96
N LEU E 275 -14.23 -36.33 -12.29
CA LEU E 275 -13.86 -36.06 -10.90
C LEU E 275 -12.34 -35.90 -10.85
N VAL E 276 -11.88 -34.79 -10.30
CA VAL E 276 -10.45 -34.55 -10.19
C VAL E 276 -10.11 -34.35 -8.72
N ASN E 277 -9.14 -35.11 -8.24
CA ASN E 277 -8.71 -35.01 -6.85
C ASN E 277 -7.58 -33.99 -6.87
N ILE E 278 -7.92 -32.72 -6.64
CA ILE E 278 -6.95 -31.65 -6.70
C ILE E 278 -5.87 -31.58 -5.64
N GLY E 279 -6.04 -32.29 -4.54
CA GLY E 279 -5.00 -32.22 -3.53
C GLY E 279 -5.21 -31.01 -2.65
N VAL E 280 -4.13 -30.40 -2.19
CA VAL E 280 -4.31 -29.28 -1.28
C VAL E 280 -3.51 -28.03 -1.55
N GLY E 281 -4.17 -26.89 -1.39
CA GLY E 281 -3.54 -25.60 -1.56
C GLY E 281 -4.07 -24.78 -2.70
N PRO E 282 -3.98 -23.45 -2.60
CA PRO E 282 -4.47 -22.58 -3.68
C PRO E 282 -3.61 -22.72 -4.94
N SER E 283 -2.31 -22.97 -4.74
CA SER E 283 -1.39 -23.11 -5.87
C SER E 283 -1.84 -24.18 -6.82
N ASN E 284 -2.16 -25.34 -6.27
CA ASN E 284 -2.57 -26.47 -7.10
C ASN E 284 -3.95 -26.25 -7.68
N ALA E 285 -4.82 -25.61 -6.90
CA ALA E 285 -6.16 -25.32 -7.37
C ALA E 285 -6.06 -24.42 -8.59
N LYS E 286 -5.15 -23.44 -8.53
CA LYS E 286 -5.00 -22.53 -9.65
C LYS E 286 -4.49 -23.26 -10.86
N THR E 287 -3.42 -24.03 -10.64
CA THR E 287 -2.81 -24.76 -11.74
C THR E 287 -3.79 -25.63 -12.52
N ILE E 288 -4.51 -26.50 -11.82
CA ILE E 288 -5.44 -27.38 -12.53
C ILE E 288 -6.52 -26.64 -13.32
N CYS E 289 -7.09 -25.58 -12.72
CA CYS E 289 -8.12 -24.82 -13.44
C CYS E 289 -7.54 -24.10 -14.66
N ASP E 290 -6.29 -23.63 -14.56
CA ASP E 290 -5.64 -22.96 -15.68
C ASP E 290 -5.71 -23.86 -16.92
N HIS E 291 -5.51 -25.16 -16.72
CA HIS E 291 -5.52 -26.09 -17.85
C HIS E 291 -6.91 -26.58 -18.23
N LEU E 292 -7.68 -26.98 -17.22
CA LEU E 292 -9.02 -27.49 -17.47
C LEU E 292 -9.88 -26.48 -18.23
N ALA E 293 -9.61 -25.20 -18.04
CA ALA E 293 -10.40 -24.17 -18.69
C ALA E 293 -10.41 -24.25 -20.22
N VAL E 294 -9.35 -24.77 -20.83
CA VAL E 294 -9.32 -24.84 -22.29
C VAL E 294 -10.30 -25.86 -22.85
N LEU E 295 -10.74 -26.80 -22.01
CA LEU E 295 -11.72 -27.79 -22.47
C LEU E 295 -13.12 -27.20 -22.43
N ARG E 296 -13.24 -25.95 -21.99
CA ARG E 296 -14.52 -25.25 -21.91
C ARG E 296 -15.62 -26.06 -21.20
N PRO E 297 -15.41 -26.46 -19.94
CA PRO E 297 -16.39 -27.23 -19.17
C PRO E 297 -17.72 -26.49 -19.12
N ASP E 298 -18.78 -27.16 -18.69
CA ASP E 298 -20.06 -26.51 -18.56
C ASP E 298 -20.19 -26.02 -17.14
N VAL E 299 -19.48 -26.67 -16.23
CA VAL E 299 -19.50 -26.30 -14.82
C VAL E 299 -18.51 -27.10 -14.00
N TRP E 300 -18.00 -26.52 -12.93
CA TRP E 300 -17.14 -27.26 -12.03
C TRP E 300 -17.52 -26.88 -10.62
N LEU E 301 -17.69 -27.91 -9.79
CA LEU E 301 -18.11 -27.76 -8.43
C LEU E 301 -17.04 -28.26 -7.48
N MSE E 302 -16.91 -27.55 -6.37
CA MSE E 302 -15.95 -27.93 -5.36
C MSE E 302 -16.73 -28.73 -4.30
O MSE E 302 -17.63 -28.19 -3.66
CB MSE E 302 -15.35 -26.68 -4.72
CG MSE E 302 -14.39 -26.95 -3.57
SE MSE E 302 -12.73 -27.69 -4.17
CE MSE E 302 -12.60 -29.12 -2.85
N ILE E 303 -16.41 -30.01 -4.15
CA ILE E 303 -17.04 -30.86 -3.16
C ILE E 303 -15.95 -31.37 -2.24
N GLY E 304 -15.75 -30.68 -1.12
CA GLY E 304 -14.69 -31.09 -0.23
C GLY E 304 -14.86 -30.70 1.23
N HIS E 305 -13.84 -31.01 2.02
CA HIS E 305 -13.84 -30.71 3.45
C HIS E 305 -13.43 -29.30 3.76
N CYS E 306 -13.89 -28.80 4.91
CA CYS E 306 -13.58 -27.45 5.35
C CYS E 306 -13.70 -27.43 6.85
N GLY E 307 -13.20 -26.37 7.49
CA GLY E 307 -13.31 -26.25 8.93
C GLY E 307 -14.53 -25.38 9.19
N GLY E 308 -15.36 -25.74 10.16
CA GLY E 308 -16.54 -24.95 10.47
C GLY E 308 -16.13 -23.92 11.50
N LEU E 309 -16.56 -22.68 11.34
CA LEU E 309 -16.16 -21.62 12.27
C LEU E 309 -17.24 -21.22 13.27
N ARG E 310 -18.46 -21.71 13.10
CA ARG E 310 -19.56 -21.37 14.00
C ARG E 310 -19.83 -22.44 15.06
N GLU E 311 -20.09 -22.02 16.30
CA GLU E 311 -20.33 -22.98 17.36
C GLU E 311 -21.55 -23.87 17.07
N SER E 312 -22.57 -23.31 16.43
CA SER E 312 -23.78 -24.08 16.10
C SER E 312 -23.57 -25.09 14.98
N GLN E 313 -22.37 -25.11 14.41
CA GLN E 313 -22.09 -26.06 13.33
C GLN E 313 -21.64 -27.39 13.90
N ALA E 314 -22.09 -28.46 13.24
CA ALA E 314 -21.74 -29.81 13.66
C ALA E 314 -20.90 -30.50 12.58
N ILE E 315 -19.93 -31.29 13.00
CA ILE E 315 -19.12 -32.01 12.03
C ILE E 315 -20.07 -32.80 11.16
N GLY E 316 -19.93 -32.67 9.86
CA GLY E 316 -20.82 -33.37 8.95
C GLY E 316 -21.82 -32.44 8.29
N ASP E 317 -21.98 -31.23 8.82
CA ASP E 317 -22.89 -30.27 8.24
C ASP E 317 -22.34 -29.77 6.91
N TYR E 318 -23.21 -29.12 6.13
CA TYR E 318 -22.80 -28.61 4.85
C TYR E 318 -22.76 -27.09 4.82
N VAL E 319 -21.86 -26.56 3.99
CA VAL E 319 -21.71 -25.13 3.82
C VAL E 319 -21.82 -24.81 2.34
N LEU E 320 -22.76 -23.95 1.99
CA LEU E 320 -22.94 -23.51 0.61
C LEU E 320 -22.36 -22.09 0.57
N ALA E 321 -21.29 -21.89 -0.16
CA ALA E 321 -20.68 -20.55 -0.22
C ALA E 321 -21.47 -19.53 -1.03
N HIS E 322 -21.76 -18.38 -0.43
CA HIS E 322 -22.45 -17.35 -1.19
C HIS E 322 -21.47 -16.22 -1.48
N ALA E 323 -20.26 -16.36 -0.98
CA ALA E 323 -19.21 -15.37 -1.15
C ALA E 323 -17.90 -15.93 -0.63
N TYR E 324 -16.79 -15.32 -1.02
CA TYR E 324 -15.49 -15.81 -0.60
C TYR E 324 -14.58 -14.70 -0.09
N LEU E 325 -13.90 -14.97 1.02
CA LEU E 325 -12.93 -14.04 1.56
C LEU E 325 -11.61 -14.60 1.00
N ARG E 326 -11.09 -13.97 -0.05
CA ARG E 326 -9.89 -14.42 -0.71
C ARG E 326 -8.57 -14.16 0.01
N ASP E 327 -8.20 -15.06 0.92
CA ASP E 327 -6.93 -14.94 1.62
C ASP E 327 -5.96 -15.98 1.05
N ASP E 328 -6.13 -16.32 -0.22
CA ASP E 328 -5.28 -17.32 -0.87
C ASP E 328 -4.07 -16.76 -1.61
N HIS E 329 -4.03 -15.43 -1.80
CA HIS E 329 -2.93 -14.72 -2.47
C HIS E 329 -2.58 -15.07 -3.91
N VAL E 330 -2.58 -16.35 -4.25
CA VAL E 330 -2.20 -16.79 -5.58
C VAL E 330 -2.78 -16.07 -6.81
N LEU E 331 -3.94 -15.47 -6.72
CA LEU E 331 -4.50 -14.80 -7.88
C LEU E 331 -4.63 -13.29 -7.68
N ASP E 332 -4.01 -12.76 -6.65
CA ASP E 332 -4.09 -11.31 -6.38
C ASP E 332 -3.64 -10.42 -7.53
N ALA E 333 -2.56 -10.79 -8.21
CA ALA E 333 -2.07 -9.98 -9.29
C ALA E 333 -3.00 -9.91 -10.50
N VAL E 334 -3.60 -11.02 -10.89
CA VAL E 334 -4.48 -10.98 -12.07
C VAL E 334 -5.92 -10.66 -11.77
N LEU E 335 -6.31 -10.77 -10.52
CA LEU E 335 -7.68 -10.51 -10.10
C LEU E 335 -7.59 -10.01 -8.67
N PRO E 336 -7.37 -8.70 -8.49
CA PRO E 336 -7.25 -8.09 -7.16
C PRO E 336 -8.36 -8.50 -6.20
N PRO E 337 -8.02 -8.67 -4.91
CA PRO E 337 -8.97 -9.08 -3.87
C PRO E 337 -10.24 -8.23 -3.71
N ASP E 338 -10.27 -7.03 -4.25
CA ASP E 338 -11.47 -6.22 -4.11
C ASP E 338 -12.45 -6.43 -5.26
N ILE E 339 -12.06 -7.17 -6.29
CA ILE E 339 -12.97 -7.45 -7.39
C ILE E 339 -13.89 -8.51 -6.80
N PRO E 340 -15.20 -8.25 -6.74
CA PRO E 340 -16.14 -9.22 -6.19
C PRO E 340 -16.38 -10.46 -7.03
N ILE E 341 -16.28 -11.62 -6.39
CA ILE E 341 -16.55 -12.88 -7.08
C ILE E 341 -17.95 -13.31 -6.59
N PRO E 342 -18.96 -13.15 -7.45
CA PRO E 342 -20.34 -13.51 -7.11
C PRO E 342 -20.67 -15.01 -7.21
N SER E 343 -21.89 -15.34 -6.79
CA SER E 343 -22.41 -16.70 -6.83
C SER E 343 -23.25 -16.83 -8.09
N ILE E 344 -23.23 -17.98 -8.73
CA ILE E 344 -24.04 -18.17 -9.92
C ILE E 344 -25.37 -18.72 -9.40
N ALA E 345 -26.44 -17.95 -9.53
CA ALA E 345 -27.75 -18.38 -9.03
C ALA E 345 -28.17 -19.78 -9.40
N GLU E 346 -28.07 -20.11 -10.68
CA GLU E 346 -28.47 -21.43 -11.15
C GLU E 346 -27.69 -22.53 -10.42
N VAL E 347 -26.38 -22.35 -10.29
CA VAL E 347 -25.54 -23.32 -9.62
C VAL E 347 -25.90 -23.42 -8.15
N GLN E 348 -26.20 -22.27 -7.55
CA GLN E 348 -26.58 -22.20 -6.14
C GLN E 348 -27.86 -22.98 -5.84
N ARG E 349 -28.87 -22.83 -6.69
CA ARG E 349 -30.15 -23.52 -6.52
C ARG E 349 -29.95 -25.02 -6.68
N ALA E 350 -29.20 -25.39 -7.71
CA ALA E 350 -28.92 -26.78 -7.98
C ALA E 350 -28.30 -27.41 -6.73
N LEU E 351 -27.26 -26.77 -6.20
CA LEU E 351 -26.61 -27.26 -4.99
C LEU E 351 -27.56 -27.31 -3.81
N TYR E 352 -28.44 -26.31 -3.72
CA TYR E 352 -29.40 -26.22 -2.63
C TYR E 352 -30.44 -27.33 -2.75
N ASP E 353 -31.11 -27.39 -3.89
CA ASP E 353 -32.11 -28.41 -4.14
C ASP E 353 -31.50 -29.80 -3.97
N ALA E 354 -30.36 -30.04 -4.62
CA ALA E 354 -29.71 -31.33 -4.51
C ALA E 354 -29.47 -31.67 -3.04
N THR E 355 -29.22 -30.67 -2.20
CA THR E 355 -28.99 -30.94 -0.79
C THR E 355 -30.28 -31.34 -0.08
N LYS E 356 -31.39 -30.74 -0.50
CA LYS E 356 -32.69 -31.07 0.08
C LYS E 356 -33.03 -32.52 -0.22
N LEU E 357 -33.03 -32.86 -1.51
CA LEU E 357 -33.34 -34.22 -1.95
C LEU E 357 -32.48 -35.26 -1.24
N VAL E 358 -31.22 -35.34 -1.61
CA VAL E 358 -30.31 -36.31 -1.03
C VAL E 358 -30.24 -36.34 0.50
N SER E 359 -30.02 -35.19 1.11
CA SER E 359 -29.89 -35.15 2.56
C SER E 359 -31.18 -35.08 3.36
N GLY E 360 -31.56 -36.26 3.87
CA GLY E 360 -32.77 -36.37 4.66
C GLY E 360 -34.00 -35.88 3.93
N ARG E 361 -35.00 -35.47 4.70
CA ARG E 361 -36.26 -34.97 4.18
C ARG E 361 -36.16 -33.49 3.77
N PRO E 362 -37.00 -33.07 2.80
CA PRO E 362 -37.03 -31.69 2.30
C PRO E 362 -37.52 -30.66 3.32
N GLY E 363 -38.28 -29.68 2.83
CA GLY E 363 -38.82 -28.64 3.68
C GLY E 363 -37.82 -27.57 4.04
N GLU E 364 -38.10 -26.82 5.09
CA GLU E 364 -37.21 -25.76 5.56
C GLU E 364 -36.29 -26.33 6.63
N GLU E 365 -36.29 -27.66 6.75
CA GLU E 365 -35.48 -28.33 7.73
C GLU E 365 -34.00 -28.36 7.35
N VAL E 366 -33.69 -28.08 6.10
CA VAL E 366 -32.30 -28.09 5.65
C VAL E 366 -31.40 -27.19 6.49
N LYS E 367 -31.93 -26.03 6.87
CA LYS E 367 -31.20 -25.05 7.67
C LYS E 367 -30.39 -25.67 8.80
N GLN E 368 -30.92 -26.73 9.40
CA GLN E 368 -30.26 -27.41 10.51
C GLN E 368 -29.02 -28.17 10.08
N ARG E 369 -28.97 -28.53 8.81
CA ARG E 369 -27.86 -29.29 8.26
C ARG E 369 -27.02 -28.46 7.27
N LEU E 370 -27.64 -27.44 6.68
CA LEU E 370 -26.97 -26.59 5.70
C LEU E 370 -26.92 -25.12 6.06
N ARG E 371 -25.72 -24.55 6.02
CA ARG E 371 -25.51 -23.15 6.31
C ARG E 371 -24.99 -22.46 5.03
N THR E 372 -25.64 -21.39 4.62
CA THR E 372 -25.20 -20.66 3.44
C THR E 372 -24.46 -19.41 3.93
N GLY E 373 -23.23 -19.22 3.47
CA GLY E 373 -22.48 -18.07 3.91
C GLY E 373 -21.13 -17.87 3.26
N THR E 374 -20.34 -17.01 3.87
CA THR E 374 -19.02 -16.69 3.34
C THR E 374 -17.98 -17.68 3.80
N VAL E 375 -17.17 -18.10 2.84
CA VAL E 375 -16.10 -19.05 3.09
C VAL E 375 -14.75 -18.37 2.95
N VAL E 376 -13.85 -18.63 3.89
CA VAL E 376 -12.52 -18.08 3.84
C VAL E 376 -11.56 -19.11 3.23
N THR E 377 -10.87 -18.74 2.16
CA THR E 377 -9.89 -19.64 1.57
C THR E 377 -8.52 -19.05 1.90
N THR E 378 -7.69 -19.82 2.60
CA THR E 378 -6.38 -19.36 2.98
C THR E 378 -5.28 -20.22 2.36
N ASP E 379 -4.06 -19.69 2.35
CA ASP E 379 -2.94 -20.47 1.83
C ASP E 379 -2.10 -20.87 3.04
N ASP E 380 -2.68 -20.64 4.23
CA ASP E 380 -2.01 -20.96 5.47
C ASP E 380 -2.77 -21.99 6.31
N ARG E 381 -2.52 -23.27 6.03
CA ARG E 381 -3.15 -24.35 6.76
C ARG E 381 -3.10 -24.15 8.28
N ASN E 382 -1.99 -23.63 8.78
CA ASN E 382 -1.89 -23.44 10.22
C ASN E 382 -2.32 -22.09 10.73
N TRP E 383 -3.27 -21.47 10.02
CA TRP E 383 -3.79 -20.18 10.42
C TRP E 383 -4.15 -20.13 11.93
N GLU E 384 -4.53 -21.27 12.49
CA GLU E 384 -4.88 -21.34 13.93
C GLU E 384 -3.74 -20.81 14.83
N LEU E 385 -2.49 -20.99 14.41
CA LEU E 385 -1.37 -20.52 15.22
C LEU E 385 -1.37 -18.98 15.33
N ARG E 386 -2.26 -18.34 14.58
CA ARG E 386 -2.36 -16.88 14.61
C ARG E 386 -3.82 -16.47 14.63
N TYR E 387 -4.62 -17.10 15.47
CA TYR E 387 -6.03 -16.75 15.49
C TYR E 387 -6.33 -15.28 15.68
N SER E 388 -5.71 -14.64 16.67
CA SER E 388 -5.96 -13.22 16.91
C SER E 388 -5.88 -12.40 15.62
N ALA E 389 -4.79 -12.57 14.88
CA ALA E 389 -4.61 -11.85 13.63
C ALA E 389 -5.73 -12.10 12.63
N SER E 390 -6.29 -13.30 12.63
CA SER E 390 -7.35 -13.64 11.69
C SER E 390 -8.75 -13.28 12.19
N ALA E 391 -8.96 -13.44 13.49
CA ALA E 391 -10.26 -13.18 14.11
C ALA E 391 -11.02 -11.98 13.55
N LEU E 392 -10.34 -10.86 13.41
CA LEU E 392 -10.98 -9.66 12.90
C LEU E 392 -11.52 -9.87 11.48
N ARG E 393 -10.75 -10.56 10.64
CA ARG E 393 -11.16 -10.82 9.26
C ARG E 393 -12.37 -11.73 9.21
N PHE E 394 -12.33 -12.81 10.00
CA PHE E 394 -13.43 -13.76 10.04
C PHE E 394 -14.71 -13.04 10.42
N ASN E 395 -14.61 -12.22 11.45
CA ASN E 395 -15.75 -11.47 11.94
C ASN E 395 -16.24 -10.43 10.95
N LEU E 396 -15.34 -9.69 10.35
CA LEU E 396 -15.71 -8.69 9.38
C LEU E 396 -16.42 -9.34 8.18
N SER E 397 -16.00 -10.55 7.80
CA SER E 397 -16.60 -11.21 6.66
C SER E 397 -17.75 -12.14 7.01
N ARG E 398 -18.04 -12.25 8.31
CA ARG E 398 -19.11 -13.13 8.79
C ARG E 398 -18.78 -14.54 8.28
N ALA E 399 -17.50 -14.89 8.31
CA ALA E 399 -17.05 -16.18 7.85
C ALA E 399 -17.81 -17.31 8.51
N VAL E 400 -18.08 -18.33 7.71
CA VAL E 400 -18.83 -19.47 8.18
C VAL E 400 -17.96 -20.74 8.14
N ALA E 401 -16.97 -20.76 7.27
CA ALA E 401 -16.06 -21.89 7.15
C ALA E 401 -14.72 -21.44 6.55
N ILE E 402 -13.74 -22.32 6.62
CA ILE E 402 -12.43 -22.02 6.08
C ILE E 402 -11.81 -23.25 5.41
N ASP E 403 -11.28 -23.04 4.20
CA ASP E 403 -10.64 -24.11 3.46
C ASP E 403 -9.45 -23.53 2.69
N MSE E 404 -8.90 -24.30 1.77
CA MSE E 404 -7.74 -23.85 1.00
C MSE E 404 -7.88 -23.95 -0.51
O MSE E 404 -6.88 -23.89 -1.22
CB MSE E 404 -6.50 -24.64 1.46
CG MSE E 404 -6.20 -24.49 2.94
SE MSE E 404 -4.72 -25.60 3.61
CE MSE E 404 -3.24 -24.83 2.59
N GLU E 405 -9.09 -24.11 -1.03
CA GLU E 405 -9.24 -24.25 -2.48
C GLU E 405 -10.45 -23.52 -3.09
N SER E 406 -11.55 -23.48 -2.35
CA SER E 406 -12.77 -22.84 -2.82
C SER E 406 -12.64 -21.54 -3.60
N ALA E 407 -12.18 -20.48 -2.94
CA ALA E 407 -12.08 -19.18 -3.60
C ALA E 407 -11.27 -19.27 -4.87
N THR E 408 -10.20 -20.05 -4.83
CA THR E 408 -9.36 -20.21 -6.00
C THR E 408 -10.12 -20.84 -7.16
N ILE E 409 -10.80 -21.96 -6.90
CA ILE E 409 -11.59 -22.63 -7.93
C ILE E 409 -12.65 -21.67 -8.44
N ALA E 410 -13.30 -20.95 -7.52
CA ALA E 410 -14.35 -20.03 -7.89
C ALA E 410 -13.83 -18.86 -8.72
N ALA E 411 -12.71 -18.28 -8.28
CA ALA E 411 -12.12 -17.15 -8.98
C ALA E 411 -11.68 -17.59 -10.36
N GLN E 412 -11.17 -18.82 -10.47
CA GLN E 412 -10.71 -19.30 -11.76
C GLN E 412 -11.93 -19.50 -12.68
N GLY E 413 -13.01 -20.02 -12.12
CA GLY E 413 -14.20 -20.23 -12.91
C GLY E 413 -14.65 -18.89 -13.44
N TYR E 414 -14.67 -17.91 -12.54
CA TYR E 414 -15.07 -16.53 -12.88
C TYR E 414 -14.17 -16.00 -14.00
N ARG E 415 -12.87 -16.15 -13.84
CA ARG E 415 -11.91 -15.66 -14.84
C ARG E 415 -12.08 -16.30 -16.21
N PHE E 416 -12.30 -17.61 -16.22
CA PHE E 416 -12.42 -18.34 -17.48
C PHE E 416 -13.86 -18.60 -17.94
N ARG E 417 -14.83 -17.88 -17.37
CA ARG E 417 -16.23 -18.04 -17.75
C ARG E 417 -16.71 -19.48 -17.66
N VAL E 418 -16.41 -20.13 -16.55
CA VAL E 418 -16.85 -21.49 -16.33
C VAL E 418 -17.71 -21.43 -15.08
N PRO E 419 -19.03 -21.64 -15.23
CA PRO E 419 -19.94 -21.60 -14.08
C PRO E 419 -19.32 -22.41 -12.96
N TYR E 420 -19.46 -21.93 -11.73
CA TYR E 420 -18.85 -22.60 -10.59
C TYR E 420 -19.72 -22.54 -9.35
N GLY E 421 -19.40 -23.41 -8.39
CA GLY E 421 -20.13 -23.47 -7.14
C GLY E 421 -19.32 -24.24 -6.11
N THR E 422 -19.62 -24.00 -4.86
CA THR E 422 -18.92 -24.64 -3.76
C THR E 422 -19.87 -25.18 -2.70
N LEU E 423 -19.77 -26.48 -2.39
CA LEU E 423 -20.59 -27.07 -1.35
C LEU E 423 -19.63 -27.89 -0.54
N LEU E 424 -19.24 -27.38 0.63
CA LEU E 424 -18.29 -28.07 1.47
C LEU E 424 -18.97 -28.77 2.63
N CYS E 425 -18.22 -29.67 3.26
CA CYS E 425 -18.69 -30.43 4.39
C CYS E 425 -17.74 -30.20 5.57
N VAL E 426 -18.29 -29.78 6.70
CA VAL E 426 -17.49 -29.52 7.87
C VAL E 426 -16.83 -30.80 8.38
N SER E 427 -15.51 -30.82 8.40
CA SER E 427 -14.77 -31.98 8.87
C SER E 427 -14.12 -31.74 10.23
N ASP E 428 -14.17 -30.49 10.71
CA ASP E 428 -13.58 -30.15 12.00
C ASP E 428 -14.04 -28.78 12.48
N LYS E 429 -13.81 -28.52 13.76
CA LYS E 429 -14.18 -27.25 14.34
C LYS E 429 -12.98 -26.72 15.12
N PRO E 430 -12.05 -26.05 14.42
CA PRO E 430 -10.80 -25.44 14.91
C PRO E 430 -10.96 -24.50 16.07
N LEU E 431 -12.02 -23.72 16.05
CA LEU E 431 -12.27 -22.76 17.10
C LEU E 431 -13.00 -23.32 18.31
N HIS E 432 -13.54 -24.53 18.20
CA HIS E 432 -14.27 -25.12 19.32
C HIS E 432 -13.81 -26.49 19.82
N GLY E 433 -12.50 -26.71 19.85
CA GLY E 433 -11.97 -27.97 20.37
C GLY E 433 -11.82 -29.17 19.46
N GLU E 434 -12.90 -29.55 18.78
CA GLU E 434 -12.87 -30.71 17.88
C GLU E 434 -12.01 -30.50 16.62
N ILE E 435 -10.72 -30.26 16.81
CA ILE E 435 -9.79 -30.06 15.70
C ILE E 435 -9.45 -31.46 15.16
N LYS E 436 -8.70 -31.52 14.06
CA LYS E 436 -8.33 -32.80 13.47
C LYS E 436 -7.12 -33.42 14.17
N GLY E 447 -18.83 -42.63 5.00
CA GLY E 447 -20.27 -42.54 5.21
C GLY E 447 -20.83 -41.19 4.77
N ALA E 448 -20.48 -40.14 5.51
CA ALA E 448 -20.92 -38.78 5.19
C ALA E 448 -20.40 -38.40 3.81
N ILE E 449 -19.32 -39.09 3.43
CA ILE E 449 -18.66 -38.87 2.14
C ILE E 449 -19.55 -39.32 0.99
N SER E 450 -20.35 -40.35 1.21
CA SER E 450 -21.22 -40.84 0.15
C SER E 450 -22.36 -39.86 -0.09
N GLU E 451 -22.97 -39.37 0.97
CA GLU E 451 -24.07 -38.42 0.83
C GLU E 451 -23.57 -37.11 0.18
N HIS E 452 -22.42 -36.64 0.66
CA HIS E 452 -21.82 -35.43 0.12
C HIS E 452 -21.63 -35.54 -1.37
N LEU E 453 -20.96 -36.61 -1.79
CA LEU E 453 -20.72 -36.85 -3.19
C LEU E 453 -22.03 -36.93 -3.97
N GLN E 454 -23.05 -37.56 -3.39
CA GLN E 454 -24.34 -37.68 -4.05
C GLN E 454 -24.97 -36.32 -4.30
N ILE E 455 -24.81 -35.41 -3.35
CA ILE E 455 -25.33 -34.05 -3.53
C ILE E 455 -24.65 -33.44 -4.76
N GLY E 456 -23.32 -33.59 -4.84
CA GLY E 456 -22.60 -33.06 -5.97
C GLY E 456 -23.13 -33.62 -7.28
N ILE E 457 -23.26 -34.94 -7.34
CA ILE E 457 -23.76 -35.64 -8.52
C ILE E 457 -25.18 -35.23 -8.87
N ARG E 458 -26.04 -35.13 -7.87
CA ARG E 458 -27.43 -34.74 -8.10
C ARG E 458 -27.47 -33.32 -8.65
N ALA E 459 -26.62 -32.45 -8.10
CA ALA E 459 -26.53 -31.07 -8.56
C ALA E 459 -26.14 -31.08 -10.02
N ILE E 460 -25.18 -31.93 -10.36
CA ILE E 460 -24.76 -32.04 -11.75
C ILE E 460 -25.97 -32.41 -12.60
N ASP E 461 -26.72 -33.42 -12.16
CA ASP E 461 -27.91 -33.88 -12.89
C ASP E 461 -28.89 -32.76 -13.13
N LEU E 462 -29.19 -32.02 -12.07
CA LEU E 462 -30.11 -30.90 -12.17
C LEU E 462 -29.61 -29.86 -13.16
N LEU E 463 -28.30 -29.59 -13.15
CA LEU E 463 -27.74 -28.59 -14.05
C LEU E 463 -27.70 -29.11 -15.50
N ARG E 464 -27.47 -30.41 -15.66
CA ARG E 464 -27.41 -31.00 -16.99
C ARG E 464 -28.77 -30.88 -17.68
N ALA E 465 -29.83 -31.20 -16.95
CA ALA E 465 -31.19 -31.12 -17.47
C ALA E 465 -31.53 -29.66 -17.72
N GLU E 466 -30.98 -28.79 -16.88
CA GLU E 466 -31.19 -27.35 -16.97
C GLU E 466 -30.95 -26.85 -18.40
N GLY E 467 -30.13 -27.58 -19.15
CA GLY E 467 -29.85 -27.19 -20.52
C GLY E 467 -28.92 -25.99 -20.59
N ASP E 468 -29.40 -24.91 -21.21
CA ASP E 468 -28.60 -23.69 -21.35
C ASP E 468 -28.80 -22.70 -20.20
N ARG E 469 -29.86 -22.90 -19.41
CA ARG E 469 -30.13 -22.02 -18.27
C ARG E 469 -28.90 -21.98 -17.37
N LEU E 470 -28.03 -22.97 -17.55
CA LEU E 470 -26.80 -23.07 -16.80
C LEU E 470 -25.95 -21.83 -17.01
N HIS E 471 -25.72 -21.47 -18.28
CA HIS E 471 -24.92 -20.31 -18.60
C HIS E 471 -25.75 -19.01 -18.59
N SER E 472 -25.23 -18.00 -17.89
CA SER E 472 -25.87 -16.70 -17.78
C SER E 472 -24.87 -15.66 -18.24
N ARG E 473 -25.20 -14.38 -18.07
CA ARG E 473 -24.31 -13.32 -18.50
C ARG E 473 -23.44 -12.79 -17.36
N LYS E 474 -23.60 -13.36 -16.17
CA LYS E 474 -22.84 -12.91 -14.99
C LYS E 474 -21.33 -12.98 -15.18
N LEU E 475 -20.86 -13.82 -16.10
CA LEU E 475 -19.41 -13.96 -16.31
C LEU E 475 -18.87 -13.30 -17.56
N ARG E 476 -19.77 -12.74 -18.37
CA ARG E 476 -19.38 -12.08 -19.61
C ARG E 476 -18.60 -10.80 -19.38
N THR E 477 -17.56 -10.62 -20.19
CA THR E 477 -16.69 -9.46 -20.16
C THR E 477 -17.20 -8.48 -21.25
N PHE E 478 -16.71 -7.25 -21.25
CA PHE E 478 -17.14 -6.28 -22.27
C PHE E 478 -16.68 -6.69 -23.66
N ASN E 479 -15.47 -7.24 -23.72
CA ASN E 479 -14.84 -7.69 -24.96
C ASN E 479 -14.97 -9.21 -25.08
N GLU E 480 -16.06 -9.76 -24.57
CA GLU E 480 -16.28 -11.19 -24.59
C GLU E 480 -16.15 -11.82 -25.96
N PRO E 481 -15.32 -12.86 -26.08
CA PRO E 481 -15.15 -13.54 -27.36
C PRO E 481 -16.47 -14.22 -27.72
N PRO E 482 -16.79 -14.34 -29.02
CA PRO E 482 -18.03 -14.97 -29.49
C PRO E 482 -18.22 -16.42 -28.99
N PHE E 483 -17.16 -17.22 -29.07
CA PHE E 483 -17.21 -18.61 -28.62
C PHE E 483 -17.42 -18.74 -27.11
N ARG E 484 -18.25 -19.69 -26.70
CA ARG E 484 -18.56 -19.92 -25.29
C ARG E 484 -17.32 -20.07 -24.40
N LEU F 8 18.86 -29.35 41.95
CA LEU F 8 18.34 -30.51 41.15
C LEU F 8 19.19 -30.68 39.89
N THR F 9 19.54 -31.92 39.56
CA THR F 9 20.39 -32.20 38.39
C THR F 9 19.66 -32.63 37.13
N PRO F 10 20.38 -32.63 35.99
CA PRO F 10 19.80 -33.02 34.70
C PRO F 10 19.09 -34.36 34.76
N ALA F 11 19.83 -35.40 35.14
CA ALA F 11 19.27 -36.75 35.24
C ALA F 11 18.06 -36.78 36.17
N GLN F 12 18.14 -36.04 37.28
CA GLN F 12 17.04 -35.98 38.24
C GLN F 12 15.82 -35.31 37.63
N ALA F 13 16.06 -34.19 36.94
CA ALA F 13 15.00 -33.43 36.30
C ALA F 13 14.27 -34.29 35.28
N LEU F 14 15.03 -35.04 34.48
CA LEU F 14 14.45 -35.92 33.47
C LEU F 14 13.54 -36.95 34.13
N ASP F 15 14.03 -37.57 35.19
CA ASP F 15 13.25 -38.57 35.91
C ASP F 15 11.96 -38.01 36.49
N LYS F 16 12.02 -36.82 37.08
CA LYS F 16 10.81 -36.25 37.65
C LYS F 16 9.81 -35.85 36.56
N LEU F 17 10.33 -35.40 35.42
CA LEU F 17 9.48 -35.02 34.30
C LEU F 17 8.73 -36.26 33.82
N ASP F 18 9.47 -37.35 33.61
CA ASP F 18 8.88 -38.61 33.19
C ASP F 18 7.78 -39.03 34.15
N ALA F 19 8.06 -38.91 35.44
CA ALA F 19 7.12 -39.29 36.47
C ALA F 19 5.84 -38.44 36.40
N LEU F 20 5.99 -37.14 36.59
CA LEU F 20 4.83 -36.26 36.55
C LEU F 20 4.02 -36.42 35.27
N TYR F 21 4.72 -36.56 34.14
CA TYR F 21 4.04 -36.70 32.85
C TYR F 21 3.27 -38.01 32.79
N GLU F 22 3.96 -39.12 33.02
CA GLU F 22 3.34 -40.44 33.02
C GLU F 22 2.12 -40.49 33.91
N GLN F 23 2.22 -39.86 35.08
CA GLN F 23 1.14 -39.81 36.04
C GLN F 23 -0.10 -39.11 35.50
N SER F 24 0.09 -37.93 34.94
CA SER F 24 -1.04 -37.16 34.40
C SER F 24 -1.73 -37.84 33.23
N VAL F 25 -0.95 -38.40 32.31
CA VAL F 25 -1.52 -39.07 31.14
C VAL F 25 -2.33 -40.28 31.60
N VAL F 26 -1.79 -41.01 32.57
CA VAL F 26 -2.48 -42.19 33.10
C VAL F 26 -3.73 -41.75 33.86
N ALA F 27 -3.61 -40.69 34.65
CA ALA F 27 -4.75 -40.17 35.39
C ALA F 27 -5.86 -39.67 34.45
N LEU F 28 -5.46 -39.12 33.31
CA LEU F 28 -6.42 -38.61 32.32
C LEU F 28 -7.07 -39.78 31.60
N ARG F 29 -6.25 -40.75 31.16
CA ARG F 29 -6.77 -41.92 30.46
C ARG F 29 -7.76 -42.66 31.35
N ASN F 30 -7.44 -42.68 32.64
CA ASN F 30 -8.27 -43.33 33.62
C ASN F 30 -9.63 -42.66 33.70
N ALA F 31 -9.63 -41.36 33.95
CA ALA F 31 -10.87 -40.58 34.05
C ALA F 31 -11.74 -40.72 32.79
N ILE F 32 -11.11 -40.79 31.63
CA ILE F 32 -11.85 -40.93 30.38
C ILE F 32 -12.54 -42.29 30.33
N GLY F 33 -11.84 -43.33 30.77
CA GLY F 33 -12.40 -44.66 30.78
C GLY F 33 -13.60 -44.71 31.69
N ASN F 34 -13.46 -44.12 32.87
CA ASN F 34 -14.53 -44.07 33.86
C ASN F 34 -15.78 -43.38 33.31
N TYR F 35 -15.59 -42.29 32.59
CA TYR F 35 -16.73 -41.56 32.02
C TYR F 35 -17.42 -42.39 30.95
N ILE F 36 -16.63 -42.96 30.04
CA ILE F 36 -17.18 -43.75 28.96
C ILE F 36 -17.99 -44.96 29.44
N THR F 37 -17.51 -45.61 30.51
CA THR F 37 -18.18 -46.79 31.04
C THR F 37 -19.28 -46.50 32.05
N SER F 38 -19.01 -45.62 33.01
CA SER F 38 -20.00 -45.31 34.02
C SER F 38 -20.43 -43.85 34.09
N GLY F 39 -20.18 -43.09 33.03
CA GLY F 39 -20.56 -41.69 33.00
C GLY F 39 -20.06 -40.88 34.19
N GLU F 40 -19.02 -41.38 34.84
CA GLU F 40 -18.43 -40.73 36.01
C GLU F 40 -17.51 -39.58 35.61
N LEU F 41 -17.59 -38.47 36.32
CA LEU F 41 -16.77 -37.29 36.05
C LEU F 41 -15.66 -37.11 37.10
N PRO F 42 -14.56 -36.43 36.72
CA PRO F 42 -13.43 -36.20 37.64
C PRO F 42 -13.81 -35.14 38.66
N ASP F 43 -13.09 -35.08 39.77
CA ASP F 43 -13.39 -34.09 40.80
C ASP F 43 -12.59 -32.82 40.59
N GLU F 44 -13.27 -31.68 40.62
CA GLU F 44 -12.65 -30.37 40.42
C GLU F 44 -11.41 -30.12 41.27
N ASN F 45 -11.42 -30.60 42.51
CA ASN F 45 -10.30 -30.39 43.40
C ASN F 45 -9.01 -31.05 42.93
N ALA F 46 -9.10 -32.32 42.53
CA ALA F 46 -7.92 -33.05 42.06
C ALA F 46 -7.30 -32.36 40.84
N ARG F 47 -8.13 -32.00 39.87
CA ARG F 47 -7.66 -31.33 38.67
C ARG F 47 -6.95 -30.03 39.02
N LYS F 48 -7.58 -29.23 39.88
CA LYS F 48 -7.00 -27.97 40.31
C LYS F 48 -5.70 -28.23 41.09
N GLN F 49 -5.40 -29.51 41.30
CA GLN F 49 -4.20 -29.88 42.03
C GLN F 49 -3.14 -30.48 41.12
N GLY F 50 -3.40 -30.47 39.82
CA GLY F 50 -2.46 -31.00 38.85
C GLY F 50 -2.67 -32.44 38.42
N LEU F 51 -3.92 -32.89 38.43
CA LEU F 51 -4.23 -34.26 38.03
C LEU F 51 -3.94 -34.53 36.55
N PHE F 52 -4.36 -33.61 35.68
CA PHE F 52 -4.17 -33.76 34.24
C PHE F 52 -3.13 -32.79 33.68
N VAL F 53 -2.38 -32.15 34.56
CA VAL F 53 -1.38 -31.15 34.17
C VAL F 53 -0.03 -31.63 33.61
N TYR F 54 0.53 -30.83 32.70
CA TYR F 54 1.83 -31.11 32.10
C TYR F 54 2.91 -30.73 33.10
N PRO F 55 4.07 -31.40 33.03
CA PRO F 55 5.15 -31.07 33.95
C PRO F 55 5.66 -29.68 33.57
N SER F 56 6.30 -28.99 34.50
CA SER F 56 6.83 -27.66 34.23
C SER F 56 8.32 -27.67 34.55
N LEU F 57 9.13 -27.24 33.60
CA LEU F 57 10.58 -27.20 33.76
C LEU F 57 11.05 -25.75 33.90
N THR F 58 11.72 -25.46 35.01
CA THR F 58 12.22 -24.12 35.28
C THR F 58 13.72 -24.12 35.48
N VAL F 59 14.40 -23.15 34.87
CA VAL F 59 15.84 -23.04 34.98
C VAL F 59 16.18 -21.60 35.35
N THR F 60 16.91 -21.42 36.45
CA THR F 60 17.28 -20.09 36.89
C THR F 60 18.79 -19.85 36.81
N TRP F 61 19.16 -18.59 36.57
CA TRP F 61 20.56 -18.18 36.47
C TRP F 61 20.74 -16.89 37.25
N ASP F 62 21.71 -16.87 38.15
CA ASP F 62 21.99 -15.70 38.99
C ASP F 62 22.71 -14.60 38.21
N GLY F 63 23.41 -14.98 37.14
CA GLY F 63 24.12 -14.00 36.33
C GLY F 63 25.62 -14.02 36.51
N SER F 64 26.09 -14.62 37.60
CA SER F 64 27.52 -14.68 37.87
C SER F 64 28.16 -15.93 37.28
N THR F 65 29.23 -15.72 36.51
CA THR F 65 29.97 -16.81 35.88
C THR F 65 31.30 -16.28 35.36
N THR F 66 32.36 -17.06 35.54
CA THR F 66 33.69 -16.67 35.09
C THR F 66 33.65 -16.10 33.67
N ASN F 67 33.67 -16.99 32.68
CA ASN F 67 33.61 -16.57 31.28
C ASN F 67 32.68 -17.51 30.50
N PRO F 68 31.38 -17.15 30.42
CA PRO F 68 30.34 -17.92 29.73
C PRO F 68 30.60 -18.04 28.23
N PRO F 69 29.93 -19.01 27.57
CA PRO F 69 30.08 -19.21 26.13
C PRO F 69 29.49 -18.02 25.38
N LYS F 70 30.35 -17.10 24.95
CA LYS F 70 29.91 -15.90 24.26
C LYS F 70 29.71 -16.13 22.76
N THR F 71 30.29 -17.19 22.24
CA THR F 71 30.19 -17.48 20.82
C THR F 71 29.26 -18.63 20.41
N ARG F 72 28.91 -19.49 21.36
CA ARG F 72 28.03 -20.62 21.08
C ARG F 72 26.69 -20.10 20.54
N ALA F 73 26.12 -20.84 19.60
CA ALA F 73 24.84 -20.48 18.99
C ALA F 73 23.62 -20.74 19.87
N PHE F 74 23.71 -21.75 20.73
CA PHE F 74 22.59 -22.10 21.60
C PHE F 74 23.02 -22.40 23.03
N GLY F 75 22.06 -22.74 23.87
CA GLY F 75 22.37 -23.05 25.24
C GLY F 75 23.02 -21.88 25.97
N ARG F 76 22.53 -20.67 25.73
CA ARG F 76 23.09 -19.47 26.38
C ARG F 76 22.04 -18.68 27.12
N PHE F 77 22.49 -17.78 27.97
CA PHE F 77 21.62 -16.90 28.74
C PHE F 77 21.94 -15.47 28.34
N THR F 78 20.91 -14.70 27.99
CA THR F 78 21.11 -13.31 27.60
C THR F 78 21.07 -12.42 28.83
N HIS F 79 20.46 -12.92 29.89
CA HIS F 79 20.34 -12.16 31.13
C HIS F 79 19.99 -13.10 32.27
N ALA F 80 20.05 -12.57 33.49
CA ALA F 80 19.74 -13.37 34.67
C ALA F 80 18.23 -13.45 34.86
N GLY F 81 17.79 -14.49 35.55
CA GLY F 81 16.37 -14.66 35.79
C GLY F 81 15.91 -16.10 35.67
N SER F 82 14.60 -16.28 35.63
CA SER F 82 14.00 -17.61 35.53
C SER F 82 13.39 -17.87 34.16
N TYR F 83 13.68 -19.06 33.63
CA TYR F 83 13.16 -19.47 32.33
C TYR F 83 12.36 -20.74 32.55
N THR F 84 11.11 -20.75 32.10
CA THR F 84 10.25 -21.91 32.29
C THR F 84 9.54 -22.35 31.01
N THR F 85 8.96 -23.55 31.05
CA THR F 85 8.24 -24.11 29.90
C THR F 85 7.54 -25.40 30.27
N THR F 86 6.33 -25.59 29.75
CA THR F 86 5.61 -26.82 30.01
C THR F 86 6.30 -27.87 29.16
N ILE F 87 6.20 -29.13 29.55
CA ILE F 87 6.86 -30.19 28.80
C ILE F 87 5.99 -31.40 28.54
N THR F 88 6.23 -32.04 27.40
CA THR F 88 5.45 -33.21 27.02
C THR F 88 6.41 -34.23 26.46
N ARG F 89 5.98 -35.49 26.47
CA ARG F 89 6.78 -36.60 25.96
C ARG F 89 8.26 -36.53 26.34
N PRO F 90 8.57 -36.53 27.65
CA PRO F 90 9.95 -36.47 28.15
C PRO F 90 10.82 -37.60 27.61
N THR F 91 10.23 -38.77 27.42
CA THR F 91 10.99 -39.91 26.91
C THR F 91 11.43 -39.64 25.49
N LEU F 92 10.50 -39.17 24.66
CA LEU F 92 10.79 -38.86 23.27
C LEU F 92 11.89 -37.78 23.18
N PHE F 93 11.84 -36.81 24.09
CA PHE F 93 12.80 -35.71 24.10
C PHE F 93 13.92 -35.88 25.13
N ARG F 94 14.16 -37.12 25.56
CA ARG F 94 15.19 -37.44 26.55
C ARG F 94 16.55 -36.87 26.18
N SER F 95 17.10 -37.30 25.04
CA SER F 95 18.41 -36.83 24.58
C SER F 95 18.48 -35.31 24.60
N TYR F 96 17.60 -34.70 23.80
CA TYR F 96 17.51 -33.25 23.67
C TYR F 96 17.47 -32.55 25.02
N LEU F 97 16.46 -32.87 25.81
CA LEU F 97 16.31 -32.27 27.13
C LEU F 97 17.54 -32.47 28.01
N ASN F 98 18.13 -33.66 27.95
CA ASN F 98 19.31 -33.93 28.75
C ASN F 98 20.45 -33.01 28.33
N GLU F 99 20.78 -33.05 27.05
CA GLU F 99 21.85 -32.24 26.52
C GLU F 99 21.67 -30.75 26.82
N GLN F 100 20.48 -30.23 26.60
CA GLN F 100 20.23 -28.82 26.85
C GLN F 100 20.38 -28.46 28.32
N LEU F 101 19.82 -29.27 29.20
CA LEU F 101 19.92 -29.00 30.62
C LEU F 101 21.37 -29.14 31.10
N THR F 102 22.10 -30.08 30.51
CA THR F 102 23.49 -30.27 30.89
C THR F 102 24.30 -29.01 30.58
N LEU F 103 24.10 -28.43 29.39
CA LEU F 103 24.82 -27.22 29.02
C LEU F 103 24.60 -26.09 29.99
N LEU F 104 23.35 -25.85 30.37
CA LEU F 104 23.04 -24.76 31.29
C LEU F 104 23.51 -25.07 32.70
N TYR F 105 23.54 -26.34 33.04
CA TYR F 105 23.97 -26.80 34.37
C TYR F 105 25.47 -26.64 34.56
N GLN F 106 26.25 -27.16 33.62
CA GLN F 106 27.71 -27.12 33.70
C GLN F 106 28.40 -25.84 33.26
N ASP F 107 27.78 -25.07 32.37
CA ASP F 107 28.40 -23.84 31.90
C ASP F 107 27.98 -22.58 32.63
N TYR F 108 26.84 -22.64 33.33
CA TYR F 108 26.36 -21.48 34.07
C TYR F 108 26.01 -21.84 35.50
N GLY F 109 26.01 -23.13 35.82
CA GLY F 109 25.65 -23.55 37.16
C GLY F 109 24.25 -23.08 37.44
N ALA F 110 23.33 -23.44 36.54
CA ALA F 110 21.93 -23.04 36.65
C ALA F 110 21.12 -23.93 37.58
N HIS F 111 20.12 -23.32 38.20
CA HIS F 111 19.24 -24.00 39.13
C HIS F 111 18.03 -24.64 38.44
N ILE F 112 18.06 -25.96 38.31
CA ILE F 112 16.97 -26.70 37.66
C ILE F 112 15.90 -27.14 38.65
N SER F 113 14.63 -27.05 38.24
CA SER F 113 13.52 -27.46 39.10
C SER F 113 12.32 -27.90 38.28
N VAL F 114 11.66 -28.97 38.72
CA VAL F 114 10.49 -29.50 38.03
C VAL F 114 9.27 -29.47 38.95
N GLN F 115 8.10 -29.19 38.38
CA GLN F 115 6.87 -29.13 39.16
C GLN F 115 5.65 -29.10 38.25
N PRO F 116 4.48 -29.48 38.76
CA PRO F 116 3.26 -29.46 37.94
C PRO F 116 2.94 -28.05 37.43
N SER F 117 2.50 -27.98 36.18
CA SER F 117 2.15 -26.69 35.59
C SER F 117 0.68 -26.37 35.88
N GLN F 118 0.18 -25.33 35.23
CA GLN F 118 -1.21 -24.92 35.38
C GLN F 118 -1.97 -25.27 34.11
N HIS F 119 -1.30 -26.02 33.23
CA HIS F 119 -1.90 -26.40 31.96
C HIS F 119 -2.25 -27.88 31.87
N GLU F 120 -3.52 -28.16 31.60
CA GLU F 120 -3.97 -29.54 31.49
C GLU F 120 -3.73 -30.07 30.09
N ILE F 121 -3.49 -31.38 30.01
CA ILE F 121 -3.25 -32.05 28.74
C ILE F 121 -4.57 -32.30 28.04
N PRO F 122 -4.72 -31.80 26.80
CA PRO F 122 -5.98 -32.02 26.07
C PRO F 122 -6.16 -33.53 25.88
N TYR F 123 -7.33 -34.04 26.27
CA TYR F 123 -7.59 -35.48 26.19
C TYR F 123 -7.27 -36.17 24.84
N PRO F 124 -7.48 -35.47 23.71
CA PRO F 124 -7.17 -36.14 22.45
C PRO F 124 -5.72 -36.64 22.33
N TYR F 125 -4.80 -36.01 23.06
CA TYR F 125 -3.40 -36.42 22.97
C TYR F 125 -3.01 -37.62 23.84
N VAL F 126 -3.96 -38.20 24.57
CA VAL F 126 -3.63 -39.34 25.42
C VAL F 126 -4.31 -40.62 24.95
N ILE F 127 -5.03 -40.54 23.83
CA ILE F 127 -5.73 -41.68 23.29
C ILE F 127 -4.99 -42.24 22.08
N LEU F 134 -14.34 -45.10 17.18
CA LEU F 134 -14.91 -44.49 18.37
C LEU F 134 -16.36 -44.05 18.11
N ASP F 135 -16.75 -42.91 18.68
CA ASP F 135 -18.11 -42.39 18.54
C ASP F 135 -18.15 -40.87 18.35
N ARG F 136 -19.35 -40.29 18.53
CA ARG F 136 -19.54 -38.84 18.40
C ARG F 136 -20.50 -38.24 19.42
N SER F 137 -21.29 -39.07 20.09
CA SER F 137 -22.23 -38.57 21.10
C SER F 137 -21.41 -38.25 22.37
N MSE F 138 -20.46 -39.12 22.65
CA MSE F 138 -19.54 -38.98 23.78
C MSE F 138 -18.70 -37.73 23.54
O MSE F 138 -18.35 -37.01 24.47
CB MSE F 138 -18.62 -40.19 23.87
CG MSE F 138 -19.28 -41.48 24.37
SE MSE F 138 -19.60 -41.50 26.29
CE MSE F 138 -21.28 -40.54 26.35
N SER F 139 -18.40 -37.48 22.27
CA SER F 139 -17.60 -36.32 21.88
C SER F 139 -18.19 -35.06 22.49
N ALA F 140 -19.51 -35.04 22.66
CA ALA F 140 -20.20 -33.90 23.25
C ALA F 140 -19.90 -33.78 24.74
N GLY F 141 -19.90 -34.92 25.43
CA GLY F 141 -19.61 -34.90 26.85
C GLY F 141 -18.14 -34.68 27.15
N LEU F 142 -17.27 -35.43 26.45
CA LEU F 142 -15.83 -35.31 26.64
C LEU F 142 -15.38 -33.85 26.59
N THR F 143 -15.69 -33.18 25.49
CA THR F 143 -15.31 -31.78 25.31
C THR F 143 -15.95 -30.86 26.35
N ARG F 144 -16.97 -31.36 27.04
CA ARG F 144 -17.66 -30.56 28.05
C ARG F 144 -17.03 -30.69 29.44
N TYR F 145 -16.71 -31.92 29.82
CA TYR F 145 -16.14 -32.19 31.14
C TYR F 145 -14.63 -32.43 31.17
N PHE F 146 -14.01 -32.57 30.00
CA PHE F 146 -12.58 -32.82 29.94
C PHE F 146 -11.79 -31.73 29.22
N PRO F 147 -10.46 -31.76 29.34
CA PRO F 147 -9.61 -30.76 28.69
C PRO F 147 -9.58 -30.92 27.17
N THR F 148 -9.84 -29.82 26.47
CA THR F 148 -9.80 -29.83 25.01
C THR F 148 -8.84 -28.75 24.54
N THR F 149 -8.86 -28.46 23.25
CA THR F 149 -7.97 -27.46 22.69
C THR F 149 -8.65 -26.10 22.53
N PHE F 168 10.72 -14.90 34.40
CA PHE F 168 9.81 -15.86 33.79
C PHE F 168 9.74 -15.73 32.26
N SER F 169 10.82 -16.08 31.60
CA SER F 169 10.91 -16.03 30.15
C SER F 169 10.83 -17.44 29.55
N PRO F 170 10.50 -17.54 28.26
CA PRO F 170 10.40 -18.87 27.64
C PRO F 170 11.73 -19.61 27.71
N LEU F 171 11.70 -20.86 28.17
CA LEU F 171 12.93 -21.66 28.24
C LEU F 171 13.22 -22.26 26.88
N SER F 172 12.16 -22.49 26.10
CA SER F 172 12.33 -23.08 24.78
C SER F 172 11.44 -22.39 23.75
N HIS F 173 11.59 -22.80 22.49
CA HIS F 173 10.83 -22.20 21.41
C HIS F 173 9.35 -22.55 21.43
N PHE F 174 9.04 -23.82 21.72
CA PHE F 174 7.65 -24.28 21.74
C PHE F 174 7.23 -24.86 23.07
N ASP F 175 5.97 -24.69 23.45
CA ASP F 175 5.51 -25.25 24.71
C ASP F 175 4.76 -26.57 24.46
N ALA F 176 4.52 -27.30 25.55
CA ALA F 176 3.85 -28.59 25.50
C ALA F 176 2.66 -28.66 24.55
N ARG F 177 1.74 -27.70 24.66
CA ARG F 177 0.58 -27.70 23.79
C ARG F 177 1.01 -27.68 22.32
N ARG F 178 1.86 -26.72 21.96
CA ARG F 178 2.34 -26.58 20.59
C ARG F 178 3.06 -27.84 20.10
N VAL F 179 3.83 -28.47 20.98
CA VAL F 179 4.56 -29.67 20.59
C VAL F 179 3.64 -30.86 20.37
N ASP F 180 2.70 -31.08 21.26
CA ASP F 180 1.78 -32.21 21.09
C ASP F 180 1.00 -32.02 19.81
N PHE F 181 0.59 -30.77 19.57
CA PHE F 181 -0.16 -30.41 18.37
C PHE F 181 0.59 -30.84 17.12
N SER F 182 1.87 -30.48 17.04
CA SER F 182 2.67 -30.83 15.87
C SER F 182 3.07 -32.31 15.75
N LEU F 183 3.25 -32.99 16.88
CA LEU F 183 3.62 -34.40 16.83
C LEU F 183 2.47 -35.19 16.21
N ALA F 184 1.25 -34.91 16.68
CA ALA F 184 0.08 -35.58 16.15
C ALA F 184 0.00 -35.35 14.65
N ARG F 185 0.16 -34.10 14.25
CA ARG F 185 0.10 -33.73 12.84
C ARG F 185 1.21 -34.36 11.99
N LEU F 186 2.43 -34.38 12.53
CA LEU F 186 3.54 -34.98 11.82
C LEU F 186 3.21 -36.41 11.39
N ARG F 187 2.69 -37.21 12.32
CA ARG F 187 2.34 -38.59 12.01
C ARG F 187 1.28 -38.62 10.91
N HIS F 188 0.32 -37.73 11.01
CA HIS F 188 -0.74 -37.66 10.02
C HIS F 188 -0.25 -37.37 8.59
N TYR F 189 0.61 -36.38 8.43
CA TYR F 189 1.12 -36.02 7.10
C TYR F 189 2.19 -36.96 6.59
N THR F 190 2.95 -37.49 7.55
CA THR F 190 4.07 -38.37 7.28
C THR F 190 3.83 -39.88 7.15
N GLY F 191 2.87 -40.40 7.92
CA GLY F 191 2.59 -41.83 7.91
C GLY F 191 3.78 -42.52 8.56
N THR F 192 4.27 -41.92 9.63
CA THR F 192 5.42 -42.43 10.34
C THR F 192 5.40 -41.99 11.81
N PRO F 193 5.90 -42.84 12.71
CA PRO F 193 5.90 -42.50 14.14
C PRO F 193 6.97 -41.44 14.35
N VAL F 194 6.67 -40.43 15.15
CA VAL F 194 7.61 -39.36 15.40
C VAL F 194 8.93 -39.78 16.06
N GLU F 195 8.93 -40.94 16.71
CA GLU F 195 10.16 -41.42 17.37
C GLU F 195 11.22 -41.86 16.37
N HIS F 196 10.85 -42.02 15.10
CA HIS F 196 11.80 -42.45 14.07
C HIS F 196 12.51 -41.33 13.30
N PHE F 197 12.05 -40.10 13.49
CA PHE F 197 12.64 -38.95 12.80
C PHE F 197 14.10 -38.72 13.19
N GLN F 198 14.97 -38.56 12.20
CA GLN F 198 16.40 -38.31 12.44
C GLN F 198 16.68 -36.80 12.39
N PRO F 199 17.80 -36.35 13.00
CA PRO F 199 18.19 -34.94 13.04
C PRO F 199 18.57 -34.32 11.70
N PHE F 200 18.92 -35.15 10.72
CA PHE F 200 19.31 -34.62 9.42
C PHE F 200 18.23 -34.87 8.42
N VAL F 201 17.56 -33.79 7.98
CA VAL F 201 16.44 -33.91 7.06
C VAL F 201 16.68 -33.46 5.63
N LEU F 202 16.08 -34.20 4.71
CA LEU F 202 16.16 -33.94 3.28
C LEU F 202 14.73 -33.78 2.78
N PHE F 203 14.49 -32.76 1.96
CA PHE F 203 13.16 -32.51 1.40
C PHE F 203 13.21 -32.63 -0.11
N THR F 204 12.24 -33.32 -0.71
CA THR F 204 12.22 -33.41 -2.16
C THR F 204 10.81 -33.22 -2.67
N ASN F 205 10.72 -32.70 -3.87
CA ASN F 205 9.45 -32.44 -4.52
C ASN F 205 9.33 -33.37 -5.72
N TYR F 206 10.14 -34.42 -5.75
CA TYR F 206 10.10 -35.39 -6.84
C TYR F 206 10.12 -36.82 -6.34
N THR F 207 9.02 -37.52 -6.63
CA THR F 207 8.79 -38.90 -6.22
C THR F 207 9.96 -39.89 -6.39
N ARG F 208 10.54 -39.89 -7.58
CA ARG F 208 11.65 -40.78 -7.88
C ARG F 208 12.78 -40.74 -6.86
N TYR F 209 12.91 -39.63 -6.14
CA TYR F 209 13.97 -39.51 -5.16
C TYR F 209 13.80 -40.50 -4.00
N VAL F 210 12.56 -40.80 -3.61
CA VAL F 210 12.39 -41.72 -2.50
C VAL F 210 12.72 -43.14 -2.93
N ASP F 211 12.41 -43.46 -4.20
CA ASP F 211 12.71 -44.79 -4.72
C ASP F 211 14.20 -44.99 -4.54
N GLU F 212 14.97 -44.04 -5.07
CA GLU F 212 16.41 -44.05 -5.00
C GLU F 212 16.91 -44.07 -3.54
N PHE F 213 16.28 -43.27 -2.68
CA PHE F 213 16.68 -43.21 -1.27
C PHE F 213 16.49 -44.55 -0.57
N VAL F 214 15.34 -45.17 -0.78
CA VAL F 214 15.02 -46.45 -0.17
C VAL F 214 16.00 -47.53 -0.65
N ARG F 215 16.25 -47.56 -1.96
CA ARG F 215 17.17 -48.53 -2.54
C ARG F 215 18.52 -48.38 -1.83
N TRP F 216 19.10 -47.18 -1.90
CA TRP F 216 20.37 -46.89 -1.25
C TRP F 216 20.28 -47.22 0.24
N GLY F 217 19.13 -46.96 0.84
CA GLY F 217 18.94 -47.22 2.26
C GLY F 217 18.99 -48.69 2.63
N CYS F 218 18.23 -49.53 1.92
CA CYS F 218 18.20 -50.96 2.18
C CYS F 218 19.61 -51.51 2.01
N SER F 219 20.27 -51.06 0.94
CA SER F 219 21.63 -51.45 0.63
C SER F 219 22.58 -51.15 1.79
N GLN F 220 22.43 -49.99 2.41
CA GLN F 220 23.27 -49.61 3.53
C GLN F 220 23.01 -50.46 4.75
N ILE F 221 21.76 -50.89 4.93
CA ILE F 221 21.39 -51.70 6.08
C ILE F 221 22.05 -53.10 6.02
N LEU F 222 22.23 -53.61 4.80
CA LEU F 222 22.85 -54.92 4.59
C LEU F 222 24.37 -54.87 4.78
N ASP F 223 24.96 -53.69 4.71
CA ASP F 223 26.40 -53.54 4.91
C ASP F 223 26.69 -53.36 6.39
N PRO F 224 27.42 -54.33 6.98
CA PRO F 224 27.81 -54.38 8.39
C PRO F 224 28.67 -53.19 8.84
N ASP F 225 29.27 -52.49 7.89
CA ASP F 225 30.11 -51.35 8.23
C ASP F 225 29.32 -50.05 8.27
N SER F 226 28.08 -50.08 7.78
CA SER F 226 27.23 -48.89 7.79
C SER F 226 26.48 -48.77 9.11
N PRO F 227 26.41 -47.55 9.65
CA PRO F 227 25.73 -47.25 10.91
C PRO F 227 24.21 -47.40 10.81
N TYR F 228 23.73 -47.46 9.56
CA TYR F 228 22.30 -47.58 9.29
C TYR F 228 21.77 -48.98 9.57
N ILE F 229 20.93 -49.09 10.59
CA ILE F 229 20.36 -50.38 10.99
C ILE F 229 18.88 -50.59 10.75
N ALA F 230 18.15 -49.53 10.41
CA ALA F 230 16.72 -49.68 10.16
C ALA F 230 16.16 -48.63 9.20
N LEU F 231 14.99 -48.91 8.65
CA LEU F 231 14.34 -48.01 7.71
C LEU F 231 12.85 -47.93 7.98
N SER F 232 12.41 -46.85 8.65
CA SER F 232 11.00 -46.67 8.92
C SER F 232 10.36 -46.18 7.62
N CYS F 233 9.28 -46.80 7.21
CA CYS F 233 8.64 -46.40 5.96
C CYS F 233 7.26 -45.83 6.17
N ALA F 234 6.88 -44.92 5.29
CA ALA F 234 5.57 -44.28 5.34
C ALA F 234 4.57 -45.41 5.12
N GLY F 235 3.63 -45.55 6.05
CA GLY F 235 2.65 -46.61 5.94
C GLY F 235 2.78 -47.56 7.11
N GLY F 236 4.01 -47.82 7.55
CA GLY F 236 4.20 -48.71 8.69
C GLY F 236 5.41 -49.63 8.62
N ASN F 237 5.74 -50.09 7.43
CA ASN F 237 6.88 -50.99 7.23
C ASN F 237 8.13 -50.61 8.01
N TRP F 238 8.77 -51.62 8.60
CA TRP F 238 9.98 -51.43 9.38
C TRP F 238 11.04 -52.40 8.89
N ILE F 239 11.77 -52.00 7.85
CA ILE F 239 12.81 -52.84 7.28
C ILE F 239 14.07 -52.83 8.14
N THR F 240 14.67 -54.01 8.26
CA THR F 240 15.88 -54.22 9.03
C THR F 240 16.74 -55.29 8.34
N ALA F 241 17.92 -55.58 8.88
CA ALA F 241 18.79 -56.57 8.30
C ALA F 241 18.14 -57.97 8.34
N GLU F 242 17.27 -58.18 9.33
CA GLU F 242 16.58 -59.46 9.50
C GLU F 242 15.20 -59.44 8.86
N THR F 243 15.09 -58.82 7.69
CA THR F 243 13.79 -58.73 7.03
C THR F 243 13.57 -59.71 5.89
N GLU F 244 12.35 -60.26 5.83
CA GLU F 244 11.96 -61.22 4.81
C GLU F 244 11.64 -60.47 3.51
N ALA F 245 12.61 -60.41 2.61
CA ALA F 245 12.43 -59.73 1.33
C ALA F 245 12.08 -58.26 1.54
N PRO F 246 13.10 -57.40 1.68
CA PRO F 246 12.93 -55.96 1.89
C PRO F 246 12.33 -55.24 0.67
N GLU F 247 11.44 -55.93 -0.04
CA GLU F 247 10.79 -55.37 -1.23
C GLU F 247 9.56 -54.58 -0.77
N GLU F 248 9.11 -54.90 0.45
CA GLU F 248 7.93 -54.27 1.06
C GLU F 248 8.21 -52.81 1.43
N ALA F 249 9.41 -52.34 1.14
CA ALA F 249 9.84 -50.98 1.46
C ALA F 249 8.84 -49.89 1.07
N ILE F 250 8.78 -49.55 -0.21
CA ILE F 250 7.87 -48.52 -0.69
C ILE F 250 6.45 -49.02 -0.95
N SER F 251 5.55 -48.71 -0.03
CA SER F 251 4.14 -49.09 -0.17
C SER F 251 3.49 -48.05 -1.08
N ASP F 252 3.07 -48.47 -2.27
CA ASP F 252 2.45 -47.55 -3.22
C ASP F 252 1.26 -46.79 -2.62
N LEU F 253 0.57 -47.43 -1.69
CA LEU F 253 -0.59 -46.84 -1.05
C LEU F 253 -0.19 -45.65 -0.16
N ALA F 254 1.11 -45.47 0.03
CA ALA F 254 1.63 -44.38 0.87
C ALA F 254 1.25 -42.99 0.37
N TRP F 255 1.39 -42.77 -0.93
CA TRP F 255 1.06 -41.47 -1.51
C TRP F 255 -0.42 -41.17 -1.53
N LYS F 256 -1.25 -42.19 -1.38
CA LYS F 256 -2.67 -41.97 -1.37
C LYS F 256 -3.17 -41.63 0.02
N LYS F 257 -2.60 -42.24 1.06
CA LYS F 257 -3.09 -41.95 2.40
C LYS F 257 -2.29 -40.90 3.17
N HIS F 258 -1.13 -40.51 2.64
CA HIS F 258 -0.33 -39.49 3.29
C HIS F 258 0.11 -38.39 2.31
N GLN F 259 -0.22 -37.16 2.69
CA GLN F 259 0.09 -36.01 1.87
C GLN F 259 1.59 -35.79 1.66
N MSE F 260 2.40 -36.07 2.68
CA MSE F 260 3.84 -35.88 2.59
C MSE F 260 4.57 -37.03 3.29
O MSE F 260 5.10 -36.87 4.40
CB MSE F 260 4.22 -34.55 3.20
CG MSE F 260 3.55 -33.39 2.47
SE MSE F 260 3.58 -31.66 3.38
CE MSE F 260 2.04 -31.92 4.53
N PRO F 261 4.64 -38.20 2.63
CA PRO F 261 5.27 -39.44 3.12
C PRO F 261 6.73 -39.24 3.51
N ALA F 262 7.14 -39.86 4.60
CA ALA F 262 8.53 -39.74 5.04
C ALA F 262 9.19 -41.13 5.11
N TRP F 263 10.52 -41.15 5.13
CA TRP F 263 11.31 -42.37 5.20
C TRP F 263 12.53 -42.12 6.07
N HIS F 264 12.69 -42.91 7.12
CA HIS F 264 13.81 -42.70 8.02
C HIS F 264 14.87 -43.80 7.99
N LEU F 265 16.11 -43.41 7.75
CA LEU F 265 17.24 -44.34 7.76
C LEU F 265 17.84 -44.07 9.13
N ILE F 266 17.56 -44.98 10.06
CA ILE F 266 18.00 -44.86 11.44
C ILE F 266 19.36 -45.46 11.82
N THR F 267 19.97 -44.93 12.87
CA THR F 267 21.24 -45.44 13.37
C THR F 267 21.04 -45.65 14.86
N ALA F 268 21.90 -46.45 15.48
CA ALA F 268 21.77 -46.72 16.90
C ALA F 268 21.71 -45.44 17.74
N ASP F 269 22.54 -44.48 17.39
CA ASP F 269 22.59 -43.22 18.14
C ASP F 269 21.64 -42.14 17.62
N GLY F 270 20.68 -42.52 16.78
CA GLY F 270 19.72 -41.57 16.25
C GLY F 270 20.33 -40.38 15.53
N GLN F 271 21.23 -40.66 14.59
CA GLN F 271 21.91 -39.63 13.82
C GLN F 271 21.85 -40.01 12.36
N GLY F 272 20.73 -40.63 11.98
CA GLY F 272 20.55 -41.05 10.60
C GLY F 272 20.06 -39.92 9.70
N ILE F 273 19.30 -40.30 8.67
CA ILE F 273 18.79 -39.34 7.72
C ILE F 273 17.29 -39.53 7.51
N THR F 274 16.54 -38.45 7.56
CA THR F 274 15.11 -38.52 7.31
C THR F 274 14.84 -37.86 5.96
N LEU F 275 14.00 -38.47 5.15
CA LEU F 275 13.65 -37.92 3.84
C LEU F 275 12.15 -37.71 3.79
N VAL F 276 11.72 -36.48 3.49
CA VAL F 276 10.31 -36.19 3.41
C VAL F 276 9.96 -35.73 2.02
N ASN F 277 8.99 -36.38 1.39
CA ASN F 277 8.56 -35.99 0.05
C ASN F 277 7.45 -34.98 0.27
N ILE F 278 7.80 -33.69 0.26
CA ILE F 278 6.83 -32.62 0.56
C ILE F 278 5.76 -32.33 -0.47
N GLY F 279 5.91 -32.83 -1.68
CA GLY F 279 4.88 -32.55 -2.66
C GLY F 279 5.10 -31.20 -3.29
N VAL F 280 4.03 -30.48 -3.60
CA VAL F 280 4.23 -29.20 -4.26
C VAL F 280 3.46 -28.01 -3.72
N GLY F 281 4.14 -26.87 -3.72
CA GLY F 281 3.53 -25.63 -3.28
C GLY F 281 4.07 -25.07 -1.98
N PRO F 282 4.04 -23.74 -1.84
CA PRO F 282 4.52 -23.08 -0.63
C PRO F 282 3.66 -23.44 0.59
N SER F 283 2.36 -23.58 0.37
CA SER F 283 1.42 -23.91 1.45
C SER F 283 1.83 -25.17 2.18
N ASN F 284 2.15 -26.20 1.42
CA ASN F 284 2.51 -27.46 2.01
C ASN F 284 3.90 -27.42 2.61
N ALA F 285 4.81 -26.67 1.96
CA ALA F 285 6.15 -26.54 2.47
C ALA F 285 6.05 -25.87 3.84
N LYS F 286 5.19 -24.86 3.95
CA LYS F 286 5.05 -24.18 5.23
C LYS F 286 4.50 -25.11 6.29
N THR F 287 3.44 -25.82 5.94
CA THR F 287 2.80 -26.76 6.86
C THR F 287 3.76 -27.78 7.46
N ILE F 288 4.47 -28.52 6.62
CA ILE F 288 5.37 -29.52 7.13
C ILE F 288 6.46 -28.94 8.02
N CYS F 289 7.04 -27.80 7.65
CA CYS F 289 8.07 -27.21 8.48
C CYS F 289 7.53 -26.75 9.82
N ASP F 290 6.30 -26.22 9.84
CA ASP F 290 5.67 -25.80 11.08
C ASP F 290 5.74 -26.93 12.13
N HIS F 291 5.53 -28.17 11.69
CA HIS F 291 5.52 -29.29 12.61
C HIS F 291 6.90 -29.88 12.88
N LEU F 292 7.65 -30.13 11.81
CA LEU F 292 8.98 -30.70 11.96
C LEU F 292 9.86 -29.86 12.89
N ALA F 293 9.61 -28.55 12.93
CA ALA F 293 10.41 -27.67 13.77
C ALA F 293 10.43 -28.06 15.26
N VAL F 294 9.33 -28.61 15.77
CA VAL F 294 9.31 -28.96 17.19
C VAL F 294 10.27 -30.10 17.55
N LEU F 295 10.68 -30.88 16.56
CA LEU F 295 11.63 -31.97 16.83
C LEU F 295 13.07 -31.43 16.89
N ARG F 296 13.22 -30.12 16.69
CA ARG F 296 14.51 -29.47 16.72
C ARG F 296 15.60 -30.16 15.89
N PRO F 297 15.38 -30.31 14.57
CA PRO F 297 16.35 -30.94 13.67
C PRO F 297 17.68 -30.18 13.73
N ASP F 298 18.74 -30.79 13.20
CA ASP F 298 20.02 -30.13 13.19
C ASP F 298 20.16 -29.38 11.88
N VAL F 299 19.40 -29.82 10.87
CA VAL F 299 19.44 -29.17 9.58
C VAL F 299 18.46 -29.80 8.60
N TRP F 300 17.95 -29.00 7.68
CA TRP F 300 17.10 -29.57 6.63
C TRP F 300 17.50 -28.94 5.31
N LEU F 301 17.66 -29.78 4.29
CA LEU F 301 18.09 -29.36 2.97
C LEU F 301 17.04 -29.63 1.94
N MSE F 302 16.89 -28.69 1.01
CA MSE F 302 15.92 -28.84 -0.06
C MSE F 302 16.67 -29.41 -1.26
O MSE F 302 17.53 -28.75 -1.83
CB MSE F 302 15.34 -27.46 -0.41
CG MSE F 302 14.35 -27.48 -1.57
SE MSE F 302 12.69 -28.46 -1.26
CE MSE F 302 12.72 -29.59 -2.82
N ILE F 303 16.34 -30.65 -1.60
CA ILE F 303 16.94 -31.33 -2.75
C ILE F 303 15.79 -31.62 -3.71
N GLY F 304 15.62 -30.76 -4.70
CA GLY F 304 14.52 -30.95 -5.63
C GLY F 304 14.74 -30.35 -7.01
N HIS F 305 13.69 -30.40 -7.82
CA HIS F 305 13.73 -29.88 -9.17
C HIS F 305 13.40 -28.38 -9.20
N CYS F 306 13.80 -27.73 -10.28
CA CYS F 306 13.54 -26.31 -10.45
C CYS F 306 13.64 -26.01 -11.93
N GLY F 307 13.19 -24.82 -12.32
CA GLY F 307 13.30 -24.43 -13.71
C GLY F 307 14.53 -23.55 -13.82
N GLY F 308 15.33 -23.76 -14.85
CA GLY F 308 16.52 -22.96 -15.05
C GLY F 308 16.14 -21.74 -15.87
N LEU F 309 16.55 -20.55 -15.43
CA LEU F 309 16.20 -19.34 -16.15
C LEU F 309 17.29 -18.77 -17.07
N ARG F 310 18.50 -19.32 -17.01
CA ARG F 310 19.63 -18.83 -17.81
C ARG F 310 19.90 -19.68 -19.04
N GLU F 311 20.16 -19.04 -20.18
CA GLU F 311 20.44 -19.76 -21.42
C GLU F 311 21.64 -20.70 -21.30
N SER F 312 22.64 -20.29 -20.53
CA SER F 312 23.84 -21.11 -20.36
C SER F 312 23.61 -22.34 -19.48
N GLN F 313 22.44 -22.44 -18.88
CA GLN F 313 22.11 -23.58 -18.03
C GLN F 313 21.65 -24.77 -18.85
N ALA F 314 22.04 -25.96 -18.43
CA ALA F 314 21.64 -27.17 -19.13
C ALA F 314 20.84 -28.04 -18.17
N ILE F 315 19.82 -28.71 -18.69
CA ILE F 315 19.01 -29.60 -17.87
C ILE F 315 19.95 -30.56 -17.19
N GLY F 316 19.83 -30.69 -15.89
CA GLY F 316 20.71 -31.58 -15.18
C GLY F 316 21.71 -30.82 -14.33
N ASP F 317 21.89 -29.53 -14.63
CA ASP F 317 22.81 -28.70 -13.87
C ASP F 317 22.27 -28.44 -12.47
N TYR F 318 23.16 -27.98 -11.59
CA TYR F 318 22.77 -27.71 -10.22
C TYR F 318 22.75 -26.23 -9.90
N VAL F 319 21.86 -25.86 -8.99
CA VAL F 319 21.74 -24.48 -8.55
C VAL F 319 21.85 -24.48 -7.03
N LEU F 320 22.78 -23.69 -6.51
CA LEU F 320 22.98 -23.55 -5.07
C LEU F 320 22.47 -22.15 -4.77
N ALA F 321 21.36 -22.07 -4.05
CA ALA F 321 20.76 -20.79 -3.73
C ALA F 321 21.55 -19.99 -2.72
N HIS F 322 21.89 -18.74 -3.05
CA HIS F 322 22.62 -17.90 -2.10
C HIS F 322 21.67 -16.83 -1.58
N ALA F 323 20.45 -16.83 -2.11
CA ALA F 323 19.45 -15.85 -1.73
C ALA F 323 18.14 -16.26 -2.36
N TYR F 324 17.04 -15.72 -1.85
CA TYR F 324 15.73 -16.08 -2.37
C TYR F 324 14.82 -14.87 -2.68
N LEU F 325 14.14 -14.92 -3.80
CA LEU F 325 13.16 -13.88 -4.13
C LEU F 325 11.84 -14.53 -3.68
N ARG F 326 11.37 -14.13 -2.51
CA ARG F 326 10.15 -14.65 -1.93
C ARG F 326 8.83 -14.21 -2.56
N ASP F 327 8.42 -14.87 -3.64
CA ASP F 327 7.15 -14.56 -4.30
C ASP F 327 6.17 -15.69 -3.96
N ASP F 328 6.32 -16.27 -2.77
CA ASP F 328 5.47 -17.38 -2.33
C ASP F 328 4.26 -16.96 -1.50
N HIS F 329 4.26 -15.72 -1.03
CA HIS F 329 3.17 -15.12 -0.24
C HIS F 329 2.83 -15.72 1.10
N VAL F 330 2.75 -17.04 1.14
CA VAL F 330 2.36 -17.75 2.34
C VAL F 330 2.93 -17.30 3.68
N LEU F 331 4.17 -16.76 3.71
CA LEU F 331 4.72 -16.33 4.99
C LEU F 331 4.86 -14.81 5.13
N ASP F 332 4.29 -14.05 4.19
CA ASP F 332 4.41 -12.60 4.25
C ASP F 332 3.97 -11.95 5.56
N ALA F 333 2.86 -12.39 6.11
CA ALA F 333 2.35 -11.80 7.33
C ALA F 333 3.22 -12.00 8.57
N VAL F 334 3.92 -13.13 8.69
CA VAL F 334 4.75 -13.34 9.87
C VAL F 334 6.19 -12.98 9.62
N LEU F 335 6.56 -12.90 8.35
CA LEU F 335 7.93 -12.57 7.98
C LEU F 335 7.86 -11.78 6.71
N PRO F 336 7.70 -10.44 6.79
CA PRO F 336 7.61 -9.58 5.61
C PRO F 336 8.69 -9.86 4.59
N PRO F 337 8.36 -9.77 3.29
CA PRO F 337 9.29 -10.05 2.18
C PRO F 337 10.57 -9.23 2.15
N ASP F 338 10.60 -8.11 2.86
CA ASP F 338 11.80 -7.30 2.87
C ASP F 338 12.79 -7.76 3.95
N ILE F 339 12.38 -8.68 4.83
CA ILE F 339 13.32 -9.19 5.84
C ILE F 339 14.23 -10.13 5.07
N PRO F 340 15.53 -9.84 5.04
CA PRO F 340 16.48 -10.71 4.31
C PRO F 340 16.70 -12.10 4.93
N ILE F 341 16.56 -13.13 4.11
CA ILE F 341 16.79 -14.51 4.53
C ILE F 341 18.16 -14.87 4.00
N PRO F 342 19.18 -14.88 4.85
CA PRO F 342 20.57 -15.19 4.48
C PRO F 342 20.90 -16.66 4.25
N SER F 343 22.14 -16.92 3.86
CA SER F 343 22.63 -18.27 3.61
C SER F 343 23.44 -18.67 4.83
N ILE F 344 23.40 -19.96 5.17
CA ILE F 344 24.20 -20.44 6.29
C ILE F 344 25.49 -20.93 5.64
N ALA F 345 26.58 -20.21 5.91
CA ALA F 345 27.89 -20.52 5.33
C ALA F 345 28.29 -21.99 5.44
N GLU F 346 28.19 -22.54 6.65
CA GLU F 346 28.55 -23.94 6.88
C GLU F 346 27.77 -24.87 5.95
N VAL F 347 26.45 -24.66 5.86
CA VAL F 347 25.60 -25.48 4.99
C VAL F 347 25.95 -25.25 3.51
N GLN F 348 26.32 -24.00 3.18
CA GLN F 348 26.69 -23.65 1.82
C GLN F 348 27.96 -24.38 1.36
N ARG F 349 28.99 -24.39 2.22
CA ARG F 349 30.23 -25.08 1.89
C ARG F 349 29.97 -26.56 1.74
N ALA F 350 29.22 -27.11 2.70
CA ALA F 350 28.87 -28.52 2.69
C ALA F 350 28.26 -28.89 1.35
N LEU F 351 27.23 -28.16 0.93
CA LEU F 351 26.57 -28.45 -0.34
C LEU F 351 27.56 -28.31 -1.50
N TYR F 352 28.39 -27.27 -1.43
CA TYR F 352 29.38 -27.00 -2.46
C TYR F 352 30.41 -28.12 -2.53
N ASP F 353 31.05 -28.42 -1.40
CA ASP F 353 32.04 -29.49 -1.37
C ASP F 353 31.43 -30.81 -1.80
N ALA F 354 30.28 -31.15 -1.21
CA ALA F 354 29.63 -32.39 -1.56
C ALA F 354 29.39 -32.46 -3.06
N THR F 355 29.15 -31.31 -3.68
CA THR F 355 28.90 -31.30 -5.12
C THR F 355 30.20 -31.59 -5.89
N LYS F 356 31.32 -31.08 -5.38
CA LYS F 356 32.61 -31.32 -6.02
C LYS F 356 32.89 -32.80 -6.00
N LEU F 357 32.91 -33.39 -4.80
CA LEU F 357 33.18 -34.81 -4.63
C LEU F 357 32.31 -35.69 -5.51
N VAL F 358 31.02 -35.75 -5.20
CA VAL F 358 30.10 -36.59 -5.95
C VAL F 358 30.04 -36.32 -7.45
N SER F 359 29.89 -35.05 -7.83
CA SER F 359 29.79 -34.71 -9.25
C SER F 359 31.10 -34.45 -9.97
N GLY F 360 31.57 -35.44 -10.74
CA GLY F 360 32.81 -35.30 -11.48
C GLY F 360 34.03 -34.95 -10.63
N ARG F 361 35.01 -34.32 -11.26
CA ARG F 361 36.24 -33.91 -10.59
C ARG F 361 36.09 -32.54 -9.93
N PRO F 362 36.81 -32.31 -8.81
CA PRO F 362 36.74 -31.03 -8.09
C PRO F 362 37.32 -29.81 -8.84
N GLY F 363 38.06 -28.97 -8.13
CA GLY F 363 38.63 -27.78 -8.75
C GLY F 363 37.58 -26.70 -8.99
N GLU F 364 37.91 -25.76 -9.87
CA GLU F 364 36.99 -24.66 -10.20
C GLU F 364 36.12 -25.05 -11.38
N GLU F 365 36.22 -26.32 -11.79
CA GLU F 365 35.47 -26.83 -12.94
C GLU F 365 33.98 -27.01 -12.63
N VAL F 366 33.65 -27.11 -11.35
CA VAL F 366 32.26 -27.27 -10.93
C VAL F 366 31.37 -26.21 -11.57
N LYS F 367 31.91 -25.00 -11.70
CA LYS F 367 31.21 -23.87 -12.30
C LYS F 367 30.41 -24.23 -13.56
N GLN F 368 30.92 -25.17 -14.33
CA GLN F 368 30.24 -25.59 -15.56
C GLN F 368 28.97 -26.37 -15.29
N ARG F 369 28.93 -27.01 -14.12
CA ARG F 369 27.78 -27.84 -13.75
C ARG F 369 26.97 -27.21 -12.60
N LEU F 370 27.62 -26.34 -11.83
CA LEU F 370 26.98 -25.70 -10.69
C LEU F 370 26.93 -24.16 -10.76
N ARG F 371 25.74 -23.61 -10.58
CA ARG F 371 25.54 -22.17 -10.60
C ARG F 371 25.07 -21.74 -9.21
N THR F 372 25.72 -20.73 -8.64
CA THR F 372 25.31 -20.26 -7.31
C THR F 372 24.60 -18.94 -7.54
N GLY F 373 23.37 -18.83 -7.06
CA GLY F 373 22.65 -17.60 -7.30
C GLY F 373 21.32 -17.49 -6.60
N THR F 374 20.54 -16.52 -7.03
CA THR F 374 19.24 -16.27 -6.44
C THR F 374 18.15 -17.14 -7.04
N VAL F 375 17.36 -17.73 -6.16
CA VAL F 375 16.25 -18.57 -6.59
C VAL F 375 14.91 -17.87 -6.34
N VAL F 376 14.02 -17.92 -7.31
CA VAL F 376 12.70 -17.35 -7.17
C VAL F 376 11.70 -18.47 -6.79
N THR F 377 11.01 -18.30 -5.67
CA THR F 377 10.00 -19.28 -5.25
C THR F 377 8.64 -18.63 -5.43
N THR F 378 7.83 -19.21 -6.31
CA THR F 378 6.50 -18.66 -6.58
C THR F 378 5.39 -19.60 -6.15
N ASP F 379 4.19 -19.06 -5.97
CA ASP F 379 3.05 -19.90 -5.62
C ASP F 379 2.20 -20.05 -6.88
N ASP F 380 2.74 -19.59 -8.00
CA ASP F 380 2.07 -19.66 -9.29
C ASP F 380 2.82 -20.53 -10.31
N ARG F 381 2.54 -21.83 -10.31
CA ARG F 381 3.19 -22.76 -11.21
C ARG F 381 3.18 -22.24 -12.64
N ASN F 382 2.05 -21.68 -13.05
CA ASN F 382 1.93 -21.18 -14.41
C ASN F 382 2.39 -19.76 -14.65
N TRP F 383 3.37 -19.30 -13.87
CA TRP F 383 3.90 -17.95 -14.04
C TRP F 383 4.26 -17.66 -15.51
N GLU F 384 4.58 -18.69 -16.27
CA GLU F 384 4.93 -18.48 -17.69
C GLU F 384 3.82 -17.78 -18.47
N LEU F 385 2.57 -18.00 -18.08
CA LEU F 385 1.46 -17.37 -18.77
C LEU F 385 1.50 -15.85 -18.58
N ARG F 386 2.40 -15.39 -17.71
CA ARG F 386 2.56 -13.96 -17.44
C ARG F 386 4.05 -13.60 -17.41
N TYR F 387 4.81 -14.00 -18.42
CA TYR F 387 6.23 -13.69 -18.40
C TYR F 387 6.58 -12.21 -18.27
N SER F 388 6.02 -11.36 -19.11
CA SER F 388 6.31 -9.93 -19.02
C SER F 388 6.22 -9.42 -17.59
N ALA F 389 5.11 -9.69 -16.91
CA ALA F 389 4.94 -9.23 -15.54
C ALA F 389 6.04 -9.75 -14.62
N SER F 390 6.57 -10.94 -14.91
CA SER F 390 7.60 -11.53 -14.08
C SER F 390 9.01 -11.10 -14.45
N ALA F 391 9.26 -11.03 -15.76
CA ALA F 391 10.57 -10.66 -16.29
C ALA F 391 11.30 -9.57 -15.52
N LEU F 392 10.60 -8.49 -15.18
CA LEU F 392 11.26 -7.41 -14.44
C LEU F 392 11.80 -7.90 -13.09
N ARG F 393 11.04 -8.75 -12.41
CA ARG F 393 11.45 -9.29 -11.12
C ARG F 393 12.66 -10.21 -11.25
N PHE F 394 12.59 -11.13 -12.20
CA PHE F 394 13.69 -12.05 -12.43
C PHE F 394 14.97 -11.28 -12.65
N ASN F 395 14.85 -10.26 -13.48
CA ASN F 395 15.98 -9.41 -13.83
C ASN F 395 16.49 -8.61 -12.66
N LEU F 396 15.57 -8.01 -11.93
CA LEU F 396 15.92 -7.23 -10.78
C LEU F 396 16.65 -8.09 -9.72
N SER F 397 16.26 -9.35 -9.63
CA SER F 397 16.84 -10.24 -8.63
C SER F 397 18.00 -11.07 -9.14
N ARG F 398 18.28 -10.96 -10.43
CA ARG F 398 19.38 -11.73 -11.03
C ARG F 398 19.04 -13.19 -10.83
N ALA F 399 17.74 -13.48 -10.87
CA ALA F 399 17.25 -14.83 -10.66
C ALA F 399 17.97 -15.83 -11.55
N VAL F 400 18.25 -16.99 -10.98
CA VAL F 400 18.95 -18.05 -11.65
C VAL F 400 18.06 -19.29 -11.87
N ALA F 401 17.08 -19.47 -11.00
CA ALA F 401 16.17 -20.60 -11.10
C ALA F 401 14.84 -20.24 -10.44
N ILE F 402 13.82 -21.07 -10.70
CA ILE F 402 12.51 -20.85 -10.11
C ILE F 402 11.86 -22.16 -9.69
N ASP F 403 11.33 -22.17 -8.46
CA ASP F 403 10.68 -23.36 -7.94
C ASP F 403 9.50 -22.92 -7.09
N MSE F 404 8.92 -23.84 -6.31
CA MSE F 404 7.77 -23.53 -5.48
C MSE F 404 7.90 -23.92 -4.01
O MSE F 404 6.91 -23.90 -3.30
CB MSE F 404 6.52 -24.18 -6.08
CG MSE F 404 6.20 -23.72 -7.49
SE MSE F 404 4.64 -24.53 -8.34
CE MSE F 404 3.25 -23.82 -7.17
N GLU F 405 9.11 -24.24 -3.55
CA GLU F 405 9.27 -24.62 -2.13
C GLU F 405 10.48 -24.04 -1.38
N SER F 406 11.59 -23.85 -2.10
CA SER F 406 12.84 -23.34 -1.53
C SER F 406 12.76 -22.20 -0.50
N ALA F 407 12.29 -21.03 -0.94
CA ALA F 407 12.21 -19.88 -0.06
C ALA F 407 11.39 -20.17 1.18
N THR F 408 10.32 -20.94 1.00
CA THR F 408 9.45 -21.29 2.12
C THR F 408 10.19 -22.15 3.13
N ILE F 409 10.86 -23.21 2.65
CA ILE F 409 11.64 -24.08 3.54
C ILE F 409 12.75 -23.28 4.24
N ALA F 410 13.45 -22.45 3.45
CA ALA F 410 14.53 -21.62 3.99
C ALA F 410 13.98 -20.62 5.00
N ALA F 411 12.92 -19.95 4.62
CA ALA F 411 12.32 -18.98 5.52
C ALA F 411 11.90 -19.68 6.82
N GLN F 412 11.27 -20.84 6.71
CA GLN F 412 10.86 -21.56 7.92
C GLN F 412 12.09 -21.93 8.74
N GLY F 413 13.13 -22.41 8.06
CA GLY F 413 14.34 -22.76 8.77
C GLY F 413 14.79 -21.57 9.59
N TYR F 414 14.84 -20.41 8.94
CA TYR F 414 15.25 -19.14 9.55
C TYR F 414 14.36 -18.78 10.74
N ARG F 415 13.05 -18.92 10.57
CA ARG F 415 12.11 -18.59 11.65
C ARG F 415 12.24 -19.51 12.86
N PHE F 416 12.47 -20.80 12.63
CA PHE F 416 12.58 -21.74 13.74
C PHE F 416 14.01 -22.10 14.13
N ARG F 417 14.97 -21.30 13.70
CA ARG F 417 16.38 -21.54 14.01
C ARG F 417 16.81 -22.95 13.65
N VAL F 418 16.53 -23.36 12.44
CA VAL F 418 16.94 -24.66 11.98
C VAL F 418 17.83 -24.43 10.77
N PRO F 419 19.12 -24.69 10.90
CA PRO F 419 20.02 -24.50 9.76
C PRO F 419 19.36 -25.05 8.49
N TYR F 420 19.54 -24.34 7.38
CA TYR F 420 18.89 -24.74 6.13
C TYR F 420 19.75 -24.48 4.90
N GLY F 421 19.42 -25.18 3.83
CA GLY F 421 20.16 -25.03 2.60
C GLY F 421 19.35 -25.53 1.43
N THR F 422 19.72 -25.07 0.24
CA THR F 422 19.00 -25.46 -0.95
C THR F 422 19.93 -25.77 -2.12
N LEU F 423 19.78 -26.96 -2.69
CA LEU F 423 20.57 -27.33 -3.85
C LEU F 423 19.60 -27.97 -4.82
N LEU F 424 19.19 -27.23 -5.82
CA LEU F 424 18.23 -27.73 -6.79
C LEU F 424 18.87 -28.25 -8.08
N CYS F 425 18.09 -28.97 -8.86
CA CYS F 425 18.57 -29.52 -10.12
C CYS F 425 17.64 -29.06 -11.25
N VAL F 426 18.20 -28.43 -12.26
CA VAL F 426 17.41 -27.94 -13.37
C VAL F 426 16.71 -29.10 -14.06
N SER F 427 15.38 -29.03 -14.15
CA SER F 427 14.61 -30.09 -14.79
C SER F 427 13.95 -29.57 -16.05
N ASP F 428 14.04 -28.26 -16.26
CA ASP F 428 13.46 -27.66 -17.45
C ASP F 428 13.97 -26.24 -17.67
N LYS F 429 13.79 -25.74 -18.88
CA LYS F 429 14.20 -24.39 -19.22
C LYS F 429 13.02 -23.70 -19.89
N PRO F 430 12.08 -23.18 -19.06
CA PRO F 430 10.85 -22.48 -19.43
C PRO F 430 11.03 -21.34 -20.42
N LEU F 431 12.10 -20.59 -20.24
CA LEU F 431 12.35 -19.45 -21.08
C LEU F 431 13.05 -19.79 -22.40
N HIS F 432 13.58 -21.00 -22.53
CA HIS F 432 14.30 -21.35 -23.75
C HIS F 432 13.81 -22.57 -24.53
N GLY F 433 12.49 -22.69 -24.70
CA GLY F 433 11.94 -23.81 -25.45
C GLY F 433 12.17 -25.22 -24.92
N GLU F 434 12.33 -25.36 -23.62
CA GLU F 434 12.53 -26.68 -23.02
C GLU F 434 11.71 -26.82 -21.74
N ILE F 435 10.42 -26.55 -21.84
CA ILE F 435 9.51 -26.66 -20.70
C ILE F 435 9.23 -28.14 -20.43
N LYS F 436 8.46 -28.41 -19.37
CA LYS F 436 8.12 -29.78 -19.02
C LYS F 436 6.95 -30.32 -19.85
N GLY F 447 17.97 -40.21 -13.54
CA GLY F 447 19.22 -39.81 -14.18
C GLY F 447 20.18 -39.11 -13.22
N ALA F 448 20.07 -37.79 -13.14
CA ALA F 448 20.92 -37.02 -12.23
C ALA F 448 20.29 -37.17 -10.86
N ILE F 449 19.24 -37.98 -10.78
CA ILE F 449 18.51 -38.24 -9.54
C ILE F 449 19.42 -38.86 -8.50
N SER F 450 20.05 -39.97 -8.87
CA SER F 450 20.93 -40.67 -7.95
C SER F 450 22.05 -39.73 -7.50
N GLU F 451 22.70 -39.08 -8.46
CA GLU F 451 23.80 -38.18 -8.14
C GLU F 451 23.33 -37.03 -7.23
N HIS F 452 22.21 -36.42 -7.61
CA HIS F 452 21.65 -35.31 -6.85
C HIS F 452 21.45 -35.74 -5.40
N LEU F 453 20.75 -36.87 -5.23
CA LEU F 453 20.50 -37.38 -3.90
C LEU F 453 21.81 -37.64 -3.15
N GLN F 454 22.82 -38.12 -3.86
CA GLN F 454 24.10 -38.39 -3.24
C GLN F 454 24.74 -37.11 -2.72
N ILE F 455 24.63 -36.04 -3.49
CA ILE F 455 25.19 -34.77 -3.06
C ILE F 455 24.49 -34.39 -1.75
N GLY F 456 23.17 -34.54 -1.71
CA GLY F 456 22.44 -34.20 -0.50
C GLY F 456 22.95 -35.02 0.68
N ILE F 457 23.07 -36.33 0.48
CA ILE F 457 23.54 -37.21 1.54
C ILE F 457 24.98 -36.90 1.96
N ARG F 458 25.86 -36.69 0.99
CA ARG F 458 27.25 -36.37 1.32
C ARG F 458 27.33 -35.06 2.12
N ALA F 459 26.47 -34.11 1.76
CA ALA F 459 26.44 -32.83 2.45
C ALA F 459 26.05 -33.11 3.89
N ILE F 460 25.04 -33.96 4.07
CA ILE F 460 24.61 -34.33 5.41
C ILE F 460 25.82 -34.88 6.16
N ASP F 461 26.50 -35.84 5.56
CA ASP F 461 27.68 -36.45 6.17
C ASP F 461 28.67 -35.38 6.62
N LEU F 462 29.03 -34.48 5.71
CA LEU F 462 29.98 -33.41 6.01
C LEU F 462 29.52 -32.58 7.19
N LEU F 463 28.22 -32.28 7.24
CA LEU F 463 27.65 -31.48 8.32
C LEU F 463 27.59 -32.26 9.63
N ARG F 464 27.36 -33.57 9.54
CA ARG F 464 27.27 -34.40 10.73
C ARG F 464 28.63 -34.47 11.43
N ALA F 465 29.69 -34.61 10.64
CA ALA F 465 31.04 -34.67 11.18
C ALA F 465 31.41 -33.28 11.72
N GLU F 466 30.88 -32.26 11.06
CA GLU F 466 31.13 -30.88 11.44
C GLU F 466 30.90 -30.67 12.94
N GLY F 467 30.06 -31.51 13.52
CA GLY F 467 29.78 -31.39 14.95
C GLY F 467 28.89 -30.20 15.26
N ASP F 468 29.39 -29.27 16.05
CA ASP F 468 28.61 -28.08 16.41
C ASP F 468 28.84 -26.89 15.49
N ARG F 469 29.88 -26.96 14.67
CA ARG F 469 30.19 -25.87 13.73
C ARG F 469 28.96 -25.62 12.86
N LEU F 470 28.06 -26.61 12.85
CA LEU F 470 26.83 -26.54 12.09
C LEU F 470 25.99 -25.34 12.54
N HIS F 471 25.77 -25.24 13.84
CA HIS F 471 25.00 -24.15 14.40
C HIS F 471 25.84 -22.89 14.65
N SER F 472 25.35 -21.76 14.14
CA SER F 472 26.03 -20.47 14.28
C SER F 472 25.04 -19.50 14.91
N ARG F 473 25.42 -18.23 15.00
CA ARG F 473 24.55 -17.23 15.61
C ARG F 473 23.69 -16.48 14.60
N LYS F 474 23.85 -16.79 13.32
CA LYS F 474 23.10 -16.11 12.28
C LYS F 474 21.59 -16.19 12.46
N LEU F 475 21.09 -17.18 13.18
CA LEU F 475 19.65 -17.33 13.34
C LEU F 475 19.12 -16.90 14.71
N ARG F 476 20.03 -16.56 15.62
CA ARG F 476 19.67 -16.13 16.97
C ARG F 476 18.90 -14.82 17.02
N THR F 477 17.88 -14.81 17.86
CA THR F 477 17.04 -13.63 18.04
C THR F 477 17.57 -12.89 19.28
N PHE F 478 17.09 -11.67 19.52
CA PHE F 478 17.54 -10.92 20.70
C PHE F 478 17.06 -11.59 21.99
N ASN F 479 15.84 -12.12 21.94
CA ASN F 479 15.21 -12.79 23.06
C ASN F 479 15.29 -14.31 22.88
N GLU F 480 16.37 -14.77 22.25
CA GLU F 480 16.56 -16.20 21.99
C GLU F 480 16.42 -17.07 23.24
N PRO F 481 15.59 -18.10 23.17
CA PRO F 481 15.41 -18.98 24.33
C PRO F 481 16.72 -19.76 24.54
N PRO F 482 17.02 -20.13 25.80
CA PRO F 482 18.23 -20.88 26.13
C PRO F 482 18.37 -22.19 25.36
N PHE F 483 17.28 -22.94 25.27
CA PHE F 483 17.30 -24.22 24.54
C PHE F 483 17.50 -24.07 23.04
N ARG F 484 18.36 -24.92 22.48
CA ARG F 484 18.67 -24.92 21.04
C ARG F 484 17.43 -24.91 20.12
P FMP G . 27.46 10.27 14.38
O1P FMP G . 26.13 10.94 14.26
O2P FMP G . 28.61 11.18 14.66
O3P FMP G . 27.45 9.02 15.22
O5' FMP G . 27.75 9.70 12.96
C5' FMP G . 26.98 8.80 12.17
C4' FMP G . 27.81 7.75 11.42
O4' FMP G . 28.00 6.67 12.35
C3' FMP G . 27.04 7.25 10.17
O3' FMP G . 27.88 7.31 9.00
C2' FMP G . 26.67 5.82 10.45
O2' FMP G . 27.01 4.92 9.40
C1' FMP G . 27.33 5.55 11.80
C9 FMP G . 26.68 5.09 13.06
N8 FMP G . 27.38 4.73 14.12
N7 FMP G . 26.62 4.37 15.15
C6 FMP G . 24.05 4.29 15.33
N6 FMP G . 23.98 3.88 16.59
C5 FMP G . 25.33 4.50 14.71
C4 FMP G . 25.33 4.94 13.41
N3 FMP G . 24.19 5.19 12.64
C2 FMP G . 23.06 4.95 13.32
N1 FMP G . 22.91 4.53 14.59
P FMP H . 25.58 19.53 -4.81
O1P FMP H . 25.45 18.05 -4.95
O2P FMP H . 26.99 20.02 -4.62
O3P FMP H . 24.81 20.33 -5.80
O5' FMP H . 24.82 19.85 -3.45
C5' FMP H . 23.46 19.55 -3.10
C4' FMP H . 22.75 20.66 -2.30
O4' FMP H . 22.18 21.58 -3.26
C3' FMP H . 21.63 20.06 -1.43
O3' FMP H . 21.76 20.51 -0.07
C2' FMP H . 20.31 20.55 -2.02
O2' FMP H . 19.36 21.03 -1.05
C1' FMP H . 20.79 21.53 -3.06
C9 FMP H . 20.44 21.43 -4.50
N8 FMP H . 20.76 22.34 -5.36
N7 FMP H . 20.39 22.06 -6.61
C6 FMP H . 19.15 19.98 -7.48
N6 FMP H . 19.12 20.32 -8.76
C5 FMP H . 19.76 20.85 -6.52
C4 FMP H . 19.77 20.42 -5.22
N3 FMP H . 19.22 19.24 -4.75
C2 FMP H . 18.67 18.52 -5.74
N1 FMP H . 18.60 18.81 -7.05
P FMP I . -25.90 18.56 8.42
O1P FMP I . -25.83 17.11 8.12
O2P FMP I . -27.27 19.16 8.29
O3P FMP I . -25.16 18.98 9.66
O5' FMP I . -25.05 19.20 7.26
C5' FMP I . -23.67 18.93 6.90
C4' FMP I . -22.93 20.15 6.31
O4' FMP I . -22.37 20.87 7.43
C3' FMP I . -21.78 19.66 5.40
O3' FMP I . -21.83 20.32 4.13
C2' FMP I . -20.50 20.06 6.09
O2' FMP I . -19.57 20.72 5.23
C1' FMP I . -20.96 20.84 7.28
C9 FMP I . -20.58 20.37 8.63
N8 FMP I . -21.02 21.11 9.61
N7 FMP I . -20.70 20.65 10.84
C6 FMP I . -19.35 18.58 11.45
N6 FMP I . -19.43 18.73 12.77
C5 FMP I . -19.96 19.52 10.59
C4 FMP I . -19.87 19.31 9.24
N3 FMP I . -19.20 18.25 8.64
C2 FMP I . -18.65 17.42 9.55
N1 FMP I . -18.68 17.52 10.90
P FMP J . -27.19 13.41 -12.26
O1P FMP J . -25.86 13.99 -11.93
O2P FMP J . -28.31 14.40 -12.29
O3P FMP J . -27.19 12.44 -13.41
O5' FMP J . -27.49 12.48 -11.02
C5' FMP J . -26.70 11.38 -10.52
C4' FMP J . -27.54 10.24 -9.96
O4' FMP J . -27.72 9.34 -11.06
C3' FMP J . -26.77 9.52 -8.81
O3' FMP J . -27.61 9.37 -7.66
C2' FMP J . -26.37 8.17 -9.36
O2' FMP J . -26.64 7.07 -8.49
C1' FMP J . -27.06 8.16 -10.70
C9 FMP J . -26.55 7.92 -12.07
N8 FMP J . -27.19 7.82 -13.21
N7 FMP J . -26.37 7.61 -14.26
C6 FMP J . -23.83 7.42 -14.28
N6 FMP J . -23.70 7.25 -15.57
C5 FMP J . -25.11 7.59 -13.72
C4 FMP J . -25.18 7.78 -12.37
N3 FMP J . -24.08 7.81 -11.49
C2 FMP J . -22.92 7.64 -12.14
N1 FMP J . -22.73 7.45 -13.46
P FMP K . -5.54 -31.69 6.34
O1P FMP K . -4.21 -31.00 6.42
O2P FMP K . -5.46 -33.17 6.37
O3P FMP K . -6.60 -31.12 7.22
O5' FMP K . -6.05 -31.31 4.93
C5' FMP K . -6.25 -29.99 4.41
C4' FMP K . -7.51 -29.87 3.56
O4' FMP K . -8.60 -29.67 4.48
C3' FMP K . -7.40 -28.67 2.60
O3' FMP K . -7.71 -29.09 1.26
C2' FMP K . -8.43 -27.65 3.06
O2' FMP K . -9.23 -27.10 2.01
C1' FMP K . -9.16 -28.40 4.15
C9 FMP K . -9.43 -28.01 5.55
N8 FMP K . -10.17 -28.66 6.41
N7 FMP K . -10.22 -28.10 7.61
C6 FMP K . -9.10 -25.96 8.42
N6 FMP K . -9.55 -25.99 9.66
C5 FMP K . -9.45 -26.98 7.51
C4 FMP K . -8.95 -26.88 6.23
N3 FMP K . -8.12 -25.87 5.75
C2 FMP K . -7.86 -24.95 6.71
N1 FMP K . -8.29 -24.94 7.98
P FMP L . 5.30 -29.96 -12.23
O1P FMP L . 4.12 -29.04 -12.22
O2P FMP L . 4.97 -31.41 -12.36
O3P FMP L . 6.44 -29.52 -13.10
O5' FMP L . 5.91 -29.78 -10.78
C5' FMP L . 6.36 -28.58 -10.16
C4' FMP L . 7.50 -28.78 -9.15
O4' FMP L . 8.71 -28.57 -9.88
C3' FMP L . 7.41 -27.75 -8.00
O3' FMP L . 7.43 -28.40 -6.73
C2' FMP L . 8.60 -26.84 -8.14
O2' FMP L . 9.40 -26.75 -6.97
C1' FMP L . 9.29 -27.37 -9.38
C9 FMP L . 9.50 -26.69 -10.69
N8 FMP L . 10.22 -27.18 -11.66
N7 FMP L . 10.24 -26.42 -12.76
C6 FMP L . 9.07 -24.16 -13.16
N6 FMP L . 9.48 -23.97 -14.41
C5 FMP L . 9.47 -25.32 -12.44
C4 FMP L . 8.99 -25.46 -11.16
N3 FMP L . 8.16 -24.54 -10.49
C2 FMP L . 7.87 -23.48 -11.28
N1 FMP L . 8.26 -23.23 -12.54
#